data_6Q9B
#
_entry.id   6Q9B
#
_cell.length_a   1.00
_cell.length_b   1.00
_cell.length_c   1.00
_cell.angle_alpha   90.000
_cell.angle_beta   90.000
_cell.angle_gamma   90.000
#
_symmetry.space_group_name_H-M   'P 1'
#
loop_
_entity.id
_entity.type
_entity.pdbx_description
1 polymer 'NADH:ubiquinone oxidoreductase core subunit S2,NADH:ubiquinone oxidoreductase core subunit S2'
2 polymer 'NADH-ubiquinone oxidoreductase chain 3'
3 polymer 'NADH-ubiquinone oxidoreductase chain 1'
4 polymer 'NADH-ubiquinone oxidoreductase chain 6'
5 polymer 'NADH-ubiquinone oxidoreductase chain 4L'
6 polymer 'NADH-ubiquinone oxidoreductase chain 5'
7 polymer 'NADH-ubiquinone oxidoreductase chain 4'
8 polymer 'NADH-ubiquinone oxidoreductase chain 2'
9 polymer 'NADH dehydrogenase [ubiquinone] 1 alpha subcomplex subunit 11'
10 polymer 'NADH:ubiquinone oxidoreductase subunit B5'
11 polymer 'Acyl carrier protein'
12 polymer 'NADH dehydrogenase [ubiquinone] 1 alpha subcomplex subunit 8'
13 polymer 'NADH:ubiquinone oxidoreductase subunit B10'
14 polymer 'NADH dehydrogenase [ubiquinone] 1 alpha subcomplex subunit 10, mitochondrial'
15 polymer 'NADH:ubiquinone oxidoreductase subunit S5'
16 polymer 'NADH:ubiquinone oxidoreductase subunit A3'
17 polymer 'NADH:ubiquinone oxidoreductase subunit B3'
18 polymer 'NADH dehydrogenase [ubiquinone] 1 subunit C2'
19 polymer 'NADH:ubiquinone oxidoreductase subunit B4'
20 polymer 'NADH dehydrogenase [ubiquinone] 1 alpha subcomplex subunit 13'
21 polymer 'NADH dehydrogenase [ubiquinone] 1 beta subcomplex subunit 6'
22 polymer 'NADH:ubiquinone oxidoreductase subunit B7'
23 polymer 'NADH:ubiquinone oxidoreductase subunit B9'
24 polymer 'NADH:ubiquinone oxidoreductase subunit B2'
25 polymer 'NADH dehydrogenase [ubiquinone] 1 beta subcomplex subunit 8, mitochondrial'
26 polymer 'NADH dehydrogenase [ubiquinone] 1 beta subcomplex subunit 11, mitochondrial'
27 polymer 'NADH dehydrogenase [ubiquinone] 1 subunit C1, mitochondrial'
28 polymer 'NADH dehydrogenase [ubiquinone] 1 beta subcomplex subunit 1'
29 polymer 'NADH dehydrogenase [ubiquinone] 1 alpha subcomplex subunit 1'
30 non-polymer 1,2-Distearoyl-sn-glycerophosphoethanolamine
31 non-polymer CARDIOLIPIN
32 non-polymer 1,2-DIACYL-SN-GLYCERO-3-PHOSPHOCHOLINE
33 non-polymer 'S-[2-({N-[(2S)-2-hydroxy-3,3-dimethyl-4-(phosphonooxy)butanoyl]-beta-alanyl}amino)ethyl] tetradecanethioate'
#
loop_
_entity_poly.entity_id
_entity_poly.type
_entity_poly.pdbx_seq_one_letter_code
_entity_poly.pdbx_strand_id
1 'polypeptide(L)'
;ARQWQPDVEWAEQYGGAVMYPTKETAHWKPPPWNDVDPPKDTLVSNLTLNFGPQHPAAHGVLRLVMELSGEMVRKCDPHI
GLLHRGTEKLIEYKTYLQALPYFDRLDYVSMMCNEQAYSLAVEKLLNIQPPPRAQWIRVLFGEITRLLNHIMAVTTHALD
IGAMTPFFWMFEEREKMFEFYERVSGARMHAAYVRPGGVHQDLPLGLMDDIYEFSKNFSLRIDELEEMLTNNRIWRNRTV
DIGVVTAEDALNYGFSGVMLRGSGIQWDLRKTQPYDVYDQVEFDVPIGSRGDCYDRYLCRVEEMRQSIRIISQCLNKMPP
GEIKVDDAKVSPPKRAEMKTSMESLIHHFKLYTEGYQVPPGATYTAIEAPKGEFGVYLVSDGSSRPYRCKIKAPGFAHLA
GLDKMSKGHMLADVVAIIGTQDIVFGEVDR
;
S2
2 'polypeptide(L)'
;MNLMITLLTNFTLATLLVTIAFWLPQLNVYSEKTSPYECGFDPMGSARLPFSMKFFLVAITFLLFDLEIALLLPLPWASQ
TTNLNTMLTMALLLIFLLAVSLAYEWTQKGLEWTE
;
D3
3 'polypeptide(L)'
;MFMINVLTLIIPILLAVAFLTLVERKVLGYMQFRKGPNVVGPYGLLQPIADAIKLFIKEPLRPATSSISMFILAPILALT
LALTMWIPLPMPYPLINMNLGVLFMLAMSSLAVYSILWSGWASNSKYALIGALRAVAQTISYEVTLAIILLSVLLMNGSF
TLSTLIITQEQVWLIFPAWPLAMMWFISTLAETNRAPFDLTEGESELVSGFNVEYAAGPFALFFMAEYANIIMMNIFTTT
LFLGAFHNPYMPELYTINFTIKSLLLSITFLWIRASYPRFRYDQLMHLLWKNFLPLTLALCMWHVSLPILLSSIPPQT
;
D1
4 'polypeptide(L)'
;MMTYIVFILSIIFVMGFVGFSSKPSPIYGGLGLIVSGGVGCGIVLNFGGSFLGLMVFLIYLGGMMVVFGYTTAMATEQYP
EVWVSNKVVLGTFITGLLMEFLMVYYVLKDKEVEIVFKFNGMGDWVIYDTGDSGFFSEEAMGIAALYSYGTWLVIVTGWS
LLIGVVVIMEITRGN
;
D6
5 'polypeptide(L)'
;MSLVYMNIMMAFTVSLTGLLMYRSHLMSSLLCLEGMMLSLFILATLMILNSHFTLASMMPIILLVFAACEAALGLSLLVM
VSNTYGTDYVQNLNLLQC
;
4L
6 'polypeptide(L)'
;MNLFSSLTLVTLILLTMPIAAINFNTHKFTNYPLYVKTTISCAFITSMIPTMMFIHTGQEMIISNWHWLTIQTLKLSLSF
KMDFFSMMFVPVALFVTWSIMEFSMWYMHSDPNINQFFKYLLLFLITMLILVTANNLFQLFIGWEGVGIMSFLLIGWWYG
RTDANTAALQAILYNRIGDIGFILAMAWFLINLNTWDLQQIFMLNPNDSNLPLMGLILAATGKSAQFGLHPWLPSAMEGP
TPVSALLHSSTMVVAGIFLLIRFYPLTENNKFGQSIMLCLGAMTTLFTAMCALTQNDIKKIIAFSTSSQLGLMMVTIGIN
QPHLAFLHICTHAFFKAMLFMCSGSIIHSLNDEQDIRKMGGLFKAMPFTTTALIIGSLALTGMPFLTGFYSKDLIIESAN
TSYTNAWALLMTLVATSFTAIYSTRIIFFALLGQPRFPTLININENNPFLINSIKRLLIGSLFAGFIISNNIPPMTIPQM
TMPHYLKMTALTVTILGFILALEISNTTHYLKFNYPSNTFKFSNLLGYYPTIMHRLTPYMNLTMSQKSASSLLDLIWLET
ILPKTISLAQMKMSTTITSQKGLIKLYFLSFLITILISTTLLNFHE
;
D5
7 'polypeptide(L)'
;MLKYIIPTMMLMPLTWLSKNSMIWINTTLHSLLISLTSLLLLNQFGDNSLNFSLTFFSDSLSTPLLILTMWLLPLMLMAS
QHHLSKENLARKKLFISMLILLQLFLIMTFTATELIFFYIMFEATLVPTLIIITRWGNQTERLNAGLYFLFYTLAGSLPL
LVALIYIQNTMGSLNFLILQYWVQPMPNSWSNTFMWLACMMAFMVKMPLYGLHLWLPKAHVEAPIAGSMVLAAILLKLGG
YGMMRITLLLNPITDFMAYPFIMLSLWGMIMTSSICLRQTDLKSLIAYSSVSHMALVIVAILIQTPWSYMGATALMIAHG
LTSSMLFCLANSNYERVHSRTMILARGLQTLLPLMAAWWLLASLTNLALPPSINLIGELFVVMSTFSWSNITIILMGLNM
VITALYSLYMLITTQRGKHTHHINNILPSFTRENALMSLHMLPLLLLSLNPKIILGPLY
;
D4
8 'polypeptide(L)'
;MNPIILIIILMTVMLGTIIVMISTHWLLIWIGFEMNMLAIIPIMMKKHNPRATEASTKYFLTQSTASMLLMMAIIINLMF
SGQWTVMKLFNPMASMLMTMALAMKLGMAPFHFWVPEVTQGIPLSSGLILLTWQKLAPMSVLYQILPSINLDLILTLSIL
SITIGGWGGLNQTQLRKIMAYSSIAHMGWMTAVLLYNPTMTLLNLIIYIIMTSTMFTLFMANSTTTTLSLSHTWNKAPIM
TILVLITLLSMGGLPPLSGFMPKWMIIQEMTKNDSIILPTLMAITALLNLYFYMRLTYSTALTMFPSTNNMKMKWQFPTT
KRMTLLPTMTVLSTMLLPLTPILSILE
;
D2
9 'polypeptide(L)'
;AKTLLHQYWDIPEGTECHRKTYAATSIGGASGLVVSAYSVALKTPTSFLEGVARTGRYTFTAAAIGAIFGLTSCISAQVR
EKPDDPLNYLIGGCAGGLTLGARTRSYGIGAAACAYMGLTAALVKMGQLEGWKVFAEPKV
;
AK
10 'polypeptide(L)'
;SGDHGKRLFIIKPSGFYDKRFLKLLRFYILLTGIPVVIGITLINVFIGEAELAEIPEGYVPEHWEYFKHPISRWIARTFF
DAPEKNYERTMAILQIESEKAELRLKELEVRRLMRAKGDGPWFQYPTIDKALIDHSPKATPDN
;
B5
11 'polypeptide(L)'
;SDAPPLTLEGIKDRVLYVLKLYDKIDPEKLSVNSHFMKDLGLDSLDQVEIIMAMEDEFGFEIPDIDAEKLMCPQEIVDYI
ADKKDVYE
;
AB
12 'polypeptide(L)'
;PGIVELPSLEDLKVQEVKVSSSVLKAAAHHYGAQCDKPNKEFMLCRWEEKDPRRCLEEGKLVNQCALEFFRQIKRHCAEP
FTEYWTCIDYSGLQLFRRCRKEQAQFDKCVLDKLGWVRPDLGELSKVTKVKTDRPLPENPYHSRARPEPNPEVEGDLKPA
RHGSRLFFWTM
;
A8
13 'polypeptide(L)'
;PDSWDKDVYPEPPRRTPAPSPQTSLPNPITYLTKAFDLLVDRPVTLVREFIERQHAKNKYYYYHREFRRVPDITECHEKD
VLCMFEAEMQWKRDYKVDQEIVNIIQERLKACQQREGESHRQNCAKELQQFTQVVKAYQDRYHDLGAHYSARKCLAKQKQ
RMLAERKATKEAAAA
;
BJ
14 'polypeptide(L)'
;LQYGPLAYILGEKTTKKMTENSKLITVDGNICSGKSKLAKEVAEKLGLKHFPEAGIHYADSTTGDGKPLPVRFSGNCSLE
KFYDDPKSNDGNSYRLQAWLYASRLLQYADALEHLLSTGQGVVLERSIYSDFVFLEAMYRQGFIRKQCVDHYNQVKKVTV
CEYLPPHVVIYVDVPVSEVQSRIQKKGNPHEMKITSAYLQDIENVYKGTFLPEMSEKCEVLQYSAWEAEDAEKVVEDIQY
LKYDKGPWLDQDDRKLHNLRMLVQDKLEVLNYTSIPVFLPEVTIGAHQSDRVFQEFTELPGRKYRAGYNEDVGDKWIWLK
;
AJ
15 'polypeptide(L)'
;PFFDVQKKLGVDLDHWMTIQSAEQPHRIPARCHAFEKEWIECAHGIGSIRAEKECKIEFEDFRECLLRQKTMKRLNAIKR
QRDKLIKEGKYTPPPHHSGQEDLRP
;
S5
16 'polypeptide(L)'
;APRVAAFLKNVWAKEPVLVASFAIAGLAVILPTLSPYTKYSLMINRATPYNYPVPLRDDGNMPDVPSHPQDPQGPSLEWL
KRL
;
A3
17 'polypeptide(L)'
;AHGHGHEHGPSKMELPDYKQWKIEGTPLETVQEKLAARGLRDPWGRNEAWRYMGGFANNVSFVGALLKGFKWGFAAFVVA
VGAEYYLESQKKDKKHH
;
B3
18 'polypeptide(L)'
;MMTGRQARAPLQFLPDEARSLPPPKLTDPRLAYIGFLGYCSGLIDNAIRRRPVLSAGLHRQFLYITSFVFVGYYLLKRQD
YMYAVRDHDMFSYIKSHPEDFPEKDKKTYREVFEEFHPVR
;
C2
19 'polypeptide(L)'
;SFPKYEPSRLASLPTTLDPAEYDISSETRKAQAERLAIRSRLKREYQLQYNDPSRRGVVEDPALIRWTCARSANVYPNFR
PNTKTSLLGALFGIGPLIFWYYVFKTDRDRKEKLIQEGKLDRTFNISY
;
B4
20 'polypeptide(L)'
;AASKVKQDMPPVGGYGPIDYKRNLPRRGLSGYSMFAVGIGALLFGYWSMMRWNRERRRLQIEDFEARIALMPLLQAEKDR
RVLQMLRENLEEEATIMKDVPGWKVGESVFHTTRWVTPMMGELYGLRTGEEILSSTYGFIWYT
;
AM
21 'polypeptide(L)'
;SGYTPDEKLRLQQLRELRRRWLKDQELSPREPVLPPRRVSPVERFWNKFLQDGALWKNVIYKTYRHSIFAFTHVLIPVWI
IHYYLKYHVTTKPYTIVEKKPRIFPGDTILETGEVIPPMKEFPDQHH
;
B6
22 'polypeptide(L)'
;GAHLARRYLGDASVEPEPLRMPTFPPDYGFPERKEREMVATQQEMNDAQLVLQQRDYCAHYLIRFLKCKRDSFPNFLACK
HEQHDWDYCEHLDYVKRMKEFERERRLLQRKKRREQREADMAKGLGPGEVAPEVAL
;
B7
23 'polypeptide(L)'
;AFLPSAAYLTHQQKVLQLYKRALRHLESRCVHRDKYRYFACLLRARFDEHKNEKDMVKATQLLREAEKEFWHGQHPQPYI
FPESPGGTSYERYECYKVPEWCLDDWHPSEKAMYPDYFAKREQWKKLRRESWEREVKQLQEETPVGGPRTEALPPARKQG
DLPPLWWHIVTRPRERPM
;
B9
24 'polypeptide(L)' AGGGAHIEPRYRQFPQLTRSQVIQAEFFSATMWFWILWRFWHDSDAVLGHFPYPDPSQWTDEELGIPPDDED B2
25 'polypeptide(L)'
;ASHITKDMLPGPYPKTPEERAAAAKKYNMRVEDYEPYPDDGMGYGDYPKLPDRSQQERDPWYDWDHPDLRLNWGEPMHWD
LDMYIRNRVDTSPTPVNWNLMCKHLFGFVAFMLFMFWVGETYPTYQPVGPKQYPYNNLYLERGGDPNKEPEPVVHYEI
;
B8
26 'polypeptide(L)'
;ESSSSRAVIAPSTLAGKRPSEPTLRWQEDPEPEDENLYEKNPDSHGYDKDPAVDVWNMRVVFFFGFSIVLVLGSTFVAYL
PDYRMQEWARREAERLVKYREAHGLPLMESNCFDPSKIQLPEDED
;
BK
27 'polypeptide(L)' KFYIQEPPHGSPNWLKVGLTLGTSAFLWIYLIKQHNEDVLEYKRRNGLE C1
28 'polypeptide(L)' MNLLQVVRDHWIHVLVPVGFVFGYYLDRKNDEKLAAFRNKSLLYKRELKPNEEVTWK B1
29 'polypeptide(L)' MWFEVLPGIAVMGVCLFIPGMATARIHRFSNGGREKRVAHYSYQWYLMERDRRVSGVNRYYVSKGLENID A1
#
loop_
_chem_comp.id
_chem_comp.type
_chem_comp.name
_chem_comp.formula
3PE non-polymer 1,2-Distearoyl-sn-glycerophosphoethanolamine 'C41 H82 N O8 P'
CDL non-polymer CARDIOLIPIN 'C81 H156 O17 P2 -2'
PC1 non-polymer 1,2-DIACYL-SN-GLYCERO-3-PHOSPHOCHOLINE 'C44 H88 N O8 P'
ZMP non-polymer 'S-[2-({N-[(2S)-2-hydroxy-3,3-dimethyl-4-(phosphonooxy)butanoyl]-beta-alanyl}amino)ethyl] tetradecanethioate' 'C25 H49 N2 O8 P S'
#
# COMPACT_ATOMS: atom_id res chain seq x y z
N ALA A 1 5.58 -1.98 -30.75
CA ALA A 1 4.45 -1.10 -31.00
C ALA A 1 4.42 0.02 -29.96
N ARG A 2 5.63 0.41 -29.54
CA ARG A 2 5.96 1.61 -28.75
C ARG A 2 5.52 1.47 -27.28
N GLN A 3 4.78 0.44 -26.94
CA GLN A 3 4.51 0.11 -25.54
C GLN A 3 5.48 -0.99 -25.13
N TRP A 4 6.15 -0.78 -23.99
CA TRP A 4 7.09 -1.79 -23.52
C TRP A 4 6.34 -2.99 -22.95
N GLN A 5 6.84 -4.17 -23.29
CA GLN A 5 6.34 -5.41 -22.73
C GLN A 5 7.50 -6.19 -22.14
N PRO A 6 7.26 -7.02 -21.12
CA PRO A 6 8.37 -7.75 -20.50
C PRO A 6 8.95 -8.81 -21.43
N ASP A 7 10.27 -8.88 -21.45
CA ASP A 7 11.00 -9.70 -22.40
C ASP A 7 11.13 -11.12 -21.86
N VAL A 8 11.99 -11.92 -22.49
CA VAL A 8 12.24 -13.28 -22.03
C VAL A 8 12.98 -13.26 -20.71
N GLU A 9 14.02 -12.42 -20.60
CA GLU A 9 14.83 -12.39 -19.40
C GLU A 9 14.13 -11.70 -18.23
N TRP A 10 13.04 -10.97 -18.49
CA TRP A 10 12.24 -10.45 -17.38
C TRP A 10 11.42 -11.56 -16.75
N ALA A 11 11.07 -12.59 -17.52
CA ALA A 11 10.37 -13.74 -16.98
C ALA A 11 11.31 -14.89 -16.64
N GLU A 12 12.59 -14.80 -17.02
CA GLU A 12 13.58 -15.77 -16.55
C GLU A 12 13.81 -15.63 -15.05
N GLN A 13 13.60 -14.43 -14.52
CA GLN A 13 13.76 -14.20 -13.09
C GLN A 13 12.69 -14.91 -12.27
N TYR A 14 11.56 -15.25 -12.89
CA TYR A 14 10.51 -16.00 -12.21
C TYR A 14 10.68 -17.49 -12.46
N GLY A 15 11.90 -18.00 -12.25
CA GLY A 15 12.21 -19.38 -12.52
C GLY A 15 12.84 -20.02 -11.29
N GLY A 16 13.08 -21.32 -11.41
CA GLY A 16 13.55 -22.09 -10.28
C GLY A 16 12.46 -22.31 -9.25
N ALA A 17 12.83 -22.98 -8.16
CA ALA A 17 11.85 -23.23 -7.11
C ALA A 17 11.69 -22.04 -6.17
N VAL A 18 12.74 -21.24 -6.02
CA VAL A 18 12.70 -20.07 -5.15
C VAL A 18 12.87 -18.83 -6.00
N MET A 19 12.65 -17.68 -5.37
CA MET A 19 12.77 -16.39 -6.05
C MET A 19 14.14 -15.78 -5.87
N TYR A 20 14.67 -15.80 -4.66
CA TYR A 20 15.97 -15.18 -4.37
C TYR A 20 17.00 -16.27 -4.12
N PRO A 21 17.89 -16.56 -5.07
CA PRO A 21 18.94 -17.53 -4.80
C PRO A 21 20.00 -16.95 -3.88
N THR A 22 20.48 -17.76 -2.97
CA THR A 22 21.56 -17.41 -2.06
C THR A 22 22.67 -18.46 -2.19
N LYS A 23 23.61 -18.43 -1.26
CA LYS A 23 24.68 -19.41 -1.23
C LYS A 23 24.22 -20.79 -0.76
N GLU A 24 22.98 -20.92 -0.28
CA GLU A 24 22.48 -22.17 0.25
C GLU A 24 21.24 -22.70 -0.45
N THR A 25 20.64 -21.93 -1.36
CA THR A 25 19.37 -22.29 -1.97
C THR A 25 19.50 -22.60 -3.46
N ALA A 26 20.69 -22.96 -3.92
CA ALA A 26 20.88 -23.20 -5.35
C ALA A 26 20.34 -24.56 -5.79
N HIS A 27 20.24 -25.53 -4.88
CA HIS A 27 19.88 -26.89 -5.21
C HIS A 27 18.38 -27.12 -5.28
N TRP A 28 17.58 -26.09 -5.05
CA TRP A 28 16.13 -26.15 -5.23
C TRP A 28 15.82 -26.21 -6.72
N LYS A 29 15.76 -27.41 -7.28
CA LYS A 29 15.39 -27.61 -8.66
C LYS A 29 13.92 -27.31 -8.84
N PRO A 30 13.51 -26.83 -10.02
CA PRO A 30 12.09 -26.61 -10.26
C PRO A 30 11.33 -27.92 -10.30
N PRO A 31 10.05 -27.92 -9.95
CA PRO A 31 9.32 -29.18 -9.89
C PRO A 31 8.94 -29.66 -11.28
N PRO A 32 8.75 -30.96 -11.47
CA PRO A 32 8.28 -31.46 -12.75
C PRO A 32 6.86 -31.01 -13.05
N TRP A 33 6.62 -30.69 -14.32
CA TRP A 33 5.38 -30.05 -14.74
C TRP A 33 4.21 -31.01 -14.72
N ASN A 34 4.46 -32.31 -14.74
CA ASN A 34 3.42 -33.34 -14.65
C ASN A 34 3.07 -33.68 -13.21
N ASP A 35 3.83 -33.14 -12.24
CA ASP A 35 3.79 -33.56 -10.83
C ASP A 35 4.01 -35.06 -10.69
N VAL A 36 4.90 -35.61 -11.52
CA VAL A 36 5.21 -37.04 -11.55
C VAL A 36 6.71 -37.19 -11.43
N ASP A 37 7.15 -37.78 -10.35
CA ASP A 37 8.58 -37.99 -10.23
C ASP A 37 8.99 -39.26 -10.98
N PRO A 38 10.10 -39.23 -11.71
CA PRO A 38 10.52 -40.40 -12.48
C PRO A 38 11.07 -41.49 -11.58
N PRO A 39 10.67 -42.76 -11.81
CA PRO A 39 11.17 -43.87 -11.01
C PRO A 39 12.56 -44.33 -11.43
N MET B 1 -1.81 -61.99 42.27
CA MET B 1 -0.39 -62.18 42.52
C MET B 1 -0.15 -63.65 42.78
N ASN B 2 -1.20 -64.42 43.06
CA ASN B 2 -1.04 -65.86 43.13
C ASN B 2 -0.79 -66.45 41.75
N LEU B 3 -1.44 -65.89 40.73
CA LEU B 3 -1.06 -66.29 39.37
C LEU B 3 0.30 -65.74 39.01
N MET B 4 0.73 -64.63 39.62
CA MET B 4 2.11 -64.18 39.47
C MET B 4 3.07 -65.19 40.11
N ILE B 5 2.67 -65.82 41.21
CA ILE B 5 3.48 -66.86 41.83
C ILE B 5 3.60 -68.07 40.90
N THR B 6 2.48 -68.49 40.30
CA THR B 6 2.50 -69.59 39.33
C THR B 6 3.37 -69.24 38.14
N LEU B 7 3.21 -68.03 37.62
CA LEU B 7 3.93 -67.59 36.43
C LEU B 7 5.43 -67.48 36.69
N LEU B 8 5.79 -67.03 37.90
CA LEU B 8 7.19 -66.91 38.26
C LEU B 8 7.82 -68.28 38.46
N THR B 9 7.10 -69.22 39.08
CA THR B 9 7.62 -70.58 39.24
C THR B 9 7.81 -71.28 37.90
N ASN B 10 6.85 -71.11 36.98
CA ASN B 10 7.00 -71.77 35.70
C ASN B 10 8.05 -71.09 34.82
N PHE B 11 8.20 -69.77 34.95
CA PHE B 11 9.26 -69.07 34.24
C PHE B 11 10.63 -69.48 34.75
N THR B 12 10.78 -69.64 36.07
CA THR B 12 12.07 -70.09 36.61
C THR B 12 12.37 -71.53 36.23
N LEU B 13 11.34 -72.39 36.20
CA LEU B 13 11.54 -73.77 35.78
C LEU B 13 11.96 -73.85 34.32
N ALA B 14 11.27 -73.11 33.45
CA ALA B 14 11.61 -73.10 32.04
C ALA B 14 12.97 -72.47 31.80
N THR B 15 13.34 -71.44 32.56
CA THR B 15 14.61 -70.77 32.36
C THR B 15 15.77 -71.66 32.81
N LEU B 16 15.61 -72.35 33.95
CA LEU B 16 16.63 -73.30 34.37
C LEU B 16 16.76 -74.45 33.38
N LEU B 17 15.63 -74.90 32.80
CA LEU B 17 15.68 -75.94 31.78
C LEU B 17 16.43 -75.49 30.53
N VAL B 18 16.17 -74.27 30.07
CA VAL B 18 16.82 -73.77 28.85
C VAL B 18 18.30 -73.49 29.10
N THR B 19 18.65 -73.00 30.30
CA THR B 19 20.05 -72.76 30.59
C THR B 19 20.82 -74.06 30.78
N ILE B 20 20.17 -75.12 31.27
CA ILE B 20 20.83 -76.42 31.26
C ILE B 20 20.97 -76.95 29.84
N ALA B 21 19.97 -76.70 28.99
CA ALA B 21 20.01 -77.18 27.61
C ALA B 21 21.03 -76.42 26.74
N PHE B 22 21.38 -75.18 27.11
CA PHE B 22 22.36 -74.42 26.35
C PHE B 22 23.74 -74.38 26.97
N TRP B 23 23.86 -74.58 28.28
CA TRP B 23 25.17 -74.56 28.93
C TRP B 23 25.60 -75.94 29.41
N LEU B 24 24.90 -76.99 29.02
CA LEU B 24 25.43 -78.35 29.08
C LEU B 24 25.18 -79.13 27.78
N PRO B 25 25.95 -78.84 26.70
CA PRO B 25 26.21 -79.90 25.71
C PRO B 25 27.37 -80.77 26.17
N GLN B 26 27.07 -81.98 26.58
CA GLN B 26 28.08 -82.87 27.16
C GLN B 26 28.04 -84.26 26.53
N PRO B 50 12.37 -59.66 -0.99
CA PRO B 50 11.37 -58.65 -1.28
C PRO B 50 10.16 -58.75 -0.36
N PHE B 51 9.00 -58.33 -0.85
CA PHE B 51 7.78 -58.37 -0.05
C PHE B 51 6.60 -58.41 -1.00
N SER B 52 5.49 -58.94 -0.50
CA SER B 52 4.25 -59.03 -1.26
C SER B 52 3.18 -58.16 -0.62
N MET B 53 2.47 -57.39 -1.46
CA MET B 53 1.34 -56.63 -0.97
C MET B 53 0.20 -57.55 -0.58
N LYS B 54 0.11 -58.72 -1.22
CA LYS B 54 -0.92 -59.70 -0.84
C LYS B 54 -0.64 -60.30 0.53
N PHE B 55 0.63 -60.37 0.94
CA PHE B 55 0.95 -60.71 2.32
C PHE B 55 0.53 -59.60 3.28
N PHE B 56 0.53 -58.36 2.82
CA PHE B 56 0.31 -57.22 3.71
C PHE B 56 -1.14 -57.04 4.10
N LEU B 57 -2.07 -57.23 3.15
CA LEU B 57 -3.47 -56.89 3.40
C LEU B 57 -4.14 -57.83 4.38
N VAL B 58 -3.62 -59.04 4.54
CA VAL B 58 -4.19 -60.00 5.46
C VAL B 58 -4.04 -59.52 6.90
N ALA B 59 -2.90 -58.91 7.21
CA ALA B 59 -2.66 -58.43 8.57
C ALA B 59 -3.52 -57.23 8.93
N ILE B 60 -3.69 -56.30 7.99
CA ILE B 60 -4.53 -55.13 8.25
C ILE B 60 -6.00 -55.52 8.30
N THR B 61 -6.39 -56.48 7.46
CA THR B 61 -7.75 -56.97 7.48
C THR B 61 -8.06 -57.72 8.78
N PHE B 62 -7.09 -58.50 9.27
CA PHE B 62 -7.14 -59.05 10.62
C PHE B 62 -7.32 -57.96 11.65
N LEU B 63 -6.53 -56.89 11.54
CA LEU B 63 -6.53 -55.82 12.53
C LEU B 63 -7.90 -55.17 12.63
N LEU B 64 -8.50 -54.88 11.48
CA LEU B 64 -9.79 -54.20 11.47
C LEU B 64 -10.92 -55.11 11.94
N PHE B 65 -10.94 -56.37 11.47
CA PHE B 65 -11.99 -57.26 11.94
C PHE B 65 -11.80 -57.66 13.39
N ASP B 66 -10.57 -57.67 13.90
CA ASP B 66 -10.35 -57.98 15.30
C ASP B 66 -10.77 -56.80 16.19
N LEU B 67 -10.60 -55.58 15.69
CA LEU B 67 -11.16 -54.42 16.38
C LEU B 67 -12.67 -54.49 16.45
N GLU B 68 -13.32 -54.92 15.37
CA GLU B 68 -14.78 -55.06 15.45
C GLU B 68 -15.18 -56.25 16.33
N ILE B 69 -14.33 -57.27 16.43
CA ILE B 69 -14.54 -58.32 17.44
C ILE B 69 -14.52 -57.74 18.85
N ALA B 70 -13.56 -56.85 19.11
CA ALA B 70 -13.47 -56.20 20.42
C ALA B 70 -14.69 -55.33 20.70
N LEU B 71 -15.28 -54.76 19.65
CA LEU B 71 -16.58 -54.10 19.82
C LEU B 71 -17.70 -55.10 20.14
N LEU B 72 -17.72 -56.24 19.45
CA LEU B 72 -18.83 -57.19 19.59
C LEU B 72 -18.82 -57.88 20.95
N LEU B 73 -17.72 -58.53 21.29
CA LEU B 73 -17.60 -59.55 22.34
C LEU B 73 -18.04 -59.17 23.75
N PRO B 74 -18.19 -57.88 24.16
CA PRO B 74 -18.98 -57.62 25.37
C PRO B 74 -20.50 -57.71 25.22
N LEU B 75 -20.99 -58.31 24.14
CA LEU B 75 -22.41 -58.63 24.02
C LEU B 75 -22.96 -59.59 25.08
N PRO B 76 -22.32 -60.72 25.46
CA PRO B 76 -22.95 -61.59 26.47
C PRO B 76 -23.01 -61.01 27.87
N TRP B 77 -22.13 -60.08 28.23
CA TRP B 77 -22.35 -59.34 29.47
C TRP B 77 -23.55 -58.41 29.35
N ALA B 78 -23.90 -58.01 28.13
CA ALA B 78 -24.98 -57.08 27.90
C ALA B 78 -26.33 -57.75 27.78
N SER B 79 -26.38 -59.08 27.65
CA SER B 79 -27.57 -59.82 27.21
C SER B 79 -28.80 -59.65 28.09
N GLN B 80 -28.69 -59.00 29.24
CA GLN B 80 -29.85 -58.68 30.07
C GLN B 80 -29.88 -57.19 30.37
N THR B 81 -30.99 -56.54 30.02
CA THR B 81 -31.22 -55.11 30.18
C THR B 81 -32.72 -54.87 30.04
N THR B 82 -33.13 -53.61 30.23
CA THR B 82 -34.54 -53.26 30.08
C THR B 82 -34.96 -53.18 28.62
N ASN B 83 -34.11 -52.64 27.74
CA ASN B 83 -34.43 -52.45 26.34
C ASN B 83 -33.70 -53.51 25.52
N LEU B 84 -34.38 -54.61 25.25
CA LEU B 84 -33.76 -55.68 24.47
C LEU B 84 -33.80 -55.40 22.98
N ASN B 85 -34.78 -54.63 22.51
CA ASN B 85 -34.90 -54.37 21.08
C ASN B 85 -33.81 -53.42 20.58
N THR B 86 -33.40 -52.46 21.41
CA THR B 86 -32.29 -51.58 21.02
C THR B 86 -30.99 -52.36 20.92
N MET B 87 -30.79 -53.31 21.82
CA MET B 87 -29.60 -54.15 21.77
C MET B 87 -29.62 -55.07 20.56
N LEU B 88 -30.80 -55.64 20.26
CA LEU B 88 -30.96 -56.45 19.06
C LEU B 88 -30.65 -55.64 17.80
N THR B 89 -31.16 -54.41 17.73
CA THR B 89 -30.95 -53.56 16.56
C THR B 89 -29.48 -53.19 16.39
N MET B 90 -28.84 -52.71 17.44
CA MET B 90 -27.44 -52.28 17.29
C MET B 90 -26.47 -53.45 17.17
N ALA B 91 -26.77 -54.61 17.77
CA ALA B 91 -25.91 -55.77 17.58
C ALA B 91 -26.01 -56.31 16.15
N LEU B 92 -27.24 -56.35 15.61
CA LEU B 92 -27.38 -56.74 14.21
C LEU B 92 -26.77 -55.72 13.27
N LEU B 93 -26.75 -54.44 13.66
CA LEU B 93 -26.09 -53.44 12.83
C LEU B 93 -24.58 -53.63 12.84
N LEU B 94 -24.02 -54.02 14.00
CA LEU B 94 -22.59 -54.32 14.08
C LEU B 94 -22.19 -55.50 13.19
N ILE B 95 -22.89 -56.63 13.33
CA ILE B 95 -22.51 -57.78 12.50
C ILE B 95 -22.84 -57.54 11.03
N PHE B 96 -23.88 -56.76 10.74
CA PHE B 96 -24.24 -56.50 9.35
C PHE B 96 -23.21 -55.58 8.70
N LEU B 97 -22.64 -54.65 9.46
CA LEU B 97 -21.57 -53.83 8.91
C LEU B 97 -20.30 -54.65 8.71
N LEU B 98 -20.03 -55.59 9.62
CA LEU B 98 -18.89 -56.48 9.43
C LEU B 98 -19.04 -57.30 8.15
N ALA B 99 -20.24 -57.80 7.89
CA ALA B 99 -20.51 -58.52 6.65
C ALA B 99 -20.46 -57.60 5.44
N VAL B 100 -20.86 -56.34 5.59
CA VAL B 100 -20.78 -55.39 4.48
C VAL B 100 -19.34 -55.14 4.07
N SER B 101 -18.45 -54.96 5.06
CA SER B 101 -17.03 -54.74 4.73
C SER B 101 -16.39 -55.97 4.12
N LEU B 102 -16.71 -57.16 4.68
CA LEU B 102 -16.19 -58.41 4.14
C LEU B 102 -16.65 -58.64 2.70
N ALA B 103 -17.95 -58.45 2.45
CA ALA B 103 -18.47 -58.62 1.10
C ALA B 103 -18.01 -57.53 0.17
N TYR B 104 -17.70 -56.34 0.70
CA TYR B 104 -17.14 -55.28 -0.12
C TYR B 104 -15.79 -55.65 -0.67
N GLU B 105 -14.87 -56.06 0.21
CA GLU B 105 -13.56 -56.46 -0.29
C GLU B 105 -13.62 -57.78 -1.06
N TRP B 106 -14.66 -58.59 -0.84
CA TRP B 106 -14.88 -59.78 -1.65
C TRP B 106 -15.25 -59.40 -3.09
N THR B 107 -16.20 -58.48 -3.25
CA THR B 107 -16.63 -58.09 -4.59
C THR B 107 -15.59 -57.25 -5.31
N GLN B 108 -14.83 -56.42 -4.58
CA GLN B 108 -13.86 -55.52 -5.20
C GLN B 108 -12.50 -56.17 -5.40
N LYS B 109 -12.47 -57.52 -5.48
CA LYS B 109 -11.34 -58.37 -5.89
C LYS B 109 -10.05 -58.08 -5.12
N GLY B 110 -10.17 -57.59 -3.89
CA GLY B 110 -9.02 -57.23 -3.10
C GLY B 110 -8.20 -58.42 -2.62
N LEU B 111 -8.77 -59.22 -1.71
CA LEU B 111 -8.06 -60.36 -1.14
C LEU B 111 -8.11 -61.53 -2.12
N GLU B 112 -7.25 -61.46 -3.13
CA GLU B 112 -7.02 -62.58 -4.03
C GLU B 112 -5.52 -62.81 -4.17
N TRP B 113 -5.12 -63.66 -5.12
CA TRP B 113 -3.74 -64.02 -5.28
C TRP B 113 -3.33 -64.02 -6.76
N MET C 1 1.03 -74.50 50.39
CA MET C 1 0.65 -75.69 49.64
C MET C 1 0.35 -75.30 48.19
N PHE C 2 0.33 -74.00 47.93
CA PHE C 2 -0.06 -73.54 46.60
C PHE C 2 1.04 -73.77 45.57
N MET C 3 2.31 -73.67 45.98
CA MET C 3 3.39 -74.06 45.08
C MET C 3 3.39 -75.56 44.85
N ILE C 4 2.89 -76.34 45.81
CA ILE C 4 2.72 -77.77 45.59
C ILE C 4 1.60 -78.02 44.58
N ASN C 5 0.56 -77.19 44.60
CA ASN C 5 -0.47 -77.25 43.56
C ASN C 5 0.11 -76.92 42.18
N VAL C 6 1.01 -75.94 42.13
CA VAL C 6 1.70 -75.60 40.89
C VAL C 6 2.50 -76.79 40.37
N LEU C 7 3.26 -77.43 41.28
CA LEU C 7 4.10 -78.56 40.88
C LEU C 7 3.27 -79.76 40.45
N THR C 8 2.14 -80.00 41.11
CA THR C 8 1.27 -81.10 40.68
C THR C 8 0.46 -80.76 39.44
N LEU C 9 0.45 -79.50 39.02
CA LEU C 9 -0.02 -79.23 37.67
C LEU C 9 1.09 -79.49 36.64
N ILE C 10 2.30 -79.00 36.91
CA ILE C 10 3.30 -78.91 35.84
C ILE C 10 4.21 -80.12 35.73
N ILE C 11 4.25 -80.99 36.73
CA ILE C 11 4.94 -82.27 36.57
C ILE C 11 4.19 -83.21 35.63
N PRO C 12 2.85 -83.42 35.72
CA PRO C 12 2.24 -84.38 34.77
C PRO C 12 2.18 -83.92 33.33
N ILE C 13 2.38 -82.64 33.01
CA ILE C 13 2.19 -82.23 31.63
C ILE C 13 3.37 -82.64 30.76
N LEU C 14 4.58 -82.73 31.33
CA LEU C 14 5.73 -83.16 30.55
C LEU C 14 5.65 -84.64 30.22
N LEU C 15 5.26 -85.45 31.21
CA LEU C 15 4.95 -86.86 30.97
C LEU C 15 3.80 -87.01 29.99
N ALA C 16 2.83 -86.09 30.06
CA ALA C 16 1.71 -86.11 29.12
C ALA C 16 2.17 -85.84 27.69
N VAL C 17 3.10 -84.92 27.50
CA VAL C 17 3.60 -84.61 26.15
C VAL C 17 4.39 -85.79 25.59
N ALA C 18 5.32 -86.35 26.38
CA ALA C 18 6.13 -87.47 25.88
C ALA C 18 5.28 -88.70 25.60
N PHE C 19 4.30 -88.97 26.45
CA PHE C 19 3.48 -90.13 26.20
C PHE C 19 2.46 -89.86 25.11
N LEU C 20 2.13 -88.58 24.86
CA LEU C 20 1.36 -88.24 23.66
C LEU C 20 2.17 -88.52 22.40
N THR C 21 3.48 -88.29 22.44
CA THR C 21 4.31 -88.62 21.28
C THR C 21 4.31 -90.12 21.01
N LEU C 22 4.42 -90.94 22.07
CA LEU C 22 4.37 -92.38 21.82
C LEU C 22 2.99 -92.81 21.34
N VAL C 23 1.92 -92.21 21.88
CA VAL C 23 0.58 -92.60 21.49
C VAL C 23 0.28 -92.21 20.05
N GLU C 24 0.70 -91.01 19.63
CA GLU C 24 0.46 -90.62 18.24
C GLU C 24 1.29 -91.47 17.27
N ARG C 25 2.51 -91.87 17.66
CA ARG C 25 3.32 -92.65 16.73
C ARG C 25 2.81 -94.07 16.63
N LYS C 26 2.40 -94.66 17.76
CA LYS C 26 1.89 -96.03 17.70
C LYS C 26 0.49 -96.12 17.12
N VAL C 27 -0.34 -95.07 17.25
CA VAL C 27 -1.65 -95.18 16.62
C VAL C 27 -1.56 -94.83 15.13
N LEU C 28 -0.54 -94.08 14.69
CA LEU C 28 -0.20 -94.10 13.27
C LEU C 28 0.26 -95.48 12.83
N GLY C 29 1.01 -96.17 13.69
CA GLY C 29 1.46 -97.51 13.38
C GLY C 29 0.36 -98.57 13.38
N TYR C 30 -0.76 -98.31 14.02
CA TYR C 30 -1.87 -99.24 13.96
C TYR C 30 -3.06 -98.70 13.16
N MET C 31 -2.91 -97.54 12.52
CA MET C 31 -3.78 -97.19 11.40
C MET C 31 -3.13 -97.57 10.07
N GLN C 32 -1.96 -97.00 9.78
CA GLN C 32 -1.18 -97.47 8.64
C GLN C 32 -0.46 -98.74 9.04
N PHE C 33 -0.33 -99.67 8.09
CA PHE C 33 0.07 -101.05 8.39
C PHE C 33 1.53 -101.17 8.79
N ARG C 34 1.92 -100.61 9.94
CA ARG C 34 3.27 -100.78 10.47
C ARG C 34 3.13 -101.19 11.94
N LYS C 35 2.90 -102.49 12.18
CA LYS C 35 2.54 -102.97 13.51
C LYS C 35 3.78 -102.91 14.39
N GLY C 36 4.03 -101.71 14.92
CA GLY C 36 5.24 -101.38 15.63
C GLY C 36 5.52 -99.89 15.54
N PRO C 37 6.72 -99.46 15.97
CA PRO C 37 7.79 -100.24 16.60
C PRO C 37 7.67 -100.25 18.12
N ASN C 38 7.97 -101.40 18.73
CA ASN C 38 7.82 -101.55 20.17
C ASN C 38 8.96 -102.34 20.81
N VAL C 39 10.10 -102.45 20.14
CA VAL C 39 11.18 -103.30 20.64
C VAL C 39 11.93 -102.61 21.76
N VAL C 40 12.21 -101.31 21.59
CA VAL C 40 12.90 -100.55 22.64
C VAL C 40 11.89 -100.25 23.73
N GLY C 41 12.04 -100.91 24.87
CA GLY C 41 11.10 -100.77 25.97
C GLY C 41 9.87 -101.64 25.77
N PRO C 42 9.36 -102.21 26.87
CA PRO C 42 8.12 -103.00 26.79
C PRO C 42 6.92 -102.09 26.49
N TYR C 43 6.30 -102.33 25.33
CA TYR C 43 5.20 -101.52 24.77
C TYR C 43 5.60 -100.06 24.56
N GLY C 44 6.90 -99.80 24.37
CA GLY C 44 7.38 -98.51 23.91
C GLY C 44 7.23 -97.31 24.83
N LEU C 45 7.98 -97.28 25.92
CA LEU C 45 7.99 -96.13 26.82
C LEU C 45 9.42 -95.65 27.10
N LEU C 46 10.36 -96.58 27.18
CA LEU C 46 11.75 -96.20 27.36
C LEU C 46 12.31 -95.53 26.11
N GLN C 47 11.73 -95.83 24.94
CA GLN C 47 12.12 -95.14 23.72
C GLN C 47 11.68 -93.68 23.70
N PRO C 48 10.48 -93.29 24.16
CA PRO C 48 10.23 -91.85 24.35
C PRO C 48 11.08 -91.19 25.43
N ILE C 49 11.33 -91.84 26.57
CA ILE C 49 12.13 -91.11 27.56
C ILE C 49 13.61 -91.02 27.11
N ALA C 50 14.09 -92.01 26.37
CA ALA C 50 15.43 -91.92 25.80
C ALA C 50 15.47 -90.95 24.63
N ASP C 51 14.35 -90.76 23.94
CA ASP C 51 14.28 -89.75 22.88
C ASP C 51 14.34 -88.35 23.48
N ALA C 52 13.69 -88.16 24.63
CA ALA C 52 13.78 -86.88 25.33
C ALA C 52 15.20 -86.60 25.78
N ILE C 53 15.87 -87.59 26.38
CA ILE C 53 17.24 -87.34 26.81
C ILE C 53 18.21 -87.29 25.63
N LYS C 54 17.83 -87.85 24.48
CA LYS C 54 18.67 -87.77 23.28
C LYS C 54 18.61 -86.37 22.68
N LEU C 55 17.42 -85.79 22.59
CA LEU C 55 17.30 -84.40 22.18
C LEU C 55 17.89 -83.44 23.21
N PHE C 56 17.96 -83.87 24.48
CA PHE C 56 18.74 -83.12 25.46
C PHE C 56 20.23 -83.13 25.14
N ILE C 57 20.80 -84.31 24.87
CA ILE C 57 22.25 -84.50 24.90
C ILE C 57 22.86 -84.48 23.49
N LYS C 58 22.08 -84.11 22.47
CA LYS C 58 22.54 -84.19 21.09
C LYS C 58 23.63 -83.17 20.80
N GLU C 59 24.62 -83.58 20.00
CA GLU C 59 25.68 -82.69 19.57
C GLU C 59 25.12 -81.55 18.74
N PRO C 60 25.56 -80.32 18.96
CA PRO C 60 24.80 -79.16 18.47
C PRO C 60 24.97 -78.88 16.98
N LEU C 61 26.16 -79.18 16.43
CA LEU C 61 26.61 -78.69 15.12
C LEU C 61 26.48 -77.17 15.05
N ARG C 62 26.83 -76.51 16.18
CA ARG C 62 26.32 -75.25 16.73
C ARG C 62 26.38 -74.04 15.79
N PRO C 63 25.22 -73.59 15.29
CA PRO C 63 25.17 -72.32 14.54
C PRO C 63 24.70 -71.12 15.36
N ALA C 64 24.49 -71.28 16.66
CA ALA C 64 23.49 -70.49 17.38
C ALA C 64 24.10 -69.36 18.21
N THR C 65 25.09 -68.66 17.68
CA THR C 65 25.65 -67.48 18.36
C THR C 65 25.12 -66.19 17.73
N SER C 66 23.87 -66.19 17.27
CA SER C 66 23.25 -65.04 16.62
C SER C 66 22.03 -64.55 17.39
N SER C 67 22.11 -63.30 17.85
CA SER C 67 21.04 -62.55 18.53
C SER C 67 20.54 -63.25 19.78
N ILE C 68 21.41 -63.33 20.79
CA ILE C 68 21.25 -64.02 22.08
C ILE C 68 19.91 -63.74 22.75
N SER C 69 19.50 -62.47 22.77
CA SER C 69 18.29 -62.09 23.48
C SER C 69 17.03 -62.66 22.84
N MET C 70 16.90 -62.50 21.52
CA MET C 70 15.75 -63.06 20.82
C MET C 70 15.79 -64.59 20.81
N PHE C 71 16.98 -65.14 20.69
CA PHE C 71 17.15 -66.60 20.64
C PHE C 71 16.92 -67.24 22.00
N ILE C 72 17.03 -66.48 23.08
CA ILE C 72 16.72 -66.99 24.40
C ILE C 72 15.29 -66.65 24.82
N LEU C 73 14.65 -65.68 24.18
CA LEU C 73 13.28 -65.31 24.53
C LEU C 73 12.20 -66.03 23.74
N ALA C 74 12.49 -66.49 22.52
CA ALA C 74 11.45 -67.20 21.78
C ALA C 74 11.08 -68.56 22.39
N PRO C 75 12.01 -69.50 22.67
CA PRO C 75 11.57 -70.77 23.26
C PRO C 75 11.08 -70.61 24.67
N ILE C 76 11.59 -69.63 25.42
CA ILE C 76 11.17 -69.45 26.80
C ILE C 76 9.73 -68.96 26.85
N LEU C 77 9.32 -68.13 25.87
CA LEU C 77 7.96 -67.65 25.82
C LEU C 77 7.01 -68.75 25.37
N ALA C 78 7.40 -69.49 24.32
CA ALA C 78 6.55 -70.58 23.84
C ALA C 78 6.32 -71.64 24.92
N LEU C 79 7.37 -72.01 25.64
CA LEU C 79 7.21 -73.03 26.66
C LEU C 79 6.51 -72.50 27.90
N THR C 80 6.70 -71.22 28.25
CA THR C 80 6.01 -70.74 29.45
C THR C 80 4.52 -70.53 29.16
N LEU C 81 4.14 -70.23 27.91
CA LEU C 81 2.72 -70.19 27.57
C LEU C 81 2.12 -71.58 27.61
N ALA C 82 2.77 -72.53 26.92
CA ALA C 82 2.25 -73.89 26.85
C ALA C 82 2.25 -74.58 28.21
N LEU C 83 3.09 -74.16 29.14
CA LEU C 83 3.16 -74.79 30.44
C LEU C 83 2.35 -74.06 31.51
N THR C 84 2.06 -72.77 31.33
CA THR C 84 1.20 -72.06 32.27
C THR C 84 -0.27 -72.08 31.88
N MET C 85 -0.62 -72.48 30.66
CA MET C 85 -2.02 -72.29 30.26
C MET C 85 -2.89 -73.52 30.43
N TRP C 86 -2.69 -74.27 31.51
CA TRP C 86 -3.75 -75.16 31.98
C TRP C 86 -4.33 -74.67 33.30
N ILE C 87 -3.97 -73.46 33.73
CA ILE C 87 -4.41 -72.95 35.02
C ILE C 87 -5.91 -72.61 35.03
N PRO C 88 -6.50 -71.85 34.10
CA PRO C 88 -7.95 -71.63 34.20
C PRO C 88 -8.80 -72.77 33.64
N LEU C 89 -8.20 -73.82 33.11
CA LEU C 89 -8.96 -74.92 32.55
C LEU C 89 -9.56 -75.76 33.68
N PRO C 90 -10.87 -75.84 33.77
CA PRO C 90 -11.52 -76.37 34.99
C PRO C 90 -11.57 -77.88 35.03
N MET C 91 -10.41 -78.51 35.07
CA MET C 91 -10.34 -79.85 35.61
C MET C 91 -10.81 -79.79 37.06
N PRO C 92 -11.63 -80.76 37.52
CA PRO C 92 -12.91 -80.43 38.19
C PRO C 92 -12.99 -79.12 38.96
N TYR C 93 -12.02 -78.87 39.83
CA TYR C 93 -11.93 -77.59 40.51
C TYR C 93 -10.67 -76.90 40.00
N PRO C 94 -10.78 -75.79 39.28
CA PRO C 94 -9.61 -75.23 38.60
C PRO C 94 -8.59 -74.66 39.56
N LEU C 95 -7.38 -74.46 39.04
CA LEU C 95 -6.27 -74.02 39.86
C LEU C 95 -6.46 -72.59 40.32
N ILE C 96 -6.95 -71.73 39.43
CA ILE C 96 -7.32 -70.36 39.75
C ILE C 96 -8.73 -70.11 39.23
N ASN C 97 -9.62 -69.65 40.10
CA ASN C 97 -11.00 -69.37 39.74
C ASN C 97 -11.07 -67.97 39.10
N MET C 98 -10.57 -67.88 37.88
CA MET C 98 -10.64 -66.61 37.16
C MET C 98 -12.06 -66.30 36.77
N ASN C 99 -12.45 -65.04 36.95
CA ASN C 99 -13.79 -64.58 36.59
C ASN C 99 -13.99 -64.58 35.08
N LEU C 100 -12.92 -64.51 34.30
CA LEU C 100 -13.00 -64.59 32.85
C LEU C 100 -11.74 -65.26 32.34
N GLY C 101 -11.89 -66.40 31.68
CA GLY C 101 -10.73 -67.21 31.32
C GLY C 101 -10.59 -67.53 29.86
N VAL C 102 -11.69 -67.49 29.11
CA VAL C 102 -11.63 -67.85 27.70
C VAL C 102 -10.95 -66.75 26.89
N LEU C 103 -11.17 -65.50 27.27
CA LEU C 103 -10.45 -64.38 26.67
C LEU C 103 -8.97 -64.45 27.04
N PHE C 104 -8.67 -64.97 28.22
CA PHE C 104 -7.29 -65.19 28.64
C PHE C 104 -6.62 -66.27 27.79
N MET C 105 -7.36 -67.35 27.49
CA MET C 105 -6.90 -68.37 26.55
C MET C 105 -6.57 -67.79 25.17
N LEU C 106 -7.44 -66.91 24.68
CA LEU C 106 -7.22 -66.32 23.36
C LEU C 106 -6.01 -65.38 23.35
N ALA C 107 -5.82 -64.64 24.45
CA ALA C 107 -4.66 -63.77 24.57
C ALA C 107 -3.37 -64.58 24.56
N MET C 108 -3.36 -65.73 25.24
CA MET C 108 -2.13 -66.52 25.26
C MET C 108 -1.88 -67.23 23.93
N SER C 109 -2.96 -67.54 23.19
CA SER C 109 -2.78 -68.01 21.81
C SER C 109 -2.09 -66.97 20.94
N SER C 110 -2.49 -65.70 21.09
CA SER C 110 -1.81 -64.65 20.33
C SER C 110 -0.35 -64.44 20.80
N LEU C 111 -0.07 -64.68 22.07
CA LEU C 111 1.33 -64.62 22.50
C LEU C 111 2.14 -65.78 21.92
N ALA C 112 1.51 -66.94 21.70
CA ALA C 112 2.19 -68.02 20.98
C ALA C 112 2.50 -67.64 19.55
N VAL C 113 1.62 -66.85 18.93
CA VAL C 113 1.92 -66.30 17.60
C VAL C 113 3.14 -65.39 17.64
N TYR C 114 3.27 -64.59 18.72
CA TYR C 114 4.49 -63.78 18.91
C TYR C 114 5.74 -64.63 19.00
N SER C 115 5.68 -65.76 19.70
CA SER C 115 6.87 -66.60 19.80
C SER C 115 7.23 -67.24 18.46
N ILE C 116 6.23 -67.59 17.65
CA ILE C 116 6.48 -68.06 16.29
C ILE C 116 7.19 -66.99 15.47
N LEU C 117 6.74 -65.74 15.60
CA LEU C 117 7.35 -64.65 14.84
C LEU C 117 8.78 -64.38 15.31
N TRP C 118 9.05 -64.55 16.60
CA TRP C 118 10.41 -64.34 17.09
C TRP C 118 11.34 -65.42 16.59
N SER C 119 10.88 -66.68 16.56
CA SER C 119 11.72 -67.73 15.99
C SER C 119 11.94 -67.53 14.50
N GLY C 120 10.93 -67.01 13.80
CA GLY C 120 11.09 -66.71 12.39
C GLY C 120 12.10 -65.60 12.14
N TRP C 121 12.11 -64.58 13.00
CA TRP C 121 13.13 -63.54 12.88
C TRP C 121 14.51 -64.06 13.25
N ALA C 122 14.58 -64.99 14.20
CA ALA C 122 15.86 -65.58 14.55
C ALA C 122 16.33 -66.63 13.55
N SER C 123 15.50 -66.97 12.57
CA SER C 123 15.89 -67.91 11.51
C SER C 123 16.80 -67.30 10.45
N ASN C 124 17.25 -66.06 10.64
CA ASN C 124 18.37 -65.44 9.91
C ASN C 124 18.07 -65.27 8.40
N SER C 125 17.02 -64.50 8.12
CA SER C 125 16.78 -63.79 6.84
C SER C 125 16.75 -64.76 5.64
N LYS C 126 15.75 -65.62 5.64
CA LYS C 126 15.84 -66.81 4.81
C LYS C 126 14.50 -67.06 4.13
N TYR C 127 14.53 -68.02 3.19
CA TYR C 127 13.29 -68.55 2.64
C TYR C 127 12.50 -69.26 3.73
N ALA C 128 13.19 -69.77 4.75
CA ALA C 128 12.54 -70.20 5.98
C ALA C 128 11.86 -69.04 6.70
N LEU C 129 12.42 -67.83 6.62
CA LEU C 129 11.73 -66.69 7.23
C LEU C 129 10.48 -66.33 6.46
N ILE C 130 10.51 -66.47 5.12
CA ILE C 130 9.30 -66.22 4.34
C ILE C 130 8.24 -67.29 4.62
N GLY C 131 8.65 -68.55 4.77
CA GLY C 131 7.72 -69.59 5.15
C GLY C 131 7.16 -69.39 6.55
N ALA C 132 7.98 -68.89 7.48
CA ALA C 132 7.49 -68.56 8.81
C ALA C 132 6.55 -67.37 8.78
N LEU C 133 6.73 -66.45 7.85
CA LEU C 133 5.82 -65.33 7.71
C LEU C 133 4.45 -65.80 7.20
N ARG C 134 4.45 -66.76 6.25
CA ARG C 134 3.20 -67.37 5.83
C ARG C 134 2.56 -68.17 6.96
N ALA C 135 3.36 -68.80 7.82
CA ALA C 135 2.82 -69.52 8.96
C ALA C 135 2.19 -68.56 9.97
N VAL C 136 2.80 -67.38 10.15
CA VAL C 136 2.21 -66.34 10.98
C VAL C 136 0.87 -65.90 10.41
N ALA C 137 0.77 -65.77 9.09
CA ALA C 137 -0.49 -65.36 8.48
C ALA C 137 -1.57 -66.43 8.62
N GLN C 138 -1.22 -67.70 8.41
CA GLN C 138 -2.23 -68.74 8.53
C GLN C 138 -2.50 -69.13 9.98
N THR C 139 -1.70 -68.64 10.92
CA THR C 139 -2.05 -68.76 12.33
C THR C 139 -2.90 -67.58 12.79
N ILE C 140 -2.68 -66.40 12.22
CA ILE C 140 -3.40 -65.22 12.66
C ILE C 140 -4.78 -65.10 12.02
N SER C 141 -5.00 -65.74 10.87
CA SER C 141 -6.31 -65.58 10.24
C SER C 141 -7.39 -66.45 10.86
N TYR C 142 -7.08 -67.24 11.89
CA TYR C 142 -8.08 -68.08 12.53
C TYR C 142 -8.44 -67.65 13.94
N GLU C 143 -7.68 -66.74 14.54
CA GLU C 143 -8.10 -66.19 15.82
C GLU C 143 -9.25 -65.20 15.68
N VAL C 144 -9.59 -64.80 14.46
CA VAL C 144 -10.88 -64.15 14.21
C VAL C 144 -12.01 -65.16 14.38
N THR C 145 -11.96 -66.24 13.59
CA THR C 145 -13.02 -67.22 13.52
C THR C 145 -13.20 -67.95 14.85
N LEU C 146 -12.10 -68.29 15.51
CA LEU C 146 -12.16 -69.01 16.78
C LEU C 146 -12.77 -68.14 17.86
N ALA C 147 -12.42 -66.85 17.88
CA ALA C 147 -12.97 -65.96 18.89
C ALA C 147 -14.46 -65.70 18.67
N ILE C 148 -14.89 -65.56 17.42
CA ILE C 148 -16.31 -65.29 17.17
C ILE C 148 -17.15 -66.52 17.45
N ILE C 149 -16.64 -67.71 17.12
CA ILE C 149 -17.36 -68.95 17.42
C ILE C 149 -17.41 -69.20 18.93
N LEU C 150 -16.30 -68.96 19.62
CA LEU C 150 -16.26 -69.07 21.08
C LEU C 150 -17.25 -68.11 21.72
N LEU C 151 -17.34 -66.90 21.18
CA LEU C 151 -18.30 -65.90 21.65
C LEU C 151 -19.73 -66.41 21.55
N SER C 152 -20.08 -67.00 20.42
CA SER C 152 -21.46 -67.48 20.29
C SER C 152 -21.74 -68.74 21.09
N VAL C 153 -20.73 -69.56 21.36
CA VAL C 153 -21.05 -70.73 22.19
C VAL C 153 -21.01 -70.40 23.67
N LEU C 154 -20.38 -69.31 24.06
CA LEU C 154 -20.51 -68.87 25.44
C LEU C 154 -21.66 -67.89 25.63
N LEU C 155 -22.31 -67.47 24.54
CA LEU C 155 -23.51 -66.66 24.68
C LEU C 155 -24.66 -67.43 25.34
N MET C 156 -24.64 -68.77 25.26
CA MET C 156 -25.58 -69.57 26.02
C MET C 156 -25.12 -69.79 27.46
N ASN C 157 -23.88 -69.41 27.80
CA ASN C 157 -23.48 -69.41 29.21
C ASN C 157 -23.90 -68.11 29.88
N GLY C 158 -23.84 -67.00 29.15
CA GLY C 158 -24.14 -65.70 29.68
C GLY C 158 -22.96 -64.97 30.27
N SER C 159 -22.02 -65.70 30.86
CA SER C 159 -20.84 -65.11 31.47
C SER C 159 -19.61 -65.85 31.00
N PHE C 160 -18.45 -65.26 31.25
CA PHE C 160 -17.17 -65.84 30.87
C PHE C 160 -16.65 -66.85 31.88
N THR C 161 -17.39 -67.11 32.95
CA THR C 161 -16.80 -67.60 34.19
C THR C 161 -16.40 -69.07 34.14
N LEU C 162 -16.97 -69.83 33.19
CA LEU C 162 -16.63 -71.20 32.78
C LEU C 162 -17.09 -72.26 33.80
N SER C 163 -17.38 -71.82 35.03
CA SER C 163 -18.15 -72.65 35.93
C SER C 163 -19.63 -72.54 35.60
N THR C 164 -20.06 -71.40 35.06
CA THR C 164 -21.38 -71.35 34.46
C THR C 164 -21.45 -72.21 33.21
N LEU C 165 -20.32 -72.42 32.52
CA LEU C 165 -20.28 -73.39 31.44
C LEU C 165 -20.51 -74.81 31.96
N ILE C 166 -19.85 -75.18 33.07
CA ILE C 166 -20.11 -76.53 33.60
C ILE C 166 -21.51 -76.62 34.24
N ILE C 167 -22.14 -75.48 34.57
CA ILE C 167 -23.55 -75.49 34.95
C ILE C 167 -24.44 -75.77 33.74
N THR C 168 -24.20 -75.06 32.63
CA THR C 168 -25.03 -75.22 31.43
C THR C 168 -24.95 -76.63 30.86
N GLN C 169 -23.77 -77.24 30.92
CA GLN C 169 -23.63 -78.57 30.36
C GLN C 169 -23.93 -79.64 31.42
N GLU C 170 -25.20 -79.74 31.75
CA GLU C 170 -25.61 -80.93 32.49
C GLU C 170 -26.81 -81.62 31.85
N GLN C 171 -27.75 -80.86 31.28
CA GLN C 171 -28.98 -81.44 30.78
C GLN C 171 -28.74 -82.09 29.42
N VAL C 172 -28.37 -81.29 28.43
CA VAL C 172 -27.81 -81.79 27.19
C VAL C 172 -26.43 -81.17 27.04
N TRP C 173 -25.70 -81.64 26.04
CA TRP C 173 -24.38 -81.08 25.79
C TRP C 173 -24.52 -79.77 25.01
N LEU C 174 -23.39 -79.20 24.64
CA LEU C 174 -23.39 -78.00 23.82
C LEU C 174 -23.01 -78.34 22.39
N ILE C 175 -22.97 -79.63 22.06
CA ILE C 175 -22.80 -80.06 20.67
C ILE C 175 -24.15 -80.03 19.94
N PHE C 176 -25.26 -80.25 20.63
CA PHE C 176 -26.54 -80.31 19.93
C PHE C 176 -27.14 -78.94 19.60
N PRO C 177 -27.13 -77.91 20.47
CA PRO C 177 -27.60 -76.60 19.99
C PRO C 177 -26.64 -75.90 19.07
N ALA C 178 -25.37 -76.33 19.00
CA ALA C 178 -24.47 -75.82 17.97
C ALA C 178 -23.62 -76.96 17.47
N TRP C 179 -24.13 -77.71 16.50
CA TRP C 179 -23.24 -78.63 15.80
C TRP C 179 -22.45 -78.02 14.64
N PRO C 180 -22.97 -77.15 13.76
CA PRO C 180 -22.07 -76.59 12.73
C PRO C 180 -21.07 -75.62 13.30
N LEU C 181 -21.44 -74.92 14.37
CA LEU C 181 -20.53 -73.97 14.99
C LEU C 181 -19.40 -74.70 15.69
N ALA C 182 -19.69 -75.85 16.31
CA ALA C 182 -18.65 -76.69 16.88
C ALA C 182 -17.78 -77.34 15.81
N MET C 183 -18.38 -77.68 14.66
CA MET C 183 -17.62 -78.22 13.54
C MET C 183 -16.59 -77.22 13.04
N MET C 184 -17.02 -75.97 12.87
CA MET C 184 -16.11 -74.93 12.42
C MET C 184 -15.08 -74.59 13.49
N TRP C 185 -15.45 -74.71 14.76
CA TRP C 185 -14.48 -74.48 15.82
C TRP C 185 -13.42 -75.58 15.85
N PHE C 186 -13.83 -76.81 15.58
CA PHE C 186 -12.88 -77.91 15.54
C PHE C 186 -11.90 -77.76 14.37
N ILE C 187 -12.40 -77.32 13.22
CA ILE C 187 -11.51 -77.02 12.10
C ILE C 187 -10.56 -75.87 12.44
N SER C 188 -11.06 -74.88 13.19
CA SER C 188 -10.20 -73.79 13.64
C SER C 188 -9.14 -74.26 14.63
N THR C 189 -9.44 -75.28 15.43
CA THR C 189 -8.41 -75.84 16.31
C THR C 189 -7.37 -76.59 15.52
N LEU C 190 -7.79 -77.30 14.45
CA LEU C 190 -6.82 -77.92 13.53
C LEU C 190 -5.91 -76.87 12.90
N ALA C 191 -6.45 -75.68 12.62
CA ALA C 191 -5.60 -74.62 12.08
C ALA C 191 -4.66 -74.05 13.13
N GLU C 192 -5.17 -73.84 14.35
CA GLU C 192 -4.37 -73.20 15.40
C GLU C 192 -3.27 -74.10 15.95
N THR C 193 -3.43 -75.42 15.87
CA THR C 193 -2.34 -76.29 16.29
C THR C 193 -1.29 -76.49 15.20
N ASN C 194 -1.48 -75.87 14.03
CA ASN C 194 -0.48 -75.77 12.96
C ASN C 194 -0.08 -77.14 12.42
N ARG C 195 -1.04 -78.06 12.34
CA ARG C 195 -0.76 -79.39 11.87
C ARG C 195 -1.58 -79.75 10.65
N ALA C 196 -1.22 -80.88 10.04
CA ALA C 196 -1.85 -81.33 8.81
C ALA C 196 -3.33 -81.63 9.05
N PRO C 197 -4.22 -81.27 8.11
CA PRO C 197 -4.01 -80.75 6.76
C PRO C 197 -3.62 -79.26 6.62
N PHE C 198 -3.36 -78.55 7.71
CA PHE C 198 -3.15 -77.11 7.66
C PHE C 198 -1.69 -76.81 8.00
N ASP C 199 -0.86 -76.72 6.99
CA ASP C 199 0.57 -76.49 7.19
C ASP C 199 1.08 -75.29 6.40
N ALA C 217 15.65 -72.58 14.57
CA ALA C 217 16.37 -73.84 14.55
C ALA C 217 16.11 -74.65 15.81
N GLY C 218 16.74 -74.25 16.91
CA GLY C 218 16.63 -74.96 18.16
C GLY C 218 16.29 -74.06 19.32
N PRO C 219 15.88 -74.64 20.47
CA PRO C 219 15.65 -76.06 20.74
C PRO C 219 14.36 -76.61 20.12
N PHE C 220 14.57 -77.50 19.14
CA PHE C 220 13.48 -78.16 18.46
C PHE C 220 12.65 -79.00 19.41
N ALA C 221 13.29 -79.58 20.42
CA ALA C 221 12.55 -80.32 21.45
C ALA C 221 11.64 -79.41 22.25
N LEU C 222 12.02 -78.16 22.46
CA LEU C 222 11.17 -77.29 23.26
C LEU C 222 10.05 -76.64 22.47
N PHE C 223 10.29 -76.32 21.19
CA PHE C 223 9.16 -75.89 20.37
C PHE C 223 8.20 -77.05 20.10
N PHE C 224 8.75 -78.27 20.01
CA PHE C 224 7.98 -79.50 19.97
C PHE C 224 7.09 -79.66 21.20
N MET C 225 7.69 -79.41 22.38
CA MET C 225 6.97 -79.38 23.66
C MET C 225 5.84 -78.37 23.64
N ALA C 226 6.11 -77.17 23.10
CA ALA C 226 5.10 -76.12 23.04
C ALA C 226 3.94 -76.51 22.14
N GLU C 227 4.25 -77.12 20.98
CA GLU C 227 3.19 -77.60 20.08
C GLU C 227 2.29 -78.62 20.75
N TYR C 228 2.89 -79.63 21.41
CA TYR C 228 2.03 -80.69 21.94
C TYR C 228 1.28 -80.27 23.20
N ALA C 229 1.86 -79.42 24.05
CA ALA C 229 1.09 -78.91 25.17
C ALA C 229 -0.03 -77.99 24.69
N ASN C 230 0.19 -77.26 23.59
CA ASN C 230 -0.88 -76.45 23.01
C ASN C 230 -2.01 -77.33 22.49
N ILE C 231 -1.67 -78.49 21.93
CA ILE C 231 -2.69 -79.40 21.41
C ILE C 231 -3.52 -79.99 22.55
N ILE C 232 -2.85 -80.42 23.63
CA ILE C 232 -3.63 -81.01 24.72
C ILE C 232 -4.42 -79.93 25.45
N MET C 233 -3.95 -78.68 25.45
CA MET C 233 -4.74 -77.57 25.95
C MET C 233 -6.00 -77.37 25.14
N MET C 234 -5.88 -77.36 23.81
CA MET C 234 -7.06 -77.19 22.97
C MET C 234 -8.00 -78.39 23.06
N ASN C 235 -7.49 -79.58 23.31
CA ASN C 235 -8.39 -80.72 23.47
C ASN C 235 -9.12 -80.70 24.81
N ILE C 236 -8.44 -80.32 25.89
CA ILE C 236 -9.12 -80.18 27.18
C ILE C 236 -10.10 -79.01 27.15
N PHE C 237 -9.76 -77.95 26.43
CA PHE C 237 -10.66 -76.81 26.25
C PHE C 237 -11.85 -77.19 25.38
N THR C 238 -11.64 -78.09 24.42
CA THR C 238 -12.74 -78.64 23.63
C THR C 238 -13.67 -79.47 24.50
N THR C 239 -13.09 -80.36 25.31
CA THR C 239 -13.85 -81.28 26.14
C THR C 239 -14.61 -80.53 27.23
N THR C 240 -14.09 -79.40 27.70
CA THR C 240 -14.88 -78.57 28.58
C THR C 240 -15.94 -77.79 27.80
N LEU C 241 -15.59 -77.29 26.62
CA LEU C 241 -16.44 -76.31 25.95
C LEU C 241 -17.67 -76.94 25.32
N PHE C 242 -17.54 -78.12 24.71
CA PHE C 242 -18.67 -78.73 24.01
C PHE C 242 -19.13 -80.06 24.58
N LEU C 243 -18.27 -80.79 25.27
CA LEU C 243 -18.61 -82.12 25.74
C LEU C 243 -18.53 -82.14 27.27
N GLY C 244 -18.57 -83.32 27.84
CA GLY C 244 -18.30 -83.45 29.26
C GLY C 244 -19.33 -84.34 29.93
N ALA C 245 -19.16 -84.47 31.24
CA ALA C 245 -20.06 -85.23 32.08
C ALA C 245 -20.62 -84.33 33.17
N PHE C 246 -21.58 -84.86 33.93
CA PHE C 246 -22.15 -84.12 35.03
C PHE C 246 -21.16 -84.11 36.20
N HIS C 247 -20.80 -82.91 36.63
CA HIS C 247 -19.96 -82.76 37.82
C HIS C 247 -20.75 -83.13 39.05
N ASN C 248 -20.11 -83.83 39.97
CA ASN C 248 -20.75 -84.07 41.23
C ASN C 248 -19.87 -83.55 42.36
N PRO C 249 -20.38 -82.69 43.24
CA PRO C 249 -19.67 -82.40 44.48
C PRO C 249 -19.58 -83.63 45.36
N TYR C 250 -18.62 -83.58 46.30
CA TYR C 250 -18.16 -84.68 47.16
C TYR C 250 -17.88 -85.99 46.40
N MET C 251 -17.59 -85.91 45.09
CA MET C 251 -17.17 -87.00 44.22
C MET C 251 -16.58 -86.39 42.95
N PRO C 252 -15.38 -85.82 42.98
CA PRO C 252 -14.84 -85.23 41.75
C PRO C 252 -14.17 -86.24 40.84
N GLU C 253 -13.88 -87.44 41.36
CA GLU C 253 -13.11 -88.42 40.63
C GLU C 253 -13.91 -88.97 39.46
N LEU C 254 -15.24 -89.01 39.56
CA LEU C 254 -16.07 -89.43 38.45
C LEU C 254 -15.99 -88.46 37.28
N TYR C 255 -16.02 -87.15 37.59
CA TYR C 255 -15.87 -86.15 36.56
C TYR C 255 -14.48 -86.18 35.95
N THR C 256 -13.47 -86.45 36.78
CA THR C 256 -12.11 -86.60 36.27
C THR C 256 -11.99 -87.76 35.30
N ILE C 257 -12.59 -88.91 35.66
CA ILE C 257 -12.60 -90.09 34.80
C ILE C 257 -13.24 -89.79 33.45
N ASN C 258 -14.48 -89.27 33.47
CA ASN C 258 -15.20 -89.15 32.20
C ASN C 258 -14.66 -88.00 31.36
N PHE C 259 -14.12 -86.97 32.02
CA PHE C 259 -13.47 -85.88 31.31
C PHE C 259 -12.19 -86.34 30.62
N THR C 260 -11.39 -87.16 31.30
CA THR C 260 -10.17 -87.67 30.70
C THR C 260 -10.48 -88.64 29.56
N ILE C 261 -11.54 -89.44 29.70
CA ILE C 261 -11.92 -90.36 28.64
C ILE C 261 -12.37 -89.61 27.38
N LYS C 262 -13.18 -88.56 27.55
CA LYS C 262 -13.61 -87.81 26.37
C LYS C 262 -12.47 -87.03 25.73
N SER C 263 -11.54 -86.50 26.54
CA SER C 263 -10.40 -85.78 25.97
C SER C 263 -9.46 -86.73 25.22
N LEU C 264 -9.25 -87.93 25.76
CA LEU C 264 -8.44 -88.93 25.08
C LEU C 264 -9.07 -89.38 23.77
N LEU C 265 -10.40 -89.60 23.77
CA LEU C 265 -11.06 -90.02 22.53
C LEU C 265 -11.02 -88.92 21.48
N LEU C 266 -11.12 -87.67 21.89
CA LEU C 266 -11.07 -86.61 20.89
C LEU C 266 -9.65 -86.40 20.39
N SER C 267 -8.63 -86.66 21.22
CA SER C 267 -7.26 -86.56 20.74
C SER C 267 -6.92 -87.69 19.78
N ILE C 268 -7.46 -88.89 20.02
CA ILE C 268 -7.26 -90.00 19.09
C ILE C 268 -7.98 -89.73 17.76
N THR C 269 -9.17 -89.10 17.81
CA THR C 269 -9.84 -88.69 16.57
C THR C 269 -9.06 -87.58 15.86
N PHE C 270 -8.37 -86.72 16.63
CA PHE C 270 -7.50 -85.72 16.04
C PHE C 270 -6.34 -86.36 15.29
N LEU C 271 -5.78 -87.44 15.85
CA LEU C 271 -4.80 -88.24 15.10
C LEU C 271 -5.43 -88.90 13.87
N TRP C 272 -6.66 -89.39 14.02
CA TRP C 272 -7.39 -90.10 12.97
C TRP C 272 -7.71 -89.19 11.79
N ILE C 273 -7.73 -87.88 12.01
CA ILE C 273 -7.82 -86.92 10.90
C ILE C 273 -6.43 -86.43 10.46
N ARG C 274 -5.43 -86.47 11.35
CA ARG C 274 -4.04 -86.20 10.93
C ARG C 274 -3.54 -87.22 9.91
N ALA C 275 -4.00 -88.47 10.01
CA ALA C 275 -3.40 -89.52 9.19
C ALA C 275 -3.87 -89.46 7.75
N SER C 276 -5.15 -89.22 7.51
CA SER C 276 -5.79 -89.60 6.26
C SER C 276 -6.24 -88.41 5.44
N TYR C 277 -5.46 -87.33 5.43
CA TYR C 277 -5.78 -86.21 4.55
C TYR C 277 -4.53 -85.54 4.00
N PRO C 278 -4.54 -85.11 2.74
CA PRO C 278 -3.41 -84.36 2.19
C PRO C 278 -3.45 -82.89 2.60
N ARG C 279 -2.29 -82.25 2.50
CA ARG C 279 -2.14 -80.85 2.85
C ARG C 279 -2.84 -79.96 1.83
N PHE C 280 -3.10 -78.73 2.23
CA PHE C 280 -3.77 -77.75 1.39
C PHE C 280 -2.78 -76.71 0.87
N ARG C 281 -2.98 -76.30 -0.38
CA ARG C 281 -2.25 -75.18 -0.94
C ARG C 281 -2.71 -73.89 -0.26
N TYR C 282 -1.79 -72.93 -0.18
CA TYR C 282 -2.00 -71.74 0.65
C TYR C 282 -3.10 -70.83 0.10
N ASP C 283 -3.20 -70.74 -1.23
CA ASP C 283 -4.32 -70.06 -1.87
C ASP C 283 -5.64 -70.69 -1.46
N GLN C 284 -5.72 -72.02 -1.51
CA GLN C 284 -6.91 -72.72 -1.07
C GLN C 284 -7.17 -72.54 0.41
N LEU C 285 -6.11 -72.40 1.21
CA LEU C 285 -6.28 -72.24 2.65
C LEU C 285 -6.91 -70.90 3.00
N MET C 286 -6.38 -69.81 2.43
CA MET C 286 -6.95 -68.50 2.74
C MET C 286 -8.32 -68.30 2.09
N HIS C 287 -8.48 -68.77 0.84
CA HIS C 287 -9.79 -68.80 0.20
C HIS C 287 -10.81 -69.55 1.03
N LEU C 288 -10.40 -70.72 1.55
CA LEU C 288 -11.20 -71.56 2.42
C LEU C 288 -11.65 -70.80 3.65
N LEU C 289 -10.69 -70.24 4.40
CA LEU C 289 -10.96 -69.47 5.62
C LEU C 289 -11.93 -68.32 5.38
N TRP C 290 -11.53 -67.35 4.56
CA TRP C 290 -12.35 -66.16 4.40
C TRP C 290 -13.67 -66.49 3.71
N LYS C 291 -13.61 -66.95 2.46
CA LYS C 291 -14.80 -67.11 1.65
C LYS C 291 -15.58 -68.38 1.98
N ASN C 292 -15.24 -69.12 3.04
CA ASN C 292 -16.21 -70.13 3.42
C ASN C 292 -16.58 -70.08 4.89
N PHE C 293 -15.62 -69.82 5.78
CA PHE C 293 -15.97 -69.80 7.18
C PHE C 293 -16.53 -68.45 7.59
N LEU C 294 -16.00 -67.35 7.03
CA LEU C 294 -16.28 -66.10 7.73
C LEU C 294 -17.70 -65.56 7.52
N PRO C 295 -18.34 -65.67 6.34
CA PRO C 295 -19.78 -65.37 6.33
C PRO C 295 -20.62 -66.38 7.09
N LEU C 296 -20.23 -67.66 7.10
CA LEU C 296 -21.03 -68.65 7.81
C LEU C 296 -20.93 -68.49 9.32
N THR C 297 -19.76 -68.08 9.83
CA THR C 297 -19.64 -67.70 11.23
C THR C 297 -20.53 -66.51 11.56
N LEU C 298 -20.52 -65.50 10.69
CA LEU C 298 -21.35 -64.30 10.91
C LEU C 298 -22.83 -64.66 10.98
N ALA C 299 -23.28 -65.55 10.09
CA ALA C 299 -24.68 -65.91 10.06
C ALA C 299 -25.07 -66.76 11.27
N LEU C 300 -24.23 -67.73 11.64
CA LEU C 300 -24.55 -68.53 12.83
C LEU C 300 -24.45 -67.70 14.11
N CYS C 301 -23.58 -66.71 14.12
CA CYS C 301 -23.44 -65.88 15.32
C CYS C 301 -24.58 -64.90 15.46
N MET C 302 -25.05 -64.30 14.37
CA MET C 302 -26.22 -63.45 14.50
C MET C 302 -27.47 -64.27 14.78
N TRP C 303 -27.51 -65.53 14.38
CA TRP C 303 -28.66 -66.34 14.76
C TRP C 303 -28.59 -66.76 16.22
N HIS C 304 -27.40 -67.03 16.76
CA HIS C 304 -27.29 -67.29 18.19
C HIS C 304 -27.46 -66.03 19.03
N VAL C 305 -27.28 -64.84 18.42
CA VAL C 305 -27.67 -63.61 19.11
C VAL C 305 -29.18 -63.47 19.13
N SER C 306 -29.83 -63.69 17.98
CA SER C 306 -31.26 -63.44 17.88
C SER C 306 -32.10 -64.61 18.40
N LEU C 307 -31.51 -65.69 18.85
CA LEU C 307 -32.29 -66.78 19.44
C LEU C 307 -32.77 -66.57 20.89
N PRO C 308 -31.97 -66.05 21.85
CA PRO C 308 -32.52 -65.83 23.20
C PRO C 308 -33.68 -64.84 23.29
N ILE C 309 -33.77 -63.88 22.38
CA ILE C 309 -34.97 -63.05 22.33
C ILE C 309 -36.13 -63.82 21.70
N LEU C 310 -35.85 -64.92 21.01
CA LEU C 310 -36.92 -65.74 20.46
C LEU C 310 -37.45 -66.76 21.45
N LEU C 311 -36.62 -67.23 22.39
CA LEU C 311 -37.02 -68.35 23.22
C LEU C 311 -37.18 -67.97 24.70
N SER C 312 -37.06 -66.68 25.04
CA SER C 312 -37.11 -66.17 26.42
C SER C 312 -36.10 -66.85 27.31
N SER C 313 -34.92 -67.13 26.76
CA SER C 313 -33.86 -67.79 27.50
C SER C 313 -32.58 -66.99 27.31
N ILE C 314 -32.43 -65.94 28.09
CA ILE C 314 -31.16 -65.26 28.26
C ILE C 314 -30.50 -65.82 29.51
N PRO C 315 -29.23 -66.17 29.46
CA PRO C 315 -28.62 -66.89 30.57
C PRO C 315 -28.30 -65.96 31.73
N PRO C 316 -28.44 -66.43 32.95
CA PRO C 316 -28.22 -65.57 34.11
C PRO C 316 -26.77 -65.28 34.42
N GLN C 317 -26.22 -64.24 33.82
CA GLN C 317 -25.14 -63.52 34.48
C GLN C 317 -25.56 -63.19 35.91
N THR C 318 -24.80 -63.70 36.87
CA THR C 318 -25.14 -63.61 38.28
C THR C 318 -25.05 -62.15 38.75
N MET D 1 7.56 -57.73 47.09
CA MET D 1 7.17 -58.54 48.24
C MET D 1 6.63 -57.69 49.38
N MET D 2 5.94 -56.61 49.04
CA MET D 2 5.42 -55.68 50.03
C MET D 2 4.15 -55.03 49.47
N THR D 3 3.74 -53.91 50.08
CA THR D 3 2.47 -53.29 49.78
C THR D 3 2.50 -52.48 48.49
N TYR D 4 3.66 -51.93 48.12
CA TYR D 4 3.72 -50.99 47.01
C TYR D 4 3.74 -51.67 45.64
N ILE D 5 2.80 -52.57 45.38
CA ILE D 5 2.92 -53.37 44.17
C ILE D 5 2.48 -52.59 42.93
N VAL D 6 1.53 -51.66 43.08
CA VAL D 6 1.12 -50.83 41.96
C VAL D 6 2.22 -49.85 41.60
N PHE D 7 2.94 -49.38 42.62
CA PHE D 7 4.08 -48.51 42.39
C PHE D 7 5.23 -49.25 41.71
N ILE D 8 5.51 -50.49 42.14
CA ILE D 8 6.60 -51.27 41.55
C ILE D 8 6.30 -51.60 40.09
N LEU D 9 5.05 -51.96 39.80
CA LEU D 9 4.67 -52.23 38.42
C LEU D 9 4.66 -50.97 37.58
N SER D 10 4.37 -49.82 38.18
CA SER D 10 4.50 -48.57 37.42
C SER D 10 5.96 -48.26 37.13
N ILE D 11 6.87 -48.61 38.04
CA ILE D 11 8.29 -48.35 37.81
C ILE D 11 8.82 -49.23 36.69
N ILE D 12 8.43 -50.51 36.66
CA ILE D 12 8.87 -51.36 35.56
C ILE D 12 8.16 -50.97 34.25
N PHE D 13 6.98 -50.36 34.33
CA PHE D 13 6.31 -49.81 33.16
C PHE D 13 7.11 -48.66 32.53
N VAL D 14 7.56 -47.72 33.38
CA VAL D 14 8.38 -46.62 32.90
C VAL D 14 9.73 -47.12 32.40
N MET D 15 10.27 -48.16 33.05
CA MET D 15 11.47 -48.84 32.56
C MET D 15 11.29 -49.35 31.14
N GLY D 16 10.16 -49.97 30.85
CA GLY D 16 9.92 -50.47 29.50
C GLY D 16 9.71 -49.37 28.47
N PHE D 17 9.01 -48.30 28.86
CA PHE D 17 8.82 -47.19 27.93
C PHE D 17 10.13 -46.50 27.61
N VAL D 18 11.03 -46.34 28.59
CA VAL D 18 12.35 -45.80 28.27
C VAL D 18 13.13 -46.77 27.40
N GLY D 19 13.01 -48.07 27.71
CA GLY D 19 13.73 -49.12 27.01
C GLY D 19 13.38 -49.25 25.54
N PHE D 20 12.19 -48.81 25.13
CA PHE D 20 12.00 -48.68 23.68
C PHE D 20 11.93 -47.25 23.19
N SER D 21 11.89 -46.25 24.07
CA SER D 21 11.91 -44.87 23.62
C SER D 21 13.33 -44.37 23.39
N SER D 22 14.34 -45.17 23.72
CA SER D 22 15.71 -44.84 23.36
C SER D 22 16.06 -45.14 21.91
N LYS D 23 15.05 -45.38 21.05
CA LYS D 23 15.14 -45.69 19.63
C LYS D 23 16.06 -46.86 19.31
N PRO D 24 15.68 -48.09 19.64
CA PRO D 24 16.48 -49.24 19.21
C PRO D 24 16.10 -49.68 17.81
N SER D 25 16.60 -50.83 17.40
CA SER D 25 16.02 -51.54 16.27
C SER D 25 14.53 -51.80 16.54
N PRO D 26 13.66 -51.68 15.53
CA PRO D 26 12.21 -51.72 15.78
C PRO D 26 11.68 -53.04 16.30
N ILE D 27 12.36 -54.16 16.07
CA ILE D 27 11.86 -55.39 16.68
C ILE D 27 12.20 -55.43 18.17
N TYR D 28 13.33 -54.84 18.58
CA TYR D 28 13.59 -54.66 20.00
C TYR D 28 12.62 -53.65 20.61
N GLY D 29 12.22 -52.65 19.83
CA GLY D 29 11.17 -51.75 20.28
C GLY D 29 9.85 -52.45 20.50
N GLY D 30 9.51 -53.38 19.60
CA GLY D 30 8.30 -54.18 19.78
C GLY D 30 8.36 -55.08 21.00
N LEU D 31 9.54 -55.65 21.28
CA LEU D 31 9.73 -56.43 22.49
C LEU D 31 9.56 -55.56 23.75
N GLY D 32 10.12 -54.36 23.73
CA GLY D 32 9.96 -53.46 24.87
C GLY D 32 8.53 -53.02 25.07
N LEU D 33 7.80 -52.83 23.98
CA LEU D 33 6.39 -52.46 24.09
C LEU D 33 5.55 -53.65 24.55
N ILE D 34 5.95 -54.87 24.23
CA ILE D 34 5.28 -56.05 24.76
C ILE D 34 5.46 -56.14 26.28
N VAL D 35 6.68 -55.91 26.76
CA VAL D 35 6.93 -55.91 28.21
C VAL D 35 6.14 -54.80 28.91
N SER D 36 6.11 -53.61 28.29
CA SER D 36 5.36 -52.49 28.85
C SER D 36 3.86 -52.76 28.88
N GLY D 37 3.33 -53.39 27.84
CA GLY D 37 1.90 -53.68 27.81
C GLY D 37 1.51 -54.74 28.82
N GLY D 38 2.38 -55.74 29.03
CA GLY D 38 2.13 -56.73 30.05
C GLY D 38 2.09 -56.14 31.45
N VAL D 39 3.06 -55.28 31.76
CA VAL D 39 3.04 -54.73 33.11
C VAL D 39 1.97 -53.64 33.28
N GLY D 40 1.57 -52.97 32.20
CA GLY D 40 0.45 -52.04 32.30
C GLY D 40 -0.87 -52.76 32.48
N CYS D 41 -1.01 -53.93 31.85
CA CYS D 41 -2.14 -54.80 32.13
C CYS D 41 -2.13 -55.24 33.59
N GLY D 42 -0.95 -55.51 34.14
CA GLY D 42 -0.85 -55.82 35.56
C GLY D 42 -1.27 -54.68 36.46
N ILE D 43 -0.94 -53.44 36.06
CA ILE D 43 -1.36 -52.25 36.81
C ILE D 43 -2.88 -52.12 36.83
N VAL D 44 -3.49 -52.15 35.64
CA VAL D 44 -4.93 -51.93 35.56
C VAL D 44 -5.70 -53.11 36.17
N LEU D 45 -5.12 -54.31 36.16
CA LEU D 45 -5.77 -55.41 36.87
C LEU D 45 -5.60 -55.29 38.38
N ASN D 46 -4.51 -54.69 38.85
CA ASN D 46 -4.41 -54.48 40.29
C ASN D 46 -5.29 -53.35 40.79
N PHE D 47 -5.78 -52.49 39.90
CA PHE D 47 -6.93 -51.68 40.34
C PHE D 47 -8.25 -52.38 40.12
N GLY D 48 -8.31 -53.41 39.27
CA GLY D 48 -9.44 -54.31 39.23
C GLY D 48 -10.75 -53.79 38.66
N GLY D 49 -10.87 -53.61 37.35
CA GLY D 49 -9.85 -54.01 36.38
C GLY D 49 -9.94 -55.45 35.93
N SER D 50 -11.08 -56.08 36.19
CA SER D 50 -11.27 -57.46 35.78
C SER D 50 -11.40 -57.58 34.27
N PHE D 51 -12.36 -56.86 33.70
CA PHE D 51 -12.76 -57.09 32.32
C PHE D 51 -11.85 -56.39 31.33
N LEU D 52 -11.77 -55.06 31.43
CA LEU D 52 -11.27 -54.23 30.34
C LEU D 52 -9.76 -54.36 30.18
N GLY D 53 -9.04 -54.54 31.28
CA GLY D 53 -7.59 -54.61 31.21
C GLY D 53 -7.10 -55.85 30.49
N LEU D 54 -7.79 -56.96 30.65
CA LEU D 54 -7.40 -58.15 29.90
C LEU D 54 -8.07 -58.20 28.54
N MET D 55 -9.25 -57.57 28.40
CA MET D 55 -9.86 -57.31 27.10
C MET D 55 -8.90 -56.67 26.11
N VAL D 56 -8.25 -55.58 26.53
CA VAL D 56 -7.39 -54.84 25.62
C VAL D 56 -6.08 -55.58 25.35
N PHE D 57 -5.68 -56.46 26.28
CA PHE D 57 -4.51 -57.30 26.08
C PHE D 57 -4.68 -58.27 24.91
N LEU D 58 -5.93 -58.67 24.62
CA LEU D 58 -6.23 -59.42 23.41
C LEU D 58 -6.04 -58.55 22.17
N ILE D 59 -6.33 -57.27 22.28
CA ILE D 59 -6.18 -56.38 21.14
C ILE D 59 -4.77 -55.79 21.08
N TYR D 60 -4.31 -55.18 22.18
CA TYR D 60 -3.06 -54.45 22.13
C TYR D 60 -1.87 -55.40 22.05
N LEU D 61 -1.87 -56.47 22.86
CA LEU D 61 -0.90 -57.54 22.71
C LEU D 61 -1.56 -58.80 22.15
N GLY D 62 -2.68 -58.67 21.46
CA GLY D 62 -3.18 -59.80 20.73
C GLY D 62 -3.43 -59.51 19.26
N GLY D 63 -3.68 -58.24 18.94
CA GLY D 63 -3.93 -57.92 17.54
C GLY D 63 -3.14 -56.77 16.93
N MET D 64 -2.15 -56.23 17.64
CA MET D 64 -1.41 -55.08 17.11
C MET D 64 0.06 -55.37 16.90
N MET D 65 0.75 -55.91 17.90
CA MET D 65 2.19 -56.12 17.78
C MET D 65 2.52 -57.19 16.76
N VAL D 66 1.57 -58.06 16.42
CA VAL D 66 1.81 -59.06 15.38
C VAL D 66 2.01 -58.37 14.05
N VAL D 67 1.10 -57.45 13.72
CA VAL D 67 1.17 -56.70 12.48
C VAL D 67 2.35 -55.73 12.51
N PHE D 68 2.67 -55.20 13.70
CA PHE D 68 3.82 -54.32 13.85
C PHE D 68 5.13 -55.04 13.53
N GLY D 69 5.37 -56.18 14.18
CA GLY D 69 6.55 -56.97 13.88
C GLY D 69 6.53 -57.56 12.49
N TYR D 70 5.33 -57.83 11.96
CA TYR D 70 5.14 -58.34 10.61
C TYR D 70 5.67 -57.37 9.57
N THR D 71 5.08 -56.17 9.54
CA THR D 71 5.54 -55.13 8.63
C THR D 71 6.91 -54.57 9.02
N THR D 72 7.38 -54.82 10.24
CA THR D 72 8.76 -54.53 10.59
C THR D 72 9.70 -55.47 9.86
N ALA D 73 9.39 -56.77 9.87
CA ALA D 73 10.31 -57.76 9.33
C ALA D 73 10.28 -57.81 7.82
N MET D 74 9.12 -57.66 7.20
CA MET D 74 9.08 -57.86 5.76
C MET D 74 9.48 -56.62 4.96
N ALA D 75 9.52 -55.44 5.59
CA ALA D 75 9.95 -54.25 4.87
C ALA D 75 11.46 -54.14 4.81
N THR D 76 12.11 -54.02 5.97
CA THR D 76 13.56 -53.83 6.01
C THR D 76 14.12 -54.47 7.28
N GLU D 77 15.41 -54.79 7.23
CA GLU D 77 16.05 -55.42 8.39
C GLU D 77 17.22 -54.61 8.95
N GLN D 78 18.16 -54.16 8.10
CA GLN D 78 19.37 -53.41 8.46
C GLN D 78 20.15 -54.11 9.58
N TYR D 79 20.71 -55.25 9.23
CA TYR D 79 21.52 -56.02 10.17
C TYR D 79 22.83 -55.29 10.45
N PRO D 80 23.16 -54.99 11.72
CA PRO D 80 24.45 -54.36 12.05
C PRO D 80 25.62 -55.32 11.86
N SER D 85 24.23 -51.16 21.86
CA SER D 85 24.85 -51.19 20.53
C SER D 85 25.52 -49.85 20.22
N ASN D 86 24.79 -48.97 19.52
CA ASN D 86 25.27 -47.63 19.28
C ASN D 86 25.27 -46.84 20.59
N LYS D 87 26.21 -45.89 20.69
CA LYS D 87 26.45 -45.23 21.97
C LYS D 87 25.38 -44.20 22.31
N VAL D 88 24.70 -43.64 21.30
CA VAL D 88 23.68 -42.63 21.58
C VAL D 88 22.44 -43.28 22.22
N VAL D 89 22.09 -44.48 21.76
CA VAL D 89 20.97 -45.22 22.33
C VAL D 89 21.25 -45.62 23.77
N LEU D 90 22.47 -46.09 24.05
CA LEU D 90 22.85 -46.46 25.40
C LEU D 90 22.91 -45.23 26.31
N GLY D 91 23.36 -44.10 25.76
CA GLY D 91 23.36 -42.87 26.54
C GLY D 91 21.97 -42.38 26.88
N THR D 92 21.04 -42.45 25.91
CA THR D 92 19.66 -42.06 26.18
C THR D 92 18.98 -43.01 27.16
N PHE D 93 19.32 -44.30 27.11
CA PHE D 93 18.76 -45.23 28.09
C PHE D 93 19.31 -44.97 29.48
N ILE D 94 20.58 -44.59 29.59
CA ILE D 94 21.14 -44.22 30.89
C ILE D 94 20.50 -42.95 31.43
N THR D 95 20.25 -41.96 30.56
CA THR D 95 19.59 -40.74 31.02
C THR D 95 18.14 -41.00 31.45
N GLY D 96 17.44 -41.88 30.75
CA GLY D 96 16.10 -42.24 31.16
C GLY D 96 16.08 -42.98 32.49
N LEU D 97 17.01 -43.91 32.68
CA LEU D 97 17.13 -44.61 33.95
C LEU D 97 17.49 -43.66 35.08
N LEU D 98 18.30 -42.63 34.79
CA LEU D 98 18.67 -41.69 35.83
C LEU D 98 17.50 -40.78 36.20
N MET D 99 16.69 -40.40 35.21
CA MET D 99 15.47 -39.64 35.51
C MET D 99 14.50 -40.46 36.35
N GLU D 100 14.36 -41.76 36.01
CA GLU D 100 13.54 -42.68 36.81
C GLU D 100 14.01 -42.77 38.24
N PHE D 101 15.31 -43.03 38.44
CA PHE D 101 15.84 -43.19 39.79
C PHE D 101 15.78 -41.89 40.59
N LEU D 102 15.94 -40.73 39.92
CA LEU D 102 15.85 -39.46 40.63
C LEU D 102 14.42 -39.17 41.07
N MET D 103 13.44 -39.49 40.21
CA MET D 103 12.05 -39.33 40.60
C MET D 103 11.67 -40.28 41.74
N VAL D 104 12.18 -41.51 41.72
CA VAL D 104 11.91 -42.47 42.80
C VAL D 104 12.52 -41.98 44.11
N TYR D 105 13.74 -41.46 44.06
CA TYR D 105 14.41 -40.99 45.27
C TYR D 105 13.70 -39.78 45.86
N TYR D 106 13.26 -38.84 45.02
CA TYR D 106 12.55 -37.69 45.56
C TYR D 106 11.10 -37.98 45.89
N VAL D 107 10.55 -39.13 45.47
CA VAL D 107 9.29 -39.57 46.07
C VAL D 107 9.55 -40.20 47.43
N LEU D 108 10.62 -40.98 47.54
CA LEU D 108 10.89 -41.72 48.78
C LEU D 108 11.26 -40.78 49.92
N LYS D 109 12.35 -40.03 49.79
CA LYS D 109 12.86 -39.28 50.93
C LYS D 109 12.31 -37.87 51.02
N ASP D 110 11.16 -37.60 50.42
CA ASP D 110 10.52 -36.28 50.55
C ASP D 110 9.03 -36.43 50.87
N LYS D 111 8.31 -35.32 50.85
CA LYS D 111 6.85 -35.34 50.93
C LYS D 111 6.23 -35.33 49.54
N GLU D 112 6.49 -34.27 48.77
CA GLU D 112 5.80 -34.01 47.51
C GLU D 112 6.81 -33.79 46.40
N VAL D 113 6.35 -34.01 45.17
CA VAL D 113 7.13 -33.78 43.97
C VAL D 113 6.33 -32.86 43.05
N GLU D 114 6.94 -31.79 42.60
CA GLU D 114 6.27 -30.79 41.78
C GLU D 114 6.87 -30.78 40.38
N ILE D 115 6.04 -31.07 39.38
CA ILE D 115 6.35 -30.59 38.03
C ILE D 115 5.55 -29.30 37.80
N VAL D 116 4.22 -29.39 37.71
CA VAL D 116 3.34 -28.44 38.36
C VAL D 116 2.14 -29.25 38.90
N PHE D 117 2.34 -29.83 40.08
CA PHE D 117 1.44 -30.78 40.72
C PHE D 117 1.91 -30.93 42.17
N LYS D 118 1.11 -31.66 42.96
CA LYS D 118 1.50 -32.01 44.32
C LYS D 118 1.20 -33.48 44.54
N PHE D 119 2.15 -34.34 44.19
CA PHE D 119 1.98 -35.77 44.36
C PHE D 119 2.38 -36.17 45.78
N ASN D 120 1.41 -36.68 46.55
CA ASN D 120 1.70 -37.16 47.88
C ASN D 120 2.46 -38.47 47.80
N GLY D 121 3.67 -38.49 48.36
CA GLY D 121 4.54 -39.62 48.13
C GLY D 121 4.33 -40.76 49.09
N MET D 122 3.50 -41.72 48.66
CA MET D 122 3.29 -43.02 49.27
C MET D 122 2.54 -43.86 48.26
N GLY D 123 2.78 -45.17 48.29
CA GLY D 123 2.11 -46.09 47.39
C GLY D 123 0.62 -46.10 47.63
N ASP D 124 -0.17 -45.90 46.58
CA ASP D 124 -1.60 -45.64 46.78
C ASP D 124 -2.37 -46.96 46.89
N TRP D 125 -2.27 -47.57 48.07
CA TRP D 125 -3.37 -48.43 48.48
C TRP D 125 -4.55 -47.58 48.89
N VAL D 126 -4.28 -46.33 49.29
CA VAL D 126 -5.29 -45.31 49.48
C VAL D 126 -4.94 -44.13 48.57
N ILE D 127 -5.95 -43.59 47.86
CA ILE D 127 -7.36 -43.89 48.01
C ILE D 127 -7.84 -45.06 47.17
N TYR D 128 -8.92 -45.67 47.63
CA TYR D 128 -9.51 -46.87 47.07
C TYR D 128 -10.86 -47.05 47.74
N ASP D 129 -11.74 -47.84 47.11
CA ASP D 129 -13.09 -48.04 47.61
C ASP D 129 -13.09 -48.80 48.93
N THR D 130 -14.11 -48.54 49.74
CA THR D 130 -14.23 -49.18 51.05
C THR D 130 -15.07 -50.46 51.01
N GLY D 131 -14.80 -51.30 50.01
CA GLY D 131 -15.48 -52.58 49.85
C GLY D 131 -16.99 -52.52 49.75
N ASP D 132 -17.51 -51.91 48.69
CA ASP D 132 -18.95 -51.76 48.56
C ASP D 132 -19.58 -53.02 47.97
N SER D 133 -20.77 -53.35 48.45
CA SER D 133 -21.45 -54.58 48.09
C SER D 133 -22.01 -54.51 46.68
N GLY D 134 -21.20 -54.85 45.69
CA GLY D 134 -21.66 -54.79 44.31
C GLY D 134 -22.65 -55.86 43.92
N PHE D 135 -22.18 -57.10 43.81
CA PHE D 135 -22.85 -58.29 43.26
C PHE D 135 -23.17 -58.13 41.78
N PHE D 136 -22.53 -57.18 41.07
CA PHE D 136 -22.72 -57.11 39.62
C PHE D 136 -21.50 -56.73 38.80
N SER D 137 -20.31 -56.53 39.42
CA SER D 137 -19.04 -56.29 38.73
C SER D 137 -19.10 -55.04 37.85
N GLU D 138 -19.11 -53.88 38.53
CA GLU D 138 -19.42 -52.55 38.00
C GLU D 138 -18.91 -52.24 36.59
N GLU D 139 -17.63 -52.52 36.32
CA GLU D 139 -17.08 -52.20 35.02
C GLU D 139 -17.59 -53.14 33.94
N ALA D 140 -17.94 -54.38 34.30
CA ALA D 140 -18.52 -55.27 33.32
C ALA D 140 -19.92 -54.81 32.92
N MET D 141 -20.67 -54.22 33.85
CA MET D 141 -21.97 -53.65 33.46
C MET D 141 -21.80 -52.36 32.69
N GLY D 142 -20.74 -51.61 33.01
CA GLY D 142 -20.31 -50.48 32.22
C GLY D 142 -20.15 -50.84 30.77
N ILE D 143 -19.25 -51.79 30.47
CA ILE D 143 -19.06 -52.25 29.10
C ILE D 143 -20.29 -53.02 28.58
N ALA D 144 -21.18 -53.47 29.48
CA ALA D 144 -22.48 -54.01 29.08
C ALA D 144 -23.48 -52.94 28.72
N ALA D 145 -23.10 -51.66 28.80
CA ALA D 145 -23.74 -50.64 27.98
C ALA D 145 -23.17 -50.66 26.55
N LEU D 146 -23.35 -49.57 25.81
CA LEU D 146 -23.16 -49.28 24.38
C LEU D 146 -24.27 -49.86 23.54
N TYR D 147 -25.14 -50.69 24.09
CA TYR D 147 -26.10 -51.42 23.30
C TYR D 147 -27.53 -51.08 23.64
N SER D 148 -27.80 -50.70 24.88
CA SER D 148 -29.08 -50.13 25.25
C SER D 148 -29.02 -48.63 25.46
N TYR D 149 -27.82 -48.06 25.59
CA TYR D 149 -27.63 -46.61 25.64
C TYR D 149 -26.83 -46.08 24.47
N GLY D 150 -25.85 -46.84 23.99
CA GLY D 150 -24.98 -46.37 22.94
C GLY D 150 -25.59 -46.41 21.55
N THR D 151 -26.54 -45.52 21.28
CA THR D 151 -27.15 -45.49 19.96
C THR D 151 -26.20 -44.89 18.94
N TRP D 152 -25.84 -43.62 19.12
CA TRP D 152 -25.01 -42.90 18.14
C TRP D 152 -23.57 -43.41 18.15
N LEU D 153 -23.13 -43.93 19.28
CA LEU D 153 -21.71 -44.19 19.52
C LEU D 153 -21.22 -45.37 18.70
N VAL D 154 -21.94 -46.50 18.75
CA VAL D 154 -21.51 -47.65 17.99
C VAL D 154 -21.76 -47.46 16.50
N ILE D 155 -22.71 -46.60 16.13
CA ILE D 155 -22.94 -46.30 14.72
C ILE D 155 -21.74 -45.57 14.14
N VAL D 156 -21.26 -44.52 14.83
CA VAL D 156 -20.12 -43.81 14.26
C VAL D 156 -18.84 -44.62 14.39
N THR D 157 -18.76 -45.53 15.38
CA THR D 157 -17.56 -46.34 15.51
C THR D 157 -17.47 -47.38 14.40
N GLY D 158 -18.55 -48.12 14.15
CA GLY D 158 -18.58 -49.04 13.03
C GLY D 158 -18.46 -48.35 11.70
N TRP D 159 -19.01 -47.13 11.59
CA TRP D 159 -18.88 -46.36 10.37
C TRP D 159 -17.42 -46.01 10.08
N SER D 160 -16.68 -45.58 11.11
CA SER D 160 -15.27 -45.30 10.92
C SER D 160 -14.46 -46.57 10.64
N LEU D 161 -14.92 -47.72 11.14
CA LEU D 161 -14.22 -48.96 10.82
C LEU D 161 -14.42 -49.38 9.36
N LEU D 162 -15.65 -49.25 8.86
CA LEU D 162 -15.93 -49.51 7.44
C LEU D 162 -15.14 -48.57 6.54
N ILE D 163 -15.04 -47.30 6.94
CA ILE D 163 -14.25 -46.36 6.17
C ILE D 163 -12.76 -46.69 6.29
N GLY D 164 -12.33 -47.25 7.42
CA GLY D 164 -10.95 -47.71 7.53
C GLY D 164 -10.63 -48.82 6.53
N VAL D 165 -11.57 -49.76 6.35
CA VAL D 165 -11.38 -50.84 5.38
C VAL D 165 -11.26 -50.28 3.97
N VAL D 166 -12.18 -49.39 3.59
CA VAL D 166 -12.15 -48.89 2.21
C VAL D 166 -10.93 -47.97 1.98
N VAL D 167 -10.46 -47.28 3.02
CA VAL D 167 -9.27 -46.47 2.91
C VAL D 167 -8.02 -47.33 2.70
N ILE D 168 -7.92 -48.44 3.45
CA ILE D 168 -6.78 -49.34 3.32
C ILE D 168 -6.74 -49.95 1.91
N MET D 169 -7.88 -50.38 1.38
CA MET D 169 -7.82 -50.99 0.05
C MET D 169 -7.57 -49.95 -1.04
N GLU D 170 -8.08 -48.72 -0.89
CA GLU D 170 -7.81 -47.68 -1.88
C GLU D 170 -6.33 -47.32 -1.91
N ILE D 171 -5.72 -47.10 -0.74
CA ILE D 171 -4.30 -46.76 -0.67
C ILE D 171 -3.42 -47.91 -1.12
N THR D 172 -3.77 -49.14 -0.74
CA THR D 172 -3.15 -50.32 -1.33
C THR D 172 -3.89 -50.80 -2.57
N ARG D 173 -4.13 -49.83 -3.45
CA ARG D 173 -4.49 -49.96 -4.86
C ARG D 173 -5.92 -50.43 -5.04
N GLY D 174 -6.85 -49.62 -4.55
CA GLY D 174 -8.25 -49.78 -4.88
C GLY D 174 -8.51 -49.70 -6.37
N ASN D 175 -9.18 -50.69 -6.95
CA ASN D 175 -9.77 -51.81 -6.20
C ASN D 175 -8.84 -53.01 -6.13
N MET E 1 -2.85 -37.97 45.84
CA MET E 1 -2.79 -37.51 44.46
C MET E 1 -2.56 -38.74 43.59
N SER E 2 -2.58 -39.91 44.24
CA SER E 2 -2.54 -41.23 43.60
C SER E 2 -1.26 -41.40 42.77
N LEU E 3 -0.16 -41.54 43.51
CA LEU E 3 1.24 -41.55 43.07
C LEU E 3 1.55 -42.26 41.74
N VAL E 4 0.79 -43.30 41.42
CA VAL E 4 0.96 -44.02 40.14
C VAL E 4 0.66 -43.10 38.95
N TYR E 5 -0.20 -42.08 39.14
CA TYR E 5 -0.47 -41.10 38.10
C TYR E 5 0.77 -40.31 37.73
N MET E 6 1.65 -40.06 38.70
CA MET E 6 2.88 -39.32 38.45
C MET E 6 3.80 -40.07 37.50
N ASN E 7 4.05 -41.36 37.80
CA ASN E 7 4.93 -42.12 36.93
C ASN E 7 4.28 -42.44 35.59
N ILE E 8 2.95 -42.53 35.53
CA ILE E 8 2.35 -42.78 34.23
C ILE E 8 2.37 -41.52 33.35
N MET E 9 2.20 -40.34 33.94
CA MET E 9 2.40 -39.10 33.16
C MET E 9 3.86 -38.93 32.76
N MET E 10 4.79 -39.36 33.63
CA MET E 10 6.21 -39.39 33.27
C MET E 10 6.46 -40.29 32.08
N ALA E 11 5.82 -41.46 32.07
CA ALA E 11 5.91 -42.39 30.95
C ALA E 11 5.29 -41.81 29.69
N PHE E 12 4.25 -40.99 29.84
CA PHE E 12 3.66 -40.30 28.70
C PHE E 12 4.66 -39.33 28.09
N THR E 13 5.32 -38.52 28.92
CA THR E 13 6.30 -37.58 28.38
C THR E 13 7.50 -38.30 27.78
N VAL E 14 7.87 -39.45 28.34
CA VAL E 14 8.93 -40.28 27.76
C VAL E 14 8.53 -40.77 26.37
N SER E 15 7.32 -41.29 26.24
CA SER E 15 6.86 -41.76 24.93
C SER E 15 6.65 -40.60 23.95
N LEU E 16 6.33 -39.42 24.45
CA LEU E 16 6.17 -38.26 23.58
C LEU E 16 7.51 -37.80 23.02
N THR E 17 8.55 -37.75 23.86
CA THR E 17 9.88 -37.43 23.35
C THR E 17 10.41 -38.51 22.42
N GLY E 18 10.06 -39.77 22.68
CA GLY E 18 10.43 -40.84 21.76
C GLY E 18 9.70 -40.75 20.43
N LEU E 19 8.48 -40.23 20.44
CA LEU E 19 7.79 -39.94 19.18
C LEU E 19 8.46 -38.79 18.44
N LEU E 20 8.83 -37.74 19.16
CA LEU E 20 9.24 -36.52 18.47
C LEU E 20 10.69 -36.59 17.98
N MET E 21 11.64 -37.00 18.80
CA MET E 21 13.00 -37.16 18.30
C MET E 21 13.19 -38.60 17.85
N TYR E 22 13.56 -38.79 16.59
CA TYR E 22 13.67 -40.13 16.02
C TYR E 22 14.54 -40.10 14.78
N ARG E 23 15.33 -41.16 14.62
CA ARG E 23 16.41 -41.20 13.65
C ARG E 23 16.19 -42.31 12.62
N SER E 24 16.15 -41.91 11.34
CA SER E 24 16.33 -42.80 10.17
C SER E 24 15.31 -43.94 10.08
N HIS E 25 14.18 -43.83 10.78
CA HIS E 25 13.17 -44.88 10.78
C HIS E 25 11.80 -44.27 11.01
N LEU E 26 10.78 -44.98 10.53
CA LEU E 26 9.40 -44.59 10.77
C LEU E 26 8.62 -45.63 11.55
N MET E 27 9.03 -46.89 11.48
CA MET E 27 8.35 -47.93 12.25
C MET E 27 8.56 -47.73 13.74
N SER E 28 9.76 -47.31 14.15
CA SER E 28 10.00 -47.03 15.57
C SER E 28 9.19 -45.83 16.03
N SER E 29 9.04 -44.82 15.17
CA SER E 29 8.24 -43.65 15.52
C SER E 29 6.77 -44.02 15.68
N LEU E 30 6.24 -44.84 14.78
CA LEU E 30 4.85 -45.28 14.89
C LEU E 30 4.66 -46.19 16.10
N LEU E 31 5.69 -46.98 16.43
CA LEU E 31 5.59 -47.87 17.58
C LEU E 31 5.64 -47.07 18.89
N CYS E 32 6.39 -45.97 18.92
CA CYS E 32 6.36 -45.08 20.08
C CYS E 32 5.04 -44.35 20.18
N LEU E 33 4.41 -44.06 19.04
CA LEU E 33 3.05 -43.52 19.07
C LEU E 33 2.07 -44.53 19.66
N GLU E 34 2.26 -45.81 19.34
CA GLU E 34 1.45 -46.87 19.93
C GLU E 34 1.67 -46.95 21.45
N GLY E 35 2.90 -46.75 21.89
CA GLY E 35 3.16 -46.71 23.32
C GLY E 35 2.50 -45.53 24.01
N MET E 36 2.49 -44.37 23.35
CA MET E 36 1.77 -43.20 23.86
C MET E 36 0.27 -43.45 23.95
N MET E 37 -0.27 -44.17 22.97
CA MET E 37 -1.64 -44.63 23.01
C MET E 37 -1.92 -45.50 24.23
N LEU E 38 -1.00 -46.44 24.51
CA LEU E 38 -1.12 -47.29 25.69
C LEU E 38 -1.08 -46.48 26.97
N SER E 39 -0.26 -45.43 26.99
CA SER E 39 -0.17 -44.55 28.15
C SER E 39 -1.48 -43.84 28.42
N LEU E 40 -2.09 -43.28 27.37
CA LEU E 40 -3.40 -42.63 27.52
C LEU E 40 -4.47 -43.62 27.96
N PHE E 41 -4.45 -44.82 27.38
CA PHE E 41 -5.38 -45.89 27.77
C PHE E 41 -5.28 -46.21 29.26
N ILE E 42 -4.07 -46.48 29.75
CA ILE E 42 -3.87 -46.87 31.15
C ILE E 42 -4.24 -45.72 32.08
N LEU E 43 -3.90 -44.48 31.71
CA LEU E 43 -4.14 -43.35 32.59
C LEU E 43 -5.64 -43.09 32.74
N ALA E 44 -6.36 -43.07 31.60
CA ALA E 44 -7.81 -42.89 31.65
C ALA E 44 -8.52 -44.05 32.32
N THR E 45 -7.97 -45.27 32.19
CA THR E 45 -8.65 -46.40 32.80
C THR E 45 -8.46 -46.43 34.31
N LEU E 46 -7.30 -46.03 34.82
CA LEU E 46 -7.15 -45.96 36.27
C LEU E 46 -8.03 -44.87 36.87
N MET E 47 -8.20 -43.76 36.14
CA MET E 47 -9.12 -42.72 36.58
C MET E 47 -10.56 -43.21 36.65
N ILE E 48 -11.04 -43.86 35.59
CA ILE E 48 -12.42 -44.34 35.56
C ILE E 48 -12.66 -45.44 36.59
N LEU E 49 -11.66 -46.27 36.85
CA LEU E 49 -11.80 -47.31 37.89
C LEU E 49 -11.85 -46.70 39.28
N ASN E 50 -10.96 -45.77 39.62
CA ASN E 50 -10.98 -45.23 40.97
C ASN E 50 -12.13 -44.27 41.21
N SER E 51 -12.73 -43.72 40.17
CA SER E 51 -13.82 -42.78 40.39
C SER E 51 -15.20 -43.42 40.37
N HIS E 52 -15.29 -44.73 40.11
CA HIS E 52 -16.56 -45.49 39.96
C HIS E 52 -17.48 -44.86 38.91
N PHE E 53 -16.89 -44.29 37.87
CA PHE E 53 -17.65 -43.53 36.88
C PHE E 53 -18.00 -44.48 35.74
N THR E 54 -19.06 -45.26 35.99
CA THR E 54 -19.27 -46.52 35.29
C THR E 54 -19.82 -46.37 33.87
N LEU E 55 -20.69 -45.38 33.62
CA LEU E 55 -21.34 -45.32 32.33
C LEU E 55 -20.41 -44.81 31.25
N ALA E 56 -19.39 -44.05 31.61
CA ALA E 56 -18.40 -43.58 30.64
C ALA E 56 -17.12 -44.40 30.71
N SER E 57 -17.23 -45.70 30.90
CA SER E 57 -16.12 -46.61 30.71
C SER E 57 -15.87 -46.94 29.23
N MET E 58 -16.51 -46.24 28.31
CA MET E 58 -16.30 -46.44 26.89
C MET E 58 -15.07 -45.72 26.38
N MET E 59 -14.59 -44.74 27.13
CA MET E 59 -13.39 -44.00 26.75
C MET E 59 -12.16 -44.88 26.52
N PRO E 60 -11.80 -45.85 27.38
CA PRO E 60 -10.58 -46.63 27.07
C PRO E 60 -10.72 -47.52 25.85
N ILE E 61 -11.83 -48.25 25.72
CA ILE E 61 -11.97 -49.18 24.61
C ILE E 61 -12.14 -48.42 23.28
N ILE E 62 -12.83 -47.28 23.29
CA ILE E 62 -13.06 -46.56 22.05
C ILE E 62 -11.83 -45.77 21.64
N LEU E 63 -11.14 -45.16 22.63
CA LEU E 63 -9.81 -44.59 22.42
C LEU E 63 -8.87 -45.59 21.77
N LEU E 64 -8.87 -46.82 22.26
CA LEU E 64 -7.86 -47.75 21.75
C LEU E 64 -8.26 -48.33 20.40
N VAL E 65 -9.55 -48.54 20.13
CA VAL E 65 -9.92 -49.05 18.80
C VAL E 65 -9.70 -47.98 17.73
N PHE E 66 -9.99 -46.72 18.04
CA PHE E 66 -9.78 -45.65 17.06
C PHE E 66 -8.30 -45.39 16.83
N ALA E 67 -7.50 -45.35 17.88
CA ALA E 67 -6.09 -45.11 17.65
C ALA E 67 -5.38 -46.36 17.09
N ALA E 68 -5.98 -47.53 17.25
CA ALA E 68 -5.48 -48.72 16.57
C ALA E 68 -5.71 -48.65 15.07
N CYS E 69 -6.89 -48.16 14.65
CA CYS E 69 -7.05 -48.02 13.20
C CYS E 69 -6.22 -46.85 12.64
N GLU E 70 -5.91 -45.85 13.48
CA GLU E 70 -4.87 -44.89 13.12
C GLU E 70 -3.54 -45.58 12.85
N ALA E 71 -3.15 -46.51 13.72
CA ALA E 71 -1.90 -47.23 13.52
C ALA E 71 -1.93 -48.08 12.26
N ALA E 72 -3.10 -48.64 11.93
CA ALA E 72 -3.24 -49.40 10.69
C ALA E 72 -3.05 -48.52 9.46
N LEU E 73 -3.64 -47.32 9.49
CA LEU E 73 -3.44 -46.36 8.40
C LEU E 73 -1.97 -45.97 8.27
N GLY E 74 -1.30 -45.76 9.41
CA GLY E 74 0.10 -45.41 9.37
C GLY E 74 0.98 -46.52 8.84
N LEU E 75 0.63 -47.77 9.13
CA LEU E 75 1.39 -48.89 8.58
C LEU E 75 1.19 -48.99 7.07
N SER E 76 -0.03 -48.75 6.59
CA SER E 76 -0.25 -48.76 5.14
C SER E 76 0.53 -47.65 4.44
N LEU E 77 0.62 -46.48 5.08
CA LEU E 77 1.40 -45.39 4.50
C LEU E 77 2.89 -45.70 4.53
N LEU E 78 3.37 -46.36 5.59
CA LEU E 78 4.77 -46.76 5.64
C LEU E 78 5.09 -47.79 4.57
N VAL E 79 4.15 -48.71 4.31
CA VAL E 79 4.35 -49.70 3.26
C VAL E 79 4.36 -49.03 1.89
N MET E 80 3.53 -48.00 1.70
CA MET E 80 3.55 -47.27 0.44
C MET E 80 4.86 -46.50 0.24
N VAL E 81 5.39 -45.90 1.32
CA VAL E 81 6.66 -45.20 1.26
C VAL E 81 7.80 -46.17 0.96
N SER E 82 7.80 -47.33 1.62
CA SER E 82 8.82 -48.32 1.31
C SER E 82 8.59 -49.02 -0.03
N ASN E 83 7.40 -48.87 -0.63
CA ASN E 83 7.17 -49.41 -1.95
C ASN E 83 7.70 -48.48 -3.02
N THR E 84 7.52 -47.17 -2.86
CA THR E 84 8.06 -46.23 -3.82
C THR E 84 9.55 -45.96 -3.63
N TYR E 85 10.20 -46.63 -2.68
CA TYR E 85 11.64 -46.58 -2.50
C TYR E 85 12.12 -48.00 -2.26
N GLY E 86 13.36 -48.12 -1.80
CA GLY E 86 13.87 -49.41 -1.35
C GLY E 86 13.68 -49.59 0.14
N THR E 87 13.92 -48.52 0.90
CA THR E 87 13.85 -48.54 2.35
C THR E 87 12.76 -47.58 2.82
N ASP E 88 12.73 -47.33 4.13
CA ASP E 88 11.73 -46.47 4.76
C ASP E 88 12.39 -45.48 5.71
N TYR E 89 13.48 -44.88 5.26
CA TYR E 89 14.23 -43.95 6.08
C TYR E 89 13.47 -42.64 6.24
N VAL E 90 13.84 -41.90 7.29
CA VAL E 90 13.50 -40.49 7.36
C VAL E 90 14.26 -39.75 6.27
N GLN E 91 15.48 -40.21 5.98
CA GLN E 91 16.17 -39.81 4.76
C GLN E 91 15.41 -40.29 3.53
N ASN E 92 15.79 -39.73 2.38
CA ASN E 92 15.21 -39.93 1.06
C ASN E 92 13.78 -39.42 0.94
N LEU E 93 13.27 -38.72 1.96
CA LEU E 93 12.05 -37.94 1.85
C LEU E 93 12.37 -36.48 1.56
N ASN E 94 13.61 -36.20 1.18
CA ASN E 94 14.09 -34.84 1.07
C ASN E 94 13.49 -34.08 -0.10
N LEU E 95 12.86 -34.76 -1.05
CA LEU E 95 12.13 -34.08 -2.10
C LEU E 95 10.83 -33.51 -1.54
N LEU E 96 10.11 -32.78 -2.39
CA LEU E 96 8.95 -31.96 -2.00
C LEU E 96 9.36 -30.97 -0.91
N GLN E 97 10.24 -30.07 -1.29
CA GLN E 97 10.99 -29.27 -0.34
C GLN E 97 10.15 -28.09 0.15
N CYS E 98 10.55 -27.54 1.29
CA CYS E 98 9.88 -26.37 1.85
C CYS E 98 10.32 -25.10 1.13
N MET F 1 -16.56 64.98 -9.82
CA MET F 1 -16.42 65.83 -11.00
C MET F 1 -16.46 64.97 -12.26
N ASN F 2 -17.25 65.42 -13.25
CA ASN F 2 -17.53 64.57 -14.40
C ASN F 2 -16.36 64.48 -15.35
N LEU F 3 -15.88 65.64 -15.82
CA LEU F 3 -14.89 65.71 -16.91
C LEU F 3 -13.58 65.07 -16.49
N PHE F 4 -13.13 65.36 -15.28
CA PHE F 4 -11.81 64.93 -14.82
C PHE F 4 -11.73 63.42 -14.71
N SER F 5 -12.68 62.81 -13.98
CA SER F 5 -12.69 61.37 -13.81
C SER F 5 -12.98 60.64 -15.12
N SER F 6 -13.92 61.18 -15.93
CA SER F 6 -14.28 60.52 -17.17
C SER F 6 -13.12 60.53 -18.16
N LEU F 7 -12.37 61.62 -18.22
CA LEU F 7 -11.26 61.65 -19.16
C LEU F 7 -10.07 60.82 -18.68
N THR F 8 -9.82 60.72 -17.37
CA THR F 8 -8.79 59.79 -16.91
C THR F 8 -9.17 58.35 -17.22
N LEU F 9 -10.44 57.99 -17.01
CA LEU F 9 -10.85 56.62 -17.29
C LEU F 9 -10.86 56.32 -18.78
N VAL F 10 -11.11 57.31 -19.66
CA VAL F 10 -10.99 56.98 -21.07
C VAL F 10 -9.55 56.97 -21.55
N THR F 11 -8.63 57.68 -20.86
CA THR F 11 -7.22 57.47 -21.16
C THR F 11 -6.77 56.08 -20.76
N LEU F 12 -7.36 55.52 -19.71
CA LEU F 12 -7.04 54.12 -19.43
C LEU F 12 -7.75 53.18 -20.39
N ILE F 13 -8.95 53.51 -20.84
CA ILE F 13 -9.74 52.52 -21.55
C ILE F 13 -9.46 52.50 -23.05
N LEU F 14 -8.84 53.54 -23.61
CA LEU F 14 -8.45 53.49 -25.01
C LEU F 14 -7.35 52.48 -25.27
N LEU F 15 -6.57 52.14 -24.26
CA LEU F 15 -5.58 51.07 -24.37
C LEU F 15 -6.16 49.73 -23.95
N THR F 16 -7.32 49.40 -24.52
CA THR F 16 -7.84 48.04 -24.51
C THR F 16 -8.43 47.65 -25.86
N MET F 17 -8.86 48.63 -26.66
CA MET F 17 -9.50 48.35 -27.94
C MET F 17 -8.59 47.69 -29.00
N PRO F 18 -7.29 48.03 -29.17
CA PRO F 18 -6.51 47.25 -30.14
C PRO F 18 -6.25 45.81 -29.74
N ILE F 19 -6.27 45.49 -28.45
CA ILE F 19 -6.26 44.09 -28.05
C ILE F 19 -7.56 43.40 -28.47
N ALA F 20 -8.68 44.11 -28.42
CA ALA F 20 -9.90 43.57 -29.00
C ALA F 20 -9.81 43.47 -30.52
N ALA F 21 -9.02 44.34 -31.15
CA ALA F 21 -8.86 44.28 -32.60
C ALA F 21 -8.05 43.06 -33.02
N ILE F 22 -7.03 42.69 -32.26
CA ILE F 22 -6.30 41.48 -32.63
C ILE F 22 -7.03 40.22 -32.18
N ASN F 23 -7.81 40.28 -31.10
CA ASN F 23 -8.52 39.08 -30.66
C ASN F 23 -9.68 38.76 -31.57
N PHE F 24 -10.43 39.78 -32.00
CA PHE F 24 -11.56 39.57 -32.89
C PHE F 24 -11.17 39.86 -34.33
N ASN F 25 -9.95 39.48 -34.72
CA ASN F 25 -9.42 39.93 -36.01
C ASN F 25 -10.00 39.11 -37.15
N THR F 26 -9.62 37.82 -37.23
CA THR F 26 -10.17 36.77 -38.09
C THR F 26 -9.94 37.00 -39.60
N HIS F 27 -9.45 38.20 -39.95
CA HIS F 27 -9.13 38.58 -41.33
C HIS F 27 -8.03 39.63 -41.17
N LYS F 28 -6.79 39.22 -41.44
CA LYS F 28 -5.62 39.89 -40.90
C LYS F 28 -5.43 41.29 -41.48
N PHE F 29 -5.20 42.25 -40.58
CA PHE F 29 -5.08 43.65 -40.94
C PHE F 29 -3.75 43.92 -41.64
N THR F 30 -3.62 45.14 -42.15
CA THR F 30 -2.35 45.62 -42.68
C THR F 30 -2.01 46.97 -42.03
N ASN F 31 -3.05 47.73 -41.70
CA ASN F 31 -2.88 49.05 -41.10
C ASN F 31 -2.95 48.99 -39.58
N TYR F 32 -2.65 47.84 -38.99
CA TYR F 32 -2.62 47.73 -37.53
C TYR F 32 -1.55 48.59 -36.86
N PRO F 33 -0.32 48.76 -37.41
CA PRO F 33 0.53 49.84 -36.87
C PRO F 33 -0.07 51.23 -36.92
N LEU F 34 -0.78 51.56 -38.01
CA LEU F 34 -1.43 52.86 -38.11
C LEU F 34 -2.51 53.01 -37.05
N TYR F 35 -3.22 51.92 -36.79
CA TYR F 35 -4.28 51.90 -35.79
C TYR F 35 -3.72 52.11 -34.39
N VAL F 36 -2.62 51.42 -34.06
CA VAL F 36 -2.03 51.57 -32.73
C VAL F 36 -1.43 52.96 -32.56
N LYS F 37 -0.82 53.51 -33.63
CA LYS F 37 -0.24 54.85 -33.52
C LYS F 37 -1.33 55.91 -33.33
N THR F 38 -2.44 55.80 -34.06
CA THR F 38 -3.45 56.84 -33.89
C THR F 38 -4.23 56.67 -32.59
N THR F 39 -4.34 55.45 -32.05
CA THR F 39 -5.01 55.37 -30.75
C THR F 39 -4.08 55.82 -29.62
N ILE F 40 -2.76 55.68 -29.77
CA ILE F 40 -1.87 56.26 -28.76
C ILE F 40 -1.87 57.78 -28.85
N SER F 41 -1.99 58.32 -30.08
CA SER F 41 -2.10 59.76 -30.25
C SER F 41 -3.38 60.30 -29.62
N CYS F 42 -4.50 59.57 -29.79
CA CYS F 42 -5.75 59.97 -29.16
C CYS F 42 -5.69 59.86 -27.65
N ALA F 43 -4.97 58.84 -27.14
CA ALA F 43 -4.81 58.69 -25.70
C ALA F 43 -4.00 59.83 -25.10
N PHE F 44 -2.96 60.28 -25.80
CA PHE F 44 -2.23 61.46 -25.34
C PHE F 44 -3.07 62.71 -25.41
N ILE F 45 -3.85 62.88 -26.48
CA ILE F 45 -4.60 64.12 -26.64
C ILE F 45 -5.80 64.18 -25.71
N THR F 46 -6.21 63.05 -25.14
CA THR F 46 -7.13 63.07 -24.01
C THR F 46 -6.45 63.04 -22.66
N SER F 47 -5.15 62.74 -22.60
CA SER F 47 -4.42 62.82 -21.35
C SER F 47 -3.83 64.19 -21.08
N MET F 48 -3.82 65.07 -22.07
CA MET F 48 -3.36 66.43 -21.81
C MET F 48 -4.35 67.21 -20.95
N ILE F 49 -5.64 66.97 -21.14
CA ILE F 49 -6.71 67.80 -20.60
C ILE F 49 -6.83 67.76 -19.07
N PRO F 50 -6.94 66.60 -18.38
CA PRO F 50 -7.11 66.66 -16.93
C PRO F 50 -5.87 67.12 -16.19
N THR F 51 -4.69 67.01 -16.80
CA THR F 51 -3.51 67.61 -16.20
C THR F 51 -3.58 69.14 -16.22
N MET F 52 -4.08 69.69 -17.34
CA MET F 52 -4.34 71.12 -17.43
C MET F 52 -5.33 71.58 -16.37
N MET F 53 -6.39 70.79 -16.15
CA MET F 53 -7.33 71.08 -15.08
C MET F 53 -6.70 70.95 -13.70
N PHE F 54 -5.73 70.02 -13.54
CA PHE F 54 -5.04 69.84 -12.28
C PHE F 54 -4.20 71.06 -11.92
N ILE F 55 -3.41 71.58 -12.86
CA ILE F 55 -2.64 72.77 -12.56
C ILE F 55 -3.55 73.99 -12.40
N HIS F 56 -4.63 74.06 -13.19
CA HIS F 56 -5.51 75.23 -13.15
C HIS F 56 -6.28 75.34 -11.83
N THR F 57 -6.68 74.22 -11.24
CA THR F 57 -7.46 74.30 -10.01
C THR F 57 -6.75 73.67 -8.83
N GLY F 58 -6.19 72.48 -8.99
CA GLY F 58 -5.81 71.64 -7.87
C GLY F 58 -6.56 70.34 -8.03
N GLN F 59 -7.44 70.03 -7.07
CA GLN F 59 -8.50 69.03 -7.21
C GLN F 59 -7.94 67.64 -7.51
N GLU F 60 -7.30 67.07 -6.49
CA GLU F 60 -6.79 65.72 -6.75
C GLU F 60 -7.93 64.74 -6.55
N MET F 61 -7.81 63.52 -7.08
CA MET F 61 -8.89 62.58 -6.73
C MET F 61 -8.44 61.14 -6.82
N ILE F 62 -9.23 60.26 -6.18
CA ILE F 62 -9.09 58.83 -6.33
C ILE F 62 -10.42 58.30 -6.83
N ILE F 63 -10.36 57.21 -7.59
CA ILE F 63 -11.53 56.43 -7.93
C ILE F 63 -11.27 55.02 -7.43
N SER F 64 -12.33 54.30 -7.07
CA SER F 64 -12.18 52.98 -6.49
C SER F 64 -13.49 52.22 -6.64
N ASN F 65 -13.46 51.14 -7.41
CA ASN F 65 -14.70 50.40 -7.67
C ASN F 65 -14.39 48.94 -7.97
N TRP F 66 -15.47 48.15 -8.01
CA TRP F 66 -15.47 46.71 -8.29
C TRP F 66 -14.57 45.96 -7.31
N HIS F 67 -15.02 45.95 -6.05
CA HIS F 67 -14.25 45.24 -5.03
C HIS F 67 -14.45 43.74 -5.18
N TRP F 68 -13.35 43.01 -5.12
CA TRP F 68 -13.36 41.56 -5.17
C TRP F 68 -12.47 41.03 -4.05
N LEU F 69 -12.93 39.94 -3.43
CA LEU F 69 -12.43 39.37 -2.18
C LEU F 69 -12.29 40.44 -1.09
N THR F 70 -13.44 40.96 -0.69
CA THR F 70 -13.56 41.83 0.48
C THR F 70 -13.69 40.99 1.78
N ILE F 71 -12.65 40.19 2.03
CA ILE F 71 -12.80 39.03 2.90
C ILE F 71 -12.79 39.35 4.40
N GLN F 72 -11.67 39.81 4.92
CA GLN F 72 -11.50 40.15 6.33
C GLN F 72 -11.69 41.63 6.52
N THR F 73 -11.09 42.18 7.58
CA THR F 73 -11.08 43.61 7.84
C THR F 73 -10.52 44.46 6.70
N LEU F 74 -9.79 43.89 5.74
CA LEU F 74 -9.43 44.65 4.56
C LEU F 74 -10.45 44.43 3.44
N LYS F 75 -10.31 45.23 2.40
CA LYS F 75 -11.01 45.04 1.15
C LYS F 75 -10.21 45.71 0.06
N LEU F 76 -10.19 45.10 -1.12
CA LEU F 76 -9.40 45.62 -2.23
C LEU F 76 -10.25 45.65 -3.47
N SER F 77 -10.24 46.80 -4.14
CA SER F 77 -10.98 47.04 -5.36
C SER F 77 -9.99 47.42 -6.44
N LEU F 78 -10.48 47.62 -7.66
CA LEU F 78 -9.63 48.29 -8.63
C LEU F 78 -9.68 49.76 -8.23
N SER F 79 -8.58 50.25 -7.70
CA SER F 79 -8.53 51.53 -7.01
C SER F 79 -7.34 52.30 -7.53
N PHE F 80 -7.60 53.35 -8.30
CA PHE F 80 -6.48 54.13 -8.80
C PHE F 80 -6.82 55.60 -8.73
N LYS F 81 -5.77 56.39 -8.63
CA LYS F 81 -5.90 57.80 -8.31
C LYS F 81 -5.07 58.62 -9.26
N MET F 82 -5.37 59.91 -9.29
CA MET F 82 -4.51 60.88 -9.94
C MET F 82 -4.26 62.04 -8.97
N ASP F 83 -2.99 62.15 -8.60
CA ASP F 83 -2.37 63.18 -7.82
C ASP F 83 -1.29 63.82 -8.69
N PHE F 84 -0.44 64.62 -8.01
CA PHE F 84 0.68 65.33 -8.63
C PHE F 84 1.54 64.44 -9.51
N PHE F 85 2.14 63.41 -8.91
CA PHE F 85 2.98 62.48 -9.67
C PHE F 85 2.15 61.65 -10.63
N SER F 86 1.01 61.14 -10.13
CA SER F 86 0.25 60.12 -10.83
C SER F 86 -0.41 60.62 -12.10
N MET F 87 -0.54 61.93 -12.29
CA MET F 87 -0.95 62.38 -13.60
C MET F 87 0.00 63.42 -14.18
N MET F 88 1.06 63.79 -13.48
CA MET F 88 2.10 64.55 -14.16
C MET F 88 3.06 63.63 -14.90
N PHE F 89 3.02 62.32 -14.62
CA PHE F 89 3.88 61.37 -15.32
C PHE F 89 3.27 60.82 -16.61
N VAL F 90 1.97 60.57 -16.64
CA VAL F 90 1.27 59.87 -17.71
C VAL F 90 1.37 60.51 -19.09
N PRO F 91 1.18 61.84 -19.28
CA PRO F 91 1.34 62.38 -20.65
C PRO F 91 2.74 62.30 -21.19
N VAL F 92 3.75 62.33 -20.32
CA VAL F 92 5.14 62.18 -20.77
C VAL F 92 5.37 60.79 -21.33
N ALA F 93 4.88 59.77 -20.63
CA ALA F 93 5.04 58.39 -21.08
C ALA F 93 4.26 58.13 -22.36
N LEU F 94 3.05 58.67 -22.47
CA LEU F 94 2.27 58.49 -23.69
C LEU F 94 2.90 59.20 -24.88
N PHE F 95 3.47 60.38 -24.65
CA PHE F 95 4.11 61.15 -25.70
C PHE F 95 5.36 60.44 -26.23
N VAL F 96 6.21 59.98 -25.30
CA VAL F 96 7.40 59.20 -25.63
C VAL F 96 7.04 57.93 -26.39
N THR F 97 5.99 57.23 -25.95
CA THR F 97 5.67 55.98 -26.62
C THR F 97 4.99 56.22 -27.97
N TRP F 98 4.32 57.36 -28.16
CA TRP F 98 3.81 57.66 -29.50
C TRP F 98 4.94 57.94 -30.49
N SER F 99 5.97 58.64 -30.03
CA SER F 99 7.15 58.81 -30.89
C SER F 99 7.85 57.48 -31.17
N ILE F 100 7.86 56.57 -30.20
CA ILE F 100 8.43 55.26 -30.44
C ILE F 100 7.55 54.44 -31.37
N MET F 101 6.24 54.69 -31.41
CA MET F 101 5.38 54.05 -32.42
C MET F 101 5.75 54.52 -33.82
N GLU F 102 6.09 55.82 -33.96
CA GLU F 102 6.60 56.30 -35.25
C GLU F 102 7.91 55.60 -35.64
N PHE F 103 8.88 55.61 -34.74
CA PHE F 103 10.18 55.02 -35.04
C PHE F 103 10.11 53.51 -35.20
N SER F 104 9.13 52.85 -34.60
CA SER F 104 8.98 51.41 -34.76
C SER F 104 8.06 51.05 -35.92
N MET F 105 7.33 52.01 -36.47
CA MET F 105 6.87 51.84 -37.85
C MET F 105 8.06 51.77 -38.79
N TRP F 106 9.03 52.67 -38.60
CA TRP F 106 10.14 52.69 -39.56
C TRP F 106 11.10 51.53 -39.37
N TYR F 107 11.67 51.41 -38.17
CA TYR F 107 12.82 50.53 -37.93
C TYR F 107 12.47 49.06 -38.10
N MET F 108 11.25 48.68 -37.76
CA MET F 108 10.84 47.28 -37.80
C MET F 108 9.90 47.05 -38.97
N HIS F 109 10.08 47.82 -40.05
CA HIS F 109 9.24 47.65 -41.23
C HIS F 109 9.60 46.39 -42.00
N SER F 110 10.86 46.01 -42.03
CA SER F 110 11.32 44.91 -42.86
C SER F 110 11.27 43.55 -42.15
N ASP F 111 10.58 43.46 -41.03
CA ASP F 111 10.41 42.18 -40.35
C ASP F 111 8.93 41.83 -40.32
N PRO F 112 8.51 40.67 -40.84
CA PRO F 112 7.09 40.39 -41.04
C PRO F 112 6.33 39.99 -39.79
N ASN F 113 6.91 40.13 -38.60
CA ASN F 113 6.26 39.78 -37.36
C ASN F 113 5.90 41.03 -36.56
N ILE F 114 5.47 42.07 -37.26
CA ILE F 114 5.31 43.39 -36.65
C ILE F 114 4.06 43.48 -35.78
N ASN F 115 3.02 42.70 -36.11
CA ASN F 115 1.75 42.81 -35.41
C ASN F 115 1.85 42.29 -33.99
N GLN F 116 2.51 41.15 -33.78
CA GLN F 116 2.74 40.63 -32.45
C GLN F 116 3.66 41.54 -31.65
N PHE F 117 4.58 42.21 -32.33
CA PHE F 117 5.46 43.17 -31.67
C PHE F 117 4.68 44.35 -31.11
N PHE F 118 3.79 44.93 -31.91
CA PHE F 118 3.03 46.07 -31.40
C PHE F 118 1.99 45.64 -30.38
N LYS F 119 1.50 44.41 -30.48
CA LYS F 119 0.65 43.84 -29.44
C LYS F 119 1.37 43.80 -28.10
N TYR F 120 2.59 43.24 -28.09
CA TYR F 120 3.39 43.15 -26.87
C TYR F 120 3.72 44.52 -26.31
N LEU F 121 4.07 45.47 -27.19
CA LEU F 121 4.54 46.76 -26.70
C LEU F 121 3.37 47.60 -26.17
N LEU F 122 2.20 47.48 -26.79
CA LEU F 122 1.00 48.14 -26.26
C LEU F 122 0.60 47.57 -24.92
N LEU F 123 0.67 46.24 -24.79
CA LEU F 123 0.34 45.59 -23.52
C LEU F 123 1.31 46.01 -22.42
N PHE F 124 2.58 46.19 -22.78
CA PHE F 124 3.57 46.73 -21.87
C PHE F 124 3.21 48.13 -21.41
N LEU F 125 2.73 48.98 -22.33
CA LEU F 125 2.32 50.33 -21.95
C LEU F 125 1.15 50.28 -20.97
N ILE F 126 0.18 49.39 -21.25
CA ILE F 126 -0.98 49.21 -20.38
C ILE F 126 -0.55 48.85 -18.97
N THR F 127 0.41 47.94 -18.86
CA THR F 127 0.82 47.48 -17.53
C THR F 127 1.58 48.56 -16.78
N MET F 128 2.44 49.32 -17.48
CA MET F 128 3.17 50.37 -16.77
C MET F 128 2.26 51.53 -16.38
N LEU F 129 1.20 51.75 -17.17
CA LEU F 129 0.22 52.76 -16.83
C LEU F 129 -0.59 52.36 -15.60
N ILE F 130 -0.96 51.07 -15.51
CA ILE F 130 -1.61 50.55 -14.31
C ILE F 130 -0.69 50.69 -13.10
N LEU F 131 0.62 50.53 -13.31
CA LEU F 131 1.57 50.75 -12.21
C LEU F 131 1.61 52.20 -11.76
N VAL F 132 1.55 53.16 -12.69
CA VAL F 132 1.70 54.55 -12.27
C VAL F 132 0.38 55.23 -11.93
N THR F 133 -0.76 54.53 -12.05
CA THR F 133 -2.00 55.15 -11.59
C THR F 133 -2.50 54.64 -10.25
N ALA F 134 -2.08 53.46 -9.79
CA ALA F 134 -2.76 52.81 -8.69
C ALA F 134 -2.31 53.33 -7.33
N ASN F 135 -3.22 53.26 -6.34
CA ASN F 135 -2.87 53.46 -4.94
C ASN F 135 -3.01 52.21 -4.09
N ASN F 136 -3.83 51.26 -4.51
CA ASN F 136 -3.86 49.96 -3.85
C ASN F 136 -2.56 49.25 -4.14
N LEU F 137 -1.85 48.84 -3.08
CA LEU F 137 -0.47 48.39 -3.23
C LEU F 137 -0.39 47.04 -3.95
N PHE F 138 -1.42 46.21 -3.83
CA PHE F 138 -1.47 44.97 -4.60
C PHE F 138 -1.59 45.24 -6.10
N GLN F 139 -2.27 46.32 -6.48
CA GLN F 139 -2.36 46.67 -7.88
C GLN F 139 -1.02 47.19 -8.39
N LEU F 140 -0.25 47.87 -7.53
CA LEU F 140 1.14 48.21 -7.84
C LEU F 140 1.95 46.96 -8.08
N PHE F 141 1.71 45.91 -7.30
CA PHE F 141 2.42 44.64 -7.50
C PHE F 141 2.03 43.97 -8.81
N ILE F 142 0.76 44.10 -9.22
CA ILE F 142 0.31 43.60 -10.51
C ILE F 142 1.06 44.27 -11.64
N GLY F 143 1.10 45.61 -11.63
CA GLY F 143 1.85 46.35 -12.63
C GLY F 143 3.34 46.03 -12.61
N TRP F 144 3.89 45.76 -11.42
CA TRP F 144 5.29 45.40 -11.24
C TRP F 144 5.65 44.13 -12.00
N GLU F 145 5.00 43.02 -11.65
CA GLU F 145 5.36 41.78 -12.31
C GLU F 145 4.90 41.72 -13.76
N GLY F 146 3.86 42.47 -14.12
CA GLY F 146 3.48 42.52 -15.53
C GLY F 146 4.50 43.21 -16.40
N VAL F 147 5.06 44.35 -15.94
CA VAL F 147 6.11 44.96 -16.75
C VAL F 147 7.38 44.16 -16.69
N GLY F 148 7.60 43.38 -15.62
CA GLY F 148 8.73 42.46 -15.59
C GLY F 148 8.62 41.39 -16.67
N ILE F 149 7.45 40.81 -16.84
CA ILE F 149 7.37 39.72 -17.81
C ILE F 149 7.23 40.25 -19.24
N MET F 150 6.64 41.43 -19.45
CA MET F 150 6.70 42.00 -20.80
C MET F 150 8.11 42.46 -21.15
N SER F 151 8.90 42.82 -20.14
CA SER F 151 10.32 43.08 -20.37
C SER F 151 11.06 41.82 -20.77
N PHE F 152 10.73 40.70 -20.12
CA PHE F 152 11.25 39.39 -20.52
C PHE F 152 10.98 39.11 -21.99
N LEU F 153 9.73 39.27 -22.42
CA LEU F 153 9.38 38.93 -23.81
C LEU F 153 10.01 39.89 -24.81
N LEU F 154 10.01 41.19 -24.51
CA LEU F 154 10.54 42.13 -25.48
C LEU F 154 12.06 42.11 -25.54
N ILE F 155 12.74 41.71 -24.45
CA ILE F 155 14.17 41.43 -24.56
C ILE F 155 14.39 40.17 -25.38
N GLY F 156 13.64 39.11 -25.10
CA GLY F 156 13.76 37.90 -25.88
C GLY F 156 12.87 37.87 -27.10
N TRP F 157 12.74 39.00 -27.78
CA TRP F 157 12.01 39.06 -29.05
C TRP F 157 12.68 38.22 -30.12
N TRP F 158 13.95 38.48 -30.40
CA TRP F 158 14.65 37.71 -31.41
C TRP F 158 14.98 36.31 -30.92
N TYR F 159 14.07 35.36 -31.12
CA TYR F 159 14.42 33.99 -30.77
C TYR F 159 15.41 33.43 -31.76
N GLY F 160 16.15 32.42 -31.31
CA GLY F 160 17.53 32.30 -31.68
C GLY F 160 18.30 33.21 -30.74
N ARG F 161 19.59 33.40 -31.01
CA ARG F 161 20.43 34.38 -30.33
C ARG F 161 20.48 34.16 -28.81
N THR F 162 21.23 33.14 -28.37
CA THR F 162 21.33 32.77 -26.97
C THR F 162 21.74 33.91 -26.03
N ASP F 163 22.39 34.96 -26.56
CA ASP F 163 22.62 36.17 -25.77
C ASP F 163 21.31 36.83 -25.37
N ALA F 164 20.30 36.78 -26.24
CA ALA F 164 19.04 37.48 -25.97
C ALA F 164 18.23 36.78 -24.88
N ASN F 165 18.07 35.46 -24.97
CA ASN F 165 17.31 34.81 -23.91
C ASN F 165 18.12 34.65 -22.63
N THR F 166 19.47 34.65 -22.72
CA THR F 166 20.29 34.80 -21.50
C THR F 166 20.02 36.13 -20.83
N ALA F 167 19.94 37.20 -21.63
CA ALA F 167 19.63 38.53 -21.13
C ALA F 167 18.28 38.58 -20.46
N ALA F 168 17.29 37.98 -21.10
CA ALA F 168 15.93 37.98 -20.59
C ALA F 168 15.83 37.18 -19.30
N LEU F 169 16.60 36.09 -19.19
CA LEU F 169 16.62 35.32 -17.96
C LEU F 169 17.27 36.10 -16.81
N GLN F 170 18.36 36.83 -17.10
CA GLN F 170 18.96 37.68 -16.08
C GLN F 170 18.01 38.78 -15.62
N ALA F 171 17.28 39.38 -16.57
CA ALA F 171 16.34 40.46 -16.24
C ALA F 171 15.21 39.95 -15.36
N ILE F 172 14.67 38.77 -15.68
CA ILE F 172 13.57 38.25 -14.86
C ILE F 172 14.09 37.77 -13.51
N LEU F 173 15.36 37.37 -13.41
CA LEU F 173 15.90 36.95 -12.11
C LEU F 173 16.05 38.14 -11.16
N TYR F 174 16.60 39.24 -11.67
CA TYR F 174 16.72 40.41 -10.80
C TYR F 174 15.36 41.04 -10.52
N ASN F 175 14.38 40.85 -11.42
CA ASN F 175 13.04 41.30 -11.09
C ASN F 175 12.39 40.44 -10.00
N ARG F 176 12.73 39.15 -9.90
CA ARG F 176 12.17 38.39 -8.78
C ARG F 176 12.86 38.75 -7.47
N ILE F 177 14.10 39.23 -7.51
CA ILE F 177 14.67 39.74 -6.26
C ILE F 177 14.02 41.07 -5.88
N GLY F 178 13.63 41.87 -6.87
CA GLY F 178 12.73 42.99 -6.60
C GLY F 178 11.41 42.54 -6.00
N ASP F 179 10.92 41.38 -6.43
CA ASP F 179 9.68 40.84 -5.87
C ASP F 179 9.83 40.41 -4.41
N ILE F 180 10.95 39.78 -4.04
CA ILE F 180 11.09 39.37 -2.62
C ILE F 180 11.20 40.59 -1.72
N GLY F 181 11.89 41.65 -2.18
CA GLY F 181 11.90 42.89 -1.41
C GLY F 181 10.52 43.52 -1.27
N PHE F 182 9.75 43.54 -2.36
CA PHE F 182 8.45 44.19 -2.34
C PHE F 182 7.43 43.39 -1.52
N ILE F 183 7.50 42.05 -1.55
CA ILE F 183 6.56 41.29 -0.74
C ILE F 183 6.94 41.32 0.73
N LEU F 184 8.22 41.55 1.07
CA LEU F 184 8.55 41.77 2.47
C LEU F 184 7.92 43.07 2.97
N ALA F 185 8.00 44.13 2.16
CA ALA F 185 7.34 45.38 2.52
C ALA F 185 5.82 45.21 2.62
N MET F 186 5.24 44.44 1.71
CA MET F 186 3.80 44.20 1.73
C MET F 186 3.37 43.42 2.97
N ALA F 187 4.20 42.46 3.39
CA ALA F 187 3.90 41.68 4.58
C ALA F 187 3.95 42.53 5.84
N TRP F 188 4.94 43.44 5.92
CA TRP F 188 5.00 44.31 7.09
C TRP F 188 3.81 45.25 7.14
N PHE F 189 3.40 45.77 5.98
CA PHE F 189 2.25 46.67 5.94
C PHE F 189 0.95 45.96 6.33
N LEU F 190 0.78 44.72 5.87
CA LEU F 190 -0.42 43.96 6.24
C LEU F 190 -0.45 43.68 7.73
N ILE F 191 0.65 43.19 8.28
CA ILE F 191 0.59 42.72 9.66
C ILE F 191 0.60 43.88 10.65
N ASN F 192 1.21 45.01 10.33
CA ASN F 192 1.24 46.08 11.31
C ASN F 192 0.26 47.22 11.04
N LEU F 193 -0.36 47.28 9.85
CA LEU F 193 -1.35 48.34 9.64
C LEU F 193 -2.63 47.86 8.97
N ASN F 194 -2.91 46.55 9.02
CA ASN F 194 -4.17 45.90 8.63
C ASN F 194 -4.50 46.02 7.14
N THR F 195 -3.63 46.63 6.35
CA THR F 195 -3.97 46.84 4.95
C THR F 195 -2.70 46.99 4.12
N TRP F 196 -2.90 46.98 2.81
CA TRP F 196 -1.97 47.59 1.87
C TRP F 196 -2.77 48.62 1.09
N ASP F 197 -2.84 49.83 1.67
CA ASP F 197 -3.55 50.95 1.10
C ASP F 197 -2.82 52.23 1.47
N LEU F 198 -2.46 53.00 0.45
CA LEU F 198 -1.55 54.13 0.63
C LEU F 198 -2.21 55.27 1.40
N GLN F 199 -3.54 55.37 1.33
CA GLN F 199 -4.25 56.39 2.08
C GLN F 199 -4.13 56.15 3.58
N GLN F 200 -4.39 54.93 4.02
CA GLN F 200 -4.34 54.63 5.45
C GLN F 200 -2.91 54.57 5.97
N ILE F 201 -1.99 54.05 5.14
CA ILE F 201 -0.58 53.98 5.53
C ILE F 201 0.01 55.38 5.67
N PHE F 202 -0.36 56.29 4.79
CA PHE F 202 0.08 57.67 4.96
C PHE F 202 -0.68 58.38 6.06
N MET F 203 -1.91 57.93 6.35
CA MET F 203 -2.69 58.48 7.45
C MET F 203 -2.00 58.24 8.78
N LEU F 204 -1.48 57.04 8.97
CA LEU F 204 -0.61 56.90 10.12
C LEU F 204 0.81 57.30 9.77
N ASN F 205 1.65 57.34 10.80
CA ASN F 205 3.10 57.34 10.63
C ASN F 205 3.66 56.33 11.61
N PRO F 206 3.77 55.07 11.20
CA PRO F 206 4.43 54.07 12.06
C PRO F 206 5.91 54.39 12.16
N ASN F 207 6.42 54.37 13.39
CA ASN F 207 7.77 54.85 13.62
C ASN F 207 8.83 53.76 13.47
N ASP F 208 8.49 52.51 13.74
CA ASP F 208 9.40 51.40 13.50
C ASP F 208 9.30 51.03 12.03
N SER F 209 9.93 51.85 11.19
CA SER F 209 9.84 51.72 9.74
C SER F 209 11.11 51.13 9.15
N ASN F 210 11.72 50.17 9.83
CA ASN F 210 13.00 49.62 9.38
C ASN F 210 12.81 48.50 8.37
N LEU F 211 12.12 47.43 8.77
CA LEU F 211 11.83 46.32 7.87
C LEU F 211 11.10 46.69 6.58
N PRO F 212 10.02 47.51 6.58
CA PRO F 212 9.42 47.85 5.28
C PRO F 212 10.32 48.68 4.40
N LEU F 213 11.07 49.63 4.96
CA LEU F 213 11.89 50.47 4.10
C LEU F 213 13.12 49.72 3.59
N MET F 214 13.60 48.73 4.35
CA MET F 214 14.62 47.84 3.82
C MET F 214 14.08 47.00 2.67
N GLY F 215 12.84 46.51 2.79
CA GLY F 215 12.22 45.82 1.67
C GLY F 215 12.01 46.71 0.46
N LEU F 216 11.70 47.99 0.70
CA LEU F 216 11.52 48.93 -0.40
C LEU F 216 12.84 49.23 -1.10
N ILE F 217 13.91 49.37 -0.32
CA ILE F 217 15.25 49.55 -0.88
C ILE F 217 15.65 48.34 -1.72
N LEU F 218 15.34 47.14 -1.25
CA LEU F 218 15.68 45.94 -2.02
C LEU F 218 14.87 45.87 -3.31
N ALA F 219 13.58 46.23 -3.25
CA ALA F 219 12.74 46.22 -4.45
C ALA F 219 13.18 47.27 -5.46
N ALA F 220 13.58 48.45 -4.97
CA ALA F 220 14.02 49.51 -5.87
C ALA F 220 15.37 49.19 -6.50
N THR F 221 16.32 48.67 -5.71
CA THR F 221 17.61 48.32 -6.31
C THR F 221 17.53 47.05 -7.13
N GLY F 222 16.43 46.31 -7.06
CA GLY F 222 16.22 45.24 -8.01
C GLY F 222 15.63 45.74 -9.32
N LYS F 223 14.61 46.60 -9.23
CA LYS F 223 13.89 46.99 -10.44
C LYS F 223 14.61 48.08 -11.21
N SER F 224 15.40 48.90 -10.53
CA SER F 224 15.96 50.13 -11.10
C SER F 224 17.42 50.00 -11.48
N ALA F 225 17.94 48.77 -11.57
CA ALA F 225 19.25 48.44 -12.16
C ALA F 225 20.39 49.14 -11.40
N GLN F 226 20.50 48.83 -10.12
CA GLN F 226 21.43 49.51 -9.24
C GLN F 226 22.34 48.51 -8.54
N PHE F 227 23.31 49.03 -7.79
CA PHE F 227 24.53 48.28 -7.46
C PHE F 227 24.22 47.10 -6.55
N GLY F 228 24.78 45.95 -6.91
CA GLY F 228 24.40 44.70 -6.33
C GLY F 228 23.56 43.92 -7.32
N LEU F 229 22.66 44.63 -8.01
CA LEU F 229 21.78 44.00 -8.99
C LEU F 229 21.73 44.77 -10.30
N HIS F 230 22.72 45.61 -10.56
CA HIS F 230 22.78 46.41 -11.79
C HIS F 230 23.09 45.72 -13.13
N PRO F 231 23.94 44.62 -13.25
CA PRO F 231 24.51 44.34 -14.58
C PRO F 231 23.56 43.69 -15.59
N TRP F 232 22.26 43.73 -15.35
CA TRP F 232 21.32 43.25 -16.35
C TRP F 232 20.98 44.32 -17.38
N LEU F 233 21.54 45.52 -17.26
CA LEU F 233 21.13 46.63 -18.10
C LEU F 233 21.78 46.66 -19.48
N PRO F 234 23.10 46.44 -19.66
CA PRO F 234 23.60 46.28 -21.03
C PRO F 234 23.16 44.99 -21.68
N SER F 235 22.98 43.96 -20.86
CA SER F 235 22.44 42.72 -21.35
C SER F 235 21.01 42.93 -21.84
N ALA F 236 20.24 43.77 -21.13
CA ALA F 236 18.92 44.18 -21.61
C ALA F 236 19.01 45.05 -22.86
N MET F 237 20.12 45.78 -23.03
CA MET F 237 20.35 46.47 -24.30
C MET F 237 20.60 45.53 -25.45
N GLU F 238 21.04 44.30 -25.18
CA GLU F 238 21.27 43.37 -26.30
C GLU F 238 19.98 42.93 -27.07
N GLY F 239 18.76 43.44 -26.84
CA GLY F 239 17.63 43.12 -27.66
C GLY F 239 17.41 44.14 -28.77
N PRO F 240 16.18 44.28 -29.24
CA PRO F 240 15.90 45.26 -30.30
C PRO F 240 15.97 46.68 -29.78
N THR F 241 16.06 47.62 -30.71
CA THR F 241 16.34 49.01 -30.38
C THR F 241 15.15 49.82 -29.87
N PRO F 242 13.95 49.81 -30.49
CA PRO F 242 12.84 50.53 -29.84
C PRO F 242 12.37 49.86 -28.57
N VAL F 243 12.55 48.53 -28.48
CA VAL F 243 12.39 47.81 -27.22
C VAL F 243 13.25 48.45 -26.14
N SER F 244 14.54 48.60 -26.42
CA SER F 244 15.45 49.17 -25.44
C SER F 244 15.14 50.63 -25.15
N ALA F 245 14.66 51.35 -26.16
CA ALA F 245 14.29 52.75 -26.02
C ALA F 245 13.16 52.93 -25.02
N LEU F 246 12.03 52.26 -25.27
CA LEU F 246 10.89 52.36 -24.36
C LEU F 246 11.20 51.70 -23.02
N LEU F 247 11.95 50.61 -23.04
CA LEU F 247 12.14 49.79 -21.87
C LEU F 247 13.12 50.41 -20.89
N HIS F 248 14.02 51.30 -21.35
CA HIS F 248 14.99 51.87 -20.43
C HIS F 248 15.22 53.36 -20.64
N SER F 249 14.28 54.06 -21.28
CA SER F 249 14.32 55.51 -21.32
C SER F 249 13.30 56.13 -20.37
N SER F 250 12.04 55.74 -20.50
CA SER F 250 10.97 56.31 -19.69
C SER F 250 10.40 55.29 -18.72
N THR F 251 9.95 54.15 -19.21
CA THR F 251 9.24 53.16 -18.42
C THR F 251 10.18 52.04 -17.99
N MET F 252 9.69 51.21 -17.06
CA MET F 252 10.25 49.93 -16.61
C MET F 252 11.54 50.07 -15.79
N VAL F 253 12.18 51.22 -15.84
CA VAL F 253 13.37 51.45 -15.05
C VAL F 253 13.13 52.51 -13.98
N VAL F 254 12.18 53.42 -14.17
CA VAL F 254 11.84 54.37 -13.12
C VAL F 254 10.90 53.76 -12.09
N ALA F 255 10.29 52.61 -12.39
CA ALA F 255 9.33 51.96 -11.50
C ALA F 255 9.98 51.40 -10.24
N GLY F 256 11.31 51.33 -10.19
CA GLY F 256 11.97 51.06 -8.93
C GLY F 256 11.92 52.24 -7.99
N ILE F 257 12.34 53.42 -8.47
CA ILE F 257 12.39 54.61 -7.62
C ILE F 257 11.07 55.37 -7.58
N PHE F 258 10.14 55.06 -8.49
CA PHE F 258 8.82 55.70 -8.44
C PHE F 258 8.05 55.26 -7.21
N LEU F 259 8.30 54.05 -6.74
CA LEU F 259 7.72 53.57 -5.49
C LEU F 259 8.22 54.39 -4.31
N LEU F 260 9.52 54.71 -4.28
CA LEU F 260 10.06 55.50 -3.20
C LEU F 260 9.62 56.95 -3.30
N ILE F 261 9.41 57.45 -4.51
CA ILE F 261 8.82 58.78 -4.68
C ILE F 261 7.38 58.78 -4.21
N ARG F 262 6.69 57.65 -4.35
CA ARG F 262 5.33 57.54 -3.83
C ARG F 262 5.32 57.55 -2.31
N PHE F 263 6.30 56.89 -1.67
CA PHE F 263 6.25 56.70 -0.22
C PHE F 263 6.98 57.80 0.55
N TYR F 264 6.96 59.03 0.04
CA TYR F 264 7.61 60.13 0.74
C TYR F 264 7.07 60.47 2.15
N PRO F 265 5.77 60.35 2.50
CA PRO F 265 5.42 60.62 3.91
C PRO F 265 5.87 59.54 4.85
N LEU F 266 6.17 58.34 4.36
CA LEU F 266 6.73 57.32 5.24
C LEU F 266 8.24 57.43 5.32
N THR F 267 8.91 57.92 4.28
CA THR F 267 10.35 58.16 4.38
C THR F 267 10.68 59.61 4.72
N GLU F 268 9.72 60.38 5.25
CA GLU F 268 10.06 61.64 5.91
C GLU F 268 11.00 61.41 7.08
N ASN F 269 10.67 60.43 7.94
CA ASN F 269 11.49 60.07 9.08
C ASN F 269 12.61 59.12 8.65
N ASN F 270 13.21 58.45 9.64
CA ASN F 270 14.17 57.35 9.44
C ASN F 270 15.41 57.84 8.68
N LYS F 271 16.22 58.62 9.41
CA LYS F 271 17.54 59.06 8.93
C LYS F 271 18.41 57.92 8.44
N PHE F 272 18.30 56.75 9.08
CA PHE F 272 18.94 55.53 8.59
C PHE F 272 18.46 55.18 7.18
N GLY F 273 17.18 55.41 6.91
CA GLY F 273 16.64 55.17 5.58
C GLY F 273 17.23 56.07 4.52
N GLN F 274 17.27 57.39 4.78
CA GLN F 274 17.86 58.32 3.81
C GLN F 274 19.36 58.12 3.66
N SER F 275 20.04 57.71 4.73
CA SER F 275 21.47 57.41 4.62
C SER F 275 21.70 56.22 3.68
N ILE F 276 20.87 55.18 3.80
CA ILE F 276 20.97 54.04 2.89
C ILE F 276 20.65 54.46 1.45
N MET F 277 19.60 55.27 1.28
CA MET F 277 19.21 55.84 -0.01
C MET F 277 20.38 56.50 -0.73
N LEU F 278 21.00 57.48 -0.07
CA LEU F 278 21.97 58.27 -0.81
C LEU F 278 23.35 57.59 -0.87
N CYS F 279 23.68 56.72 0.10
CA CYS F 279 24.87 55.89 -0.06
C CYS F 279 24.76 54.96 -1.26
N LEU F 280 23.60 54.31 -1.42
CA LEU F 280 23.41 53.43 -2.57
C LEU F 280 23.42 54.21 -3.87
N GLY F 281 22.80 55.38 -3.88
CA GLY F 281 22.80 56.20 -5.09
C GLY F 281 24.18 56.66 -5.50
N ALA F 282 25.00 57.07 -4.53
CA ALA F 282 26.36 57.49 -4.85
C ALA F 282 27.22 56.33 -5.33
N MET F 283 27.03 55.15 -4.74
CA MET F 283 27.77 53.96 -5.16
C MET F 283 27.45 53.60 -6.61
N THR F 284 26.16 53.58 -6.95
CA THR F 284 25.75 53.31 -8.34
C THR F 284 26.29 54.36 -9.29
N THR F 285 26.26 55.62 -8.86
CA THR F 285 26.61 56.73 -9.74
C THR F 285 28.08 56.67 -10.13
N LEU F 286 28.95 56.51 -9.13
CA LEU F 286 30.38 56.40 -9.45
C LEU F 286 30.68 55.08 -10.17
N PHE F 287 30.01 53.99 -9.80
CA PHE F 287 30.38 52.69 -10.34
C PHE F 287 30.02 52.58 -11.82
N THR F 288 28.78 52.93 -12.18
CA THR F 288 28.44 52.91 -13.60
C THR F 288 28.98 54.11 -14.37
N ALA F 289 29.41 55.18 -13.69
CA ALA F 289 30.10 56.25 -14.39
C ALA F 289 31.49 55.81 -14.82
N MET F 290 32.27 55.23 -13.89
CA MET F 290 33.58 54.71 -14.22
C MET F 290 33.49 53.53 -15.16
N CYS F 291 32.43 52.74 -15.06
CA CYS F 291 32.24 51.61 -15.95
C CYS F 291 31.81 52.04 -17.35
N ALA F 292 31.16 53.21 -17.47
CA ALA F 292 30.80 53.72 -18.78
C ALA F 292 32.00 54.15 -19.60
N LEU F 293 33.10 54.50 -18.96
CA LEU F 293 34.32 54.82 -19.68
C LEU F 293 34.93 53.56 -20.26
N THR F 294 35.49 53.70 -21.45
CA THR F 294 36.00 52.61 -22.28
C THR F 294 34.93 51.52 -22.46
N GLN F 295 33.89 51.94 -23.14
CA GLN F 295 32.88 51.06 -23.68
C GLN F 295 32.76 51.39 -25.15
N ASN F 296 32.70 50.36 -25.99
CA ASN F 296 32.82 50.59 -27.43
C ASN F 296 31.59 50.15 -28.19
N ASP F 297 30.45 50.06 -27.52
CA ASP F 297 29.16 49.87 -28.16
C ASP F 297 28.31 51.08 -27.82
N ILE F 298 27.31 51.37 -28.65
CA ILE F 298 26.50 52.56 -28.38
C ILE F 298 25.55 52.29 -27.22
N LYS F 299 24.78 51.21 -27.33
CA LYS F 299 23.67 50.96 -26.41
C LYS F 299 24.16 50.68 -24.99
N LYS F 300 25.35 50.12 -24.85
CA LYS F 300 25.86 49.87 -23.52
C LYS F 300 26.33 51.17 -22.86
N ILE F 301 26.85 52.10 -23.66
CA ILE F 301 27.12 53.46 -23.16
C ILE F 301 25.84 54.13 -22.71
N ILE F 302 24.76 53.99 -23.48
CA ILE F 302 23.51 54.66 -23.09
C ILE F 302 22.90 54.00 -21.86
N ALA F 303 23.10 52.69 -21.69
CA ALA F 303 22.60 52.01 -20.50
C ALA F 303 23.36 52.43 -19.26
N PHE F 304 24.68 52.54 -19.36
CA PHE F 304 25.44 53.01 -18.21
C PHE F 304 25.13 54.46 -17.89
N SER F 305 24.81 55.25 -18.92
CA SER F 305 24.41 56.63 -18.70
C SER F 305 23.09 56.70 -17.93
N THR F 306 22.10 55.91 -18.35
CA THR F 306 20.82 55.96 -17.64
C THR F 306 20.92 55.34 -16.24
N SER F 307 21.87 54.42 -16.02
CA SER F 307 22.09 53.94 -14.66
C SER F 307 22.68 55.04 -13.78
N SER F 308 23.58 55.86 -14.33
CA SER F 308 24.11 56.99 -13.56
C SER F 308 23.02 58.02 -13.27
N GLN F 309 22.08 58.20 -14.19
CA GLN F 309 20.99 59.15 -13.92
C GLN F 309 20.06 58.64 -12.83
N LEU F 310 19.78 57.33 -12.82
CA LEU F 310 19.01 56.78 -11.70
C LEU F 310 19.79 56.82 -10.39
N GLY F 311 21.12 56.78 -10.46
CA GLY F 311 21.91 57.01 -9.27
C GLY F 311 21.73 58.41 -8.70
N LEU F 312 21.70 59.42 -9.58
CA LEU F 312 21.38 60.77 -9.11
C LEU F 312 19.97 60.86 -8.55
N MET F 313 19.02 60.10 -9.08
CA MET F 313 17.68 60.15 -8.50
C MET F 313 17.61 59.47 -7.14
N MET F 314 18.40 58.42 -6.90
CA MET F 314 18.48 57.88 -5.55
C MET F 314 19.17 58.83 -4.58
N VAL F 315 20.15 59.61 -5.06
CA VAL F 315 20.70 60.69 -4.24
C VAL F 315 19.61 61.73 -3.95
N THR F 316 18.76 61.99 -4.94
CA THR F 316 17.70 62.98 -4.82
C THR F 316 16.62 62.52 -3.84
N ILE F 317 16.48 61.21 -3.65
CA ILE F 317 15.58 60.73 -2.61
C ILE F 317 16.29 60.69 -1.25
N GLY F 318 17.60 60.49 -1.24
CA GLY F 318 18.35 60.53 0.00
C GLY F 318 18.31 61.90 0.67
N ILE F 319 18.57 62.95 -0.10
CA ILE F 319 18.20 64.27 0.37
C ILE F 319 16.68 64.38 0.29
N ASN F 320 16.06 65.09 1.24
CA ASN F 320 14.61 65.14 1.26
C ASN F 320 14.01 66.00 0.15
N GLN F 321 14.13 65.55 -1.10
CA GLN F 321 13.62 66.28 -2.26
C GLN F 321 13.05 65.31 -3.28
N PRO F 322 11.82 64.85 -3.09
CA PRO F 322 11.26 63.86 -4.03
C PRO F 322 10.74 64.46 -5.32
N HIS F 323 10.28 65.70 -5.24
CA HIS F 323 9.64 66.33 -6.41
C HIS F 323 10.66 66.69 -7.47
N LEU F 324 11.87 67.04 -7.05
CA LEU F 324 12.96 67.24 -8.00
C LEU F 324 13.33 65.94 -8.70
N ALA F 325 13.26 64.81 -7.96
CA ALA F 325 13.51 63.51 -8.57
C ALA F 325 12.44 63.18 -9.61
N PHE F 326 11.20 63.56 -9.35
CA PHE F 326 10.14 63.30 -10.33
C PHE F 326 10.31 64.18 -11.57
N LEU F 327 10.71 65.43 -11.37
CA LEU F 327 11.03 66.32 -12.49
C LEU F 327 12.16 65.74 -13.34
N HIS F 328 13.14 65.14 -12.66
CA HIS F 328 14.24 64.51 -13.38
C HIS F 328 13.80 63.27 -14.14
N ILE F 329 12.83 62.53 -13.60
CA ILE F 329 12.21 61.40 -14.33
C ILE F 329 11.65 61.88 -15.65
N CYS F 330 10.85 62.95 -15.61
CA CYS F 330 10.18 63.44 -16.82
C CYS F 330 11.18 63.91 -17.88
N THR F 331 12.11 64.79 -17.48
CA THR F 331 13.08 65.33 -18.43
C THR F 331 14.02 64.26 -18.98
N HIS F 332 14.51 63.40 -18.09
CA HIS F 332 15.29 62.22 -18.45
C HIS F 332 14.58 61.32 -19.44
N ALA F 333 13.26 61.16 -19.27
CA ALA F 333 12.49 60.29 -20.15
C ALA F 333 12.45 60.82 -21.57
N PHE F 334 12.05 62.09 -21.73
CA PHE F 334 12.11 62.77 -23.03
C PHE F 334 13.48 62.64 -23.67
N PHE F 335 14.51 62.92 -22.87
CA PHE F 335 15.87 63.03 -23.35
C PHE F 335 16.43 61.71 -23.89
N LYS F 336 16.37 60.65 -23.09
CA LYS F 336 16.99 59.43 -23.57
C LYS F 336 16.12 58.62 -24.50
N ALA F 337 14.80 58.86 -24.53
CA ALA F 337 14.02 58.33 -25.64
C ALA F 337 14.48 58.92 -26.96
N MET F 338 14.72 60.24 -26.98
CA MET F 338 15.23 60.90 -28.17
C MET F 338 16.62 60.39 -28.56
N LEU F 339 17.47 60.14 -27.56
CA LEU F 339 18.84 59.68 -27.83
C LEU F 339 18.87 58.26 -28.38
N PHE F 340 18.12 57.33 -27.75
CA PHE F 340 17.99 55.96 -28.28
C PHE F 340 17.44 55.95 -29.68
N MET F 341 16.41 56.77 -29.95
CA MET F 341 15.78 56.76 -31.25
C MET F 341 16.72 57.28 -32.33
N CYS F 342 17.55 58.26 -31.99
CA CYS F 342 18.56 58.74 -32.94
C CYS F 342 19.63 57.70 -33.22
N SER F 343 20.10 57.01 -32.16
CA SER F 343 21.11 55.98 -32.38
C SER F 343 20.54 54.80 -33.16
N GLY F 344 19.26 54.47 -32.97
CA GLY F 344 18.66 53.41 -33.76
C GLY F 344 18.52 53.79 -35.22
N SER F 345 18.24 55.07 -35.49
CA SER F 345 18.26 55.59 -36.85
C SER F 345 19.61 55.39 -37.51
N ILE F 346 20.69 55.71 -36.79
CA ILE F 346 22.02 55.56 -37.37
C ILE F 346 22.38 54.10 -37.59
N ILE F 347 22.07 53.24 -36.61
CA ILE F 347 22.43 51.83 -36.69
C ILE F 347 21.71 51.13 -37.84
N HIS F 348 20.43 51.44 -38.04
CA HIS F 348 19.76 50.86 -39.20
C HIS F 348 20.23 51.51 -40.50
N SER F 349 20.72 52.75 -40.46
CA SER F 349 21.22 53.35 -41.68
C SER F 349 22.59 52.81 -42.08
N LEU F 350 23.34 52.23 -41.15
CA LEU F 350 24.72 51.84 -41.41
C LEU F 350 24.91 50.33 -41.33
N ASN F 351 23.89 49.56 -41.73
CA ASN F 351 23.92 48.09 -41.84
C ASN F 351 24.24 47.39 -40.53
N ASP F 352 23.83 48.01 -39.40
CA ASP F 352 23.81 47.39 -38.07
C ASP F 352 25.18 46.99 -37.55
N GLU F 353 26.24 47.72 -37.92
CA GLU F 353 27.56 47.39 -37.38
C GLU F 353 27.68 47.78 -35.92
N GLN F 354 26.95 48.81 -35.49
CA GLN F 354 26.48 49.00 -34.11
C GLN F 354 27.59 49.36 -33.11
N ASP F 355 28.85 49.37 -33.52
CA ASP F 355 29.96 49.52 -32.58
C ASP F 355 30.70 50.82 -32.79
N ILE F 356 31.35 51.30 -31.73
CA ILE F 356 32.02 52.60 -31.75
C ILE F 356 33.31 52.55 -32.53
N ARG F 357 34.04 51.44 -32.47
CA ARG F 357 35.03 51.21 -33.50
C ARG F 357 34.28 50.93 -34.80
N LYS F 358 34.83 51.45 -35.90
CA LYS F 358 34.22 51.41 -37.24
C LYS F 358 32.86 52.12 -37.25
N MET F 359 32.91 53.40 -36.86
CA MET F 359 31.71 54.23 -36.71
C MET F 359 31.86 55.67 -37.20
N GLY F 360 33.08 56.14 -37.44
CA GLY F 360 33.44 57.55 -37.33
C GLY F 360 32.69 58.66 -38.03
N GLY F 361 32.85 58.77 -39.34
CA GLY F 361 32.43 59.98 -40.03
C GLY F 361 30.96 60.06 -40.35
N LEU F 362 30.22 60.86 -39.60
CA LEU F 362 28.79 61.02 -39.80
C LEU F 362 28.32 62.46 -39.84
N PHE F 363 29.11 63.41 -39.36
CA PHE F 363 28.78 64.82 -39.56
C PHE F 363 28.83 65.13 -41.05
N LYS F 364 27.80 65.83 -41.53
CA LYS F 364 27.47 66.15 -42.93
C LYS F 364 26.95 64.94 -43.72
N ALA F 365 27.00 63.75 -43.12
CA ALA F 365 26.24 62.61 -43.63
C ALA F 365 24.89 62.66 -42.94
N MET F 366 23.84 62.93 -43.74
CA MET F 366 22.91 64.05 -43.52
C MET F 366 22.70 64.42 -42.06
N PRO F 367 22.93 65.67 -41.73
CA PRO F 367 23.28 66.04 -40.35
C PRO F 367 22.09 66.18 -39.42
N PHE F 368 20.93 65.65 -39.81
CA PHE F 368 19.77 65.71 -38.93
C PHE F 368 19.98 64.85 -37.69
N THR F 369 20.52 63.65 -37.87
CA THR F 369 20.84 62.82 -36.72
C THR F 369 22.07 63.33 -35.97
N THR F 370 22.96 64.08 -36.62
CA THR F 370 24.08 64.64 -35.87
C THR F 370 23.62 65.83 -35.05
N THR F 371 22.66 66.60 -35.56
CA THR F 371 22.02 67.63 -34.78
C THR F 371 21.30 67.04 -33.58
N ALA F 372 20.62 65.91 -33.79
CA ALA F 372 19.96 65.21 -32.68
C ALA F 372 20.98 64.74 -31.63
N LEU F 373 22.10 64.18 -32.06
CA LEU F 373 23.09 63.72 -31.09
C LEU F 373 23.79 64.87 -30.38
N ILE F 374 24.02 65.99 -31.06
CA ILE F 374 24.72 67.06 -30.34
C ILE F 374 23.78 67.78 -29.39
N ILE F 375 22.48 67.90 -29.74
CA ILE F 375 21.50 68.42 -28.79
C ILE F 375 21.36 67.49 -27.60
N GLY F 376 21.30 66.18 -27.84
CA GLY F 376 21.24 65.21 -26.77
C GLY F 376 22.45 65.22 -25.86
N SER F 377 23.61 64.81 -26.38
CA SER F 377 24.81 64.74 -25.57
C SER F 377 25.35 66.11 -25.15
N LEU F 378 24.73 67.21 -25.62
CA LEU F 378 24.81 68.47 -24.90
C LEU F 378 23.91 68.44 -23.68
N ALA F 379 22.66 68.01 -23.85
CA ALA F 379 21.66 68.08 -22.78
C ALA F 379 21.88 67.09 -21.66
N LEU F 380 22.77 66.11 -21.84
CA LEU F 380 23.04 65.17 -20.75
C LEU F 380 23.73 65.84 -19.58
N THR F 381 24.66 66.74 -19.86
CA THR F 381 25.34 67.46 -18.79
C THR F 381 24.50 68.67 -18.40
N GLY F 382 25.07 69.53 -17.55
CA GLY F 382 24.36 70.73 -17.19
C GLY F 382 24.63 71.85 -18.18
N MET F 383 23.73 72.03 -19.12
CA MET F 383 23.92 73.15 -20.04
C MET F 383 23.00 74.28 -19.67
N PRO F 384 23.56 75.49 -19.48
CA PRO F 384 23.08 76.46 -18.48
C PRO F 384 21.60 76.78 -18.46
N PHE F 385 20.88 76.64 -19.57
CA PHE F 385 19.45 76.87 -19.52
C PHE F 385 18.65 75.89 -20.37
N LEU F 386 19.20 74.74 -20.72
CA LEU F 386 18.47 73.79 -21.54
C LEU F 386 17.69 72.88 -20.60
N THR F 387 17.12 71.79 -21.13
CA THR F 387 16.27 70.90 -20.35
C THR F 387 17.06 70.19 -19.25
N GLY F 388 18.30 69.78 -19.56
CA GLY F 388 19.13 69.11 -18.58
C GLY F 388 19.71 70.01 -17.51
N PHE F 389 19.49 71.32 -17.60
CA PHE F 389 19.95 72.22 -16.53
C PHE F 389 19.11 72.06 -15.29
N TYR F 390 17.78 72.15 -15.46
CA TYR F 390 16.84 72.36 -14.36
C TYR F 390 16.90 71.24 -13.33
N SER F 391 16.61 70.03 -13.79
CA SER F 391 16.53 68.86 -12.92
C SER F 391 17.86 68.56 -12.24
N LYS F 392 18.89 68.28 -13.05
CA LYS F 392 20.17 67.83 -12.52
C LYS F 392 20.84 68.89 -11.67
N ASP F 393 20.71 70.15 -12.05
CA ASP F 393 21.44 71.14 -11.27
C ASP F 393 20.68 71.58 -10.02
N LEU F 394 19.35 71.54 -10.02
CA LEU F 394 18.65 71.66 -8.74
C LEU F 394 18.91 70.47 -7.82
N ILE F 395 19.12 69.28 -8.40
CA ILE F 395 19.50 68.11 -7.62
C ILE F 395 20.84 68.31 -6.94
N ILE F 396 21.85 68.79 -7.69
CA ILE F 396 23.16 68.91 -7.06
C ILE F 396 23.20 70.11 -6.11
N GLU F 397 22.40 71.15 -6.36
CA GLU F 397 22.31 72.27 -5.42
C GLU F 397 21.68 71.84 -4.10
N SER F 398 20.53 71.16 -4.16
CA SER F 398 19.90 70.68 -2.93
C SER F 398 20.68 69.57 -2.27
N ALA F 399 21.50 68.84 -3.03
CA ALA F 399 22.37 67.84 -2.42
C ALA F 399 23.53 68.49 -1.70
N ASN F 400 24.05 69.58 -2.24
CA ASN F 400 25.18 70.24 -1.60
C ASN F 400 24.75 71.05 -0.38
N THR F 401 23.56 71.65 -0.42
CA THR F 401 23.08 72.44 0.71
C THR F 401 22.28 71.59 1.71
N SER F 402 22.84 70.47 2.16
CA SER F 402 22.13 69.63 3.11
C SER F 402 23.11 68.87 4.00
N TYR F 403 22.55 68.26 5.04
CA TYR F 403 23.30 67.51 6.04
C TYR F 403 23.55 66.12 5.47
N THR F 404 24.56 66.03 4.61
CA THR F 404 24.75 64.88 3.73
C THR F 404 25.87 63.99 4.29
N ASN F 405 26.19 62.93 3.58
CA ASN F 405 27.15 61.91 3.99
C ASN F 405 28.59 62.29 3.70
N ALA F 406 28.84 63.47 3.14
CA ALA F 406 30.16 64.08 2.93
C ALA F 406 31.11 63.31 2.03
N TRP F 407 30.65 62.20 1.45
CA TRP F 407 31.44 61.45 0.48
C TRP F 407 30.57 61.19 -0.72
N ALA F 408 29.25 61.08 -0.47
CA ALA F 408 28.28 60.98 -1.55
C ALA F 408 28.26 62.25 -2.40
N LEU F 409 28.49 63.40 -1.77
CA LEU F 409 28.63 64.67 -2.50
C LEU F 409 29.79 64.59 -3.48
N LEU F 410 30.93 64.08 -3.01
CA LEU F 410 32.11 63.94 -3.85
C LEU F 410 31.90 62.89 -4.94
N MET F 411 31.13 61.84 -4.64
CA MET F 411 30.85 60.82 -5.65
C MET F 411 29.99 61.38 -6.77
N THR F 412 28.94 62.12 -6.42
CA THR F 412 28.10 62.73 -7.45
C THR F 412 28.85 63.79 -8.26
N LEU F 413 29.78 64.50 -7.60
CA LEU F 413 30.59 65.51 -8.29
C LEU F 413 31.52 64.85 -9.33
N VAL F 414 32.27 63.83 -8.90
CA VAL F 414 33.19 63.12 -9.78
C VAL F 414 32.43 62.42 -10.90
N ALA F 415 31.24 61.90 -10.61
CA ALA F 415 30.50 61.22 -11.65
C ALA F 415 29.80 62.17 -12.60
N THR F 416 29.54 63.41 -12.18
CA THR F 416 29.13 64.43 -13.14
C THR F 416 30.27 64.74 -14.11
N SER F 417 31.50 64.79 -13.59
CA SER F 417 32.65 64.94 -14.50
C SER F 417 32.77 63.74 -15.44
N PHE F 418 32.48 62.54 -14.94
CA PHE F 418 32.56 61.36 -15.80
C PHE F 418 31.48 61.34 -16.88
N THR F 419 30.27 61.82 -16.56
CA THR F 419 29.26 61.83 -17.61
C THR F 419 29.54 62.92 -18.63
N ALA F 420 30.22 63.99 -18.22
CA ALA F 420 30.75 64.95 -19.19
C ALA F 420 31.74 64.27 -20.13
N ILE F 421 32.65 63.46 -19.59
CA ILE F 421 33.69 62.95 -20.49
C ILE F 421 33.19 61.80 -21.38
N TYR F 422 32.27 60.94 -20.92
CA TYR F 422 31.79 59.97 -21.91
C TYR F 422 30.78 60.57 -22.88
N SER F 423 30.09 61.65 -22.51
CA SER F 423 29.30 62.40 -23.49
C SER F 423 30.18 62.98 -24.58
N THR F 424 31.33 63.55 -24.18
CA THR F 424 32.27 64.08 -25.17
C THR F 424 32.85 62.98 -26.05
N ARG F 425 33.13 61.81 -25.47
CA ARG F 425 33.73 60.76 -26.28
C ARG F 425 32.71 60.12 -27.22
N ILE F 426 31.44 60.04 -26.81
CA ILE F 426 30.44 59.50 -27.75
C ILE F 426 30.22 60.48 -28.90
N ILE F 427 30.27 61.81 -28.64
CA ILE F 427 30.20 62.77 -29.73
C ILE F 427 31.39 62.63 -30.67
N PHE F 428 32.60 62.55 -30.09
CA PHE F 428 33.81 62.57 -30.90
C PHE F 428 33.97 61.33 -31.75
N PHE F 429 33.70 60.15 -31.19
CA PHE F 429 33.82 58.95 -31.99
C PHE F 429 32.61 58.69 -32.86
N ALA F 430 31.45 59.29 -32.58
CA ALA F 430 30.31 59.03 -33.43
C ALA F 430 30.18 60.00 -34.59
N LEU F 431 30.68 61.23 -34.47
CA LEU F 431 30.35 62.22 -35.46
C LEU F 431 31.53 62.88 -36.14
N LEU F 432 32.69 62.94 -35.48
CA LEU F 432 33.70 63.92 -35.86
C LEU F 432 34.85 63.36 -36.67
N GLY F 433 35.33 62.18 -36.34
CA GLY F 433 36.59 61.69 -36.86
C GLY F 433 36.54 61.31 -38.34
N GLN F 434 37.66 60.77 -38.80
CA GLN F 434 37.77 60.36 -40.18
C GLN F 434 36.88 59.15 -40.43
N PRO F 435 36.16 59.11 -41.56
CA PRO F 435 35.10 58.13 -41.76
C PRO F 435 35.63 56.71 -41.92
N ARG F 436 35.28 55.85 -40.97
CA ARG F 436 35.75 54.48 -40.93
C ARG F 436 34.53 53.54 -41.00
N PHE F 437 34.02 53.32 -42.21
CA PHE F 437 32.86 52.45 -42.36
C PHE F 437 32.81 52.00 -43.81
N PRO F 438 32.43 50.76 -44.10
CA PRO F 438 32.78 50.17 -45.39
C PRO F 438 31.94 50.73 -46.51
N THR F 439 32.45 50.55 -47.73
CA THR F 439 31.91 51.21 -48.91
C THR F 439 30.58 50.57 -49.33
N LEU F 440 30.07 51.01 -50.48
CA LEU F 440 28.69 50.80 -50.94
C LEU F 440 27.71 51.26 -49.86
N ILE F 441 27.72 52.56 -49.65
CA ILE F 441 26.96 53.18 -48.58
C ILE F 441 25.62 53.66 -49.11
N ASN F 442 24.59 53.47 -48.30
CA ASN F 442 23.23 53.89 -48.62
C ASN F 442 22.62 54.63 -47.44
N ILE F 443 23.37 55.59 -46.90
CA ILE F 443 22.92 56.36 -45.76
C ILE F 443 21.73 57.21 -46.17
N ASN F 444 20.61 57.03 -45.47
CA ASN F 444 19.31 57.46 -45.96
C ASN F 444 18.51 58.03 -44.80
N GLU F 445 18.03 59.26 -44.96
CA GLU F 445 17.02 59.81 -44.06
C GLU F 445 15.90 60.52 -44.82
N ASN F 446 15.82 60.36 -46.14
CA ASN F 446 14.69 60.88 -46.88
C ASN F 446 13.49 60.00 -46.56
N ASN F 447 12.81 60.33 -45.48
CA ASN F 447 12.02 59.36 -44.76
C ASN F 447 11.03 60.12 -43.87
N PRO F 448 9.73 59.90 -43.99
CA PRO F 448 8.78 60.72 -43.23
C PRO F 448 8.74 60.43 -41.74
N PHE F 449 8.66 59.15 -41.38
CA PHE F 449 8.36 58.78 -40.00
C PHE F 449 9.55 59.03 -39.08
N LEU F 450 10.75 58.82 -39.61
CA LEU F 450 11.98 59.04 -38.83
C LEU F 450 12.14 60.50 -38.48
N ILE F 451 12.03 61.39 -39.47
CA ILE F 451 12.23 62.79 -39.18
C ILE F 451 11.07 63.37 -38.40
N ASN F 452 9.86 62.80 -38.55
CA ASN F 452 8.76 63.24 -37.71
C ASN F 452 8.97 62.88 -36.25
N SER F 453 9.47 61.68 -35.98
CA SER F 453 9.67 61.26 -34.59
C SER F 453 10.80 62.02 -33.93
N ILE F 454 11.94 62.16 -34.64
CA ILE F 454 13.08 62.90 -34.10
C ILE F 454 12.72 64.38 -33.92
N LYS F 455 11.93 64.92 -34.85
CA LYS F 455 11.44 66.30 -34.76
C LYS F 455 10.57 66.50 -33.54
N ARG F 456 9.64 65.59 -33.31
CA ARG F 456 8.73 65.69 -32.18
C ARG F 456 9.47 65.60 -30.85
N LEU F 457 10.49 64.74 -30.77
CA LEU F 457 11.21 64.68 -29.50
C LEU F 457 12.28 65.73 -29.31
N LEU F 458 12.80 66.34 -30.38
CA LEU F 458 13.68 67.49 -30.13
C LEU F 458 12.87 68.71 -29.72
N ILE F 459 11.68 68.89 -30.32
CA ILE F 459 10.75 69.92 -29.83
C ILE F 459 10.35 69.65 -28.39
N GLY F 460 10.20 68.38 -28.04
CA GLY F 460 10.02 68.00 -26.65
C GLY F 460 11.18 68.37 -25.73
N SER F 461 12.38 67.92 -26.04
CA SER F 461 13.52 68.12 -25.15
C SER F 461 14.10 69.54 -25.22
N LEU F 462 13.54 70.43 -26.02
CA LEU F 462 13.92 71.85 -25.94
C LEU F 462 12.98 72.69 -25.09
N PHE F 463 11.68 72.44 -25.14
CA PHE F 463 10.70 73.30 -24.48
C PHE F 463 10.02 72.65 -23.29
N ALA F 464 9.70 71.36 -23.40
CA ALA F 464 8.81 70.73 -22.43
C ALA F 464 9.46 70.56 -21.07
N GLY F 465 10.80 70.56 -21.00
CA GLY F 465 11.45 70.59 -19.70
C GLY F 465 11.11 71.85 -18.91
N PHE F 466 11.17 73.01 -19.58
CA PHE F 466 10.80 74.26 -18.93
C PHE F 466 9.31 74.34 -18.67
N ILE F 467 8.50 73.92 -19.66
CA ILE F 467 7.04 74.00 -19.54
C ILE F 467 6.54 73.14 -18.39
N ILE F 468 7.10 71.94 -18.23
CA ILE F 468 6.76 71.11 -17.09
C ILE F 468 7.33 71.69 -15.80
N SER F 469 8.61 72.06 -15.81
CA SER F 469 9.31 72.41 -14.59
C SER F 469 8.98 73.80 -14.06
N ASN F 470 8.10 74.56 -14.70
CA ASN F 470 7.80 75.88 -14.15
C ASN F 470 6.43 75.99 -13.51
N ASN F 471 5.37 75.51 -14.16
CA ASN F 471 4.02 75.76 -13.65
C ASN F 471 3.53 74.68 -12.68
N ILE F 472 4.33 74.33 -11.70
CA ILE F 472 3.89 73.34 -10.72
C ILE F 472 3.85 74.00 -9.35
N PRO F 473 2.93 73.60 -8.47
CA PRO F 473 2.88 74.18 -7.13
C PRO F 473 4.11 73.77 -6.34
N PRO F 474 4.73 74.70 -5.63
CA PRO F 474 5.96 74.38 -4.90
C PRO F 474 5.68 73.51 -3.69
N MET F 475 6.01 72.22 -3.81
CA MET F 475 5.75 71.26 -2.75
C MET F 475 6.92 71.11 -1.80
N THR F 476 7.93 71.97 -1.92
CA THR F 476 9.08 71.96 -1.03
C THR F 476 9.58 73.39 -0.90
N ILE F 477 10.63 73.56 -0.10
CA ILE F 477 11.28 74.86 0.06
C ILE F 477 12.49 74.87 -0.86
N PRO F 478 12.52 75.72 -1.89
CA PRO F 478 13.74 75.86 -2.69
C PRO F 478 14.82 76.55 -1.88
N GLN F 479 16.06 76.13 -2.10
CA GLN F 479 17.16 76.59 -1.27
C GLN F 479 17.54 78.03 -1.60
N MET F 480 18.02 78.25 -2.83
CA MET F 480 18.15 79.56 -3.50
C MET F 480 19.19 80.49 -2.86
N THR F 481 19.78 80.11 -1.72
CA THR F 481 20.78 80.92 -1.03
C THR F 481 22.05 80.10 -0.95
N MET F 482 22.84 80.13 -2.01
CA MET F 482 24.10 79.43 -2.03
C MET F 482 25.24 80.42 -1.99
N PRO F 483 26.42 80.02 -1.53
CA PRO F 483 27.60 80.86 -1.70
C PRO F 483 28.10 80.86 -3.13
N HIS F 484 29.24 81.49 -3.37
CA HIS F 484 29.94 81.23 -4.61
C HIS F 484 30.55 79.83 -4.54
N TYR F 485 30.96 79.31 -5.71
CA TYR F 485 31.55 77.97 -5.92
C TYR F 485 30.70 76.84 -5.34
N LEU F 486 29.39 77.04 -5.22
CA LEU F 486 28.48 75.95 -4.91
C LEU F 486 27.33 75.95 -5.91
N LYS F 487 27.03 77.12 -6.47
CA LYS F 487 26.13 77.19 -7.61
C LYS F 487 26.89 77.12 -8.93
N MET F 488 28.08 77.71 -8.97
CA MET F 488 28.91 77.69 -10.16
C MET F 488 29.50 76.30 -10.41
N THR F 489 29.53 75.43 -9.38
CA THR F 489 30.32 74.21 -9.42
C THR F 489 29.83 73.19 -10.44
N ALA F 490 28.54 73.23 -10.81
CA ALA F 490 28.03 72.33 -11.85
C ALA F 490 28.66 72.64 -13.20
N LEU F 491 28.58 73.91 -13.62
CA LEU F 491 29.20 74.34 -14.86
C LEU F 491 30.71 74.22 -14.79
N THR F 492 31.30 74.46 -13.62
CA THR F 492 32.75 74.33 -13.45
C THR F 492 33.21 72.90 -13.69
N VAL F 493 32.49 71.94 -13.12
CA VAL F 493 32.87 70.53 -13.26
C VAL F 493 32.63 70.04 -14.68
N THR F 494 31.52 70.45 -15.31
CA THR F 494 31.28 70.02 -16.69
C THR F 494 32.29 70.65 -17.67
N ILE F 495 32.72 71.88 -17.42
CA ILE F 495 33.72 72.49 -18.29
C ILE F 495 35.09 71.84 -18.10
N LEU F 496 35.49 71.56 -16.86
CA LEU F 496 36.77 70.89 -16.66
C LEU F 496 36.74 69.45 -17.18
N GLY F 497 35.58 68.82 -17.14
CA GLY F 497 35.43 67.52 -17.77
C GLY F 497 35.54 67.59 -19.29
N PHE F 498 34.98 68.64 -19.90
CA PHE F 498 35.15 68.79 -21.34
C PHE F 498 36.60 69.01 -21.73
N ILE F 499 37.34 69.79 -20.94
CA ILE F 499 38.76 70.00 -21.22
C ILE F 499 39.54 68.70 -21.06
N LEU F 500 39.20 67.92 -20.04
CA LEU F 500 39.86 66.63 -19.80
C LEU F 500 39.58 65.65 -20.94
N ALA F 501 38.33 65.60 -21.41
CA ALA F 501 38.01 64.65 -22.48
C ALA F 501 38.56 65.10 -23.81
N LEU F 502 38.63 66.41 -24.06
CA LEU F 502 39.19 66.89 -25.31
C LEU F 502 40.70 66.68 -25.37
N GLU F 503 41.40 66.79 -24.23
CA GLU F 503 42.82 66.46 -24.28
C GLU F 503 43.06 64.96 -24.38
N ILE F 504 42.17 64.14 -23.82
CA ILE F 504 42.26 62.69 -24.06
C ILE F 504 42.03 62.37 -25.54
N SER F 505 41.11 63.10 -26.17
CA SER F 505 40.88 62.96 -27.62
C SER F 505 42.11 63.34 -28.43
N ASN F 506 42.77 64.45 -28.06
CA ASN F 506 43.97 64.83 -28.80
C ASN F 506 45.16 63.92 -28.50
N THR F 507 45.17 63.20 -27.37
CA THR F 507 46.15 62.14 -27.21
C THR F 507 45.77 60.91 -28.02
N THR F 508 44.47 60.71 -28.28
CA THR F 508 44.07 59.63 -29.19
C THR F 508 44.48 59.95 -30.62
N HIS F 509 44.61 61.24 -30.96
CA HIS F 509 45.17 61.64 -32.25
C HIS F 509 46.64 61.24 -32.43
N TYR F 510 47.38 61.01 -31.34
CA TYR F 510 48.80 60.68 -31.42
C TYR F 510 48.99 59.24 -31.87
N LEU F 511 50.23 58.75 -31.82
CA LEU F 511 50.53 57.35 -32.11
C LEU F 511 51.68 56.89 -31.20
N LYS F 512 51.32 56.16 -30.14
CA LYS F 512 52.35 55.68 -29.22
C LYS F 512 52.16 54.20 -28.87
N PHE F 513 50.90 53.75 -28.82
CA PHE F 513 50.50 52.38 -28.44
C PHE F 513 51.03 52.01 -27.05
N ASN F 514 50.44 52.65 -26.05
CA ASN F 514 50.75 52.32 -24.67
C ASN F 514 50.03 51.05 -24.26
N TYR F 515 50.72 50.22 -23.47
CA TYR F 515 50.12 49.02 -22.91
C TYR F 515 49.07 49.39 -21.85
N PRO F 516 48.06 48.56 -21.63
CA PRO F 516 47.11 48.82 -20.55
C PRO F 516 47.72 48.60 -19.17
N SER F 517 47.09 49.20 -18.17
CA SER F 517 47.62 49.19 -16.81
C SER F 517 46.57 48.71 -15.81
N ASN F 518 45.60 47.92 -16.30
CA ASN F 518 44.60 47.16 -15.55
C ASN F 518 43.52 48.00 -14.89
N THR F 519 43.68 49.33 -14.83
CA THR F 519 42.52 50.17 -14.57
C THR F 519 41.71 50.34 -15.84
N PHE F 520 42.41 50.32 -16.97
CA PHE F 520 41.78 50.17 -18.27
C PHE F 520 40.94 48.90 -18.33
N LYS F 521 41.50 47.80 -17.81
CA LYS F 521 40.74 46.55 -17.74
C LYS F 521 39.56 46.66 -16.78
N PHE F 522 39.79 47.25 -15.60
CA PHE F 522 38.74 47.39 -14.59
C PHE F 522 37.58 48.24 -15.08
N SER F 523 37.86 49.22 -15.94
CA SER F 523 36.79 50.01 -16.52
C SER F 523 36.28 49.45 -17.84
N ASN F 524 36.99 48.50 -18.43
CA ASN F 524 36.65 48.03 -19.77
C ASN F 524 35.86 46.73 -19.77
N LEU F 525 36.08 45.86 -18.79
CA LEU F 525 35.44 44.55 -18.78
C LEU F 525 34.08 44.54 -18.11
N LEU F 526 33.35 45.67 -18.17
CA LEU F 526 32.08 45.95 -17.49
C LEU F 526 32.23 45.99 -15.98
N GLY F 527 33.45 46.19 -15.49
CA GLY F 527 33.77 45.91 -14.10
C GLY F 527 33.94 44.42 -13.91
N TYR F 528 34.59 43.98 -12.84
CA TYR F 528 34.73 42.52 -12.76
C TYR F 528 33.50 41.86 -12.16
N TYR F 529 32.50 42.65 -11.75
CA TYR F 529 31.28 42.12 -11.15
C TYR F 529 30.47 41.19 -12.05
N PRO F 530 30.17 41.51 -13.33
CA PRO F 530 29.40 40.54 -14.13
C PRO F 530 30.11 39.22 -14.37
N THR F 531 31.40 39.27 -14.72
CA THR F 531 32.15 38.05 -14.98
C THR F 531 32.30 37.21 -13.72
N ILE F 532 32.68 37.84 -12.60
CA ILE F 532 32.90 37.11 -11.35
C ILE F 532 31.60 36.50 -10.83
N MET F 533 30.52 37.29 -10.76
CA MET F 533 29.31 36.76 -10.16
C MET F 533 28.60 35.79 -11.10
N HIS F 534 28.62 36.04 -12.40
CA HIS F 534 27.93 35.17 -13.33
C HIS F 534 28.75 33.93 -13.66
N ARG F 535 30.00 33.85 -13.24
CA ARG F 535 30.68 32.56 -13.28
C ARG F 535 30.72 31.87 -11.92
N LEU F 536 30.54 32.59 -10.81
CA LEU F 536 30.48 31.91 -9.52
C LEU F 536 29.10 31.35 -9.23
N THR F 537 28.11 32.24 -9.09
CA THR F 537 26.81 31.81 -8.59
C THR F 537 25.97 30.91 -9.49
N PRO F 538 26.10 30.91 -10.83
CA PRO F 538 25.59 29.76 -11.58
C PRO F 538 26.39 28.50 -11.40
N TYR F 539 27.67 28.58 -11.02
CA TYR F 539 28.44 27.36 -10.83
C TYR F 539 28.25 26.78 -9.45
N MET F 540 28.14 27.65 -8.44
CA MET F 540 28.03 27.17 -7.06
C MET F 540 26.68 26.53 -6.79
N ASN F 541 25.59 27.18 -7.22
CA ASN F 541 24.25 26.67 -6.97
C ASN F 541 24.00 25.38 -7.73
N LEU F 542 24.51 25.27 -8.94
CA LEU F 542 24.27 24.05 -9.70
C LEU F 542 25.27 22.95 -9.39
N THR F 543 26.45 23.30 -8.87
CA THR F 543 27.32 22.26 -8.34
C THR F 543 26.73 21.66 -7.08
N MET F 544 26.12 22.50 -6.24
CA MET F 544 25.38 21.98 -5.09
C MET F 544 24.01 21.45 -5.47
N SER F 545 23.57 21.62 -6.71
CA SER F 545 22.32 20.99 -7.14
C SER F 545 22.54 19.59 -7.67
N GLN F 546 23.68 19.34 -8.32
CA GLN F 546 23.96 18.00 -8.83
C GLN F 546 24.39 17.07 -7.71
N LYS F 547 25.33 17.51 -6.88
CA LYS F 547 25.87 16.64 -5.85
C LYS F 547 24.85 16.42 -4.73
N SER F 548 24.43 17.49 -4.06
CA SER F 548 23.53 17.37 -2.92
C SER F 548 22.12 16.96 -3.36
N ALA F 549 21.48 17.79 -4.18
CA ALA F 549 20.06 17.58 -4.48
C ALA F 549 19.84 16.41 -5.43
N SER F 550 20.52 16.43 -6.59
CA SER F 550 20.19 15.51 -7.67
C SER F 550 20.59 14.08 -7.32
N SER F 551 21.88 13.84 -7.15
CA SER F 551 22.33 12.47 -6.97
C SER F 551 22.38 12.05 -5.52
N LEU F 552 22.61 12.97 -4.59
CA LEU F 552 22.99 12.55 -3.25
C LEU F 552 21.80 12.40 -2.30
N LEU F 553 21.01 13.45 -2.10
CA LEU F 553 20.04 13.40 -1.02
C LEU F 553 18.78 12.66 -1.38
N ASP F 554 18.17 12.96 -2.52
CA ASP F 554 16.87 12.36 -2.81
C ASP F 554 17.04 10.91 -3.25
N LEU F 555 17.66 10.71 -4.42
CA LEU F 555 17.79 9.41 -5.05
C LEU F 555 18.56 8.43 -4.19
N ILE F 556 19.85 8.69 -3.97
CA ILE F 556 20.70 7.62 -3.48
C ILE F 556 20.48 7.41 -1.98
N TRP F 557 20.38 8.47 -1.19
CA TRP F 557 20.20 8.24 0.24
C TRP F 557 18.76 7.95 0.59
N LEU F 558 17.81 8.63 -0.05
CA LEU F 558 16.45 8.40 0.39
C LEU F 558 15.94 7.05 -0.12
N GLU F 559 16.38 6.63 -1.32
CA GLU F 559 16.11 5.30 -1.80
C GLU F 559 16.92 4.21 -1.11
N THR F 560 18.00 4.56 -0.41
CA THR F 560 18.55 3.53 0.47
C THR F 560 17.85 3.47 1.82
N ILE F 561 17.42 4.61 2.38
CA ILE F 561 16.92 4.54 3.74
C ILE F 561 15.48 4.03 3.80
N LEU F 562 14.58 4.49 2.91
CA LEU F 562 13.22 3.96 3.07
C LEU F 562 12.93 2.66 2.32
N PRO F 563 13.18 2.52 0.97
CA PRO F 563 12.87 1.25 0.33
C PRO F 563 13.87 0.15 0.62
N LYS F 564 15.18 0.47 0.54
CA LYS F 564 16.18 -0.57 0.43
C LYS F 564 16.36 -1.32 1.74
N THR F 565 16.42 -0.60 2.86
CA THR F 565 16.64 -1.27 4.13
C THR F 565 15.46 -2.15 4.52
N ILE F 566 14.24 -1.67 4.27
CA ILE F 566 13.04 -2.47 4.53
C ILE F 566 13.00 -3.68 3.60
N SER F 567 13.25 -3.47 2.31
CA SER F 567 13.19 -4.55 1.33
C SER F 567 14.29 -5.58 1.55
N LEU F 568 15.47 -5.15 1.97
CA LEU F 568 16.54 -6.09 2.26
C LEU F 568 16.30 -6.82 3.56
N ALA F 569 15.65 -6.18 4.54
CA ALA F 569 15.25 -6.90 5.74
C ALA F 569 14.24 -7.98 5.43
N GLN F 570 13.25 -7.67 4.58
CA GLN F 570 12.26 -8.68 4.20
C GLN F 570 12.89 -9.79 3.36
N MET F 571 13.84 -9.44 2.49
CA MET F 571 14.52 -10.45 1.67
C MET F 571 15.35 -11.39 2.53
N LYS F 572 16.12 -10.85 3.49
CA LYS F 572 16.97 -11.70 4.30
C LYS F 572 16.16 -12.55 5.27
N MET F 573 15.07 -12.00 5.83
CA MET F 573 14.23 -12.82 6.69
C MET F 573 13.51 -13.91 5.91
N SER F 574 13.11 -13.63 4.67
CA SER F 574 12.49 -14.67 3.86
C SER F 574 13.48 -15.75 3.48
N THR F 575 14.71 -15.37 3.12
CA THR F 575 15.72 -16.38 2.79
C THR F 575 16.26 -17.11 4.01
N THR F 576 16.00 -16.62 5.22
CA THR F 576 16.28 -17.47 6.38
C THR F 576 15.11 -18.37 6.76
N ILE F 577 13.88 -17.92 6.54
CA ILE F 577 12.73 -18.74 6.95
C ILE F 577 12.46 -19.85 5.94
N THR F 578 12.23 -19.49 4.67
CA THR F 578 11.75 -20.50 3.73
C THR F 578 12.83 -21.43 3.22
N SER F 579 14.11 -21.16 3.54
CA SER F 579 15.19 -22.03 3.08
C SER F 579 15.31 -23.21 4.04
N GLN F 580 14.36 -24.14 3.90
CA GLN F 580 14.33 -25.34 4.71
C GLN F 580 14.29 -26.56 3.80
N LYS F 581 15.27 -27.44 3.95
CA LYS F 581 15.19 -28.73 3.29
C LYS F 581 14.22 -29.63 4.04
N GLY F 582 13.57 -30.52 3.30
CA GLY F 582 12.46 -31.26 3.86
C GLY F 582 12.80 -32.52 4.63
N LEU F 583 13.40 -32.37 5.80
CA LEU F 583 13.60 -33.49 6.72
C LEU F 583 12.67 -33.33 7.90
N ILE F 584 12.03 -34.43 8.29
CA ILE F 584 10.94 -34.37 9.25
C ILE F 584 11.47 -34.30 10.67
N LYS F 585 12.68 -34.85 10.88
CA LYS F 585 13.30 -34.85 12.20
C LYS F 585 13.55 -33.44 12.70
N LEU F 586 13.90 -32.53 11.79
CA LEU F 586 14.10 -31.15 12.15
C LEU F 586 12.81 -30.48 12.58
N TYR F 587 11.71 -30.81 11.91
CA TYR F 587 10.41 -30.20 12.23
C TYR F 587 9.90 -30.69 13.57
N PHE F 588 10.08 -31.98 13.86
CA PHE F 588 9.62 -32.45 15.16
C PHE F 588 10.55 -32.06 16.30
N LEU F 589 11.85 -31.89 16.04
CA LEU F 589 12.71 -31.30 17.07
C LEU F 589 12.33 -29.85 17.34
N SER F 590 11.90 -29.11 16.31
CA SER F 590 11.37 -27.77 16.53
C SER F 590 10.11 -27.80 17.36
N PHE F 591 9.23 -28.79 17.12
CA PHE F 591 8.02 -28.95 17.93
C PHE F 591 8.37 -29.22 19.39
N LEU F 592 9.35 -30.10 19.62
CA LEU F 592 9.73 -30.47 20.97
C LEU F 592 10.34 -29.29 21.72
N ILE F 593 11.23 -28.55 21.08
CA ILE F 593 11.84 -27.44 21.79
C ILE F 593 10.86 -26.28 21.94
N THR F 594 9.84 -26.21 21.07
CA THR F 594 8.75 -25.25 21.29
C THR F 594 7.93 -25.63 22.52
N ILE F 595 7.64 -26.92 22.70
CA ILE F 595 6.90 -27.38 23.89
C ILE F 595 7.69 -27.11 25.16
N LEU F 596 9.01 -27.41 25.14
CA LEU F 596 9.83 -27.16 26.32
C LEU F 596 9.99 -25.67 26.61
N ILE F 597 10.14 -24.85 25.57
CA ILE F 597 10.33 -23.42 25.77
C ILE F 597 9.02 -22.75 26.16
N SER F 598 7.88 -23.39 25.93
CA SER F 598 6.63 -22.87 26.43
C SER F 598 6.31 -23.37 27.84
N THR F 599 6.79 -24.55 28.22
CA THR F 599 6.55 -25.02 29.58
C THR F 599 7.50 -24.36 30.57
N THR F 600 8.80 -24.60 30.44
CA THR F 600 9.69 -24.30 31.55
C THR F 600 10.37 -22.94 31.46
N LEU F 601 10.64 -22.40 30.27
CA LEU F 601 11.32 -21.11 30.21
C LEU F 601 10.34 -19.95 30.34
N LEU F 602 9.45 -19.81 29.36
CA LEU F 602 8.47 -18.73 29.33
C LEU F 602 7.13 -19.39 29.57
N ASN F 603 6.62 -19.27 30.80
CA ASN F 603 5.50 -20.08 31.24
C ASN F 603 4.18 -19.65 30.57
N PHE F 604 3.38 -20.65 30.25
CA PHE F 604 2.05 -20.46 29.67
C PHE F 604 0.95 -21.13 30.48
N HIS F 605 1.28 -22.05 31.36
CA HIS F 605 0.34 -22.58 32.33
C HIS F 605 0.34 -21.80 33.63
N GLU F 606 1.05 -20.67 33.67
CA GLU F 606 1.01 -19.76 34.81
C GLU F 606 0.90 -18.31 34.34
N MET G 1 -26.84 15.35 -3.28
CA MET G 1 -25.57 14.91 -3.85
C MET G 1 -25.76 13.59 -4.56
N LEU G 2 -26.85 12.90 -4.20
CA LEU G 2 -27.25 11.68 -4.91
C LEU G 2 -27.56 11.97 -6.37
N LYS G 3 -28.06 13.17 -6.67
CA LYS G 3 -28.23 13.63 -8.04
C LYS G 3 -26.91 13.82 -8.78
N TYR G 4 -25.77 13.76 -8.10
CA TYR G 4 -24.47 13.69 -8.73
C TYR G 4 -23.84 12.32 -8.65
N ILE G 5 -24.24 11.51 -7.67
CA ILE G 5 -23.70 10.16 -7.58
C ILE G 5 -24.29 9.29 -8.67
N ILE G 6 -25.62 9.22 -8.74
CA ILE G 6 -26.28 8.27 -9.64
C ILE G 6 -26.07 8.52 -11.15
N PRO G 7 -25.94 9.75 -11.71
CA PRO G 7 -25.62 9.79 -13.15
C PRO G 7 -24.17 9.44 -13.45
N THR G 8 -23.28 9.48 -12.45
CA THR G 8 -21.94 8.95 -12.65
C THR G 8 -21.97 7.44 -12.78
N MET G 9 -22.84 6.76 -12.01
CA MET G 9 -23.09 5.34 -12.26
C MET G 9 -23.69 5.13 -13.63
N MET G 10 -24.71 5.92 -13.99
CA MET G 10 -25.43 5.70 -15.23
C MET G 10 -24.60 6.02 -16.46
N LEU G 11 -23.52 6.78 -16.30
CA LEU G 11 -22.63 7.06 -17.41
C LEU G 11 -21.69 5.90 -17.70
N MET G 12 -21.65 4.90 -16.84
CA MET G 12 -20.80 3.73 -17.07
C MET G 12 -21.38 2.71 -18.07
N PRO G 13 -22.65 2.25 -18.01
CA PRO G 13 -23.11 1.33 -19.05
C PRO G 13 -23.36 1.99 -20.38
N LEU G 14 -23.48 3.32 -20.39
CA LEU G 14 -23.37 4.14 -21.60
C LEU G 14 -22.18 3.72 -22.46
N THR G 15 -21.02 3.62 -21.83
CA THR G 15 -19.79 3.30 -22.54
C THR G 15 -19.81 1.87 -23.06
N TRP G 16 -20.47 0.96 -22.35
CA TRP G 16 -20.53 -0.41 -22.84
C TRP G 16 -21.50 -0.54 -24.01
N LEU G 17 -22.77 -0.25 -23.79
CA LEU G 17 -23.71 -0.36 -24.90
C LEU G 17 -23.91 0.96 -25.64
N SER G 18 -22.81 1.61 -25.95
CA SER G 18 -22.70 2.45 -27.13
C SER G 18 -21.84 1.72 -28.16
N LYS G 19 -22.14 1.92 -29.43
CA LYS G 19 -21.54 1.11 -30.49
C LYS G 19 -20.12 1.58 -30.77
N ASN G 20 -19.50 0.97 -31.78
CA ASN G 20 -18.13 1.30 -32.16
C ASN G 20 -18.07 2.69 -32.77
N SER G 21 -17.03 3.44 -32.40
CA SER G 21 -16.80 4.84 -32.81
C SER G 21 -17.97 5.75 -32.43
N MET G 22 -18.67 5.42 -31.35
CA MET G 22 -19.72 6.27 -30.83
C MET G 22 -19.68 6.33 -29.30
N ILE G 23 -18.84 5.52 -28.66
CA ILE G 23 -18.61 5.61 -27.22
C ILE G 23 -18.00 6.95 -26.86
N TRP G 24 -17.17 7.48 -27.76
CA TRP G 24 -16.40 8.67 -27.50
C TRP G 24 -17.29 9.90 -27.37
N ILE G 25 -18.17 10.08 -28.36
CA ILE G 25 -19.02 11.26 -28.44
C ILE G 25 -20.01 11.27 -27.29
N ASN G 26 -20.57 10.10 -26.99
CA ASN G 26 -21.58 10.00 -25.94
C ASN G 26 -20.97 10.25 -24.57
N THR G 27 -19.78 9.68 -24.31
CA THR G 27 -19.14 9.90 -23.01
C THR G 27 -18.68 11.34 -22.83
N THR G 28 -18.12 11.96 -23.88
CA THR G 28 -17.68 13.34 -23.77
C THR G 28 -18.86 14.30 -23.57
N LEU G 29 -19.91 14.14 -24.38
CA LEU G 29 -21.11 14.96 -24.27
C LEU G 29 -21.76 14.83 -22.91
N HIS G 30 -21.90 13.60 -22.42
CA HIS G 30 -22.64 13.41 -21.18
C HIS G 30 -21.81 13.82 -19.97
N SER G 31 -20.49 13.68 -20.03
CA SER G 31 -19.70 14.15 -18.90
C SER G 31 -19.62 15.68 -18.87
N LEU G 32 -19.71 16.34 -20.03
CA LEU G 32 -19.80 17.79 -20.02
C LEU G 32 -21.15 18.28 -19.47
N LEU G 33 -22.23 17.55 -19.79
CA LEU G 33 -23.53 17.87 -19.17
C LEU G 33 -23.48 17.68 -17.66
N ILE G 34 -22.78 16.65 -17.19
CA ILE G 34 -22.54 16.46 -15.76
C ILE G 34 -21.74 17.62 -15.19
N SER G 35 -20.82 18.21 -15.98
CA SER G 35 -20.07 19.37 -15.49
C SER G 35 -20.96 20.59 -15.29
N LEU G 36 -21.90 20.84 -16.22
CA LEU G 36 -22.85 21.95 -16.01
C LEU G 36 -23.69 21.72 -14.76
N THR G 37 -24.22 20.50 -14.63
CA THR G 37 -25.07 20.16 -13.49
C THR G 37 -24.28 20.25 -12.19
N SER G 38 -23.00 19.94 -12.24
CA SER G 38 -22.10 20.12 -11.09
C SER G 38 -21.94 21.57 -10.73
N LEU G 39 -21.84 22.44 -11.75
CA LEU G 39 -21.70 23.87 -11.49
C LEU G 39 -22.97 24.46 -10.90
N LEU G 40 -24.12 23.79 -11.07
CA LEU G 40 -25.35 24.22 -10.41
C LEU G 40 -25.34 24.01 -8.89
N LEU G 41 -24.34 23.33 -8.33
CA LEU G 41 -24.29 23.07 -6.89
C LEU G 41 -24.13 24.33 -6.06
N LEU G 42 -23.46 25.35 -6.61
CA LEU G 42 -22.77 26.36 -5.81
C LEU G 42 -23.80 27.27 -5.14
N ASN G 43 -24.30 26.78 -4.01
CA ASN G 43 -25.40 27.39 -3.28
C ASN G 43 -24.98 27.84 -1.90
N GLN G 44 -23.75 27.54 -1.49
CA GLN G 44 -23.41 27.49 -0.08
C GLN G 44 -23.30 28.88 0.52
N PHE G 45 -23.92 29.06 1.69
CA PHE G 45 -24.22 30.37 2.22
C PHE G 45 -23.85 30.45 3.69
N GLY G 46 -23.03 31.44 4.02
CA GLY G 46 -22.96 32.05 5.33
C GLY G 46 -22.70 31.21 6.55
N ASP G 47 -23.78 30.95 7.29
CA ASP G 47 -23.68 30.38 8.62
C ASP G 47 -23.22 28.91 8.60
N ASN G 48 -24.01 28.05 7.98
CA ASN G 48 -23.72 26.62 8.03
C ASN G 48 -23.08 26.15 6.73
N SER G 49 -22.87 24.85 6.64
CA SER G 49 -22.56 24.19 5.39
C SER G 49 -23.88 23.80 4.74
N LEU G 50 -23.86 22.96 3.71
CA LEU G 50 -25.12 22.45 3.21
C LEU G 50 -25.13 20.93 3.31
N ASN G 51 -26.26 20.37 3.74
CA ASN G 51 -26.32 18.94 4.03
C ASN G 51 -27.13 18.21 2.96
N PHE G 52 -26.44 17.43 2.14
CA PHE G 52 -27.05 16.48 1.22
C PHE G 52 -26.92 15.05 1.76
N SER G 53 -27.05 14.89 3.07
CA SER G 53 -27.83 13.86 3.77
C SER G 53 -27.25 13.88 5.17
N LEU G 54 -27.59 12.89 5.98
CA LEU G 54 -26.66 12.51 7.03
C LEU G 54 -25.47 11.74 6.47
N THR G 55 -25.55 11.34 5.20
CA THR G 55 -24.48 10.71 4.43
C THR G 55 -23.65 11.73 3.63
N PHE G 56 -24.26 12.70 2.95
CA PHE G 56 -23.46 13.62 2.16
C PHE G 56 -23.62 15.03 2.71
N PHE G 57 -22.53 15.80 2.73
CA PHE G 57 -22.65 17.22 3.02
C PHE G 57 -21.45 17.94 2.42
N SER G 58 -21.64 19.21 2.11
CA SER G 58 -20.63 20.01 1.42
C SER G 58 -20.28 21.23 2.27
N ASP G 59 -19.02 21.30 2.69
CA ASP G 59 -18.37 22.55 3.07
C ASP G 59 -18.00 23.33 1.83
N SER G 60 -17.67 24.61 2.03
CA SER G 60 -17.25 25.43 0.90
C SER G 60 -15.81 25.17 0.51
N LEU G 61 -15.11 24.34 1.28
CA LEU G 61 -13.84 23.79 0.84
C LEU G 61 -14.06 22.72 -0.22
N SER G 62 -15.12 21.93 -0.08
CA SER G 62 -15.36 20.80 -0.96
C SER G 62 -16.02 21.17 -2.28
N THR G 63 -16.70 22.31 -2.34
CA THR G 63 -17.38 22.73 -3.55
C THR G 63 -16.46 22.99 -4.74
N PRO G 64 -15.39 23.80 -4.66
CA PRO G 64 -14.59 24.01 -5.88
C PRO G 64 -13.77 22.80 -6.24
N LEU G 65 -13.38 21.98 -5.27
CA LEU G 65 -12.68 20.74 -5.59
C LEU G 65 -13.60 19.74 -6.27
N LEU G 66 -14.87 19.71 -5.87
CA LEU G 66 -15.82 18.83 -6.52
C LEU G 66 -16.10 19.27 -7.95
N ILE G 67 -16.26 20.59 -8.16
CA ILE G 67 -16.44 21.08 -9.52
C ILE G 67 -15.17 20.87 -10.34
N LEU G 68 -14.01 20.92 -9.69
CA LEU G 68 -12.73 20.63 -10.35
C LEU G 68 -12.67 19.18 -10.81
N THR G 69 -13.16 18.25 -10.00
CA THR G 69 -13.17 16.84 -10.38
C THR G 69 -14.13 16.59 -11.55
N MET G 70 -15.35 17.10 -11.45
CA MET G 70 -16.31 16.85 -12.52
C MET G 70 -16.05 17.71 -13.75
N TRP G 71 -15.13 18.67 -13.67
CA TRP G 71 -14.63 19.39 -14.84
C TRP G 71 -13.40 18.76 -15.43
N LEU G 72 -12.59 18.09 -14.62
CA LEU G 72 -11.37 17.47 -15.12
C LEU G 72 -11.64 16.09 -15.70
N LEU G 73 -12.82 15.53 -15.44
CA LEU G 73 -13.16 14.26 -16.11
C LEU G 73 -13.29 14.37 -17.64
N PRO G 74 -14.13 15.26 -18.22
CA PRO G 74 -14.27 15.21 -19.69
C PRO G 74 -13.02 15.66 -20.42
N LEU G 75 -12.30 16.61 -19.82
CA LEU G 75 -11.00 17.05 -20.32
C LEU G 75 -10.03 15.89 -20.43
N MET G 76 -10.02 15.01 -19.43
CA MET G 76 -9.17 13.83 -19.49
C MET G 76 -9.68 12.80 -20.46
N LEU G 77 -11.00 12.59 -20.49
CA LEU G 77 -11.58 11.57 -21.35
C LEU G 77 -11.44 11.93 -22.81
N MET G 78 -11.25 13.20 -23.13
CA MET G 78 -10.78 13.59 -24.45
C MET G 78 -9.26 13.54 -24.57
N ALA G 79 -8.55 13.79 -23.47
CA ALA G 79 -7.10 13.86 -23.49
C ALA G 79 -6.41 12.52 -23.76
N SER G 80 -7.12 11.41 -23.57
CA SER G 80 -6.49 10.10 -23.55
C SER G 80 -6.80 9.26 -24.77
N GLN G 81 -6.77 9.86 -25.95
CA GLN G 81 -6.62 9.08 -27.17
C GLN G 81 -5.28 9.40 -27.82
N HIS G 82 -5.09 8.81 -29.00
CA HIS G 82 -3.92 8.88 -29.89
C HIS G 82 -2.74 8.10 -29.32
N HIS G 83 -2.83 7.63 -28.08
CA HIS G 83 -1.91 6.63 -27.56
C HIS G 83 -2.65 5.37 -27.14
N LEU G 84 -3.97 5.33 -27.30
CA LEU G 84 -4.71 4.09 -27.21
C LEU G 84 -5.81 4.02 -28.26
N SER G 85 -5.76 4.88 -29.29
CA SER G 85 -6.75 4.83 -30.35
C SER G 85 -6.55 3.63 -31.27
N LYS G 86 -5.35 3.04 -31.27
CA LYS G 86 -5.09 1.85 -32.07
C LYS G 86 -5.35 0.56 -31.29
N GLU G 87 -5.64 0.65 -30.00
CA GLU G 87 -5.83 -0.53 -29.18
C GLU G 87 -7.25 -1.08 -29.35
N ASN G 88 -7.57 -2.11 -28.58
CA ASN G 88 -8.79 -2.86 -28.80
C ASN G 88 -10.01 -2.12 -28.25
N LEU G 89 -11.18 -2.54 -28.74
CA LEU G 89 -12.44 -1.95 -28.31
C LEU G 89 -12.73 -2.29 -26.85
N ALA G 90 -12.44 -3.53 -26.45
CA ALA G 90 -12.73 -3.95 -25.08
C ALA G 90 -11.78 -3.28 -24.09
N ARG G 91 -10.49 -3.20 -24.42
CA ARG G 91 -9.54 -2.53 -23.55
C ARG G 91 -9.80 -1.03 -23.50
N LYS G 92 -10.27 -0.45 -24.59
CA LYS G 92 -10.63 0.96 -24.62
C LYS G 92 -11.81 1.25 -23.71
N LYS G 93 -12.85 0.42 -23.80
CA LYS G 93 -14.01 0.57 -22.92
C LYS G 93 -13.65 0.34 -21.47
N LEU G 94 -12.73 -0.59 -21.20
CA LEU G 94 -12.28 -0.84 -19.84
C LEU G 94 -11.56 0.36 -19.26
N PHE G 95 -10.72 1.01 -20.08
CA PHE G 95 -10.01 2.21 -19.63
C PHE G 95 -10.97 3.35 -19.32
N ILE G 96 -11.94 3.58 -20.22
CA ILE G 96 -12.88 4.68 -20.01
C ILE G 96 -13.77 4.43 -18.80
N SER G 97 -14.24 3.20 -18.63
CA SER G 97 -15.02 2.85 -17.45
C SER G 97 -14.19 2.92 -16.17
N MET G 98 -12.88 2.67 -16.26
CA MET G 98 -12.02 2.81 -15.09
C MET G 98 -11.90 4.27 -14.67
N LEU G 99 -11.81 5.19 -15.64
CA LEU G 99 -11.82 6.60 -15.31
C LEU G 99 -13.15 7.05 -14.71
N ILE G 100 -14.27 6.50 -15.21
CA ILE G 100 -15.58 6.87 -14.65
C ILE G 100 -15.71 6.39 -13.22
N LEU G 101 -15.27 5.16 -12.95
CA LEU G 101 -15.28 4.63 -11.59
C LEU G 101 -14.36 5.41 -10.65
N LEU G 102 -13.24 5.90 -11.17
CA LEU G 102 -12.36 6.73 -10.37
C LEU G 102 -13.00 8.08 -10.05
N GLN G 103 -13.74 8.65 -11.01
CA GLN G 103 -14.53 9.85 -10.72
C GLN G 103 -15.55 9.59 -9.62
N LEU G 104 -16.21 8.42 -9.68
CA LEU G 104 -17.24 8.07 -8.71
C LEU G 104 -16.67 8.01 -7.30
N PHE G 105 -15.52 7.37 -7.14
CA PHE G 105 -14.93 7.33 -5.80
C PHE G 105 -14.36 8.67 -5.38
N LEU G 106 -13.98 9.53 -6.33
CA LEU G 106 -13.56 10.87 -5.94
C LEU G 106 -14.72 11.72 -5.45
N ILE G 107 -15.91 11.54 -6.03
CA ILE G 107 -17.07 12.29 -5.54
C ILE G 107 -17.51 11.77 -4.18
N MET G 108 -17.53 10.43 -4.03
CA MET G 108 -17.63 9.75 -2.74
C MET G 108 -16.69 10.34 -1.69
N THR G 109 -15.45 10.63 -2.10
CA THR G 109 -14.44 11.06 -1.15
C THR G 109 -14.59 12.53 -0.80
N PHE G 110 -14.92 13.38 -1.78
CA PHE G 110 -15.08 14.80 -1.48
C PHE G 110 -16.37 15.15 -0.77
N THR G 111 -17.40 14.30 -0.86
CA THR G 111 -18.60 14.63 -0.10
C THR G 111 -18.74 13.59 0.99
N ALA G 112 -17.63 13.29 1.67
CA ALA G 112 -17.62 12.32 2.75
C ALA G 112 -17.96 13.03 4.04
N THR G 113 -19.13 12.71 4.60
CA THR G 113 -19.48 13.21 5.92
C THR G 113 -18.57 12.64 7.00
N GLU G 114 -18.48 11.31 7.05
CA GLU G 114 -17.79 10.63 8.11
C GLU G 114 -16.34 10.38 7.72
N LEU G 115 -15.45 10.41 8.71
CA LEU G 115 -14.04 10.23 8.43
C LEU G 115 -13.71 8.78 8.14
N ILE G 116 -14.50 7.84 8.66
CA ILE G 116 -14.35 6.43 8.31
C ILE G 116 -14.69 6.22 6.83
N PHE G 117 -15.82 6.79 6.42
CA PHE G 117 -16.22 6.79 5.01
C PHE G 117 -15.19 7.51 4.16
N PHE G 118 -14.60 8.58 4.71
CA PHE G 118 -13.55 9.29 4.00
C PHE G 118 -12.32 8.42 3.79
N TYR G 119 -11.95 7.62 4.78
CA TYR G 119 -10.80 6.74 4.64
C TYR G 119 -11.05 5.62 3.63
N ILE G 120 -12.25 5.05 3.67
CA ILE G 120 -12.59 3.97 2.75
C ILE G 120 -12.60 4.48 1.31
N MET G 121 -13.18 5.65 1.08
CA MET G 121 -13.20 6.17 -0.28
C MET G 121 -11.87 6.81 -0.68
N PHE G 122 -11.03 7.17 0.29
CA PHE G 122 -9.65 7.57 0.05
C PHE G 122 -8.85 6.44 -0.59
N GLU G 123 -8.83 5.28 0.05
CA GLU G 123 -8.09 4.20 -0.59
C GLU G 123 -8.87 3.56 -1.73
N ALA G 124 -10.18 3.81 -1.84
CA ALA G 124 -10.90 3.43 -3.04
C ALA G 124 -10.50 4.28 -4.24
N THR G 125 -10.17 5.55 -4.00
CA THR G 125 -9.49 6.35 -5.01
C THR G 125 -8.13 5.76 -5.33
N LEU G 126 -7.44 5.25 -4.32
CA LEU G 126 -6.11 4.67 -4.53
C LEU G 126 -6.13 3.45 -5.44
N VAL G 127 -7.20 2.66 -5.43
CA VAL G 127 -7.23 1.37 -6.17
C VAL G 127 -7.07 1.47 -7.70
N PRO G 128 -7.89 2.21 -8.47
CA PRO G 128 -7.83 2.05 -9.94
C PRO G 128 -6.61 2.68 -10.57
N THR G 129 -5.95 3.60 -9.86
CA THR G 129 -4.85 4.35 -10.43
C THR G 129 -3.65 3.44 -10.70
N LEU G 130 -3.44 2.45 -9.82
CA LEU G 130 -2.39 1.46 -10.05
C LEU G 130 -2.65 0.66 -11.31
N ILE G 131 -3.91 0.26 -11.52
CA ILE G 131 -4.28 -0.51 -12.70
C ILE G 131 -4.07 0.31 -13.97
N ILE G 132 -4.45 1.59 -13.92
CA ILE G 132 -4.29 2.48 -15.07
C ILE G 132 -2.82 2.68 -15.41
N ILE G 133 -2.00 3.06 -14.42
CA ILE G 133 -0.61 3.39 -14.74
C ILE G 133 0.19 2.14 -15.07
N THR G 134 -0.20 0.98 -14.53
CA THR G 134 0.56 -0.22 -14.83
C THR G 134 0.17 -0.77 -16.20
N ARG G 135 -1.11 -0.73 -16.56
CA ARG G 135 -1.50 -1.29 -17.84
C ARG G 135 -1.17 -0.35 -19.00
N TRP G 136 -1.07 0.95 -18.78
CA TRP G 136 -0.76 1.83 -19.89
C TRP G 136 0.40 2.77 -19.58
N GLY G 137 1.39 2.30 -18.82
CA GLY G 137 2.49 3.16 -18.43
C GLY G 137 3.46 3.51 -19.53
N ASN G 138 3.57 2.68 -20.58
CA ASN G 138 4.35 2.94 -21.80
C ASN G 138 5.84 3.14 -21.51
N GLN G 139 6.36 2.49 -20.46
CA GLN G 139 7.79 2.51 -20.16
C GLN G 139 8.08 1.23 -19.37
N THR G 140 9.35 1.02 -19.01
CA THR G 140 9.78 -0.25 -18.46
C THR G 140 9.86 -0.29 -16.94
N GLU G 141 9.72 0.84 -16.25
CA GLU G 141 9.70 0.85 -14.80
C GLU G 141 8.34 1.23 -14.24
N ARG G 142 7.29 1.07 -15.04
CA ARG G 142 5.92 1.32 -14.57
C ARG G 142 5.53 0.36 -13.45
N LEU G 143 6.10 -0.85 -13.44
CA LEU G 143 5.90 -1.76 -12.32
C LEU G 143 6.46 -1.19 -11.04
N ASN G 144 7.70 -0.69 -11.10
CA ASN G 144 8.36 -0.08 -9.95
C ASN G 144 7.59 1.14 -9.47
N ALA G 145 7.08 1.94 -10.40
CA ALA G 145 6.37 3.16 -10.03
C ALA G 145 5.04 2.85 -9.34
N GLY G 146 4.25 1.94 -9.93
CA GLY G 146 2.99 1.56 -9.33
C GLY G 146 3.14 0.88 -7.99
N LEU G 147 4.22 0.10 -7.84
CA LEU G 147 4.43 -0.62 -6.59
C LEU G 147 4.88 0.31 -5.47
N TYR G 148 5.78 1.26 -5.77
CA TYR G 148 6.14 2.26 -4.77
C TYR G 148 4.95 3.12 -4.38
N PHE G 149 4.14 3.52 -5.37
CA PHE G 149 2.88 4.23 -5.13
C PHE G 149 1.99 3.49 -4.14
N LEU G 150 1.77 2.20 -4.41
CA LEU G 150 0.91 1.37 -3.56
C LEU G 150 1.44 1.27 -2.13
N PHE G 151 2.68 0.83 -1.97
CA PHE G 151 3.12 0.54 -0.62
C PHE G 151 3.42 1.78 0.19
N TYR G 152 3.88 2.87 -0.44
CA TYR G 152 3.99 4.14 0.26
C TYR G 152 2.64 4.63 0.74
N THR G 153 1.64 4.66 -0.14
CA THR G 153 0.39 5.31 0.23
C THR G 153 -0.39 4.46 1.23
N LEU G 154 -0.32 3.13 1.14
CA LEU G 154 -0.90 2.29 2.17
C LEU G 154 -0.15 2.41 3.49
N ALA G 155 1.16 2.08 3.49
CA ALA G 155 1.92 1.99 4.73
C ALA G 155 2.04 3.31 5.46
N GLY G 156 1.85 4.44 4.77
CA GLY G 156 1.63 5.66 5.50
C GLY G 156 0.19 5.78 5.94
N SER G 157 -0.75 5.44 5.06
CA SER G 157 -2.16 5.73 5.28
C SER G 157 -2.85 4.79 6.27
N LEU G 158 -2.19 3.72 6.68
CA LEU G 158 -2.89 2.63 7.36
C LEU G 158 -3.15 2.80 8.87
N PRO G 159 -2.23 3.29 9.72
CA PRO G 159 -2.61 3.48 11.14
C PRO G 159 -3.55 4.65 11.36
N LEU G 160 -3.76 5.50 10.35
CA LEU G 160 -4.84 6.47 10.34
C LEU G 160 -6.19 5.82 10.60
N LEU G 161 -6.40 4.62 10.06
CA LEU G 161 -7.62 3.87 10.34
C LEU G 161 -7.75 3.52 11.82
N VAL G 162 -6.64 3.12 12.45
CA VAL G 162 -6.67 2.76 13.87
C VAL G 162 -6.97 3.98 14.73
N ALA G 163 -6.38 5.13 14.39
CA ALA G 163 -6.68 6.36 15.12
C ALA G 163 -8.12 6.80 14.92
N LEU G 164 -8.67 6.62 13.71
CA LEU G 164 -10.05 6.99 13.48
C LEU G 164 -11.03 6.07 14.20
N ILE G 165 -10.70 4.78 14.32
CA ILE G 165 -11.56 3.88 15.10
C ILE G 165 -11.50 4.26 16.59
N TYR G 166 -10.31 4.66 17.06
CA TYR G 166 -10.19 5.06 18.45
C TYR G 166 -11.01 6.32 18.76
N ILE G 167 -10.98 7.30 17.86
CA ILE G 167 -11.83 8.47 18.01
C ILE G 167 -13.31 8.10 17.87
N GLN G 168 -13.61 7.10 17.04
CA GLN G 168 -14.99 6.64 16.87
C GLN G 168 -15.55 6.05 18.16
N ASN G 169 -14.74 5.31 18.90
CA ASN G 169 -15.27 4.68 20.11
C ASN G 169 -14.77 5.33 21.41
N THR G 170 -14.22 6.55 21.33
CA THR G 170 -14.03 7.34 22.54
C THR G 170 -14.86 8.61 22.59
N MET G 171 -15.46 9.05 21.47
CA MET G 171 -16.22 10.29 21.46
C MET G 171 -17.52 10.19 20.67
N GLY G 172 -18.06 8.98 20.46
CA GLY G 172 -19.26 8.86 19.68
C GLY G 172 -18.99 8.99 18.19
N SER G 173 -20.00 9.43 17.46
CA SER G 173 -20.00 9.36 16.01
C SER G 173 -19.00 10.32 15.38
N LEU G 174 -18.81 10.17 14.08
CA LEU G 174 -17.80 10.93 13.34
C LEU G 174 -18.37 11.73 12.20
N ASN G 175 -19.61 12.20 12.33
CA ASN G 175 -20.03 13.35 11.55
C ASN G 175 -19.16 14.54 11.90
N PHE G 176 -18.90 15.38 10.91
CA PHE G 176 -18.00 16.51 11.10
C PHE G 176 -18.60 17.58 12.02
N LEU G 177 -19.92 17.60 12.19
CA LEU G 177 -20.51 18.55 13.13
C LEU G 177 -20.43 18.05 14.58
N ILE G 178 -20.66 16.75 14.77
CA ILE G 178 -20.60 16.14 16.09
C ILE G 178 -19.18 15.69 16.46
N LEU G 179 -18.30 15.53 15.47
CA LEU G 179 -16.87 15.67 15.78
C LEU G 179 -16.56 17.12 16.13
N GLN G 180 -17.16 18.05 15.41
CA GLN G 180 -17.23 19.44 15.81
C GLN G 180 -18.35 19.55 16.86
N TYR G 181 -18.58 20.75 17.39
CA TYR G 181 -19.51 21.08 18.48
C TYR G 181 -19.29 20.32 19.79
N TRP G 182 -18.32 19.39 19.84
CA TRP G 182 -18.01 18.54 20.97
C TRP G 182 -16.52 18.41 21.23
N VAL G 183 -15.66 18.90 20.35
CA VAL G 183 -14.25 18.55 20.40
C VAL G 183 -13.57 19.24 21.57
N GLN G 184 -12.94 18.46 22.41
CA GLN G 184 -12.27 18.90 23.60
C GLN G 184 -10.75 18.90 23.37
N PRO G 185 -10.01 19.78 24.04
CA PRO G 185 -8.56 19.81 23.86
C PRO G 185 -7.91 18.54 24.40
N MET G 186 -6.82 18.16 23.77
CA MET G 186 -6.13 16.91 24.13
C MET G 186 -4.71 17.24 24.56
N PRO G 187 -4.36 17.05 25.82
CA PRO G 187 -3.14 17.63 26.39
C PRO G 187 -1.89 16.90 25.93
N ASN G 188 -0.74 17.41 26.37
CA ASN G 188 0.57 16.93 25.93
C ASN G 188 0.95 15.66 26.71
N SER G 189 0.25 14.59 26.38
CA SER G 189 0.68 13.25 26.76
C SER G 189 1.50 12.69 25.61
N TRP G 190 1.78 11.39 25.65
CA TRP G 190 2.49 10.78 24.53
C TRP G 190 1.58 10.01 23.59
N SER G 191 0.48 9.44 24.11
CA SER G 191 -0.46 8.73 23.25
C SER G 191 -1.17 9.70 22.31
N ASN G 192 -1.48 10.89 22.80
CA ASN G 192 -2.05 11.93 21.94
C ASN G 192 -1.06 12.34 20.87
N THR G 193 0.22 12.37 21.21
CA THR G 193 1.27 12.69 20.26
C THR G 193 1.37 11.63 19.16
N PHE G 194 1.27 10.36 19.53
CA PHE G 194 1.29 9.31 18.51
C PHE G 194 0.03 9.30 17.66
N MET G 195 -1.12 9.65 18.23
CA MET G 195 -2.34 9.73 17.43
C MET G 195 -2.23 10.84 16.40
N TRP G 196 -1.71 11.99 16.83
CA TRP G 196 -1.43 13.10 15.93
C TRP G 196 -0.43 12.71 14.85
N LEU G 197 0.63 12.00 15.23
CA LEU G 197 1.65 11.64 14.27
C LEU G 197 1.13 10.61 13.27
N ALA G 198 0.22 9.73 13.70
CA ALA G 198 -0.38 8.77 12.79
C ALA G 198 -1.23 9.46 11.73
N CYS G 199 -2.16 10.32 12.18
CA CYS G 199 -3.06 11.00 11.23
C CYS G 199 -2.29 11.94 10.31
N MET G 200 -1.52 12.85 10.89
CA MET G 200 -0.78 13.82 10.10
C MET G 200 0.29 13.17 9.25
N MET G 201 0.89 12.05 9.68
CA MET G 201 1.91 11.40 8.89
C MET G 201 1.32 10.63 7.72
N ALA G 202 0.10 10.07 7.88
CA ALA G 202 -0.61 9.49 6.74
C ALA G 202 -0.84 10.53 5.66
N PHE G 203 -1.32 11.71 6.06
CA PHE G 203 -1.51 12.72 5.03
C PHE G 203 -0.19 13.35 4.55
N MET G 204 0.84 13.39 5.40
CA MET G 204 2.19 13.75 4.98
C MET G 204 2.70 12.85 3.85
N VAL G 205 2.45 11.55 3.97
CA VAL G 205 2.73 10.62 2.88
C VAL G 205 1.93 11.01 1.64
N LYS G 206 0.67 11.39 1.83
CA LYS G 206 -0.17 11.61 0.66
C LYS G 206 0.16 12.92 -0.10
N MET G 207 0.78 13.92 0.54
CA MET G 207 0.89 15.24 -0.12
C MET G 207 1.88 15.28 -1.29
N PRO G 208 3.15 14.86 -1.16
CA PRO G 208 4.07 14.40 -0.11
C PRO G 208 4.90 15.55 0.45
N LEU G 209 5.57 15.32 1.57
CA LEU G 209 6.63 16.21 2.01
C LEU G 209 7.97 15.62 1.53
N TYR G 210 9.07 16.26 1.92
CA TYR G 210 10.35 16.04 1.27
C TYR G 210 10.93 14.67 1.55
N GLY G 211 10.79 14.17 2.78
CA GLY G 211 11.37 12.88 3.11
C GLY G 211 10.63 11.70 2.52
N LEU G 212 9.49 11.92 1.88
CA LEU G 212 8.62 10.89 1.37
C LEU G 212 8.13 11.22 -0.05
N HIS G 213 8.92 11.98 -0.80
CA HIS G 213 8.43 12.53 -2.06
C HIS G 213 8.89 11.76 -3.29
N LEU G 214 9.81 10.81 -3.16
CA LEU G 214 10.19 10.01 -4.33
C LEU G 214 9.11 9.01 -4.71
N TRP G 215 8.10 8.84 -3.84
CA TRP G 215 6.78 8.36 -4.19
C TRP G 215 6.26 8.88 -5.52
N LEU G 216 6.34 10.18 -5.72
CA LEU G 216 5.67 10.87 -6.81
C LEU G 216 6.30 10.79 -8.21
N PRO G 217 7.60 11.13 -8.41
CA PRO G 217 8.04 11.42 -9.79
C PRO G 217 8.10 10.21 -10.70
N LYS G 218 8.30 9.02 -10.15
CA LYS G 218 8.21 7.79 -10.93
C LYS G 218 6.78 7.55 -11.39
N ALA G 219 5.82 7.81 -10.51
CA ALA G 219 4.40 7.70 -10.80
C ALA G 219 3.89 8.77 -11.75
N HIS G 220 4.71 9.72 -12.16
CA HIS G 220 4.35 10.68 -13.19
C HIS G 220 5.13 10.50 -14.48
N VAL G 221 6.43 10.20 -14.41
CA VAL G 221 7.16 10.00 -15.66
C VAL G 221 6.96 8.61 -16.23
N GLU G 222 6.35 7.69 -15.48
CA GLU G 222 6.17 6.31 -15.92
C GLU G 222 4.70 5.95 -15.92
N ALA G 223 3.86 6.87 -16.40
CA ALA G 223 2.41 6.76 -16.31
C ALA G 223 1.80 7.43 -17.52
N PRO G 224 0.59 7.04 -17.93
CA PRO G 224 -0.08 7.76 -19.02
C PRO G 224 -0.61 9.10 -18.53
N ILE G 225 -1.11 9.88 -19.49
CA ILE G 225 -1.51 11.26 -19.22
C ILE G 225 -2.74 11.33 -18.33
N ALA G 226 -3.63 10.34 -18.43
CA ALA G 226 -4.84 10.34 -17.62
C ALA G 226 -4.53 10.09 -16.15
N GLY G 227 -3.76 9.04 -15.88
CA GLY G 227 -3.33 8.76 -14.53
C GLY G 227 -2.44 9.85 -13.97
N SER G 228 -1.62 10.48 -14.81
CA SER G 228 -0.75 11.56 -14.36
C SER G 228 -1.55 12.76 -13.89
N MET G 229 -2.49 13.23 -14.73
CA MET G 229 -3.22 14.45 -14.40
C MET G 229 -4.18 14.22 -13.22
N VAL G 230 -4.93 13.10 -13.23
CA VAL G 230 -5.79 12.81 -12.09
C VAL G 230 -4.98 12.60 -10.82
N LEU G 231 -3.85 11.87 -10.92
CA LEU G 231 -2.99 11.58 -9.78
C LEU G 231 -2.54 12.87 -9.12
N ALA G 232 -1.83 13.72 -9.87
CA ALA G 232 -1.35 15.02 -9.41
C ALA G 232 -2.47 15.89 -8.85
N ALA G 233 -3.37 16.34 -9.73
CA ALA G 233 -4.38 17.33 -9.33
C ALA G 233 -5.32 16.77 -8.25
N ILE G 234 -6.08 15.74 -8.59
CA ILE G 234 -7.15 15.40 -7.68
C ILE G 234 -6.63 14.62 -6.47
N LEU G 235 -5.60 13.76 -6.61
CA LEU G 235 -5.18 13.01 -5.44
C LEU G 235 -4.39 13.86 -4.46
N LEU G 236 -3.52 14.77 -4.94
CA LEU G 236 -2.78 15.57 -3.96
C LEU G 236 -3.69 16.61 -3.31
N LYS G 237 -4.62 17.16 -4.08
CA LYS G 237 -5.49 18.17 -3.49
C LYS G 237 -6.57 17.52 -2.65
N LEU G 238 -6.84 16.23 -2.87
CA LEU G 238 -7.70 15.46 -1.98
C LEU G 238 -7.01 15.17 -0.65
N GLY G 239 -5.71 14.87 -0.69
CA GLY G 239 -4.95 14.74 0.54
C GLY G 239 -4.95 16.01 1.37
N GLY G 240 -4.78 17.16 0.70
CA GLY G 240 -4.86 18.44 1.40
C GLY G 240 -6.22 18.73 1.99
N TYR G 241 -7.28 18.41 1.22
CA TYR G 241 -8.66 18.46 1.70
C TYR G 241 -8.87 17.63 2.96
N GLY G 242 -8.31 16.42 2.97
CA GLY G 242 -8.45 15.57 4.13
C GLY G 242 -7.75 16.10 5.36
N MET G 243 -6.55 16.68 5.17
CA MET G 243 -5.85 17.25 6.31
C MET G 243 -6.58 18.46 6.86
N MET G 244 -7.11 19.30 5.97
CA MET G 244 -7.97 20.43 6.36
C MET G 244 -9.15 19.98 7.19
N ARG G 245 -9.78 18.87 6.84
CA ARG G 245 -10.91 18.43 7.64
C ARG G 245 -10.48 17.82 8.98
N ILE G 246 -9.43 16.99 8.99
CA ILE G 246 -9.13 16.30 10.25
C ILE G 246 -8.34 17.15 11.23
N THR G 247 -7.81 18.30 10.81
CA THR G 247 -7.03 19.09 11.76
C THR G 247 -7.89 19.92 12.72
N LEU G 248 -9.21 19.79 12.68
CA LEU G 248 -10.06 20.52 13.61
C LEU G 248 -9.93 19.95 15.02
N LEU G 249 -9.79 18.63 15.13
CA LEU G 249 -9.38 18.03 16.40
C LEU G 249 -7.87 18.23 16.58
N LEU G 250 -7.41 17.89 17.79
CA LEU G 250 -6.02 18.05 18.24
C LEU G 250 -5.56 19.50 18.10
N ASN G 251 -6.21 20.35 18.88
CA ASN G 251 -5.92 21.78 18.90
C ASN G 251 -4.66 22.19 19.68
N PRO G 252 -4.41 21.75 20.95
CA PRO G 252 -3.26 22.34 21.66
C PRO G 252 -1.91 21.74 21.26
N ILE G 253 -1.86 20.45 20.92
CA ILE G 253 -0.57 19.79 20.76
C ILE G 253 0.10 20.07 19.43
N THR G 254 -0.60 20.71 18.49
CA THR G 254 0.04 21.03 17.21
C THR G 254 1.10 22.11 17.38
N ASP G 255 0.94 22.99 18.38
CA ASP G 255 1.97 23.98 18.66
C ASP G 255 3.20 23.33 19.26
N PHE G 256 2.99 22.31 20.09
CA PHE G 256 4.10 21.62 20.72
C PHE G 256 4.85 20.74 19.73
N MET G 257 4.12 20.06 18.85
CA MET G 257 4.67 18.95 18.09
C MET G 257 4.78 19.22 16.60
N ALA G 258 4.39 20.40 16.12
CA ALA G 258 4.31 20.63 14.68
C ALA G 258 5.46 21.47 14.15
N TYR G 259 6.54 21.60 14.89
CA TYR G 259 7.70 22.32 14.37
C TYR G 259 8.54 21.54 13.36
N PRO G 260 8.91 20.25 13.55
CA PRO G 260 9.80 19.62 12.56
C PRO G 260 9.17 19.37 11.20
N PHE G 261 7.85 19.27 11.11
CA PHE G 261 7.21 19.05 9.81
C PHE G 261 7.24 20.33 8.98
N ILE G 262 6.99 21.49 9.62
CA ILE G 262 7.22 22.81 9.03
C ILE G 262 8.64 22.91 8.49
N MET G 263 9.59 22.42 9.27
CA MET G 263 11.00 22.51 8.92
C MET G 263 11.35 21.68 7.71
N LEU G 264 10.96 20.41 7.74
CA LEU G 264 11.25 19.51 6.63
C LEU G 264 10.54 19.97 5.38
N SER G 265 9.34 20.54 5.52
CA SER G 265 8.60 21.05 4.37
C SER G 265 9.27 22.26 3.75
N LEU G 266 9.76 23.20 4.58
CA LEU G 266 10.40 24.40 4.03
C LEU G 266 11.73 24.07 3.36
N TRP G 267 12.62 23.36 4.07
CA TRP G 267 13.92 23.08 3.49
C TRP G 267 13.82 22.13 2.31
N GLY G 268 12.84 21.23 2.33
CA GLY G 268 12.65 20.40 1.17
C GLY G 268 11.96 21.09 0.02
N MET G 269 11.16 22.11 0.30
CA MET G 269 10.63 22.95 -0.77
C MET G 269 11.76 23.64 -1.50
N ILE G 270 12.75 24.15 -0.75
CA ILE G 270 13.90 24.79 -1.39
C ILE G 270 14.74 23.77 -2.17
N MET G 271 15.00 22.60 -1.57
CA MET G 271 15.82 21.61 -2.26
C MET G 271 15.10 20.99 -3.45
N THR G 272 13.78 20.92 -3.43
CA THR G 272 13.04 20.37 -4.55
C THR G 272 12.96 21.36 -5.69
N SER G 273 12.77 22.65 -5.38
CA SER G 273 12.85 23.67 -6.42
C SER G 273 14.26 23.75 -6.99
N SER G 274 15.28 23.42 -6.19
CA SER G 274 16.63 23.37 -6.74
C SER G 274 16.86 22.13 -7.60
N ILE G 275 16.26 20.97 -7.25
CA ILE G 275 16.53 19.77 -8.03
C ILE G 275 15.79 19.82 -9.36
N CYS G 276 14.66 20.53 -9.45
CA CYS G 276 13.97 20.61 -10.74
C CYS G 276 14.45 21.76 -11.60
N LEU G 277 15.70 22.17 -11.44
CA LEU G 277 16.28 23.21 -12.26
C LEU G 277 17.28 22.67 -13.26
N ARG G 278 17.83 21.49 -13.01
CA ARG G 278 18.96 20.97 -13.75
C ARG G 278 18.65 19.63 -14.39
N GLN G 279 17.48 19.06 -14.13
CA GLN G 279 17.16 17.74 -14.64
C GLN G 279 16.84 17.78 -16.13
N THR G 280 17.00 16.63 -16.77
CA THR G 280 16.36 16.28 -18.02
C THR G 280 15.01 15.66 -17.70
N ASP G 281 14.41 14.95 -18.67
CA ASP G 281 13.14 14.24 -18.53
C ASP G 281 12.02 15.22 -18.17
N LEU G 282 11.66 16.03 -19.18
CA LEU G 282 10.70 17.13 -19.16
C LEU G 282 9.45 16.91 -18.31
N LYS G 283 8.93 15.68 -18.30
CA LYS G 283 7.80 15.33 -17.45
C LYS G 283 8.11 15.52 -15.97
N SER G 284 9.35 15.25 -15.56
CA SER G 284 9.69 15.24 -14.14
C SER G 284 9.76 16.63 -13.52
N LEU G 285 9.98 17.66 -14.34
CA LEU G 285 10.05 19.03 -13.82
C LEU G 285 8.73 19.46 -13.20
N ILE G 286 7.62 19.10 -13.84
CA ILE G 286 6.32 19.46 -13.31
C ILE G 286 6.01 18.63 -12.07
N ALA G 287 6.55 17.40 -11.98
CA ALA G 287 6.36 16.57 -10.80
C ALA G 287 7.05 17.18 -9.59
N TYR G 288 8.31 17.57 -9.73
CA TYR G 288 8.98 18.23 -8.60
C TYR G 288 8.45 19.63 -8.34
N SER G 289 7.89 20.28 -9.36
CA SER G 289 7.16 21.53 -9.16
C SER G 289 5.97 21.30 -8.24
N SER G 290 5.25 20.21 -8.47
CA SER G 290 4.11 19.85 -7.65
C SER G 290 4.53 19.53 -6.22
N VAL G 291 5.70 18.90 -6.06
CA VAL G 291 6.22 18.63 -4.71
C VAL G 291 6.53 19.94 -3.99
N SER G 292 7.12 20.90 -4.69
CA SER G 292 7.44 22.20 -4.09
C SER G 292 6.18 22.95 -3.65
N HIS G 293 5.19 23.03 -4.55
CA HIS G 293 3.98 23.76 -4.23
C HIS G 293 3.15 23.07 -3.16
N MET G 294 3.17 21.74 -3.10
CA MET G 294 2.42 21.12 -2.01
C MET G 294 3.18 21.11 -0.69
N ALA G 295 4.50 21.27 -0.71
CA ALA G 295 5.21 21.58 0.53
C ALA G 295 4.81 22.95 1.05
N LEU G 296 4.63 23.90 0.13
CA LEU G 296 4.10 25.21 0.51
C LEU G 296 2.69 25.10 1.09
N VAL G 297 1.86 24.24 0.49
CA VAL G 297 0.51 23.96 1.01
C VAL G 297 0.59 23.37 2.41
N ILE G 298 1.56 22.49 2.66
CA ILE G 298 1.68 21.84 3.96
C ILE G 298 2.08 22.84 5.05
N VAL G 299 3.02 23.73 4.74
CA VAL G 299 3.34 24.82 5.66
C VAL G 299 2.09 25.64 5.94
N ALA G 300 1.30 25.90 4.90
CA ALA G 300 0.07 26.68 5.05
C ALA G 300 -0.98 25.97 5.90
N ILE G 301 -1.06 24.65 5.84
CA ILE G 301 -2.07 23.96 6.63
C ILE G 301 -1.63 23.88 8.09
N LEU G 302 -0.35 23.55 8.32
CA LEU G 302 0.09 23.35 9.70
C LEU G 302 0.20 24.64 10.50
N ILE G 303 0.42 25.79 9.86
CA ILE G 303 0.11 27.01 10.58
C ILE G 303 -1.39 27.26 10.44
N GLN G 304 -2.00 27.83 11.47
CA GLN G 304 -3.46 27.72 11.59
C GLN G 304 -4.19 29.05 11.54
N THR G 305 -3.91 29.87 10.55
CA THR G 305 -4.46 31.18 10.28
C THR G 305 -5.56 31.11 9.23
N PRO G 306 -6.65 31.89 9.38
CA PRO G 306 -7.66 31.95 8.30
C PRO G 306 -7.12 32.47 6.99
N TRP G 307 -6.18 33.42 7.03
CA TRP G 307 -5.45 33.82 5.83
C TRP G 307 -4.71 32.64 5.23
N SER G 308 -4.16 31.79 6.08
CA SER G 308 -3.42 30.63 5.61
C SER G 308 -4.35 29.61 4.96
N TYR G 309 -5.55 29.42 5.50
CA TYR G 309 -6.44 28.44 4.89
C TYR G 309 -7.05 28.94 3.57
N MET G 310 -7.35 30.25 3.47
CA MET G 310 -7.78 30.80 2.21
C MET G 310 -6.71 30.69 1.14
N GLY G 311 -5.47 31.09 1.49
CA GLY G 311 -4.36 30.93 0.57
C GLY G 311 -4.06 29.50 0.22
N ALA G 312 -4.30 28.58 1.16
CA ALA G 312 -4.06 27.16 0.91
C ALA G 312 -5.02 26.61 -0.12
N THR G 313 -6.33 26.87 0.03
CA THR G 313 -7.26 26.32 -0.95
C THR G 313 -7.16 27.00 -2.31
N ALA G 314 -6.79 28.30 -2.34
CA ALA G 314 -6.57 28.95 -3.62
C ALA G 314 -5.35 28.37 -4.33
N LEU G 315 -4.28 28.10 -3.57
CA LEU G 315 -3.07 27.52 -4.14
C LEU G 315 -3.32 26.10 -4.63
N MET G 316 -4.12 25.33 -3.88
CA MET G 316 -4.52 23.99 -4.30
C MET G 316 -5.21 24.00 -5.66
N ILE G 317 -6.23 24.83 -5.81
CA ILE G 317 -7.02 24.79 -7.04
C ILE G 317 -6.22 25.32 -8.23
N ALA G 318 -5.48 26.42 -8.03
CA ALA G 318 -4.70 27.00 -9.11
C ALA G 318 -3.57 26.08 -9.55
N HIS G 319 -2.89 25.45 -8.58
CA HIS G 319 -1.80 24.58 -8.97
C HIS G 319 -2.30 23.28 -9.58
N GLY G 320 -3.48 22.81 -9.16
CA GLY G 320 -4.07 21.65 -9.82
C GLY G 320 -4.32 21.89 -11.30
N LEU G 321 -4.93 23.04 -11.62
CA LEU G 321 -5.16 23.40 -13.02
C LEU G 321 -3.85 23.56 -13.79
N THR G 322 -2.89 24.29 -13.21
CA THR G 322 -1.65 24.59 -13.92
C THR G 322 -0.82 23.34 -14.17
N SER G 323 -0.66 22.48 -13.15
CA SER G 323 0.17 21.29 -13.30
C SER G 323 -0.50 20.26 -14.20
N SER G 324 -1.84 20.16 -14.17
CA SER G 324 -2.51 19.25 -15.10
C SER G 324 -2.33 19.69 -16.55
N MET G 325 -2.50 20.99 -16.81
CA MET G 325 -2.28 21.51 -18.15
C MET G 325 -0.86 21.30 -18.62
N LEU G 326 0.11 21.51 -17.73
CA LEU G 326 1.50 21.46 -18.13
C LEU G 326 1.95 20.02 -18.37
N PHE G 327 1.40 19.06 -17.61
CA PHE G 327 1.47 17.65 -17.97
C PHE G 327 0.92 17.38 -19.36
N CYS G 328 -0.19 18.05 -19.71
CA CYS G 328 -0.79 17.76 -21.01
C CYS G 328 0.05 18.32 -22.16
N LEU G 329 0.69 19.48 -21.96
CA LEU G 329 1.59 19.99 -23.00
C LEU G 329 2.82 19.12 -23.13
N ALA G 330 3.31 18.57 -22.00
CA ALA G 330 4.45 17.66 -22.06
C ALA G 330 4.11 16.39 -22.83
N ASN G 331 2.89 15.87 -22.64
CA ASN G 331 2.47 14.72 -23.43
C ASN G 331 2.29 15.09 -24.91
N SER G 332 1.87 16.32 -25.21
CA SER G 332 1.75 16.74 -26.60
C SER G 332 3.10 16.76 -27.29
N ASN G 333 4.12 17.27 -26.60
CA ASN G 333 5.46 17.26 -27.18
C ASN G 333 6.03 15.84 -27.28
N TYR G 334 5.67 14.97 -26.34
CA TYR G 334 6.10 13.57 -26.42
C TYR G 334 5.41 12.83 -27.56
N GLU G 335 4.17 13.19 -27.89
CA GLU G 335 3.55 12.59 -29.06
C GLU G 335 4.13 13.16 -30.34
N ARG G 336 4.65 14.38 -30.29
CA ARG G 336 5.38 14.90 -31.46
C ARG G 336 6.68 14.15 -31.68
N VAL G 337 7.50 14.02 -30.65
CA VAL G 337 8.77 13.29 -30.76
C VAL G 337 8.87 12.28 -29.62
N HIS G 338 9.16 11.02 -29.97
CA HIS G 338 9.21 9.93 -29.00
C HIS G 338 10.52 9.98 -28.22
N SER G 339 10.63 11.00 -27.36
CA SER G 339 11.90 11.31 -26.70
C SER G 339 11.83 11.17 -25.19
N ARG G 340 10.92 11.93 -24.54
CA ARG G 340 10.76 12.18 -23.10
C ARG G 340 11.86 13.07 -22.55
N THR G 341 12.90 13.34 -23.34
CA THR G 341 14.02 14.14 -22.87
C THR G 341 13.70 15.63 -23.06
N MET G 342 14.69 16.49 -22.85
CA MET G 342 14.47 17.92 -22.91
C MET G 342 15.40 18.63 -23.88
N ILE G 343 16.67 18.22 -23.94
CA ILE G 343 17.64 18.89 -24.80
C ILE G 343 17.50 18.47 -26.25
N LEU G 344 16.70 17.43 -26.53
CA LEU G 344 16.51 16.98 -27.89
C LEU G 344 15.49 17.84 -28.63
N ALA G 345 14.25 17.90 -28.11
CA ALA G 345 13.15 18.57 -28.79
C ALA G 345 13.32 20.08 -28.66
N ARG G 346 14.20 20.63 -29.48
CA ARG G 346 14.46 22.06 -29.48
C ARG G 346 13.69 22.73 -30.61
N GLY G 347 13.80 24.04 -30.69
CA GLY G 347 13.16 24.79 -31.75
C GLY G 347 11.77 25.20 -31.37
N LEU G 348 10.79 24.84 -32.19
CA LEU G 348 9.35 24.91 -31.93
C LEU G 348 8.81 26.33 -31.69
N GLN G 349 9.61 27.36 -31.91
CA GLN G 349 9.03 28.68 -32.10
C GLN G 349 8.68 28.92 -33.56
N THR G 350 9.61 28.57 -34.45
CA THR G 350 9.37 28.65 -35.88
C THR G 350 8.22 27.73 -36.27
N LEU G 351 8.43 26.43 -36.09
CA LEU G 351 7.36 25.46 -36.26
C LEU G 351 6.38 25.60 -35.11
N LEU G 352 5.12 25.19 -35.36
CA LEU G 352 4.00 25.21 -34.42
C LEU G 352 3.81 26.60 -33.81
N PRO G 353 3.32 27.57 -34.59
CA PRO G 353 3.37 28.96 -34.12
C PRO G 353 2.40 29.26 -33.00
N LEU G 354 1.33 28.48 -32.87
CA LEU G 354 0.32 28.76 -31.85
C LEU G 354 0.66 28.13 -30.51
N MET G 355 1.47 27.07 -30.50
CA MET G 355 1.75 26.36 -29.25
C MET G 355 2.58 27.19 -28.29
N ALA G 356 3.31 28.18 -28.82
CA ALA G 356 4.10 29.09 -28.00
C ALA G 356 3.23 29.87 -27.04
N ALA G 357 2.02 30.24 -27.47
CA ALA G 357 1.12 30.97 -26.60
C ALA G 357 0.68 30.13 -25.42
N TRP G 358 0.42 28.84 -25.63
CA TRP G 358 -0.02 28.01 -24.52
C TRP G 358 1.13 27.68 -23.59
N TRP G 359 2.32 27.42 -24.14
CA TRP G 359 3.50 27.24 -23.29
C TRP G 359 3.78 28.47 -22.45
N LEU G 360 3.72 29.66 -23.06
CA LEU G 360 3.99 30.88 -22.34
C LEU G 360 2.93 31.15 -21.28
N LEU G 361 1.67 30.93 -21.60
CA LEU G 361 0.61 31.25 -20.65
C LEU G 361 0.58 30.25 -19.49
N ALA G 362 0.87 28.98 -19.77
CA ALA G 362 0.96 28.01 -18.68
C ALA G 362 2.20 28.26 -17.83
N SER G 363 3.32 28.67 -18.45
CA SER G 363 4.50 28.98 -17.67
C SER G 363 4.32 30.25 -16.84
N LEU G 364 3.46 31.17 -17.28
CA LEU G 364 3.22 32.34 -16.46
C LEU G 364 2.22 32.07 -15.35
N THR G 365 1.25 31.18 -15.58
CA THR G 365 0.41 30.76 -14.46
C THR G 365 1.19 29.91 -13.47
N ASN G 366 2.28 29.28 -13.90
CA ASN G 366 3.21 28.65 -12.95
C ASN G 366 4.18 29.65 -12.36
N LEU G 367 4.37 30.81 -13.00
CA LEU G 367 5.32 31.81 -12.55
C LEU G 367 4.81 32.62 -11.37
N ALA G 368 3.54 32.41 -10.98
CA ALA G 368 2.74 33.33 -10.17
C ALA G 368 2.65 34.69 -10.85
N LEU G 369 1.93 34.68 -11.97
CA LEU G 369 1.47 35.92 -12.58
C LEU G 369 0.44 36.59 -11.67
N PRO G 370 0.52 37.91 -11.49
CA PRO G 370 -0.10 38.53 -10.30
C PRO G 370 -1.63 38.59 -10.28
N PRO G 371 -2.38 38.77 -11.39
CA PRO G 371 -3.84 38.61 -11.24
C PRO G 371 -4.31 37.18 -11.17
N SER G 372 -3.45 36.19 -11.41
CA SER G 372 -3.86 34.81 -11.40
C SER G 372 -4.08 34.31 -9.98
N ILE G 373 -4.66 33.11 -9.89
CA ILE G 373 -5.03 32.55 -8.60
C ILE G 373 -3.80 31.99 -7.88
N ASN G 374 -2.78 31.58 -8.63
CA ASN G 374 -1.58 31.00 -8.05
C ASN G 374 -0.85 32.01 -7.17
N LEU G 375 -0.73 33.25 -7.63
CA LEU G 375 -0.10 34.27 -6.82
C LEU G 375 -0.98 34.67 -5.64
N ILE G 376 -2.31 34.57 -5.78
CA ILE G 376 -3.21 34.84 -4.67
C ILE G 376 -2.96 33.85 -3.54
N GLY G 377 -2.85 32.56 -3.91
CA GLY G 377 -2.55 31.55 -2.90
C GLY G 377 -1.19 31.71 -2.27
N GLU G 378 -0.14 31.86 -3.10
CA GLU G 378 1.22 32.02 -2.58
C GLU G 378 1.36 33.30 -1.77
N LEU G 379 0.65 34.35 -2.14
CA LEU G 379 0.75 35.62 -1.42
C LEU G 379 0.12 35.51 -0.05
N PHE G 380 -1.05 34.87 0.06
CA PHE G 380 -1.63 34.74 1.40
C PHE G 380 -0.85 33.76 2.27
N VAL G 381 -0.21 32.76 1.68
CA VAL G 381 0.64 31.88 2.47
C VAL G 381 1.86 32.65 2.98
N VAL G 382 2.42 33.54 2.16
CA VAL G 382 3.57 34.34 2.58
C VAL G 382 3.16 35.32 3.69
N MET G 383 1.97 35.91 3.59
CA MET G 383 1.47 36.80 4.64
C MET G 383 1.30 36.06 5.96
N SER G 384 0.70 34.88 5.90
CA SER G 384 0.47 34.12 7.13
C SER G 384 1.76 33.60 7.73
N THR G 385 2.72 33.21 6.91
CA THR G 385 3.96 32.69 7.48
C THR G 385 4.87 33.79 7.99
N PHE G 386 4.75 35.01 7.45
CA PHE G 386 5.47 36.11 8.06
C PHE G 386 4.79 36.57 9.34
N SER G 387 3.49 36.32 9.48
CA SER G 387 2.88 36.47 10.79
C SER G 387 3.33 35.38 11.74
N TRP G 388 3.65 34.20 11.22
CA TRP G 388 4.15 33.12 12.06
C TRP G 388 5.54 33.45 12.60
N SER G 389 6.46 33.85 11.73
CA SER G 389 7.78 34.29 12.17
C SER G 389 8.32 35.31 11.19
N ASN G 390 9.09 36.25 11.71
CA ASN G 390 9.59 37.38 10.91
C ASN G 390 10.78 37.02 10.03
N ILE G 391 11.18 35.77 9.99
CA ILE G 391 12.49 35.41 9.44
C ILE G 391 12.31 34.40 8.30
N THR G 392 11.17 33.72 8.29
CA THR G 392 10.94 32.65 7.31
C THR G 392 10.53 33.16 5.94
N ILE G 393 10.42 34.47 5.74
CA ILE G 393 10.02 34.99 4.43
C ILE G 393 11.17 34.94 3.43
N ILE G 394 12.40 34.77 3.93
CA ILE G 394 13.56 34.58 3.06
C ILE G 394 13.43 33.30 2.26
N LEU G 395 13.01 32.21 2.91
CA LEU G 395 12.83 30.94 2.22
C LEU G 395 11.68 31.01 1.23
N MET G 396 10.63 31.78 1.55
CA MET G 396 9.50 31.93 0.64
C MET G 396 9.91 32.68 -0.63
N GLY G 397 10.62 33.79 -0.47
CA GLY G 397 11.06 34.53 -1.63
C GLY G 397 12.16 33.83 -2.41
N LEU G 398 12.96 33.01 -1.74
CA LEU G 398 13.98 32.25 -2.46
C LEU G 398 13.34 31.13 -3.27
N ASN G 399 12.29 30.52 -2.72
CA ASN G 399 11.43 29.63 -3.50
C ASN G 399 10.82 30.37 -4.68
N MET G 400 10.43 31.63 -4.48
CA MET G 400 9.83 32.40 -5.56
C MET G 400 10.81 32.64 -6.70
N VAL G 401 12.05 33.01 -6.35
CA VAL G 401 13.10 33.26 -7.35
C VAL G 401 13.43 31.98 -8.12
N ILE G 402 13.66 30.89 -7.39
CA ILE G 402 14.04 29.64 -8.06
C ILE G 402 12.87 29.07 -8.87
N THR G 403 11.62 29.30 -8.42
CA THR G 403 10.45 28.82 -9.14
C THR G 403 10.30 29.53 -10.48
N ALA G 404 10.45 30.86 -10.47
CA ALA G 404 10.47 31.61 -11.71
C ALA G 404 11.61 31.19 -12.61
N LEU G 405 12.76 30.88 -12.01
CA LEU G 405 13.94 30.50 -12.79
C LEU G 405 13.73 29.18 -13.51
N TYR G 406 13.31 28.12 -12.79
CA TYR G 406 13.20 26.83 -13.45
C TYR G 406 12.00 26.80 -14.39
N SER G 407 10.91 27.48 -14.05
CA SER G 407 9.76 27.50 -14.95
C SER G 407 10.10 28.20 -16.26
N LEU G 408 10.80 29.32 -16.17
CA LEU G 408 11.09 30.02 -17.40
C LEU G 408 12.25 29.38 -18.15
N TYR G 409 13.12 28.63 -17.46
CA TYR G 409 14.11 27.81 -18.14
C TYR G 409 13.45 26.66 -18.89
N MET G 410 12.43 26.06 -18.28
CA MET G 410 11.64 25.03 -18.96
C MET G 410 10.93 25.59 -20.18
N LEU G 411 10.54 26.86 -20.14
CA LEU G 411 10.03 27.50 -21.34
C LEU G 411 11.11 27.67 -22.39
N ILE G 412 12.25 28.26 -22.04
CA ILE G 412 13.19 28.68 -23.08
C ILE G 412 14.17 27.56 -23.42
N THR G 413 13.96 26.38 -22.88
CA THR G 413 14.81 25.25 -23.25
C THR G 413 14.21 24.48 -24.42
N THR G 414 12.98 24.00 -24.26
CA THR G 414 12.35 23.20 -25.30
C THR G 414 11.90 24.06 -26.47
N GLN G 415 11.45 25.28 -26.19
CA GLN G 415 10.74 26.02 -27.23
C GLN G 415 11.39 27.38 -27.48
N ARG G 416 12.71 27.40 -27.69
CA ARG G 416 13.39 28.67 -27.95
C ARG G 416 14.72 28.39 -28.65
N GLY G 417 14.82 28.78 -29.92
CA GLY G 417 16.11 29.11 -30.49
C GLY G 417 16.61 28.43 -31.75
N LYS G 418 16.49 27.11 -31.88
CA LYS G 418 16.96 26.42 -33.09
C LYS G 418 16.39 25.01 -33.12
N HIS G 419 15.66 24.69 -34.18
CA HIS G 419 15.30 23.30 -34.44
C HIS G 419 16.56 22.51 -34.74
N THR G 420 16.58 21.24 -34.31
CA THR G 420 17.78 20.44 -34.49
C THR G 420 17.93 19.89 -35.92
N HIS G 421 16.98 20.21 -36.81
CA HIS G 421 16.98 19.93 -38.26
C HIS G 421 17.35 18.49 -38.62
N HIS G 422 17.00 17.55 -37.75
CA HIS G 422 17.04 16.14 -38.11
C HIS G 422 15.77 15.45 -37.63
N ILE G 423 14.73 16.21 -37.32
CA ILE G 423 13.53 15.70 -36.69
C ILE G 423 12.54 15.22 -37.75
N ASN G 424 12.13 16.16 -38.61
CA ASN G 424 11.28 16.05 -39.81
C ASN G 424 10.15 15.04 -39.76
N ASN G 425 9.43 14.97 -38.63
CA ASN G 425 8.21 14.20 -38.54
C ASN G 425 7.05 14.95 -37.88
N ILE G 426 7.29 16.13 -37.31
CA ILE G 426 6.28 16.79 -36.51
C ILE G 426 5.25 17.44 -37.41
N LEU G 427 4.01 17.19 -37.12
CA LEU G 427 2.86 17.69 -37.85
C LEU G 427 2.36 18.97 -37.20
N PRO G 428 1.64 19.81 -37.93
CA PRO G 428 1.03 21.00 -37.31
C PRO G 428 -0.01 20.60 -36.27
N SER G 429 -0.25 21.54 -35.35
CA SER G 429 -0.99 21.25 -34.14
C SER G 429 -2.46 20.95 -34.43
N PHE G 430 -2.96 19.87 -33.84
CA PHE G 430 -4.35 19.48 -34.07
C PHE G 430 -5.29 20.43 -33.36
N THR G 431 -6.58 20.33 -33.71
CA THR G 431 -7.60 21.07 -32.99
C THR G 431 -7.87 20.48 -31.62
N ARG G 432 -7.58 19.19 -31.43
CA ARG G 432 -7.85 18.53 -30.16
C ARG G 432 -6.98 19.08 -29.05
N GLU G 433 -5.68 19.20 -29.29
CA GLU G 433 -4.74 19.64 -28.27
C GLU G 433 -5.02 21.09 -27.87
N ASN G 434 -5.33 21.93 -28.85
CA ASN G 434 -5.63 23.32 -28.54
C ASN G 434 -7.00 23.46 -27.88
N ALA G 435 -7.94 22.56 -28.17
CA ALA G 435 -9.19 22.53 -27.43
C ALA G 435 -8.96 22.18 -25.98
N LEU G 436 -8.04 21.24 -25.72
CA LEU G 436 -7.68 20.89 -24.34
C LEU G 436 -6.99 22.04 -23.62
N MET G 437 -6.12 22.76 -24.32
CA MET G 437 -5.48 23.92 -23.70
C MET G 437 -6.49 25.02 -23.39
N SER G 438 -7.45 25.24 -24.28
CA SER G 438 -8.47 26.24 -24.00
C SER G 438 -9.42 25.79 -22.90
N LEU G 439 -9.61 24.48 -22.74
CA LEU G 439 -10.41 24.02 -21.61
C LEU G 439 -9.66 24.12 -20.30
N HIS G 440 -8.32 24.09 -20.33
CA HIS G 440 -7.56 24.33 -19.11
C HIS G 440 -7.55 25.81 -18.74
N MET G 441 -7.09 26.68 -19.66
CA MET G 441 -6.73 28.04 -19.29
C MET G 441 -7.94 28.91 -18.96
N LEU G 442 -8.99 28.83 -19.78
CA LEU G 442 -10.09 29.79 -19.64
C LEU G 442 -10.86 29.74 -18.32
N PRO G 443 -11.10 28.58 -17.66
CA PRO G 443 -11.60 28.65 -16.28
C PRO G 443 -10.65 29.32 -15.30
N LEU G 444 -9.34 29.22 -15.51
CA LEU G 444 -8.41 29.84 -14.57
C LEU G 444 -8.44 31.36 -14.68
N LEU G 445 -8.53 31.88 -15.90
CA LEU G 445 -8.64 33.33 -16.06
C LEU G 445 -10.00 33.84 -15.60
N LEU G 446 -11.07 33.06 -15.85
CA LEU G 446 -12.37 33.52 -15.39
C LEU G 446 -12.52 33.39 -13.88
N LEU G 447 -11.75 32.53 -13.21
CA LEU G 447 -11.69 32.59 -11.76
C LEU G 447 -10.77 33.72 -11.30
N SER G 448 -9.80 34.11 -12.12
CA SER G 448 -8.97 35.26 -11.79
C SER G 448 -9.78 36.55 -11.81
N LEU G 449 -10.84 36.60 -12.62
CA LEU G 449 -11.75 37.75 -12.54
C LEU G 449 -12.52 37.76 -11.22
N ASN G 450 -13.04 36.61 -10.80
CA ASN G 450 -13.91 36.54 -9.63
C ASN G 450 -13.52 35.37 -8.73
N PRO G 451 -12.56 35.57 -7.83
CA PRO G 451 -12.10 34.45 -6.98
C PRO G 451 -12.84 34.32 -5.66
N LYS G 452 -14.04 34.88 -5.53
CA LYS G 452 -14.81 34.65 -4.30
C LYS G 452 -15.35 33.24 -4.21
N ILE G 453 -15.32 32.47 -5.29
CA ILE G 453 -15.68 31.06 -5.23
C ILE G 453 -14.64 30.26 -4.47
N ILE G 454 -13.40 30.30 -4.96
CA ILE G 454 -12.41 29.29 -4.56
C ILE G 454 -11.80 29.53 -3.19
N LEU G 455 -11.99 30.70 -2.60
CA LEU G 455 -11.62 30.88 -1.21
C LEU G 455 -12.58 30.10 -0.32
N GLY G 456 -12.02 29.38 0.64
CA GLY G 456 -12.70 28.25 1.24
C GLY G 456 -13.65 28.59 2.36
N PRO G 457 -13.48 27.91 3.49
CA PRO G 457 -14.45 28.08 4.59
C PRO G 457 -14.38 29.44 5.25
N LEU G 458 -13.21 30.02 5.36
CA LEU G 458 -13.05 31.24 6.12
C LEU G 458 -13.09 32.48 5.24
N TYR G 459 -14.10 32.54 4.38
CA TYR G 459 -14.28 33.67 3.48
C TYR G 459 -14.81 34.88 4.24
N MET H 1 -11.03 -45.42 -7.19
CA MET H 1 -11.53 -44.07 -7.36
C MET H 1 -12.86 -44.04 -8.13
N ASN H 2 -13.73 -44.99 -7.79
CA ASN H 2 -15.09 -44.99 -8.31
C ASN H 2 -15.87 -43.79 -7.75
N PRO H 3 -16.82 -43.25 -8.53
CA PRO H 3 -17.61 -42.11 -8.04
C PRO H 3 -18.45 -42.41 -6.81
N ILE H 4 -18.91 -43.65 -6.65
CA ILE H 4 -19.58 -44.03 -5.41
C ILE H 4 -18.62 -43.92 -4.22
N ILE H 5 -17.38 -44.36 -4.42
CA ILE H 5 -16.39 -44.32 -3.34
C ILE H 5 -16.00 -42.89 -3.02
N LEU H 6 -15.92 -42.02 -4.03
CA LEU H 6 -15.64 -40.61 -3.76
C LEU H 6 -16.79 -39.93 -3.04
N ILE H 7 -18.04 -40.25 -3.42
CA ILE H 7 -19.20 -39.69 -2.71
C ILE H 7 -19.21 -40.15 -1.27
N ILE H 8 -18.85 -41.42 -1.02
CA ILE H 8 -18.78 -41.93 0.35
C ILE H 8 -17.71 -41.21 1.16
N ILE H 9 -16.52 -41.01 0.59
CA ILE H 9 -15.43 -40.39 1.33
C ILE H 9 -15.71 -38.92 1.61
N LEU H 10 -16.29 -38.20 0.64
CA LEU H 10 -16.66 -36.80 0.89
C LEU H 10 -17.79 -36.70 1.92
N MET H 11 -18.72 -37.66 1.90
CA MET H 11 -19.76 -37.70 2.91
C MET H 11 -19.18 -37.98 4.29
N THR H 12 -18.11 -38.75 4.37
CA THR H 12 -17.48 -38.96 5.67
C THR H 12 -16.70 -37.73 6.15
N VAL H 13 -16.16 -36.93 5.23
CA VAL H 13 -15.56 -35.66 5.64
C VAL H 13 -16.64 -34.73 6.19
N MET H 14 -17.78 -34.66 5.51
CA MET H 14 -18.93 -33.90 6.01
C MET H 14 -19.39 -34.41 7.36
N LEU H 15 -19.42 -35.73 7.53
CA LEU H 15 -19.88 -36.32 8.78
C LEU H 15 -18.90 -36.06 9.91
N GLY H 16 -17.61 -36.08 9.63
CA GLY H 16 -16.62 -35.75 10.63
C GLY H 16 -16.74 -34.32 11.11
N THR H 17 -16.95 -33.39 10.18
CA THR H 17 -17.10 -31.99 10.58
C THR H 17 -18.42 -31.77 11.35
N ILE H 18 -19.49 -32.48 10.97
CA ILE H 18 -20.76 -32.34 11.69
C ILE H 18 -20.65 -32.91 13.11
N ILE H 19 -19.96 -34.04 13.27
CA ILE H 19 -19.76 -34.60 14.61
C ILE H 19 -18.86 -33.71 15.46
N VAL H 20 -17.91 -32.99 14.83
CA VAL H 20 -17.14 -31.97 15.55
C VAL H 20 -18.06 -30.84 16.03
N MET H 21 -18.96 -30.38 15.15
CA MET H 21 -19.82 -29.25 15.50
C MET H 21 -20.85 -29.59 16.57
N ILE H 22 -21.46 -30.78 16.47
CA ILE H 22 -22.80 -30.98 17.00
C ILE H 22 -22.82 -31.57 18.42
N SER H 23 -21.70 -32.10 18.90
CA SER H 23 -21.72 -32.89 20.11
C SER H 23 -21.40 -32.05 21.34
N THR H 24 -21.88 -32.52 22.49
CA THR H 24 -21.59 -31.93 23.79
C THR H 24 -20.77 -32.91 24.63
N HIS H 25 -19.83 -33.59 24.00
CA HIS H 25 -19.05 -34.63 24.64
C HIS H 25 -17.70 -34.71 23.95
N TRP H 26 -16.64 -34.91 24.73
CA TRP H 26 -15.29 -34.77 24.18
C TRP H 26 -14.91 -35.94 23.29
N LEU H 27 -15.48 -37.12 23.54
CA LEU H 27 -15.15 -38.29 22.74
C LEU H 27 -15.58 -38.12 21.30
N LEU H 28 -16.75 -37.50 21.07
CA LEU H 28 -17.13 -37.27 19.70
C LEU H 28 -16.35 -36.16 19.05
N ILE H 29 -15.77 -35.23 19.83
CA ILE H 29 -14.86 -34.25 19.26
C ILE H 29 -13.60 -34.93 18.75
N TRP H 30 -13.03 -35.82 19.57
CA TRP H 30 -11.84 -36.56 19.15
C TRP H 30 -12.14 -37.49 17.98
N ILE H 31 -13.29 -38.16 18.01
CA ILE H 31 -13.71 -39.03 16.90
C ILE H 31 -13.95 -38.23 15.63
N GLY H 32 -14.45 -37.00 15.77
CA GLY H 32 -14.67 -36.18 14.59
C GLY H 32 -13.38 -35.74 13.94
N PHE H 33 -12.41 -35.31 14.75
CA PHE H 33 -11.08 -34.98 14.21
C PHE H 33 -10.41 -36.21 13.59
N GLU H 34 -10.61 -37.37 14.21
CA GLU H 34 -9.93 -38.57 13.76
C GLU H 34 -10.54 -39.12 12.47
N MET H 35 -11.87 -39.14 12.39
CA MET H 35 -12.56 -39.54 11.18
C MET H 35 -12.30 -38.55 10.05
N ASN H 36 -12.14 -37.26 10.38
CA ASN H 36 -11.79 -36.27 9.38
C ASN H 36 -10.41 -36.55 8.82
N MET H 37 -9.45 -36.93 9.66
CA MET H 37 -8.13 -37.36 9.19
C MET H 37 -8.22 -38.60 8.30
N LEU H 38 -8.87 -39.66 8.81
CA LEU H 38 -8.95 -40.95 8.11
C LEU H 38 -9.65 -40.82 6.77
N ALA H 39 -10.58 -39.89 6.65
CA ALA H 39 -11.24 -39.65 5.38
C ALA H 39 -10.46 -38.72 4.48
N ILE H 40 -9.70 -37.77 5.03
CA ILE H 40 -9.02 -36.79 4.19
C ILE H 40 -7.69 -37.32 3.68
N ILE H 41 -7.22 -38.47 4.17
CA ILE H 41 -6.02 -39.06 3.57
C ILE H 41 -6.26 -39.54 2.14
N PRO H 42 -7.31 -40.29 1.77
CA PRO H 42 -7.43 -40.68 0.36
C PRO H 42 -8.11 -39.66 -0.55
N ILE H 43 -8.34 -38.43 -0.12
CA ILE H 43 -8.55 -37.38 -1.10
C ILE H 43 -7.20 -36.95 -1.67
N MET H 44 -6.18 -36.91 -0.83
CA MET H 44 -4.81 -36.96 -1.31
C MET H 44 -4.54 -38.34 -1.90
N MET H 45 -3.45 -38.44 -2.67
CA MET H 45 -3.09 -39.64 -3.42
C MET H 45 -4.21 -40.07 -4.37
N LYS H 46 -4.90 -39.09 -4.95
CA LYS H 46 -5.81 -39.37 -6.05
C LYS H 46 -5.01 -39.70 -7.32
N LYS H 47 -3.82 -39.12 -7.45
CA LYS H 47 -2.81 -39.60 -8.38
C LYS H 47 -2.04 -40.74 -7.71
N HIS H 48 -0.90 -41.13 -8.27
CA HIS H 48 -0.09 -42.16 -7.64
C HIS H 48 1.38 -41.80 -7.61
N ASN H 49 1.70 -40.53 -7.82
CA ASN H 49 3.06 -40.05 -7.70
C ASN H 49 3.56 -40.13 -6.27
N PRO H 50 4.88 -40.26 -6.06
CA PRO H 50 5.40 -40.27 -4.68
C PRO H 50 5.32 -38.95 -3.96
N ARG H 51 5.07 -37.84 -4.68
CA ARG H 51 4.81 -36.56 -4.05
C ARG H 51 3.61 -36.63 -3.11
N ALA H 52 2.49 -37.18 -3.61
CA ALA H 52 1.28 -37.28 -2.80
C ALA H 52 1.46 -38.26 -1.66
N THR H 53 2.27 -39.30 -1.85
CA THR H 53 2.55 -40.27 -0.79
C THR H 53 3.33 -39.63 0.34
N GLU H 54 4.41 -38.91 0.03
CA GLU H 54 5.19 -38.27 1.09
C GLU H 54 4.41 -37.13 1.74
N ALA H 55 3.56 -36.43 0.98
CA ALA H 55 2.73 -35.37 1.54
C ALA H 55 1.71 -35.94 2.53
N SER H 56 1.05 -37.03 2.16
CA SER H 56 0.12 -37.68 3.08
C SER H 56 0.83 -38.25 4.29
N THR H 57 2.09 -38.68 4.15
CA THR H 57 2.87 -39.15 5.30
C THR H 57 3.13 -38.02 6.29
N LYS H 58 3.60 -36.87 5.78
CA LYS H 58 3.88 -35.73 6.66
C LYS H 58 2.62 -35.24 7.35
N TYR H 59 1.53 -35.14 6.59
CA TYR H 59 0.25 -34.71 7.14
C TYR H 59 -0.25 -35.68 8.18
N PHE H 60 -0.04 -36.99 7.95
CA PHE H 60 -0.51 -37.99 8.90
C PHE H 60 0.25 -37.91 10.22
N LEU H 61 1.57 -37.77 10.16
CA LEU H 61 2.35 -37.70 11.40
C LEU H 61 2.00 -36.45 12.22
N THR H 62 1.91 -35.29 11.57
CA THR H 62 1.60 -34.07 12.32
C THR H 62 0.16 -34.07 12.85
N GLN H 63 -0.78 -34.46 11.99
CA GLN H 63 -2.19 -34.55 12.37
C GLN H 63 -2.43 -35.55 13.50
N SER H 64 -1.74 -36.70 13.45
CA SER H 64 -1.96 -37.72 14.46
C SER H 64 -1.34 -37.33 15.80
N THR H 65 -0.16 -36.69 15.80
CA THR H 65 0.38 -36.27 17.08
C THR H 65 -0.42 -35.11 17.67
N ALA H 66 -1.08 -34.30 16.82
CA ALA H 66 -1.99 -33.30 17.34
C ALA H 66 -3.22 -33.94 17.98
N SER H 67 -3.73 -35.02 17.37
CA SER H 67 -4.88 -35.72 17.95
C SER H 67 -4.52 -36.37 19.29
N MET H 68 -3.32 -36.93 19.40
CA MET H 68 -2.93 -37.56 20.66
C MET H 68 -2.69 -36.52 21.75
N LEU H 69 -2.18 -35.35 21.38
CA LEU H 69 -2.01 -34.28 22.35
C LEU H 69 -3.37 -33.76 22.82
N LEU H 70 -4.35 -33.71 21.92
CA LEU H 70 -5.72 -33.37 22.30
C LEU H 70 -6.28 -34.35 23.32
N MET H 71 -6.09 -35.64 23.07
CA MET H 71 -6.59 -36.65 24.01
C MET H 71 -5.90 -36.57 25.36
N MET H 72 -4.60 -36.21 25.36
CA MET H 72 -3.90 -35.97 26.63
C MET H 72 -4.52 -34.81 27.41
N ALA H 73 -4.87 -33.73 26.71
CA ALA H 73 -5.47 -32.58 27.39
C ALA H 73 -6.85 -32.94 27.94
N ILE H 74 -7.62 -33.75 27.22
CA ILE H 74 -8.94 -34.13 27.72
C ILE H 74 -8.83 -35.07 28.92
N ILE H 75 -7.83 -35.96 28.93
CA ILE H 75 -7.67 -36.85 30.07
C ILE H 75 -7.14 -36.10 31.30
N ILE H 76 -6.36 -35.04 31.10
CA ILE H 76 -6.00 -34.17 32.22
C ILE H 76 -7.25 -33.44 32.75
N ASN H 77 -8.13 -33.03 31.83
CA ASN H 77 -9.39 -32.39 32.23
C ASN H 77 -10.25 -33.31 33.08
N LEU H 78 -10.27 -34.61 32.74
CA LEU H 78 -11.03 -35.51 33.62
C LEU H 78 -10.23 -35.88 34.88
N MET H 79 -8.91 -35.72 34.88
CA MET H 79 -8.17 -35.84 36.15
C MET H 79 -8.58 -34.75 37.11
N PHE H 80 -8.82 -33.55 36.59
CA PHE H 80 -9.47 -32.50 37.36
C PHE H 80 -10.98 -32.67 37.18
N SER H 81 -11.77 -31.63 37.49
CA SER H 81 -13.22 -31.66 37.69
C SER H 81 -13.97 -32.44 36.62
N GLY H 82 -14.56 -33.56 37.03
CA GLY H 82 -14.78 -34.67 36.13
C GLY H 82 -16.12 -34.76 35.44
N GLN H 83 -16.17 -34.26 34.22
CA GLN H 83 -17.32 -34.42 33.35
C GLN H 83 -16.87 -34.21 31.92
N TRP H 84 -17.57 -34.83 30.99
CA TRP H 84 -17.21 -34.73 29.58
C TRP H 84 -18.06 -33.68 28.88
N THR H 85 -18.08 -32.47 29.41
CA THR H 85 -18.82 -31.40 28.77
C THR H 85 -17.87 -30.48 28.01
N VAL H 86 -18.41 -29.82 27.01
CA VAL H 86 -17.63 -28.95 26.16
C VAL H 86 -17.84 -27.55 26.73
N MET H 87 -17.01 -27.18 27.70
CA MET H 87 -17.16 -25.90 28.37
C MET H 87 -15.79 -25.46 28.88
N LYS H 88 -15.81 -24.48 29.78
CA LYS H 88 -14.64 -24.00 30.50
C LYS H 88 -13.85 -25.13 31.14
N LEU H 89 -12.55 -25.16 30.87
CA LEU H 89 -11.67 -26.19 31.39
C LEU H 89 -11.28 -25.86 32.83
N PHE H 90 -10.51 -26.75 33.46
CA PHE H 90 -10.18 -26.55 34.87
C PHE H 90 -8.70 -26.77 35.15
N ASN H 91 -7.83 -26.42 34.20
CA ASN H 91 -6.39 -26.46 34.35
C ASN H 91 -5.77 -25.58 33.27
N PRO H 92 -4.90 -24.63 33.63
CA PRO H 92 -4.12 -23.95 32.60
C PRO H 92 -3.17 -24.86 31.84
N MET H 93 -2.72 -25.97 32.43
CA MET H 93 -1.91 -26.94 31.69
C MET H 93 -2.74 -27.68 30.66
N ALA H 94 -3.98 -28.02 31.01
CA ALA H 94 -4.85 -28.73 30.08
C ALA H 94 -5.25 -27.85 28.92
N SER H 95 -5.59 -26.58 29.21
CA SER H 95 -5.89 -25.64 28.13
C SER H 95 -4.66 -25.32 27.30
N MET H 96 -3.48 -25.34 27.92
CA MET H 96 -2.23 -25.16 27.20
C MET H 96 -2.01 -26.28 26.19
N LEU H 97 -2.13 -27.53 26.64
CA LEU H 97 -1.96 -28.68 25.74
C LEU H 97 -3.05 -28.72 24.68
N MET H 98 -4.27 -28.31 25.02
CA MET H 98 -5.35 -28.36 24.04
C MET H 98 -5.20 -27.29 22.97
N THR H 99 -4.82 -26.06 23.36
CA THR H 99 -4.60 -25.03 22.35
C THR H 99 -3.38 -25.32 21.50
N MET H 100 -2.36 -25.99 22.05
CA MET H 100 -1.25 -26.41 21.20
C MET H 100 -1.64 -27.54 20.26
N ALA H 101 -2.56 -28.41 20.70
CA ALA H 101 -3.04 -29.47 19.82
C ALA H 101 -3.85 -28.89 18.67
N LEU H 102 -4.74 -27.93 18.95
CA LEU H 102 -5.49 -27.32 17.86
C LEU H 102 -4.62 -26.39 17.02
N ALA H 103 -3.55 -25.87 17.58
CA ALA H 103 -2.60 -25.07 16.82
C ALA H 103 -1.83 -25.93 15.82
N MET H 104 -1.42 -27.14 16.23
CA MET H 104 -0.88 -28.09 15.27
C MET H 104 -1.95 -28.57 14.30
N LYS H 105 -3.20 -28.59 14.73
CA LYS H 105 -4.28 -29.10 13.90
C LYS H 105 -4.60 -28.17 12.74
N LEU H 106 -4.58 -26.86 12.96
CA LEU H 106 -4.90 -25.93 11.89
C LEU H 106 -3.78 -24.98 11.52
N GLY H 107 -2.59 -25.11 12.11
CA GLY H 107 -1.46 -24.38 11.60
C GLY H 107 -1.16 -23.06 12.28
N MET H 108 -0.11 -23.04 13.09
CA MET H 108 0.51 -21.81 13.57
C MET H 108 1.97 -21.83 13.20
N ALA H 109 2.64 -20.72 13.44
CA ALA H 109 3.99 -20.54 12.92
C ALA H 109 5.10 -21.43 13.49
N PRO H 110 5.09 -21.85 14.76
CA PRO H 110 5.99 -22.94 15.13
C PRO H 110 5.54 -24.30 14.60
N PHE H 111 4.34 -24.38 14.04
CA PHE H 111 3.73 -25.65 13.67
C PHE H 111 3.44 -25.79 12.19
N HIS H 112 3.72 -24.77 11.39
CA HIS H 112 3.21 -24.69 10.02
C HIS H 112 4.10 -25.39 9.01
N PHE H 113 5.14 -26.10 9.47
CA PHE H 113 6.11 -26.70 8.56
C PHE H 113 5.55 -27.86 7.74
N TRP H 114 4.33 -28.30 8.00
CA TRP H 114 3.70 -29.30 7.17
C TRP H 114 2.83 -28.71 6.08
N VAL H 115 2.37 -27.47 6.22
CA VAL H 115 1.34 -26.91 5.36
C VAL H 115 1.82 -26.66 3.92
N PRO H 116 2.95 -25.97 3.64
CA PRO H 116 3.30 -25.77 2.23
C PRO H 116 3.79 -27.05 1.58
N GLU H 117 4.41 -27.93 2.36
CA GLU H 117 4.86 -29.21 1.83
C GLU H 117 3.67 -30.07 1.44
N VAL H 118 2.65 -30.15 2.30
CA VAL H 118 1.51 -30.99 1.96
C VAL H 118 0.65 -30.34 0.88
N THR H 119 0.68 -29.02 0.74
CA THR H 119 -0.05 -28.45 -0.38
C THR H 119 0.73 -28.47 -1.68
N GLN H 120 2.04 -28.73 -1.64
CA GLN H 120 2.80 -28.73 -2.89
C GLN H 120 2.51 -29.96 -3.74
N GLY H 121 2.51 -31.14 -3.13
CA GLY H 121 2.48 -32.36 -3.92
C GLY H 121 1.13 -33.01 -4.08
N ILE H 122 0.07 -32.21 -4.01
CA ILE H 122 -1.29 -32.73 -4.13
C ILE H 122 -1.99 -31.95 -5.24
N PRO H 123 -3.06 -32.50 -5.82
CA PRO H 123 -3.86 -31.70 -6.76
C PRO H 123 -4.67 -30.60 -6.07
N LEU H 124 -5.41 -29.83 -6.85
CA LEU H 124 -6.04 -28.63 -6.30
C LEU H 124 -7.34 -28.92 -5.57
N SER H 125 -8.04 -30.01 -5.92
CA SER H 125 -9.27 -30.36 -5.22
C SER H 125 -8.98 -30.78 -3.78
N SER H 126 -7.92 -31.56 -3.58
CA SER H 126 -7.53 -31.99 -2.25
C SER H 126 -7.05 -30.82 -1.40
N GLY H 127 -6.31 -29.90 -2.00
CA GLY H 127 -5.90 -28.70 -1.29
C GLY H 127 -7.08 -27.82 -0.90
N LEU H 128 -8.07 -27.71 -1.80
CA LEU H 128 -9.28 -26.96 -1.52
C LEU H 128 -10.04 -27.55 -0.34
N ILE H 129 -10.24 -28.87 -0.36
CA ILE H 129 -11.06 -29.46 0.70
C ILE H 129 -10.30 -29.47 2.01
N LEU H 130 -8.96 -29.62 2.00
CA LEU H 130 -8.25 -29.63 3.27
C LEU H 130 -8.19 -28.23 3.87
N LEU H 131 -7.93 -27.20 3.05
CA LEU H 131 -7.94 -25.84 3.56
C LEU H 131 -9.29 -25.45 4.12
N THR H 132 -10.37 -25.63 3.33
CA THR H 132 -11.70 -25.20 3.79
C THR H 132 -12.15 -25.98 5.02
N TRP H 133 -12.18 -27.32 4.96
CA TRP H 133 -12.76 -28.05 6.07
C TRP H 133 -11.82 -28.15 7.27
N GLN H 134 -10.53 -28.41 7.04
CA GLN H 134 -9.60 -28.51 8.16
C GLN H 134 -9.34 -27.17 8.83
N LYS H 135 -9.63 -26.04 8.19
CA LYS H 135 -9.57 -24.81 8.96
C LYS H 135 -10.94 -24.33 9.39
N LEU H 136 -12.01 -25.00 8.95
CA LEU H 136 -13.34 -24.69 9.47
C LEU H 136 -13.59 -25.39 10.79
N ALA H 137 -13.37 -26.71 10.84
CA ALA H 137 -13.90 -27.52 11.94
C ALA H 137 -13.30 -27.26 13.32
N PRO H 138 -11.99 -27.06 13.52
CA PRO H 138 -11.53 -26.77 14.89
C PRO H 138 -11.83 -25.36 15.38
N MET H 139 -12.21 -24.45 14.48
CA MET H 139 -12.65 -23.13 14.92
C MET H 139 -13.91 -23.21 15.74
N SER H 140 -14.78 -24.19 15.46
CA SER H 140 -15.93 -24.45 16.31
C SER H 140 -15.53 -24.85 17.71
N VAL H 141 -14.48 -25.68 17.82
CA VAL H 141 -14.05 -26.15 19.13
C VAL H 141 -13.40 -25.03 19.93
N LEU H 142 -12.59 -24.20 19.26
CA LEU H 142 -12.04 -23.02 19.92
C LEU H 142 -13.13 -22.03 20.32
N TYR H 143 -14.17 -21.92 19.48
CA TYR H 143 -15.33 -21.09 19.81
C TYR H 143 -16.07 -21.61 21.02
N GLN H 144 -16.04 -22.93 21.24
CA GLN H 144 -16.72 -23.49 22.39
C GLN H 144 -15.89 -23.41 23.67
N ILE H 145 -14.56 -23.50 23.57
CA ILE H 145 -13.73 -23.49 24.78
C ILE H 145 -12.99 -22.17 24.97
N LEU H 146 -13.42 -21.10 24.28
CA LEU H 146 -12.80 -19.79 24.47
C LEU H 146 -12.80 -19.19 25.89
N PRO H 147 -13.79 -19.43 26.82
CA PRO H 147 -13.68 -18.74 28.12
C PRO H 147 -12.62 -19.26 29.08
N SER H 148 -11.79 -20.22 28.68
CA SER H 148 -10.82 -20.79 29.60
C SER H 148 -9.45 -20.96 28.96
N ILE H 149 -8.97 -19.90 28.29
CA ILE H 149 -7.69 -19.97 27.58
C ILE H 149 -6.77 -18.89 28.13
N ASN H 150 -5.52 -19.27 28.41
CA ASN H 150 -4.49 -18.29 28.68
C ASN H 150 -4.22 -17.48 27.43
N LEU H 151 -4.19 -16.15 27.58
CA LEU H 151 -4.20 -15.25 26.44
C LEU H 151 -2.87 -15.24 25.69
N ASP H 152 -1.77 -15.43 26.41
CA ASP H 152 -0.46 -15.34 25.78
C ASP H 152 -0.24 -16.43 24.74
N LEU H 153 -0.84 -17.61 24.95
CA LEU H 153 -0.85 -18.71 24.00
C LEU H 153 -1.41 -18.30 22.65
N ILE H 154 -2.70 -17.97 22.64
CA ILE H 154 -3.41 -17.56 21.43
C ILE H 154 -2.72 -16.38 20.78
N LEU H 155 -2.35 -15.39 21.57
CA LEU H 155 -1.93 -14.14 20.94
C LEU H 155 -0.50 -14.22 20.43
N THR H 156 0.39 -14.94 21.12
CA THR H 156 1.73 -15.16 20.63
C THR H 156 1.72 -16.01 19.37
N LEU H 157 0.91 -17.08 19.36
CA LEU H 157 0.80 -17.90 18.16
C LEU H 157 0.17 -17.12 17.01
N SER H 158 -0.74 -16.19 17.30
CA SER H 158 -1.38 -15.44 16.22
C SER H 158 -0.45 -14.40 15.62
N ILE H 159 0.25 -13.63 16.47
CA ILE H 159 1.24 -12.66 15.99
C ILE H 159 2.32 -13.35 15.18
N LEU H 160 2.84 -14.45 15.72
CA LEU H 160 3.90 -15.17 15.05
C LEU H 160 3.39 -15.82 13.76
N SER H 161 2.14 -16.26 13.74
CA SER H 161 1.57 -16.85 12.53
C SER H 161 1.44 -15.83 11.42
N ILE H 162 0.98 -14.63 11.76
CA ILE H 162 0.83 -13.58 10.76
C ILE H 162 2.20 -13.15 10.23
N THR H 163 3.19 -12.98 11.11
CA THR H 163 4.48 -12.51 10.60
C THR H 163 5.28 -13.59 9.87
N ILE H 164 5.13 -14.88 10.23
CA ILE H 164 5.87 -15.90 9.51
C ILE H 164 5.17 -16.27 8.21
N GLY H 165 3.83 -16.32 8.21
CA GLY H 165 3.11 -16.49 6.97
C GLY H 165 3.21 -15.30 6.03
N GLY H 166 3.58 -14.13 6.55
CA GLY H 166 3.96 -13.05 5.68
C GLY H 166 5.36 -13.21 5.12
N TRP H 167 6.37 -13.35 5.99
CA TRP H 167 7.76 -13.35 5.56
C TRP H 167 8.09 -14.54 4.68
N GLY H 168 7.76 -15.74 5.13
CA GLY H 168 7.75 -16.87 4.23
C GLY H 168 6.60 -16.68 3.28
N GLY H 169 6.89 -16.48 2.00
CA GLY H 169 5.85 -16.15 1.05
C GLY H 169 6.31 -15.16 0.01
N LEU H 170 7.38 -14.42 0.32
CA LEU H 170 7.98 -13.51 -0.65
C LEU H 170 9.07 -14.19 -1.46
N ASN H 171 9.12 -15.52 -1.43
CA ASN H 171 10.22 -16.24 -2.06
C ASN H 171 9.72 -17.48 -2.79
N GLN H 172 8.42 -17.61 -3.01
CA GLN H 172 7.87 -18.78 -3.69
C GLN H 172 7.22 -18.36 -5.00
N THR H 173 7.61 -19.02 -6.08
CA THR H 173 6.95 -18.85 -7.36
C THR H 173 5.87 -19.90 -7.61
N GLN H 174 5.82 -20.94 -6.80
CA GLN H 174 4.72 -21.90 -6.86
C GLN H 174 3.43 -21.23 -6.43
N LEU H 175 2.31 -21.79 -6.89
CA LEU H 175 1.02 -21.23 -6.50
C LEU H 175 0.58 -21.76 -5.15
N ARG H 176 0.75 -23.06 -4.93
CA ARG H 176 0.17 -23.71 -3.76
C ARG H 176 0.87 -23.28 -2.48
N LYS H 177 2.18 -23.01 -2.53
CA LYS H 177 2.87 -22.53 -1.35
C LYS H 177 2.49 -21.09 -1.03
N ILE H 178 2.20 -20.27 -2.05
CA ILE H 178 1.66 -18.94 -1.82
C ILE H 178 0.30 -19.04 -1.13
N MET H 179 -0.55 -19.95 -1.61
CA MET H 179 -1.87 -20.07 -1.00
C MET H 179 -1.78 -20.64 0.41
N ALA H 180 -0.80 -21.50 0.67
CA ALA H 180 -0.62 -22.06 2.01
C ALA H 180 -0.13 -21.01 3.00
N TYR H 181 0.83 -20.19 2.58
CA TYR H 181 1.28 -19.09 3.44
C TYR H 181 0.18 -18.06 3.69
N SER H 182 -0.67 -17.84 2.68
CA SER H 182 -1.84 -16.99 2.89
C SER H 182 -2.81 -17.61 3.89
N SER H 183 -2.94 -18.94 3.86
CA SER H 183 -3.77 -19.63 4.84
C SER H 183 -3.24 -19.45 6.24
N ILE H 184 -1.92 -19.50 6.40
CA ILE H 184 -1.31 -19.32 7.71
C ILE H 184 -1.55 -17.90 8.22
N ALA H 185 -1.45 -16.91 7.32
CA ALA H 185 -1.72 -15.53 7.71
C ALA H 185 -3.19 -15.32 8.11
N HIS H 186 -4.11 -15.99 7.44
CA HIS H 186 -5.51 -15.83 7.84
C HIS H 186 -5.86 -16.64 9.07
N MET H 187 -5.18 -17.74 9.35
CA MET H 187 -5.37 -18.42 10.63
C MET H 187 -4.94 -17.53 11.78
N GLY H 188 -3.83 -16.80 11.58
CA GLY H 188 -3.40 -15.85 12.60
C GLY H 188 -4.40 -14.72 12.80
N TRP H 189 -4.91 -14.17 11.69
CA TRP H 189 -5.91 -13.10 11.78
C TRP H 189 -7.20 -13.55 12.44
N MET H 190 -7.63 -14.80 12.24
CA MET H 190 -8.80 -15.25 12.97
C MET H 190 -8.50 -15.54 14.43
N THR H 191 -7.32 -16.04 14.74
CA THR H 191 -7.06 -16.47 16.09
C THR H 191 -6.84 -15.30 17.03
N ALA H 192 -6.26 -14.19 16.55
CA ALA H 192 -5.96 -13.06 17.44
C ALA H 192 -7.19 -12.37 18.01
N VAL H 193 -8.38 -12.59 17.43
CA VAL H 193 -9.58 -11.90 17.87
C VAL H 193 -10.39 -12.74 18.86
N LEU H 194 -10.01 -14.01 19.03
CA LEU H 194 -10.92 -15.03 19.53
C LEU H 194 -11.31 -14.83 20.98
N LEU H 195 -10.48 -14.16 21.76
CA LEU H 195 -10.80 -13.87 23.15
C LEU H 195 -11.57 -12.57 23.33
N TYR H 196 -11.88 -11.87 22.24
CA TYR H 196 -12.48 -10.54 22.33
C TYR H 196 -13.89 -10.52 21.77
N ASN H 197 -14.10 -10.94 20.54
CA ASN H 197 -15.43 -11.19 20.01
C ASN H 197 -15.33 -12.25 18.94
N PRO H 198 -15.89 -13.44 19.16
CA PRO H 198 -15.69 -14.55 18.23
C PRO H 198 -16.59 -14.50 17.00
N THR H 199 -17.58 -13.60 16.96
CA THR H 199 -18.36 -13.37 15.76
C THR H 199 -17.46 -12.93 14.60
N MET H 200 -16.46 -12.10 14.92
CA MET H 200 -15.45 -11.70 13.94
C MET H 200 -14.67 -12.90 13.43
N THR H 201 -14.38 -13.87 14.31
CA THR H 201 -13.64 -15.05 13.90
C THR H 201 -14.45 -15.91 12.94
N LEU H 202 -15.73 -16.12 13.25
CA LEU H 202 -16.54 -16.96 12.36
C LEU H 202 -16.84 -16.26 11.04
N LEU H 203 -17.00 -14.93 11.06
CA LEU H 203 -17.23 -14.20 9.83
C LEU H 203 -15.97 -14.14 8.96
N ASN H 204 -14.80 -14.02 9.60
CA ASN H 204 -13.55 -14.10 8.87
C ASN H 204 -13.34 -15.49 8.29
N LEU H 205 -13.84 -16.53 8.98
CA LEU H 205 -13.76 -17.88 8.44
C LEU H 205 -14.60 -18.02 7.18
N ILE H 206 -15.82 -17.46 7.21
CA ILE H 206 -16.70 -17.50 6.04
C ILE H 206 -16.05 -16.77 4.86
N ILE H 207 -15.48 -15.58 5.13
CA ILE H 207 -14.89 -14.79 4.06
C ILE H 207 -13.66 -15.47 3.48
N TYR H 208 -12.80 -16.04 4.34
CA TYR H 208 -11.60 -16.69 3.82
C TYR H 208 -11.94 -17.96 3.04
N ILE H 209 -12.99 -18.69 3.44
CA ILE H 209 -13.37 -19.88 2.70
C ILE H 209 -13.95 -19.52 1.34
N ILE H 210 -14.73 -18.43 1.26
CA ILE H 210 -15.25 -18.01 -0.04
C ILE H 210 -14.12 -17.52 -0.94
N MET H 211 -13.16 -16.80 -0.37
CA MET H 211 -12.01 -16.31 -1.16
C MET H 211 -11.15 -17.47 -1.68
N THR H 212 -10.90 -18.47 -0.84
CA THR H 212 -10.09 -19.60 -1.25
C THR H 212 -10.80 -20.46 -2.28
N SER H 213 -12.13 -20.56 -2.18
CA SER H 213 -12.89 -21.28 -3.20
C SER H 213 -12.84 -20.57 -4.54
N THR H 214 -12.91 -19.23 -4.53
CA THR H 214 -12.75 -18.48 -5.79
C THR H 214 -11.36 -18.64 -6.38
N MET H 215 -10.33 -18.61 -5.52
CA MET H 215 -8.96 -18.74 -5.98
C MET H 215 -8.70 -20.10 -6.60
N PHE H 216 -9.07 -21.16 -5.90
CA PHE H 216 -8.86 -22.49 -6.43
C PHE H 216 -9.79 -22.82 -7.58
N THR H 217 -10.94 -22.16 -7.70
CA THR H 217 -11.76 -22.38 -8.88
C THR H 217 -11.14 -21.72 -10.10
N LEU H 218 -10.58 -20.52 -9.93
CA LEU H 218 -9.86 -19.88 -11.03
C LEU H 218 -8.54 -20.58 -11.35
N PHE H 219 -8.03 -21.43 -10.47
CA PHE H 219 -6.94 -22.31 -10.90
C PHE H 219 -7.42 -23.66 -11.42
N MET H 220 -8.64 -24.10 -11.08
CA MET H 220 -9.18 -25.32 -11.67
C MET H 220 -9.69 -25.12 -13.08
N ALA H 221 -10.03 -23.88 -13.46
CA ALA H 221 -10.51 -23.62 -14.81
C ALA H 221 -9.41 -23.82 -15.86
N ASN H 222 -8.15 -23.80 -15.45
CA ASN H 222 -7.02 -23.88 -16.35
C ASN H 222 -5.82 -24.35 -15.54
N SER H 223 -5.31 -25.53 -15.86
CA SER H 223 -4.37 -26.26 -15.00
C SER H 223 -3.04 -25.52 -14.96
N THR H 224 -2.80 -24.80 -13.87
CA THR H 224 -1.61 -24.00 -13.67
C THR H 224 -0.96 -24.34 -12.34
N THR H 225 0.36 -24.43 -12.33
CA THR H 225 1.12 -24.55 -11.10
C THR H 225 2.13 -23.44 -10.89
N THR H 226 2.57 -22.77 -11.95
CA THR H 226 3.52 -21.67 -11.88
C THR H 226 2.91 -20.43 -12.53
N THR H 227 3.55 -19.28 -12.31
CA THR H 227 3.03 -18.03 -12.83
C THR H 227 3.20 -17.91 -14.34
N LEU H 228 4.13 -18.67 -14.92
CA LEU H 228 4.28 -18.67 -16.37
C LEU H 228 3.05 -19.27 -17.03
N SER H 229 2.48 -20.31 -16.41
CA SER H 229 1.21 -20.85 -16.86
C SER H 229 0.09 -19.84 -16.66
N LEU H 230 0.19 -18.98 -15.65
CA LEU H 230 -0.81 -17.91 -15.49
C LEU H 230 -0.72 -16.88 -16.61
N SER H 231 0.49 -16.59 -17.09
CA SER H 231 0.61 -15.70 -18.24
C SER H 231 0.09 -16.35 -19.52
N HIS H 232 0.27 -17.66 -19.67
CA HIS H 232 -0.33 -18.31 -20.82
C HIS H 232 -1.86 -18.35 -20.72
N THR H 233 -2.39 -18.36 -19.50
CA THR H 233 -3.84 -18.19 -19.35
C THR H 233 -4.29 -16.76 -19.49
N TRP H 234 -3.39 -15.78 -19.37
CA TRP H 234 -3.71 -14.47 -19.93
C TRP H 234 -3.93 -14.59 -21.43
N ASN H 235 -3.02 -15.29 -22.11
CA ASN H 235 -3.10 -15.32 -23.58
C ASN H 235 -4.32 -16.09 -24.08
N LYS H 236 -4.74 -17.14 -23.39
CA LYS H 236 -5.82 -17.96 -23.96
C LYS H 236 -7.20 -17.36 -23.75
N ALA H 237 -7.43 -16.60 -22.65
CA ALA H 237 -8.77 -16.10 -22.36
C ALA H 237 -8.68 -14.86 -21.50
N PRO H 238 -9.48 -13.83 -21.78
CA PRO H 238 -9.30 -12.54 -21.08
C PRO H 238 -10.05 -12.38 -19.77
N ILE H 239 -11.12 -13.15 -19.55
CA ILE H 239 -11.92 -12.93 -18.35
C ILE H 239 -11.26 -13.55 -17.13
N MET H 240 -10.50 -14.64 -17.32
CA MET H 240 -9.72 -15.22 -16.24
C MET H 240 -8.67 -14.24 -15.71
N THR H 241 -8.17 -13.36 -16.58
CA THR H 241 -7.19 -12.36 -16.19
C THR H 241 -7.77 -11.37 -15.21
N ILE H 242 -8.91 -10.76 -15.56
CA ILE H 242 -9.50 -9.74 -14.71
C ILE H 242 -10.07 -10.37 -13.44
N LEU H 243 -10.46 -11.66 -13.48
CA LEU H 243 -10.93 -12.23 -12.23
C LEU H 243 -9.81 -12.64 -11.30
N VAL H 244 -8.66 -13.06 -11.85
CA VAL H 244 -7.48 -13.25 -11.02
C VAL H 244 -7.03 -11.91 -10.43
N LEU H 245 -7.11 -10.83 -11.23
CA LEU H 245 -6.88 -9.48 -10.74
C LEU H 245 -7.75 -9.12 -9.53
N ILE H 246 -9.06 -9.32 -9.66
CA ILE H 246 -9.97 -8.86 -8.61
C ILE H 246 -9.87 -9.75 -7.38
N THR H 247 -9.73 -11.07 -7.57
CA THR H 247 -9.64 -11.94 -6.40
C THR H 247 -8.28 -11.83 -5.69
N LEU H 248 -7.20 -11.54 -6.42
CA LEU H 248 -5.93 -11.28 -5.75
C LEU H 248 -5.97 -9.97 -4.98
N LEU H 249 -6.58 -8.93 -5.57
CA LEU H 249 -6.69 -7.66 -4.86
C LEU H 249 -7.69 -7.73 -3.70
N SER H 250 -8.58 -8.71 -3.70
CA SER H 250 -9.44 -8.92 -2.55
C SER H 250 -8.81 -9.83 -1.50
N MET H 251 -7.89 -10.71 -1.90
CA MET H 251 -7.03 -11.35 -0.91
C MET H 251 -6.15 -10.33 -0.21
N GLY H 252 -5.75 -9.28 -0.92
CA GLY H 252 -4.91 -8.26 -0.31
C GLY H 252 -5.61 -7.43 0.74
N GLY H 253 -6.92 -7.23 0.60
CA GLY H 253 -7.65 -6.47 1.60
C GLY H 253 -7.63 -4.98 1.36
N LEU H 254 -8.15 -4.54 0.23
CA LEU H 254 -8.26 -3.15 -0.18
C LEU H 254 -9.69 -2.66 -0.02
N PRO H 255 -9.89 -1.42 0.44
CA PRO H 255 -11.19 -1.00 1.03
C PRO H 255 -12.42 -1.07 0.13
N PRO H 256 -12.41 -0.66 -1.15
CA PRO H 256 -13.67 -0.78 -1.92
C PRO H 256 -14.01 -2.21 -2.29
N LEU H 257 -13.06 -3.12 -2.14
CA LEU H 257 -13.24 -4.51 -2.48
C LEU H 257 -13.48 -5.29 -1.19
N SER H 258 -14.12 -6.43 -1.30
CA SER H 258 -14.71 -7.07 -0.12
C SER H 258 -13.72 -7.90 0.70
N GLY H 259 -12.42 -7.68 0.57
CA GLY H 259 -11.45 -8.28 1.46
C GLY H 259 -11.06 -7.40 2.62
N PHE H 260 -11.73 -6.27 2.79
CA PHE H 260 -11.42 -5.28 3.82
C PHE H 260 -12.39 -5.37 4.99
N MET H 261 -13.61 -5.82 4.74
CA MET H 261 -14.54 -6.19 5.80
C MET H 261 -14.00 -7.18 6.84
N PRO H 262 -13.18 -8.20 6.52
CA PRO H 262 -12.61 -8.97 7.64
C PRO H 262 -11.59 -8.21 8.47
N LYS H 263 -10.68 -7.47 7.84
CA LYS H 263 -9.60 -6.84 8.59
C LYS H 263 -10.10 -5.69 9.44
N TRP H 264 -10.94 -4.83 8.86
CA TRP H 264 -11.30 -3.57 9.48
C TRP H 264 -12.29 -3.76 10.63
N MET H 265 -13.19 -4.72 10.51
CA MET H 265 -14.09 -5.02 11.63
C MET H 265 -13.34 -5.64 12.79
N ILE H 266 -12.31 -6.44 12.49
CA ILE H 266 -11.38 -6.94 13.52
C ILE H 266 -10.66 -5.77 14.19
N ILE H 267 -10.25 -4.77 13.41
CA ILE H 267 -9.62 -3.57 13.99
C ILE H 267 -10.59 -2.85 14.93
N GLN H 268 -11.86 -2.77 14.53
CA GLN H 268 -12.89 -2.14 15.36
C GLN H 268 -13.05 -2.85 16.70
N GLU H 269 -13.41 -4.13 16.66
CA GLU H 269 -13.66 -4.84 17.91
C GLU H 269 -12.39 -5.42 18.53
N MET H 270 -11.23 -5.01 18.05
CA MET H 270 -9.98 -5.14 18.78
C MET H 270 -9.67 -3.87 19.55
N THR H 271 -9.85 -2.71 18.92
CA THR H 271 -9.54 -1.42 19.53
C THR H 271 -10.68 -0.84 20.34
N LYS H 272 -11.82 -1.52 20.47
CA LYS H 272 -12.71 -1.12 21.54
C LYS H 272 -12.27 -1.68 22.89
N ASN H 273 -11.19 -2.45 22.92
CA ASN H 273 -10.41 -2.66 24.12
C ASN H 273 -9.31 -1.59 24.13
N ASP H 274 -8.31 -1.73 25.00
CA ASP H 274 -7.17 -0.82 25.00
C ASP H 274 -5.94 -1.42 24.33
N SER H 275 -6.13 -2.24 23.30
CA SER H 275 -5.04 -2.81 22.53
C SER H 275 -4.94 -2.03 21.22
N ILE H 276 -3.84 -1.29 21.04
CA ILE H 276 -3.62 -0.45 19.87
C ILE H 276 -2.33 -0.83 19.15
N ILE H 277 -1.27 -1.10 19.90
CA ILE H 277 0.01 -1.51 19.32
C ILE H 277 -0.11 -2.85 18.60
N LEU H 278 -0.91 -3.76 19.14
CA LEU H 278 -1.16 -5.03 18.48
C LEU H 278 -1.97 -4.90 17.19
N PRO H 279 -3.05 -4.08 17.11
CA PRO H 279 -3.64 -3.82 15.78
C PRO H 279 -2.72 -3.15 14.78
N THR H 280 -1.92 -2.17 15.18
CA THR H 280 -1.07 -1.55 14.17
C THR H 280 0.06 -2.48 13.72
N LEU H 281 0.53 -3.38 14.60
CA LEU H 281 1.54 -4.34 14.18
C LEU H 281 0.94 -5.38 13.24
N MET H 282 -0.25 -5.90 13.58
CA MET H 282 -0.92 -6.87 12.72
C MET H 282 -1.28 -6.28 11.36
N ALA H 283 -1.68 -5.02 11.33
CA ALA H 283 -2.09 -4.44 10.06
C ALA H 283 -0.91 -3.97 9.21
N ILE H 284 0.23 -3.63 9.82
CA ILE H 284 1.43 -3.46 9.01
C ILE H 284 1.91 -4.79 8.43
N THR H 285 1.74 -5.89 9.17
CA THR H 285 2.05 -7.18 8.54
C THR H 285 1.01 -7.54 7.48
N ALA H 286 -0.21 -7.03 7.61
CA ALA H 286 -1.19 -7.18 6.53
C ALA H 286 -0.83 -6.32 5.32
N LEU H 287 -0.11 -5.23 5.51
CA LEU H 287 0.53 -4.57 4.38
C LEU H 287 1.61 -5.46 3.80
N LEU H 288 2.30 -6.21 4.64
CA LEU H 288 3.42 -7.02 4.17
C LEU H 288 2.96 -8.21 3.33
N ASN H 289 1.87 -8.87 3.71
CA ASN H 289 1.51 -10.08 2.97
C ASN H 289 0.70 -9.79 1.70
N LEU H 290 0.73 -8.56 1.20
CA LEU H 290 0.07 -8.22 -0.04
C LEU H 290 1.04 -8.20 -1.22
N TYR H 291 2.35 -8.17 -0.94
CA TYR H 291 3.33 -8.02 -2.01
C TYR H 291 3.38 -9.22 -2.93
N PHE H 292 3.24 -10.43 -2.39
CA PHE H 292 3.29 -11.57 -3.28
C PHE H 292 2.00 -11.73 -4.07
N TYR H 293 0.88 -11.28 -3.51
CA TYR H 293 -0.33 -11.10 -4.32
C TYR H 293 -0.10 -10.13 -5.46
N MET H 294 0.63 -9.05 -5.20
CA MET H 294 0.80 -8.02 -6.20
C MET H 294 1.77 -8.44 -7.30
N ARG H 295 2.83 -9.16 -6.96
CA ARG H 295 3.70 -9.68 -8.01
C ARG H 295 3.02 -10.81 -8.77
N LEU H 296 2.11 -11.55 -8.12
CA LEU H 296 1.28 -12.51 -8.83
C LEU H 296 0.41 -11.80 -9.86
N THR H 297 -0.16 -10.66 -9.49
CA THR H 297 -1.03 -9.92 -10.39
C THR H 297 -0.24 -9.30 -11.54
N TYR H 298 0.97 -8.80 -11.25
CA TYR H 298 1.86 -8.29 -12.29
C TYR H 298 2.28 -9.40 -13.26
N SER H 299 2.40 -10.63 -12.77
CA SER H 299 2.66 -11.74 -13.68
C SER H 299 1.43 -12.06 -14.53
N THR H 300 0.23 -12.00 -13.94
CA THR H 300 -0.95 -12.47 -14.67
C THR H 300 -1.47 -11.44 -15.66
N ALA H 301 -1.99 -10.32 -15.16
CA ALA H 301 -2.96 -9.56 -15.92
C ALA H 301 -2.65 -8.09 -16.11
N LEU H 302 -1.47 -7.63 -15.71
CA LEU H 302 -1.11 -6.23 -15.86
C LEU H 302 0.04 -6.02 -16.83
N THR H 303 1.15 -6.72 -16.64
CA THR H 303 2.07 -6.91 -17.75
C THR H 303 1.67 -8.17 -18.51
N MET H 304 2.35 -8.42 -19.62
CA MET H 304 2.03 -9.56 -20.49
C MET H 304 3.31 -10.28 -20.85
N PHE H 305 3.50 -11.47 -20.31
CA PHE H 305 4.68 -12.25 -20.64
C PHE H 305 4.55 -12.82 -22.04
N PRO H 306 5.66 -12.99 -22.76
CA PRO H 306 5.57 -13.57 -24.09
C PRO H 306 5.24 -15.05 -24.00
N SER H 307 4.28 -15.47 -24.82
CA SER H 307 3.74 -16.81 -24.72
C SER H 307 4.24 -17.67 -25.87
N THR H 308 4.48 -18.94 -25.56
CA THR H 308 4.77 -19.94 -26.57
C THR H 308 3.57 -20.09 -27.49
N ASN H 309 3.81 -20.47 -28.74
CA ASN H 309 2.70 -20.88 -29.59
C ASN H 309 2.25 -22.29 -29.18
N ASN H 310 1.34 -22.86 -29.97
CA ASN H 310 0.33 -23.89 -29.73
C ASN H 310 -0.85 -23.31 -28.96
N MET H 311 -0.77 -22.08 -28.47
CA MET H 311 -1.98 -21.35 -28.15
C MET H 311 -2.80 -21.08 -29.39
N LYS H 312 -2.12 -20.93 -30.54
CA LYS H 312 -2.79 -20.93 -31.84
C LYS H 312 -3.63 -22.17 -32.07
N MET H 313 -3.21 -23.31 -31.52
CA MET H 313 -3.97 -24.53 -31.60
C MET H 313 -4.99 -24.66 -30.48
N LYS H 314 -4.70 -24.09 -29.31
CA LYS H 314 -5.60 -24.15 -28.18
C LYS H 314 -6.78 -23.21 -28.33
N TRP H 315 -6.69 -22.24 -29.24
CA TRP H 315 -7.79 -21.28 -29.45
C TRP H 315 -9.03 -21.92 -30.03
N GLN H 316 -8.89 -23.01 -30.79
CA GLN H 316 -10.06 -23.65 -31.36
C GLN H 316 -10.91 -24.37 -30.32
N PHE H 317 -10.33 -24.69 -29.17
CA PHE H 317 -11.00 -25.54 -28.19
C PHE H 317 -11.34 -24.74 -26.95
N PRO H 318 -12.61 -24.41 -26.72
CA PRO H 318 -12.96 -23.54 -25.60
C PRO H 318 -12.84 -24.27 -24.27
N THR H 319 -12.74 -23.47 -23.20
CA THR H 319 -12.58 -23.99 -21.85
C THR H 319 -13.89 -24.65 -21.43
N THR H 320 -13.98 -25.95 -21.64
CA THR H 320 -15.22 -26.70 -21.48
C THR H 320 -15.26 -27.51 -20.19
N LYS H 321 -14.61 -27.04 -19.14
CA LYS H 321 -14.83 -27.60 -17.82
C LYS H 321 -16.21 -27.20 -17.30
N ARG H 322 -16.59 -27.78 -16.18
CA ARG H 322 -17.62 -27.21 -15.34
C ARG H 322 -16.94 -26.61 -14.12
N MET H 323 -17.37 -25.42 -13.75
CA MET H 323 -16.90 -24.80 -12.52
C MET H 323 -17.82 -25.21 -11.39
N THR H 324 -17.25 -25.28 -10.18
CA THR H 324 -18.01 -25.68 -9.00
C THR H 324 -19.10 -24.65 -8.73
N LEU H 325 -18.70 -23.45 -8.33
CA LEU H 325 -19.56 -22.27 -8.45
C LEU H 325 -18.61 -21.07 -8.54
N LEU H 326 -18.26 -20.70 -9.75
CA LEU H 326 -17.34 -19.58 -9.91
C LEU H 326 -17.98 -18.18 -9.88
N PRO H 327 -19.04 -17.86 -10.64
CA PRO H 327 -19.43 -16.43 -10.71
C PRO H 327 -20.12 -15.94 -9.47
N THR H 328 -20.98 -16.77 -8.88
CA THR H 328 -21.66 -16.42 -7.63
C THR H 328 -20.66 -16.18 -6.51
N MET H 329 -19.70 -17.09 -6.35
CA MET H 329 -18.68 -16.92 -5.33
C MET H 329 -17.77 -15.75 -5.61
N THR H 330 -17.53 -15.43 -6.90
CA THR H 330 -16.70 -14.28 -7.24
C THR H 330 -17.38 -12.97 -6.84
N VAL H 331 -18.63 -12.77 -7.26
CA VAL H 331 -19.32 -11.53 -6.93
C VAL H 331 -19.71 -11.46 -5.48
N LEU H 332 -19.80 -12.60 -4.78
CA LEU H 332 -20.09 -12.54 -3.35
C LEU H 332 -18.82 -12.32 -2.56
N SER H 333 -17.67 -12.72 -3.11
CA SER H 333 -16.40 -12.55 -2.44
C SER H 333 -15.78 -11.18 -2.67
N THR H 334 -16.17 -10.48 -3.74
CA THR H 334 -15.52 -9.22 -4.07
C THR H 334 -16.43 -8.01 -4.04
N MET H 335 -17.75 -8.16 -4.19
CA MET H 335 -18.66 -7.03 -4.25
C MET H 335 -19.50 -6.90 -2.98
N LEU H 336 -19.00 -7.38 -1.85
CA LEU H 336 -19.78 -7.46 -0.63
C LEU H 336 -19.26 -6.46 0.40
N LEU H 337 -18.81 -5.30 -0.08
CA LEU H 337 -18.41 -4.25 0.86
C LEU H 337 -19.59 -3.62 1.61
N PRO H 338 -20.61 -3.04 0.97
CA PRO H 338 -21.58 -2.26 1.76
C PRO H 338 -22.54 -3.10 2.58
N LEU H 339 -22.47 -4.42 2.53
CA LEU H 339 -23.23 -5.25 3.46
C LEU H 339 -22.40 -5.71 4.64
N THR H 340 -21.69 -4.78 5.27
CA THR H 340 -21.13 -5.01 6.60
C THR H 340 -22.15 -5.18 7.74
N PRO H 341 -23.41 -4.65 7.70
CA PRO H 341 -24.34 -5.05 8.77
C PRO H 341 -24.98 -6.42 8.57
N ILE H 342 -24.39 -7.25 7.71
CA ILE H 342 -24.58 -8.70 7.77
C ILE H 342 -23.53 -9.32 8.69
N LEU H 343 -22.79 -8.49 9.44
CA LEU H 343 -22.07 -8.96 10.62
C LEU H 343 -23.02 -9.63 11.61
N SER H 344 -24.16 -9.01 11.87
CA SER H 344 -25.10 -9.49 12.88
C SER H 344 -26.03 -10.56 12.34
N ILE H 345 -25.62 -11.28 11.29
CA ILE H 345 -26.32 -12.45 10.82
C ILE H 345 -26.06 -13.65 11.71
N LEU H 346 -25.13 -13.53 12.65
CA LEU H 346 -24.40 -14.68 13.16
C LEU H 346 -24.82 -15.09 14.56
N GLU H 347 -25.28 -14.16 15.40
CA GLU H 347 -25.65 -14.51 16.77
C GLU H 347 -27.01 -15.20 16.80
N ALA I 1 11.92 -14.35 30.47
CA ALA I 1 10.65 -14.70 31.11
C ALA I 1 10.12 -13.60 32.01
N LYS I 2 8.92 -13.86 32.53
CA LYS I 2 8.18 -12.85 33.28
C LYS I 2 8.89 -12.49 34.58
N THR I 3 9.50 -13.47 35.24
CA THR I 3 10.13 -13.21 36.53
C THR I 3 11.39 -12.36 36.39
N LEU I 4 12.18 -12.57 35.34
CA LEU I 4 13.37 -11.74 35.20
C LEU I 4 13.10 -10.40 34.51
N LEU I 5 12.05 -10.28 33.70
CA LEU I 5 11.68 -8.92 33.29
C LEU I 5 11.07 -8.14 34.44
N HIS I 6 10.41 -8.84 35.38
CA HIS I 6 9.97 -8.20 36.61
C HIS I 6 11.16 -7.83 37.50
N GLN I 7 12.23 -8.63 37.46
CA GLN I 7 13.47 -8.24 38.13
C GLN I 7 14.08 -6.99 37.50
N TYR I 8 13.96 -6.85 36.18
CA TYR I 8 14.49 -5.66 35.53
C TYR I 8 13.66 -4.42 35.86
N TRP I 9 12.33 -4.54 35.83
CA TRP I 9 11.48 -3.39 36.09
C TRP I 9 11.14 -3.22 37.57
N ASP I 10 11.75 -4.01 38.45
CA ASP I 10 11.62 -3.78 39.88
C ASP I 10 12.53 -2.66 40.34
N ILE I 11 13.64 -2.45 39.65
CA ILE I 11 14.65 -1.46 40.04
C ILE I 11 14.11 -0.07 39.76
N PRO I 12 14.24 0.88 40.69
CA PRO I 12 13.93 2.28 40.36
C PRO I 12 14.92 2.82 39.36
N GLU I 13 14.41 3.56 38.38
CA GLU I 13 15.19 3.91 37.19
C GLU I 13 15.24 5.42 36.93
N GLY I 14 15.68 6.26 37.89
CA GLY I 14 16.45 5.94 39.09
C GLY I 14 17.82 5.33 38.88
N THR I 15 18.47 4.95 39.97
CA THR I 15 19.73 4.23 39.90
C THR I 15 19.89 3.37 41.14
N GLU I 16 19.95 2.05 40.92
CA GLU I 16 20.35 1.06 41.91
C GLU I 16 21.33 0.11 41.23
N CYS I 17 22.36 0.71 40.64
CA CYS I 17 23.03 0.24 39.44
C CYS I 17 23.76 -1.09 39.65
N HIS I 18 24.08 -1.72 38.52
CA HIS I 18 24.68 -3.02 38.21
C HIS I 18 23.81 -4.20 38.63
N ARG I 19 22.78 -3.97 39.43
CA ARG I 19 21.63 -4.86 39.46
C ARG I 19 20.94 -4.81 38.10
N LYS I 20 20.89 -3.61 37.52
CA LYS I 20 20.31 -3.41 36.21
C LYS I 20 21.10 -4.14 35.13
N THR I 21 22.43 -4.04 35.17
CA THR I 21 23.24 -4.72 34.17
C THR I 21 23.22 -6.23 34.37
N TYR I 22 23.11 -6.69 35.62
CA TYR I 22 23.00 -8.12 35.86
C TYR I 22 21.69 -8.67 35.31
N ALA I 23 20.58 -7.95 35.54
CA ALA I 23 19.30 -8.37 34.99
C ALA I 23 19.28 -8.28 33.47
N ALA I 24 19.99 -7.31 32.89
CA ALA I 24 20.03 -7.20 31.44
C ALA I 24 20.90 -8.29 30.81
N THR I 25 21.97 -8.72 31.49
CA THR I 25 22.70 -9.90 31.05
C THR I 25 21.83 -11.15 31.11
N SER I 26 20.96 -11.23 32.13
CA SER I 26 20.06 -12.37 32.21
C SER I 26 19.06 -12.38 31.05
N ILE I 27 18.54 -11.20 30.70
CA ILE I 27 17.63 -11.07 29.55
C ILE I 27 18.33 -11.47 28.25
N GLY I 28 19.53 -10.93 28.04
CA GLY I 28 20.27 -11.23 26.82
C GLY I 28 20.67 -12.69 26.71
N GLY I 29 21.05 -13.31 27.83
CA GLY I 29 21.43 -14.71 27.81
C GLY I 29 20.25 -15.63 27.54
N ALA I 30 19.09 -15.30 28.12
CA ALA I 30 17.89 -16.09 27.84
C ALA I 30 17.47 -15.97 26.38
N SER I 31 17.51 -14.76 25.83
CA SER I 31 17.12 -14.57 24.43
C SER I 31 18.08 -15.25 23.47
N GLY I 32 19.38 -15.15 23.75
CA GLY I 32 20.37 -15.84 22.94
C GLY I 32 20.25 -17.36 23.03
N LEU I 33 19.85 -17.87 24.20
CA LEU I 33 19.65 -19.31 24.33
C LEU I 33 18.43 -19.77 23.52
N VAL I 34 17.37 -18.95 23.49
CA VAL I 34 16.20 -19.23 22.64
C VAL I 34 16.63 -19.33 21.17
N VAL I 35 17.32 -18.29 20.69
CA VAL I 35 17.71 -18.22 19.28
C VAL I 35 18.69 -19.33 18.93
N SER I 36 19.59 -19.67 19.85
CA SER I 36 20.55 -20.74 19.60
C SER I 36 19.86 -22.10 19.60
N ALA I 37 18.84 -22.29 20.42
CA ALA I 37 18.10 -23.55 20.43
C ALA I 37 17.38 -23.77 19.11
N TYR I 38 16.69 -22.74 18.61
CA TYR I 38 16.04 -22.89 17.31
C TYR I 38 17.06 -23.05 16.17
N SER I 39 18.16 -22.31 16.21
CA SER I 39 19.12 -22.35 15.12
C SER I 39 19.99 -23.61 15.15
N VAL I 40 20.02 -24.35 16.26
CA VAL I 40 20.63 -25.67 16.22
C VAL I 40 19.59 -26.75 15.98
N ALA I 41 18.30 -26.46 16.24
CA ALA I 41 17.27 -27.43 15.93
C ALA I 41 16.91 -27.47 14.45
N LEU I 42 17.14 -26.38 13.72
CA LEU I 42 16.73 -26.33 12.32
C LEU I 42 17.90 -26.30 11.35
N LYS I 43 19.12 -26.45 11.83
CA LYS I 43 20.23 -26.36 10.89
C LYS I 43 21.19 -27.54 10.98
N THR I 44 21.45 -28.08 12.19
CA THR I 44 22.35 -29.20 12.49
C THR I 44 23.73 -28.97 11.90
N PRO I 45 24.56 -28.14 12.55
CA PRO I 45 25.72 -27.53 11.87
C PRO I 45 26.85 -28.48 11.50
N THR I 46 26.81 -29.75 11.94
CA THR I 46 27.76 -30.85 11.66
C THR I 46 29.23 -30.40 11.77
N SER I 47 29.71 -30.23 13.00
CA SER I 47 29.31 -31.09 14.10
C SER I 47 29.05 -30.41 15.44
N PHE I 48 29.05 -31.25 16.48
CA PHE I 48 28.57 -30.86 17.80
C PHE I 48 29.42 -29.76 18.43
N LEU I 49 30.73 -29.80 18.22
CA LEU I 49 31.58 -28.72 18.73
C LEU I 49 31.29 -27.42 18.01
N GLU I 50 30.98 -27.47 16.72
CA GLU I 50 30.54 -26.27 16.01
C GLU I 50 29.16 -25.81 16.48
N GLY I 51 28.33 -26.75 16.94
CA GLY I 51 27.07 -26.37 17.54
C GLY I 51 27.26 -25.62 18.85
N VAL I 52 28.20 -26.09 19.68
CA VAL I 52 28.57 -25.37 20.90
C VAL I 52 29.15 -24.00 20.55
N ALA I 53 29.91 -23.93 19.46
CA ALA I 53 30.46 -22.65 19.00
C ALA I 53 29.37 -21.68 18.58
N ARG I 54 28.35 -22.17 17.85
CA ARG I 54 27.27 -21.29 17.41
C ARG I 54 26.40 -20.84 18.58
N THR I 55 26.12 -21.75 19.53
CA THR I 55 25.35 -21.36 20.71
C THR I 55 26.10 -20.35 21.56
N GLY I 56 27.40 -20.58 21.79
CA GLY I 56 28.19 -19.63 22.56
C GLY I 56 28.33 -18.29 21.87
N ARG I 57 28.42 -18.29 20.54
CA ARG I 57 28.50 -17.04 19.79
C ARG I 57 27.21 -16.24 19.89
N TYR I 58 26.06 -16.89 19.67
CA TYR I 58 24.78 -16.18 19.73
C TYR I 58 24.48 -15.69 21.15
N THR I 59 24.73 -16.52 22.16
CA THR I 59 24.48 -16.11 23.54
C THR I 59 25.44 -15.01 23.98
N PHE I 60 26.69 -15.05 23.51
CA PHE I 60 27.63 -14.01 23.90
C PHE I 60 27.28 -12.68 23.24
N THR I 61 26.82 -12.71 21.97
CA THR I 61 26.43 -11.46 21.32
C THR I 61 25.18 -10.87 21.95
N ALA I 62 24.18 -11.70 22.26
CA ALA I 62 22.95 -11.18 22.84
C ALA I 62 23.18 -10.70 24.28
N ALA I 63 24.00 -11.42 25.04
CA ALA I 63 24.35 -10.98 26.39
C ALA I 63 25.18 -9.71 26.37
N ALA I 64 26.03 -9.53 25.35
CA ALA I 64 26.80 -8.30 25.24
C ALA I 64 25.91 -7.12 24.90
N ILE I 65 24.91 -7.33 24.02
CA ILE I 65 23.93 -6.29 23.73
C ILE I 65 23.17 -5.89 24.99
N GLY I 66 22.72 -6.89 25.76
CA GLY I 66 22.02 -6.60 27.00
C GLY I 66 22.88 -5.89 28.03
N ALA I 67 24.12 -6.34 28.19
CA ALA I 67 25.03 -5.76 29.18
C ALA I 67 25.37 -4.32 28.87
N ILE I 68 25.69 -4.03 27.61
CA ILE I 68 26.07 -2.68 27.26
C ILE I 68 24.84 -1.76 27.24
N PHE I 69 23.68 -2.30 26.89
CA PHE I 69 22.41 -1.57 27.01
C PHE I 69 22.15 -1.15 28.46
N GLY I 70 22.32 -2.09 29.40
CA GLY I 70 22.08 -1.77 30.80
C GLY I 70 23.11 -0.81 31.38
N LEU I 71 24.38 -0.95 30.99
CA LEU I 71 25.42 -0.05 31.44
C LEU I 71 25.17 1.38 30.98
N THR I 72 24.86 1.57 29.69
CA THR I 72 24.66 2.94 29.24
C THR I 72 23.32 3.52 29.67
N SER I 73 22.32 2.66 29.96
CA SER I 73 21.12 3.14 30.64
C SER I 73 21.45 3.68 32.03
N CYS I 74 22.25 2.93 32.79
CA CYS I 74 22.66 3.36 34.12
C CYS I 74 23.46 4.65 34.08
N ILE I 75 24.38 4.76 33.11
CA ILE I 75 25.24 5.94 33.03
C ILE I 75 24.45 7.16 32.60
N SER I 76 23.53 7.01 31.63
CA SER I 76 22.71 8.13 31.21
C SER I 76 21.75 8.59 32.31
N ALA I 77 21.21 7.64 33.09
CA ALA I 77 20.34 8.01 34.20
C ALA I 77 21.12 8.69 35.33
N GLN I 78 22.37 8.29 35.56
CA GLN I 78 23.16 8.97 36.58
C GLN I 78 23.59 10.36 36.13
N VAL I 79 23.94 10.52 34.84
CA VAL I 79 24.42 11.81 34.36
C VAL I 79 23.28 12.82 34.27
N ARG I 80 22.23 12.48 33.52
CA ARG I 80 21.21 13.47 33.24
C ARG I 80 20.30 13.75 34.42
N GLU I 81 20.24 12.84 35.40
CA GLU I 81 19.45 12.93 36.62
C GLU I 81 17.95 13.08 36.35
N LYS I 82 17.47 12.63 35.21
CA LYS I 82 16.06 12.71 34.84
C LYS I 82 15.55 11.31 34.54
N PRO I 83 14.80 10.69 35.45
CA PRO I 83 14.28 9.34 35.22
C PRO I 83 13.05 9.28 34.33
N ASP I 84 12.72 10.35 33.61
CA ASP I 84 11.45 10.45 32.90
C ASP I 84 11.57 10.28 31.39
N ASP I 85 12.46 11.03 30.76
CA ASP I 85 12.50 11.07 29.29
C ASP I 85 13.06 9.76 28.73
N PRO I 86 12.55 9.31 27.58
CA PRO I 86 13.05 8.07 26.98
C PRO I 86 14.30 8.25 26.14
N LEU I 87 14.87 9.45 26.10
CA LEU I 87 16.08 9.69 25.31
C LEU I 87 17.28 8.93 25.87
N ASN I 88 17.26 8.63 27.17
CA ASN I 88 18.28 7.78 27.76
C ASN I 88 18.22 6.36 27.21
N TYR I 89 17.01 5.79 27.07
CA TYR I 89 16.93 4.50 26.41
C TYR I 89 17.11 4.60 24.90
N LEU I 90 16.94 5.78 24.31
CA LEU I 90 17.30 5.98 22.91
C LEU I 90 18.80 5.81 22.72
N ILE I 91 19.58 6.48 23.56
CA ILE I 91 21.03 6.30 23.59
C ILE I 91 21.39 4.84 23.91
N GLY I 92 20.59 4.22 24.79
CA GLY I 92 20.81 2.81 25.13
C GLY I 92 20.65 1.87 23.95
N GLY I 93 19.54 2.02 23.22
CA GLY I 93 19.32 1.20 22.05
C GLY I 93 20.33 1.45 20.95
N CYS I 94 20.79 2.70 20.81
CA CYS I 94 21.81 2.96 19.79
C CYS I 94 23.15 2.36 20.17
N ALA I 95 23.50 2.38 21.46
CA ALA I 95 24.74 1.73 21.90
C ALA I 95 24.66 0.22 21.71
N GLY I 96 23.49 -0.37 22.01
CA GLY I 96 23.31 -1.79 21.77
C GLY I 96 23.39 -2.16 20.30
N GLY I 97 22.84 -1.31 19.43
CA GLY I 97 22.92 -1.57 18.00
C GLY I 97 24.32 -1.44 17.45
N LEU I 98 25.09 -0.46 17.95
CA LEU I 98 26.47 -0.33 17.50
C LEU I 98 27.35 -1.47 17.99
N THR I 99 27.07 -2.01 19.18
CA THR I 99 27.84 -3.17 19.60
C THR I 99 27.41 -4.45 18.89
N LEU I 100 26.14 -4.53 18.48
CA LEU I 100 25.71 -5.60 17.58
C LEU I 100 26.46 -5.53 16.26
N GLY I 101 26.60 -4.34 15.70
CA GLY I 101 27.35 -4.19 14.47
C GLY I 101 28.84 -4.41 14.64
N ALA I 102 29.34 -4.18 15.85
CA ALA I 102 30.74 -4.48 16.14
C ALA I 102 30.97 -5.99 16.22
N ARG I 103 30.00 -6.73 16.75
CA ARG I 103 30.15 -8.18 16.81
C ARG I 103 29.97 -8.83 15.45
N THR I 104 28.95 -8.40 14.69
CA THR I 104 28.77 -8.97 13.36
C THR I 104 29.74 -8.39 12.33
N ARG I 105 30.49 -7.34 12.70
CA ARG I 105 31.55 -6.73 11.89
C ARG I 105 31.02 -6.19 10.56
N SER I 106 29.92 -5.43 10.65
CA SER I 106 29.36 -4.73 9.51
C SER I 106 28.78 -3.42 10.01
N TYR I 107 29.19 -2.32 9.40
CA TYR I 107 28.89 -1.01 9.98
C TYR I 107 27.49 -0.53 9.63
N GLY I 108 26.98 -0.86 8.45
CA GLY I 108 25.63 -0.47 8.09
C GLY I 108 24.57 -1.20 8.89
N ILE I 109 24.82 -2.49 9.17
CA ILE I 109 23.94 -3.26 10.05
C ILE I 109 23.96 -2.67 11.45
N GLY I 110 25.13 -2.20 11.89
CA GLY I 110 25.22 -1.55 13.18
C GLY I 110 24.48 -0.22 13.24
N ALA I 111 24.49 0.55 12.15
CA ALA I 111 23.76 1.81 12.13
C ALA I 111 22.26 1.59 12.13
N ALA I 112 21.79 0.64 11.32
CA ALA I 112 20.36 0.34 11.28
C ALA I 112 19.88 -0.27 12.59
N ALA I 113 20.74 -1.07 13.24
CA ALA I 113 20.39 -1.64 14.53
C ALA I 113 20.39 -0.58 15.62
N CYS I 114 21.31 0.39 15.54
CA CYS I 114 21.26 1.58 16.39
C CYS I 114 19.92 2.29 16.29
N ALA I 115 19.48 2.57 15.07
CA ALA I 115 18.24 3.30 14.86
C ALA I 115 17.03 2.53 15.40
N TYR I 116 16.89 1.26 15.01
CA TYR I 116 15.69 0.54 15.39
C TYR I 116 15.70 0.13 16.86
N MET I 117 16.85 -0.24 17.41
CA MET I 117 16.89 -0.57 18.83
C MET I 117 16.69 0.66 19.70
N GLY I 118 17.16 1.84 19.26
CA GLY I 118 16.87 3.05 19.99
C GLY I 118 15.39 3.40 19.99
N LEU I 119 14.75 3.27 18.82
CA LEU I 119 13.32 3.56 18.74
C LEU I 119 12.50 2.59 19.56
N THR I 120 12.81 1.29 19.49
CA THR I 120 12.04 0.31 20.24
C THR I 120 12.29 0.41 21.74
N ALA I 121 13.51 0.75 22.16
CA ALA I 121 13.78 0.92 23.59
C ALA I 121 13.05 2.15 24.13
N ALA I 122 13.01 3.23 23.34
CA ALA I 122 12.24 4.40 23.77
C ALA I 122 10.75 4.10 23.84
N LEU I 123 10.26 3.28 22.90
CA LEU I 123 8.84 2.89 22.93
C LEU I 123 8.51 2.02 24.13
N VAL I 124 9.42 1.13 24.52
CA VAL I 124 9.18 0.30 25.70
C VAL I 124 9.24 1.15 26.98
N LYS I 125 10.14 2.14 27.00
CA LYS I 125 10.20 3.08 28.13
C LYS I 125 8.91 3.86 28.26
N MET I 126 8.41 4.40 27.15
CA MET I 126 7.18 5.18 27.17
C MET I 126 5.97 4.31 27.47
N GLY I 127 6.00 3.04 27.05
CA GLY I 127 4.93 2.12 27.40
C GLY I 127 4.89 1.80 28.88
N GLN I 128 6.07 1.68 29.50
CA GLN I 128 6.07 1.49 30.95
C GLN I 128 5.74 2.78 31.68
N LEU I 129 6.15 3.93 31.13
CA LEU I 129 6.04 5.19 31.84
C LEU I 129 4.61 5.71 31.81
N GLU I 130 4.06 5.89 30.61
CA GLU I 130 2.67 6.34 30.49
C GLU I 130 1.70 5.25 30.92
N GLY I 131 1.99 4.00 30.54
CA GLY I 131 1.15 2.88 30.90
C GLY I 131 0.28 2.45 29.73
N TRP I 132 0.74 1.44 29.00
CA TRP I 132 0.06 0.92 27.83
C TRP I 132 -0.13 -0.58 28.03
N LYS I 133 -1.36 -1.01 28.26
CA LYS I 133 -1.64 -2.42 28.46
C LYS I 133 -1.46 -3.16 27.14
N VAL I 134 -0.34 -3.84 27.01
CA VAL I 134 -0.03 -4.63 25.84
C VAL I 134 -0.75 -5.97 25.99
N PHE I 135 -1.23 -6.49 24.86
CA PHE I 135 -1.81 -7.82 24.62
C PHE I 135 -3.22 -8.02 25.17
N ALA I 136 -3.68 -7.16 26.08
CA ALA I 136 -4.85 -7.59 26.85
C ALA I 136 -5.43 -6.43 27.64
N GLU I 137 -6.75 -6.32 27.61
CA GLU I 137 -7.45 -5.86 28.79
C GLU I 137 -7.68 -7.02 29.76
N PRO I 138 -8.21 -8.21 29.32
CA PRO I 138 -8.83 -8.78 28.11
C PRO I 138 -10.32 -8.55 28.08
N LYS I 139 -10.80 -7.74 29.01
CA LYS I 139 -12.22 -7.38 29.12
C LYS I 139 -12.57 -6.37 28.03
N VAL I 140 -13.77 -5.85 28.09
CA VAL I 140 -14.20 -4.85 27.12
C VAL I 140 -14.37 -3.49 27.80
N GLY J 5 11.30 40.13 -59.98
CA GLY J 5 12.59 39.63 -59.55
C GLY J 5 12.94 40.03 -58.13
N LYS J 6 12.38 41.16 -57.69
CA LYS J 6 12.67 41.68 -56.37
C LYS J 6 12.02 40.83 -55.28
N ARG J 7 10.81 40.34 -55.53
CA ARG J 7 10.12 39.54 -54.55
C ARG J 7 10.58 38.08 -54.64
N LEU J 8 10.54 37.40 -53.50
CA LEU J 8 10.90 36.00 -53.40
C LEU J 8 9.84 35.25 -52.62
N PHE J 9 9.85 33.93 -52.74
CA PHE J 9 8.96 33.11 -51.95
C PHE J 9 9.47 33.05 -50.52
N ILE J 10 8.63 33.43 -49.59
CA ILE J 10 8.97 33.34 -48.18
C ILE J 10 8.29 32.09 -47.62
N ILE J 11 8.87 31.52 -46.57
CA ILE J 11 8.44 30.25 -46.03
C ILE J 11 7.88 30.47 -44.63
N LYS J 12 6.65 30.01 -44.40
CA LYS J 12 6.01 30.08 -43.10
C LYS J 12 5.27 28.76 -42.87
N PRO J 13 5.41 28.16 -41.71
CA PRO J 13 4.81 26.83 -41.52
C PRO J 13 3.33 26.83 -41.18
N SER J 14 2.50 26.55 -42.19
CA SER J 14 1.17 25.94 -42.05
C SER J 14 0.22 26.79 -41.20
N GLY J 15 -0.12 27.97 -41.72
CA GLY J 15 -1.04 28.84 -40.99
C GLY J 15 -2.50 28.45 -41.03
N PHE J 16 -2.84 27.41 -41.82
CA PHE J 16 -4.23 27.05 -42.03
C PHE J 16 -4.86 26.48 -40.77
N TYR J 17 -4.14 25.63 -40.04
CA TYR J 17 -4.70 25.02 -38.84
C TYR J 17 -4.86 26.03 -37.72
N ASP J 18 -3.88 26.94 -37.62
CA ASP J 18 -3.96 28.15 -36.79
C ASP J 18 -5.26 28.91 -37.06
N LYS J 19 -5.50 29.27 -38.32
CA LYS J 19 -6.66 30.09 -38.64
C LYS J 19 -7.97 29.33 -38.45
N ARG J 20 -7.96 28.02 -38.72
CA ARG J 20 -9.18 27.22 -38.58
C ARG J 20 -9.58 27.08 -37.12
N PHE J 21 -8.62 26.77 -36.25
CA PHE J 21 -8.93 26.69 -34.83
C PHE J 21 -9.33 28.05 -34.26
N LEU J 22 -8.70 29.13 -34.73
CA LEU J 22 -9.04 30.44 -34.20
C LEU J 22 -10.44 30.86 -34.61
N LYS J 23 -10.81 30.59 -35.88
CA LYS J 23 -12.14 30.92 -36.37
C LYS J 23 -13.21 30.08 -35.67
N LEU J 24 -12.93 28.79 -35.46
CA LEU J 24 -13.90 27.95 -34.77
C LEU J 24 -14.04 28.34 -33.31
N LEU J 25 -12.94 28.75 -32.67
CA LEU J 25 -12.99 29.17 -31.27
C LEU J 25 -13.84 30.42 -31.11
N ARG J 26 -13.60 31.44 -31.94
CA ARG J 26 -14.37 32.67 -31.80
C ARG J 26 -15.82 32.46 -32.18
N PHE J 27 -16.10 31.61 -33.18
CA PHE J 27 -17.49 31.43 -33.59
C PHE J 27 -18.27 30.61 -32.56
N TYR J 28 -17.69 29.56 -32.01
CA TYR J 28 -18.42 28.76 -31.05
C TYR J 28 -18.28 29.24 -29.61
N ILE J 29 -17.59 30.35 -29.37
CA ILE J 29 -17.85 31.12 -28.15
C ILE J 29 -18.94 32.16 -28.41
N LEU J 30 -18.85 32.88 -29.52
CA LEU J 30 -19.77 33.98 -29.78
C LEU J 30 -21.13 33.52 -30.29
N LEU J 31 -21.34 32.21 -30.47
CA LEU J 31 -22.65 31.71 -30.86
C LEU J 31 -23.68 31.91 -29.74
N THR J 32 -23.27 31.73 -28.49
CA THR J 32 -24.11 32.07 -27.35
C THR J 32 -23.38 33.02 -26.41
N GLY J 33 -22.53 33.87 -26.96
CA GLY J 33 -22.03 35.00 -26.21
C GLY J 33 -22.92 36.19 -26.46
N ILE J 34 -23.14 36.49 -27.74
CA ILE J 34 -24.02 37.62 -28.10
C ILE J 34 -25.48 37.41 -27.71
N PRO J 35 -26.14 36.24 -27.93
CA PRO J 35 -27.52 36.12 -27.45
C PRO J 35 -27.68 36.23 -25.94
N VAL J 36 -26.70 35.79 -25.16
CA VAL J 36 -26.83 35.90 -23.71
C VAL J 36 -26.56 37.34 -23.26
N VAL J 37 -25.67 38.05 -23.95
CA VAL J 37 -25.46 39.47 -23.65
C VAL J 37 -26.70 40.29 -24.01
N ILE J 38 -27.34 39.98 -25.14
CA ILE J 38 -28.60 40.62 -25.49
C ILE J 38 -29.68 40.29 -24.47
N GLY J 39 -29.70 39.04 -23.99
CA GLY J 39 -30.69 38.65 -22.99
C GLY J 39 -30.53 39.37 -21.67
N ILE J 40 -29.29 39.42 -21.17
CA ILE J 40 -29.05 40.09 -19.88
C ILE J 40 -29.25 41.60 -20.00
N THR J 41 -28.95 42.18 -21.16
CA THR J 41 -29.17 43.62 -21.34
C THR J 41 -30.65 43.94 -21.40
N LEU J 42 -31.43 43.14 -22.16
CA LEU J 42 -32.88 43.36 -22.22
C LEU J 42 -33.54 43.11 -20.88
N ILE J 43 -33.01 42.20 -20.06
CA ILE J 43 -33.50 42.05 -18.70
C ILE J 43 -33.25 43.33 -17.89
N ASN J 44 -31.99 43.73 -17.73
CA ASN J 44 -31.75 44.85 -16.83
C ASN J 44 -31.91 46.20 -17.51
N VAL J 45 -32.61 46.28 -18.63
CA VAL J 45 -33.14 47.54 -19.13
C VAL J 45 -34.65 47.50 -19.35
N PHE J 46 -35.30 46.32 -19.32
CA PHE J 46 -36.75 46.31 -19.49
C PHE J 46 -37.53 45.56 -18.41
N ILE J 47 -36.91 45.19 -17.29
CA ILE J 47 -37.68 44.55 -16.22
C ILE J 47 -37.45 45.18 -14.85
N GLY J 48 -36.40 45.96 -14.63
CA GLY J 48 -36.21 46.49 -13.29
C GLY J 48 -35.31 45.62 -12.45
N GLU J 49 -34.58 46.26 -11.54
CA GLU J 49 -33.88 45.46 -10.54
C GLU J 49 -34.79 45.14 -9.37
N ALA J 50 -35.03 46.15 -8.52
CA ALA J 50 -35.89 46.14 -7.34
C ALA J 50 -35.86 47.49 -6.63
N GLU J 51 -36.66 47.64 -5.57
CA GLU J 51 -36.49 48.71 -4.61
C GLU J 51 -36.27 48.11 -3.23
N LEU J 52 -35.95 48.99 -2.27
CA LEU J 52 -35.50 48.60 -0.94
C LEU J 52 -36.58 48.79 0.12
N ALA J 53 -37.81 48.39 -0.17
CA ALA J 53 -38.91 48.58 0.77
C ALA J 53 -38.73 47.70 2.00
N GLU J 54 -39.25 48.16 3.13
CA GLU J 54 -39.23 47.36 4.34
C GLU J 54 -40.34 46.33 4.30
N ILE J 55 -40.29 45.38 5.24
CA ILE J 55 -41.27 44.30 5.30
C ILE J 55 -42.60 44.87 5.81
N PRO J 56 -43.71 44.64 5.13
CA PRO J 56 -44.98 45.19 5.60
C PRO J 56 -45.52 44.41 6.78
N GLU J 57 -46.49 45.02 7.45
CA GLU J 57 -47.02 44.52 8.70
C GLU J 57 -47.91 43.31 8.45
N GLY J 58 -47.59 42.19 9.10
CA GLY J 58 -48.38 40.99 8.95
C GLY J 58 -48.25 40.36 7.59
N TYR J 59 -47.01 40.17 7.15
CA TYR J 59 -46.75 39.63 5.83
C TYR J 59 -45.39 38.95 5.85
N VAL J 60 -45.26 37.90 5.07
CA VAL J 60 -43.98 37.19 4.98
C VAL J 60 -43.53 37.12 3.53
N PRO J 61 -42.26 37.39 3.26
CA PRO J 61 -41.69 37.11 1.94
C PRO J 61 -41.17 35.68 1.89
N GLU J 62 -40.88 35.24 0.69
CA GLU J 62 -40.34 33.90 0.48
C GLU J 62 -38.82 33.95 0.47
N HIS J 63 -38.17 32.89 -0.01
CA HIS J 63 -36.71 32.89 -0.07
C HIS J 63 -36.19 33.62 -1.30
N TRP J 64 -37.03 33.87 -2.30
CA TRP J 64 -36.74 34.92 -3.26
C TRP J 64 -37.34 36.20 -2.68
N GLU J 65 -37.36 37.28 -3.47
CA GLU J 65 -37.71 38.65 -3.02
C GLU J 65 -36.81 39.12 -1.88
N TYR J 66 -35.58 38.61 -1.82
CA TYR J 66 -34.53 39.15 -0.98
C TYR J 66 -33.33 39.63 -1.77
N PHE J 67 -33.37 39.54 -3.10
CA PHE J 67 -32.18 39.67 -3.93
C PHE J 67 -32.40 40.77 -4.96
N LYS J 68 -31.33 41.52 -5.23
CA LYS J 68 -31.43 42.71 -6.08
C LYS J 68 -31.74 42.35 -7.52
N HIS J 69 -30.84 41.64 -8.16
CA HIS J 69 -30.88 41.47 -9.60
C HIS J 69 -31.89 40.38 -9.97
N PRO J 70 -32.73 40.61 -10.98
CA PRO J 70 -33.88 39.71 -11.18
C PRO J 70 -33.52 38.35 -11.72
N ILE J 71 -32.43 38.24 -12.47
CA ILE J 71 -31.97 36.92 -12.90
C ILE J 71 -31.44 36.15 -11.71
N SER J 72 -30.82 36.84 -10.74
CA SER J 72 -30.43 36.19 -9.50
C SER J 72 -31.64 35.72 -8.71
N ARG J 73 -32.72 36.49 -8.75
CA ARG J 73 -33.95 36.09 -8.09
C ARG J 73 -34.56 34.86 -8.75
N TRP J 74 -34.51 34.81 -10.09
CA TRP J 74 -35.01 33.65 -10.81
C TRP J 74 -34.15 32.41 -10.55
N ILE J 75 -32.83 32.59 -10.44
CA ILE J 75 -31.92 31.50 -10.10
C ILE J 75 -32.23 30.96 -8.71
N ALA J 76 -32.45 31.84 -7.75
CA ALA J 76 -32.82 31.38 -6.41
C ALA J 76 -34.22 30.79 -6.38
N ARG J 77 -35.10 31.17 -7.31
CA ARG J 77 -36.46 30.67 -7.27
C ARG J 77 -36.58 29.29 -7.90
N THR J 78 -35.86 29.04 -9.00
CA THR J 78 -36.11 27.82 -9.74
C THR J 78 -35.15 26.67 -9.40
N PHE J 79 -34.02 26.95 -8.75
CA PHE J 79 -33.02 25.92 -8.51
C PHE J 79 -32.74 25.70 -7.03
N PHE J 80 -32.51 26.76 -6.28
CA PHE J 80 -31.90 26.67 -4.97
C PHE J 80 -32.92 26.38 -3.89
N ASP J 81 -32.45 26.39 -2.64
CA ASP J 81 -33.27 26.07 -1.48
C ASP J 81 -33.28 27.23 -0.51
N ALA J 82 -34.36 27.32 0.26
CA ALA J 82 -34.45 28.32 1.31
C ALA J 82 -33.48 27.99 2.43
N PRO J 83 -32.98 28.99 3.15
CA PRO J 83 -32.22 28.70 4.37
C PRO J 83 -33.06 28.10 5.47
N GLU J 84 -34.39 28.25 5.42
CA GLU J 84 -35.26 27.56 6.38
C GLU J 84 -35.20 26.05 6.18
N LYS J 85 -35.28 25.62 4.92
CA LYS J 85 -35.27 24.21 4.57
C LYS J 85 -33.96 23.55 5.00
N ASN J 86 -32.84 24.15 4.60
CA ASN J 86 -31.52 23.61 4.93
C ASN J 86 -31.23 23.74 6.42
N TYR J 87 -31.72 24.80 7.07
CA TYR J 87 -31.43 25.03 8.48
C TYR J 87 -32.13 24.00 9.36
N GLU J 88 -33.42 23.76 9.09
CA GLU J 88 -34.14 22.75 9.83
C GLU J 88 -33.66 21.35 9.48
N ARG J 89 -33.12 21.17 8.26
CA ARG J 89 -32.50 19.89 7.93
C ARG J 89 -31.26 19.63 8.79
N THR J 90 -30.40 20.65 8.93
CA THR J 90 -29.22 20.54 9.80
C THR J 90 -29.61 20.23 11.23
N MET J 91 -30.66 20.91 11.73
CA MET J 91 -31.05 20.74 13.12
C MET J 91 -31.62 19.35 13.39
N ALA J 92 -32.48 18.86 12.49
CA ALA J 92 -33.01 17.50 12.60
C ALA J 92 -31.89 16.47 12.51
N ILE J 93 -30.90 16.73 11.65
CA ILE J 93 -29.85 15.76 11.41
C ILE J 93 -28.91 15.70 12.60
N LEU J 94 -28.74 16.82 13.32
CA LEU J 94 -27.95 16.80 14.53
C LEU J 94 -28.68 16.09 15.65
N GLN J 95 -30.01 16.20 15.69
CA GLN J 95 -30.81 15.45 16.65
C GLN J 95 -30.64 13.94 16.44
N ILE J 96 -30.72 13.50 15.18
CA ILE J 96 -30.58 12.07 14.84
C ILE J 96 -29.22 11.54 15.25
N GLU J 97 -28.15 12.22 14.82
CA GLU J 97 -26.84 11.67 15.10
C GLU J 97 -26.38 11.88 16.54
N SER J 98 -26.99 12.82 17.27
CA SER J 98 -26.74 12.89 18.70
C SER J 98 -27.34 11.70 19.42
N GLU J 99 -28.54 11.27 19.01
CA GLU J 99 -29.09 10.00 19.51
C GLU J 99 -28.16 8.83 19.21
N LYS J 100 -27.61 8.80 18.00
CA LYS J 100 -26.71 7.71 17.62
C LYS J 100 -25.44 7.67 18.47
N ALA J 101 -24.82 8.83 18.71
CA ALA J 101 -23.59 8.86 19.49
C ALA J 101 -23.83 8.50 20.95
N GLU J 102 -24.94 8.99 21.52
CA GLU J 102 -25.23 8.67 22.93
C GLU J 102 -25.54 7.19 23.09
N LEU J 103 -26.29 6.60 22.15
CA LEU J 103 -26.54 5.16 22.22
C LEU J 103 -25.27 4.35 22.02
N ARG J 104 -24.30 4.85 21.24
CA ARG J 104 -23.09 4.08 21.01
C ARG J 104 -22.19 4.06 22.25
N LEU J 105 -22.03 5.22 22.92
CA LEU J 105 -21.23 5.22 24.14
C LEU J 105 -21.92 4.46 25.28
N LYS J 106 -23.24 4.57 25.36
CA LYS J 106 -23.98 3.80 26.36
C LYS J 106 -23.88 2.30 26.08
N GLU J 107 -23.84 1.91 24.81
CA GLU J 107 -23.65 0.51 24.44
C GLU J 107 -22.32 -0.02 24.93
N LEU J 108 -21.24 0.72 24.72
CA LEU J 108 -19.95 0.17 25.14
C LEU J 108 -19.78 0.19 26.66
N GLU J 109 -20.43 1.15 27.36
CA GLU J 109 -20.36 1.10 28.82
C GLU J 109 -21.17 -0.06 29.39
N VAL J 110 -22.35 -0.33 28.82
CA VAL J 110 -23.15 -1.49 29.23
C VAL J 110 -22.38 -2.78 28.97
N ARG J 111 -21.69 -2.84 27.82
CA ARG J 111 -20.93 -4.04 27.49
C ARG J 111 -19.76 -4.27 28.44
N ARG J 112 -19.07 -3.20 28.84
CA ARG J 112 -17.92 -3.40 29.71
C ARG J 112 -18.34 -3.78 31.13
N LEU J 113 -19.43 -3.18 31.64
CA LEU J 113 -19.87 -3.58 32.98
C LEU J 113 -20.53 -4.96 32.97
N MET J 114 -21.18 -5.32 31.86
CA MET J 114 -21.82 -6.63 31.78
C MET J 114 -20.79 -7.75 31.61
N ARG J 115 -19.66 -7.46 30.97
CA ARG J 115 -18.58 -8.45 30.96
C ARG J 115 -17.89 -8.50 32.31
N ALA J 116 -17.79 -7.36 33.01
CA ALA J 116 -17.10 -7.34 34.29
C ALA J 116 -17.84 -8.11 35.37
N LYS J 117 -19.15 -7.86 35.51
CA LYS J 117 -19.89 -8.51 36.59
C LYS J 117 -20.68 -9.74 36.15
N GLY J 118 -21.20 -9.76 34.94
CA GLY J 118 -21.88 -10.94 34.44
C GLY J 118 -23.35 -11.02 34.74
N ASP J 119 -23.96 -9.95 35.24
CA ASP J 119 -25.36 -9.99 35.64
C ASP J 119 -26.32 -9.98 34.45
N GLY J 120 -25.85 -9.60 33.28
CA GLY J 120 -26.71 -9.38 32.15
C GLY J 120 -26.94 -10.63 31.32
N PRO J 121 -27.85 -10.55 30.35
CA PRO J 121 -28.17 -11.70 29.51
C PRO J 121 -27.25 -11.91 28.32
N TRP J 122 -26.18 -11.12 28.14
CA TRP J 122 -25.31 -11.34 27.00
C TRP J 122 -24.27 -12.41 27.25
N PHE J 123 -23.35 -12.17 28.18
CA PHE J 123 -22.18 -13.02 28.30
C PHE J 123 -22.46 -14.10 29.34
N GLN J 124 -23.17 -15.13 28.89
CA GLN J 124 -23.55 -16.26 29.73
C GLN J 124 -23.20 -17.53 28.97
N TYR J 125 -21.99 -18.00 29.18
CA TYR J 125 -21.55 -19.21 28.52
C TYR J 125 -22.17 -20.43 29.19
N PRO J 126 -22.63 -21.40 28.41
CA PRO J 126 -23.57 -22.42 28.93
C PRO J 126 -22.91 -23.37 29.91
N THR J 127 -23.46 -23.43 31.11
CA THR J 127 -23.03 -24.34 32.16
C THR J 127 -23.82 -25.64 32.04
N ILE J 128 -23.79 -26.44 33.11
CA ILE J 128 -24.42 -27.75 33.11
C ILE J 128 -25.93 -27.60 33.16
N ASP J 129 -26.63 -28.34 32.29
CA ASP J 129 -28.08 -28.42 32.36
C ASP J 129 -28.48 -29.49 33.37
N LYS J 130 -29.25 -29.09 34.39
CA LYS J 130 -29.51 -29.97 35.52
C LYS J 130 -30.71 -30.89 35.31
N ALA J 131 -31.32 -30.88 34.12
CA ALA J 131 -32.47 -31.76 33.88
C ALA J 131 -32.06 -33.22 33.82
N LEU J 132 -30.81 -33.50 33.44
CA LEU J 132 -30.32 -34.86 33.44
C LEU J 132 -29.93 -35.35 34.83
N ILE J 133 -29.81 -34.43 35.80
CA ILE J 133 -29.54 -34.82 37.18
C ILE J 133 -30.82 -35.40 37.74
N ASP J 134 -30.90 -36.71 37.85
CA ASP J 134 -32.13 -37.39 38.23
C ASP J 134 -31.88 -38.12 39.55
N HIS J 135 -32.30 -37.49 40.64
CA HIS J 135 -32.20 -38.11 41.95
C HIS J 135 -33.21 -39.25 42.06
N SER J 136 -32.76 -40.36 42.64
CA SER J 136 -33.52 -41.61 42.67
C SER J 136 -32.94 -42.47 43.77
N PRO J 137 -33.65 -43.52 44.19
CA PRO J 137 -33.01 -44.49 45.10
C PRO J 137 -31.92 -45.32 44.42
N LYS J 138 -30.68 -45.10 44.82
CA LYS J 138 -29.53 -45.78 44.23
C LYS J 138 -29.30 -47.19 44.76
N ALA J 139 -28.10 -47.72 44.54
CA ALA J 139 -27.71 -49.00 45.08
C ALA J 139 -27.07 -48.87 46.45
N THR J 140 -26.06 -48.03 46.56
CA THR J 140 -25.33 -47.75 47.79
C THR J 140 -26.08 -46.69 48.59
N PRO J 141 -26.31 -46.91 49.89
CA PRO J 141 -27.08 -45.92 50.66
C PRO J 141 -26.34 -44.61 50.87
N ASP J 142 -25.06 -44.65 51.21
CA ASP J 142 -24.27 -43.44 51.33
C ASP J 142 -23.73 -43.09 49.95
N ASN J 143 -24.32 -42.08 49.33
CA ASN J 143 -24.01 -41.72 47.96
C ASN J 143 -22.61 -41.11 47.84
N ASP K 2 17.43 47.33 -44.18
CA ASP K 2 18.47 47.25 -45.19
C ASP K 2 17.91 46.79 -46.53
N ALA K 3 18.16 47.57 -47.58
CA ALA K 3 17.83 47.15 -48.94
C ALA K 3 19.02 47.33 -49.88
N PRO K 4 19.98 46.39 -49.88
CA PRO K 4 20.98 46.39 -50.96
C PRO K 4 20.60 45.43 -52.07
N PRO K 5 20.84 45.81 -53.32
CA PRO K 5 20.88 44.80 -54.39
C PRO K 5 22.30 44.35 -54.67
N LEU K 6 22.46 43.05 -54.90
CA LEU K 6 23.76 42.49 -55.25
C LEU K 6 23.59 41.47 -56.37
N THR K 7 24.63 41.33 -57.18
CA THR K 7 24.65 40.35 -58.26
C THR K 7 26.07 39.80 -58.36
N LEU K 8 26.27 38.85 -59.29
CA LEU K 8 27.60 38.30 -59.51
C LEU K 8 28.53 39.32 -60.16
N GLU K 9 27.96 40.18 -61.01
CA GLU K 9 28.74 41.23 -61.67
C GLU K 9 29.31 42.21 -60.66
N GLY K 10 28.50 42.60 -59.68
CA GLY K 10 28.95 43.56 -58.68
C GLY K 10 30.03 43.02 -57.78
N ILE K 11 29.87 41.78 -57.30
CA ILE K 11 30.88 41.20 -56.43
C ILE K 11 32.16 40.90 -57.21
N LYS K 12 32.05 40.49 -58.48
CA LYS K 12 33.23 40.24 -59.30
C LYS K 12 34.02 41.52 -59.53
N ASP K 13 33.32 42.59 -59.91
CA ASP K 13 34.00 43.85 -60.18
C ASP K 13 34.57 44.47 -58.92
N ARG K 14 33.89 44.33 -57.78
CA ARG K 14 34.39 44.95 -56.55
C ARG K 14 35.59 44.19 -55.99
N VAL K 15 35.58 42.87 -56.05
CA VAL K 15 36.74 42.09 -55.59
C VAL K 15 37.93 42.33 -56.49
N LEU K 16 37.71 42.34 -57.81
CA LEU K 16 38.81 42.63 -58.73
C LEU K 16 39.29 44.07 -58.58
N TYR K 17 38.40 44.99 -58.19
CA TYR K 17 38.78 46.38 -57.93
C TYR K 17 39.72 46.49 -56.74
N VAL K 18 39.30 45.95 -55.60
CA VAL K 18 40.12 46.08 -54.39
C VAL K 18 41.28 45.11 -54.36
N LEU K 19 41.39 44.21 -55.34
CA LEU K 19 42.68 43.56 -55.57
C LEU K 19 43.55 44.35 -56.52
N LYS K 20 42.93 45.12 -57.41
CA LYS K 20 43.70 45.95 -58.33
C LYS K 20 44.35 47.12 -57.60
N LEU K 21 43.73 47.60 -56.52
CA LEU K 21 44.24 48.77 -55.82
C LEU K 21 45.46 48.46 -54.95
N TYR K 22 45.70 47.20 -54.64
CA TYR K 22 46.79 46.77 -53.77
C TYR K 22 48.14 47.07 -54.40
N ASP K 23 49.17 47.24 -53.56
CA ASP K 23 50.42 47.87 -53.97
C ASP K 23 51.31 46.95 -54.81
N LYS K 24 51.78 45.87 -54.21
CA LYS K 24 52.90 45.13 -54.78
C LYS K 24 52.48 44.08 -55.81
N ILE K 25 51.29 44.23 -56.40
CA ILE K 25 50.97 43.52 -57.63
C ILE K 25 50.70 44.59 -58.68
N ASP K 26 50.38 44.19 -59.89
CA ASP K 26 50.18 45.14 -60.96
C ASP K 26 48.86 44.88 -61.69
N PRO K 27 48.19 45.94 -62.14
CA PRO K 27 46.96 45.77 -62.94
C PRO K 27 47.23 45.41 -64.39
N GLU K 28 48.49 45.30 -64.79
CA GLU K 28 48.81 44.96 -66.17
C GLU K 28 48.46 43.50 -66.45
N LYS K 29 49.02 42.58 -65.68
CA LYS K 29 48.71 41.16 -65.80
C LYS K 29 47.89 40.77 -64.56
N LEU K 30 46.59 41.01 -64.65
CA LEU K 30 45.65 40.63 -63.58
C LEU K 30 44.38 40.15 -64.28
N SER K 31 44.29 38.84 -64.48
CA SER K 31 43.05 38.25 -64.94
C SER K 31 42.15 37.95 -63.74
N VAL K 32 40.91 37.56 -64.04
CA VAL K 32 40.06 37.01 -62.99
C VAL K 32 40.63 35.70 -62.49
N ASN K 33 41.16 34.89 -63.40
CA ASN K 33 41.66 33.56 -63.09
C ASN K 33 43.18 33.64 -63.02
N SER K 34 43.70 33.81 -61.82
CA SER K 34 45.13 33.81 -61.57
C SER K 34 45.35 33.41 -60.13
N HIS K 35 46.40 32.65 -59.86
CA HIS K 35 46.68 32.30 -58.48
C HIS K 35 47.40 33.46 -57.80
N PHE K 36 47.71 33.29 -56.52
CA PHE K 36 48.44 34.30 -55.76
C PHE K 36 49.90 33.94 -55.60
N MET K 37 50.18 32.75 -55.09
CA MET K 37 51.55 32.33 -54.90
C MET K 37 52.18 31.84 -56.20
N LYS K 38 51.36 31.36 -57.13
CA LYS K 38 51.90 30.60 -58.26
C LYS K 38 52.42 31.51 -59.37
N ASP K 39 51.66 32.54 -59.74
CA ASP K 39 52.05 33.39 -60.86
C ASP K 39 52.11 34.87 -60.53
N LEU K 40 51.25 35.39 -59.65
CA LEU K 40 51.42 36.77 -59.19
C LEU K 40 52.65 36.88 -58.30
N GLY K 41 52.92 35.85 -57.51
CA GLY K 41 54.14 35.80 -56.73
C GLY K 41 54.17 36.74 -55.54
N LEU K 42 53.15 36.68 -54.70
CA LEU K 42 53.17 37.33 -53.41
C LEU K 42 53.04 36.28 -52.31
N ASP K 43 53.59 36.60 -51.14
CA ASP K 43 53.75 35.61 -50.09
C ASP K 43 52.45 35.40 -49.34
N SER K 44 52.40 34.30 -48.58
CA SER K 44 51.17 33.87 -47.93
C SER K 44 50.76 34.82 -46.80
N LEU K 45 51.74 35.48 -46.19
CA LEU K 45 51.48 36.53 -45.22
C LEU K 45 50.64 37.64 -45.84
N ASP K 46 51.06 38.10 -47.02
CA ASP K 46 50.28 39.11 -47.72
C ASP K 46 48.99 38.54 -48.26
N GLN K 47 48.90 37.22 -48.48
CA GLN K 47 47.65 36.61 -48.89
C GLN K 47 46.63 36.67 -47.76
N VAL K 48 47.09 36.54 -46.51
CA VAL K 48 46.17 36.71 -45.39
C VAL K 48 45.85 38.19 -45.18
N GLU K 49 46.77 39.09 -45.55
CA GLU K 49 46.40 40.50 -45.59
C GLU K 49 45.33 40.80 -46.65
N ILE K 50 45.37 40.09 -47.77
CA ILE K 50 44.33 40.18 -48.80
C ILE K 50 42.99 39.73 -48.22
N ILE K 51 43.00 38.58 -47.53
CA ILE K 51 41.77 38.06 -46.92
C ILE K 51 41.24 39.01 -45.87
N MET K 52 42.14 39.64 -45.12
CA MET K 52 41.75 40.68 -44.16
C MET K 52 41.12 41.87 -44.86
N ALA K 53 41.61 42.22 -46.06
CA ALA K 53 41.01 43.32 -46.80
C ALA K 53 39.60 43.00 -47.26
N MET K 54 39.37 41.77 -47.75
CA MET K 54 38.01 41.43 -48.17
C MET K 54 37.06 41.32 -46.98
N GLU K 55 37.56 40.82 -45.84
CA GLU K 55 36.74 40.78 -44.63
C GLU K 55 36.39 42.17 -44.13
N ASP K 56 37.37 43.08 -44.14
CA ASP K 56 37.11 44.45 -43.69
C ASP K 56 36.28 45.22 -44.68
N GLU K 57 36.23 44.79 -45.93
CA GLU K 57 35.38 45.49 -46.89
C GLU K 57 33.94 45.01 -46.86
N PHE K 58 33.73 43.71 -47.06
CA PHE K 58 32.36 43.22 -47.19
C PHE K 58 31.66 43.08 -45.84
N GLY K 59 32.40 43.10 -44.75
CA GLY K 59 31.81 43.21 -43.43
C GLY K 59 31.40 41.92 -42.76
N PHE K 60 32.15 40.83 -42.96
CA PHE K 60 31.85 39.57 -42.31
C PHE K 60 33.10 38.71 -42.33
N GLU K 61 33.31 37.97 -41.24
CA GLU K 61 34.48 37.10 -41.14
C GLU K 61 34.31 35.88 -42.04
N ILE K 62 35.42 35.46 -42.64
CA ILE K 62 35.46 34.11 -43.21
C ILE K 62 36.48 33.35 -42.35
N PRO K 63 36.24 32.09 -42.04
CA PRO K 63 37.11 31.39 -41.09
C PRO K 63 38.44 31.00 -41.70
N ASP K 64 39.39 30.68 -40.81
CA ASP K 64 40.67 30.15 -41.24
C ASP K 64 40.60 28.68 -41.64
N ILE K 65 39.49 28.00 -41.38
CA ILE K 65 39.31 26.68 -41.96
C ILE K 65 39.06 26.80 -43.46
N ASP K 66 38.58 27.95 -43.92
CA ASP K 66 38.52 28.26 -45.34
C ASP K 66 39.71 29.08 -45.82
N ALA K 67 40.21 30.02 -45.01
CA ALA K 67 41.24 30.96 -45.42
C ALA K 67 42.60 30.34 -45.69
N GLU K 68 42.75 29.03 -45.50
CA GLU K 68 43.94 28.34 -46.00
C GLU K 68 43.97 28.35 -47.52
N LYS K 69 42.82 28.25 -48.15
CA LYS K 69 42.72 27.64 -49.46
C LYS K 69 41.79 28.40 -50.39
N LEU K 70 41.93 29.73 -50.44
CA LEU K 70 41.23 30.49 -51.47
C LEU K 70 42.11 30.73 -52.69
N MET K 71 43.20 31.48 -52.52
CA MET K 71 44.36 31.55 -53.42
C MET K 71 44.12 32.15 -54.81
N CYS K 72 42.87 32.46 -55.17
CA CYS K 72 42.58 32.95 -56.51
C CYS K 72 41.27 33.71 -56.51
N PRO K 73 41.19 34.86 -57.19
CA PRO K 73 40.00 35.73 -57.06
C PRO K 73 38.71 35.13 -57.59
N GLN K 74 38.78 34.13 -58.48
CA GLN K 74 37.57 33.46 -58.92
C GLN K 74 36.91 32.69 -57.78
N GLU K 75 37.71 31.96 -57.01
CA GLU K 75 37.16 31.26 -55.85
C GLU K 75 36.82 32.20 -54.71
N ILE K 76 37.45 33.39 -54.66
CA ILE K 76 37.03 34.39 -53.69
C ILE K 76 35.64 34.91 -54.01
N VAL K 77 35.42 35.28 -55.27
CA VAL K 77 34.10 35.74 -55.72
C VAL K 77 33.06 34.65 -55.52
N ASP K 78 33.42 33.40 -55.82
CA ASP K 78 32.51 32.28 -55.65
C ASP K 78 32.16 32.06 -54.18
N TYR K 79 33.14 32.14 -53.29
CA TYR K 79 32.88 31.84 -51.88
C TYR K 79 32.06 32.93 -51.21
N ILE K 80 32.36 34.21 -51.49
CA ILE K 80 31.54 35.25 -50.86
C ILE K 80 30.16 35.30 -51.49
N ALA K 81 30.03 34.95 -52.78
CA ALA K 81 28.70 34.79 -53.37
C ALA K 81 27.94 33.61 -52.78
N ASP K 82 28.66 32.60 -52.30
CA ASP K 82 28.00 31.51 -51.59
C ASP K 82 27.54 31.94 -50.21
N LYS K 83 28.36 32.72 -49.52
CA LYS K 83 28.02 33.10 -48.14
C LYS K 83 26.85 34.07 -48.12
N LYS K 84 26.83 35.04 -49.04
CA LYS K 84 25.72 35.98 -49.05
C LYS K 84 24.50 35.51 -49.84
N ASP K 85 24.60 34.37 -50.55
CA ASP K 85 23.51 33.77 -51.34
C ASP K 85 22.97 34.75 -52.39
N VAL K 86 23.83 35.09 -53.34
CA VAL K 86 23.60 36.28 -54.17
C VAL K 86 22.84 35.81 -55.40
N TYR K 87 21.52 35.65 -55.23
CA TYR K 87 20.59 35.49 -56.35
C TYR K 87 19.19 35.92 -55.99
N GLU K 88 18.40 36.11 -57.05
CA GLU K 88 16.97 36.39 -56.97
C GLU K 88 16.25 35.46 -57.93
N PRO L 1 -12.15 -25.87 59.14
CA PRO L 1 -13.61 -26.11 59.02
C PRO L 1 -14.18 -26.74 60.28
N GLY L 2 -15.49 -26.94 60.31
CA GLY L 2 -16.14 -27.50 61.48
C GLY L 2 -15.81 -28.97 61.62
N ILE L 3 -15.28 -29.36 62.78
CA ILE L 3 -14.79 -30.71 63.01
C ILE L 3 -15.97 -31.68 63.11
N VAL L 4 -15.68 -32.95 63.00
CA VAL L 4 -16.74 -33.96 62.94
C VAL L 4 -17.11 -34.40 64.34
N GLU L 5 -18.34 -34.88 64.47
CA GLU L 5 -18.85 -35.45 65.71
C GLU L 5 -19.10 -36.93 65.51
N LEU L 6 -18.55 -37.76 66.39
CA LEU L 6 -18.69 -39.20 66.29
C LEU L 6 -19.15 -39.74 67.63
N PRO L 7 -20.06 -40.72 67.63
CA PRO L 7 -20.43 -41.35 68.90
C PRO L 7 -19.30 -42.23 69.41
N SER L 8 -19.10 -42.21 70.72
CA SER L 8 -18.05 -43.01 71.33
C SER L 8 -18.53 -44.44 71.54
N LEU L 9 -17.66 -45.29 72.09
CA LEU L 9 -17.99 -46.68 72.33
C LEU L 9 -18.81 -46.90 73.60
N GLU L 10 -19.40 -45.85 74.17
CA GLU L 10 -20.41 -46.01 75.19
C GLU L 10 -21.75 -46.43 74.59
N ASP L 11 -21.90 -46.31 73.27
CA ASP L 11 -23.14 -46.61 72.58
C ASP L 11 -22.97 -47.64 71.47
N LEU L 12 -21.79 -47.74 70.88
CA LEU L 12 -21.56 -48.61 69.73
C LEU L 12 -21.18 -50.02 70.15
N LYS L 13 -21.97 -50.63 71.03
CA LYS L 13 -21.74 -52.03 71.40
C LYS L 13 -23.09 -52.72 71.60
N VAL L 14 -23.52 -53.39 70.53
CA VAL L 14 -24.61 -54.35 70.59
C VAL L 14 -23.97 -55.72 70.52
N GLN L 15 -24.54 -56.69 71.22
CA GLN L 15 -24.09 -58.07 71.06
C GLN L 15 -24.33 -58.53 69.62
N GLU L 16 -23.23 -58.85 68.93
CA GLU L 16 -23.29 -59.14 67.52
C GLU L 16 -23.90 -60.51 67.28
N VAL L 17 -24.43 -60.69 66.07
CA VAL L 17 -24.85 -62.02 65.63
C VAL L 17 -23.60 -62.79 65.19
N LYS L 18 -23.04 -63.56 66.11
CA LYS L 18 -21.74 -64.20 65.89
C LYS L 18 -21.90 -65.59 65.30
N VAL L 19 -22.71 -65.67 64.25
CA VAL L 19 -22.76 -66.82 63.38
C VAL L 19 -22.07 -66.43 62.08
N SER L 20 -21.61 -67.42 61.36
CA SER L 20 -20.83 -67.15 60.17
C SER L 20 -21.74 -66.99 58.97
N SER L 21 -21.14 -66.97 57.79
CA SER L 21 -21.86 -66.60 56.58
C SER L 21 -22.73 -67.72 56.03
N SER L 22 -22.35 -68.97 56.27
CA SER L 22 -23.05 -70.10 55.67
C SER L 22 -24.45 -70.25 56.23
N VAL L 23 -24.56 -70.30 57.56
CA VAL L 23 -25.87 -70.47 58.17
C VAL L 23 -26.71 -69.21 58.01
N LEU L 24 -26.06 -68.06 57.92
CA LEU L 24 -26.77 -66.80 57.78
C LEU L 24 -27.32 -66.64 56.37
N LYS L 25 -26.64 -67.25 55.38
CA LYS L 25 -27.21 -67.32 54.03
C LYS L 25 -28.29 -68.38 53.94
N ALA L 26 -28.12 -69.48 54.67
CA ALA L 26 -29.08 -70.58 54.59
C ALA L 26 -30.40 -70.25 55.26
N ALA L 27 -30.38 -69.38 56.26
CA ALA L 27 -31.59 -69.03 57.02
C ALA L 27 -32.22 -67.75 56.54
N ALA L 28 -32.25 -67.51 55.22
CA ALA L 28 -32.57 -66.19 54.70
C ALA L 28 -34.08 -65.94 54.61
N HIS L 29 -34.83 -66.88 54.01
CA HIS L 29 -36.23 -66.61 53.68
C HIS L 29 -37.09 -66.54 54.93
N HIS L 30 -36.83 -67.40 55.92
CA HIS L 30 -37.58 -67.33 57.16
C HIS L 30 -37.18 -66.13 57.99
N TYR L 31 -35.94 -65.66 57.85
CA TYR L 31 -35.55 -64.39 58.42
C TYR L 31 -36.32 -63.24 57.79
N GLY L 32 -36.61 -63.35 56.50
CA GLY L 32 -37.48 -62.36 55.88
C GLY L 32 -38.94 -62.53 56.23
N ALA L 33 -39.34 -63.72 56.70
CA ALA L 33 -40.75 -63.99 56.96
C ALA L 33 -41.19 -63.47 58.32
N GLN L 34 -40.62 -64.02 59.40
CA GLN L 34 -41.04 -63.64 60.75
C GLN L 34 -40.53 -62.25 61.11
N CYS L 35 -39.22 -62.05 61.06
CA CYS L 35 -38.64 -60.74 61.29
C CYS L 35 -38.74 -59.91 60.02
N ASP L 36 -37.99 -58.81 59.97
CA ASP L 36 -37.88 -57.90 58.83
C ASP L 36 -39.19 -57.20 58.49
N LYS L 37 -40.11 -57.14 59.44
CA LYS L 37 -41.12 -56.10 59.47
C LYS L 37 -40.59 -54.79 60.06
N PRO L 38 -39.82 -54.74 61.15
CA PRO L 38 -39.29 -53.45 61.58
C PRO L 38 -37.93 -53.06 61.03
N ASN L 39 -37.31 -53.87 60.15
CA ASN L 39 -36.06 -53.42 59.56
C ASN L 39 -36.26 -52.35 58.50
N LYS L 40 -37.45 -52.31 57.90
CA LYS L 40 -37.69 -51.33 56.85
C LYS L 40 -37.77 -49.92 57.40
N GLU L 41 -38.06 -49.76 58.70
CA GLU L 41 -37.86 -48.48 59.35
C GLU L 41 -36.39 -48.07 59.32
N PHE L 42 -35.49 -49.01 59.64
CA PHE L 42 -34.06 -48.77 59.55
C PHE L 42 -33.62 -48.44 58.13
N MET L 43 -34.12 -49.20 57.16
CA MET L 43 -33.65 -49.02 55.79
C MET L 43 -34.23 -47.74 55.18
N LEU L 44 -35.48 -47.41 55.51
CA LEU L 44 -36.04 -46.14 55.08
C LEU L 44 -35.31 -44.97 55.73
N CYS L 45 -34.89 -45.13 57.00
CA CYS L 45 -34.09 -44.10 57.66
C CYS L 45 -32.78 -43.89 56.93
N ARG L 46 -32.13 -44.99 56.57
CA ARG L 46 -30.83 -44.93 55.92
C ARG L 46 -30.93 -44.35 54.52
N TRP L 47 -32.01 -44.65 53.80
CA TRP L 47 -32.11 -44.13 52.44
C TRP L 47 -32.65 -42.71 52.38
N GLU L 48 -33.51 -42.31 53.32
CA GLU L 48 -33.93 -40.90 53.34
C GLU L 48 -32.79 -40.01 53.81
N GLU L 49 -32.27 -40.25 55.00
CA GLU L 49 -31.15 -39.46 55.50
C GLU L 49 -29.88 -40.26 55.29
N LYS L 50 -28.96 -39.71 54.49
CA LYS L 50 -27.78 -40.47 54.09
C LYS L 50 -26.67 -40.44 55.16
N ASP L 51 -27.04 -40.68 56.41
CA ASP L 51 -26.14 -40.42 57.53
C ASP L 51 -26.22 -41.58 58.51
N PRO L 52 -25.26 -42.47 58.52
CA PRO L 52 -25.03 -43.29 59.71
C PRO L 52 -24.26 -42.47 60.72
N ARG L 53 -24.53 -42.75 62.01
CA ARG L 53 -24.55 -41.93 63.23
C ARG L 53 -25.91 -41.27 63.43
N ARG L 54 -26.88 -41.63 62.61
CA ARG L 54 -28.25 -41.18 62.86
C ARG L 54 -29.24 -42.30 63.08
N CYS L 55 -29.16 -43.38 62.29
CA CYS L 55 -30.14 -44.45 62.34
C CYS L 55 -29.63 -45.66 63.12
N LEU L 56 -28.67 -45.45 64.03
CA LEU L 56 -28.03 -46.56 64.71
C LEU L 56 -28.96 -47.23 65.73
N GLU L 57 -29.93 -46.47 66.25
CA GLU L 57 -30.92 -47.05 67.16
C GLU L 57 -31.73 -48.14 66.48
N GLU L 58 -32.16 -47.87 65.26
CA GLU L 58 -32.87 -48.88 64.48
C GLU L 58 -31.95 -49.99 64.03
N GLY L 59 -30.64 -49.72 63.92
CA GLY L 59 -29.68 -50.79 63.72
C GLY L 59 -29.61 -51.72 64.90
N LYS L 60 -29.66 -51.17 66.12
CA LYS L 60 -29.74 -51.99 67.33
C LYS L 60 -31.02 -52.80 67.33
N LEU L 61 -32.12 -52.21 66.86
CA LEU L 61 -33.40 -52.92 66.88
C LEU L 61 -33.41 -54.07 65.87
N VAL L 62 -32.84 -53.88 64.68
CA VAL L 62 -32.80 -54.99 63.74
C VAL L 62 -31.79 -56.04 64.18
N ASN L 63 -30.74 -55.64 64.91
CA ASN L 63 -29.78 -56.62 65.40
C ASN L 63 -30.40 -57.48 66.50
N GLN L 64 -31.19 -56.88 67.39
CA GLN L 64 -31.86 -57.70 68.39
C GLN L 64 -33.00 -58.51 67.78
N CYS L 65 -33.60 -58.04 66.68
CA CYS L 65 -34.61 -58.87 66.01
C CYS L 65 -33.99 -60.10 65.38
N ALA L 66 -32.82 -59.95 64.76
CA ALA L 66 -32.13 -61.10 64.20
C ALA L 66 -31.67 -62.07 65.28
N LEU L 67 -31.21 -61.53 66.42
CA LEU L 67 -30.77 -62.41 67.50
C LEU L 67 -31.95 -63.12 68.16
N GLU L 68 -33.11 -62.47 68.25
CA GLU L 68 -34.29 -63.14 68.77
C GLU L 68 -34.83 -64.18 67.79
N PHE L 69 -34.72 -63.91 66.48
CA PHE L 69 -35.12 -64.90 65.48
C PHE L 69 -34.25 -66.16 65.56
N PHE L 70 -32.94 -65.98 65.71
CA PHE L 70 -32.08 -67.15 65.82
C PHE L 70 -32.25 -67.84 67.17
N ARG L 71 -32.58 -67.11 68.23
CA ARG L 71 -32.91 -67.78 69.48
C ARG L 71 -34.20 -68.58 69.36
N GLN L 72 -35.17 -68.07 68.60
CA GLN L 72 -36.42 -68.82 68.40
C GLN L 72 -36.19 -70.04 67.54
N ILE L 73 -35.31 -69.96 66.55
CA ILE L 73 -35.04 -71.13 65.72
C ILE L 73 -34.14 -72.13 66.46
N LYS L 74 -33.46 -71.68 67.52
CA LYS L 74 -32.73 -72.64 68.35
C LYS L 74 -33.67 -73.32 69.35
N ARG L 75 -34.66 -72.60 69.87
CA ARG L 75 -35.53 -73.18 70.90
C ARG L 75 -36.50 -74.18 70.29
N HIS L 76 -37.26 -73.76 69.28
CA HIS L 76 -38.25 -74.62 68.65
C HIS L 76 -37.63 -75.58 67.64
N CYS L 77 -38.49 -76.14 66.80
CA CYS L 77 -38.12 -77.00 65.68
C CYS L 77 -37.14 -76.28 64.75
N ALA L 78 -35.96 -76.86 64.50
CA ALA L 78 -35.50 -78.15 65.01
C ALA L 78 -34.00 -78.17 65.21
N GLU L 79 -33.51 -79.38 65.43
CA GLU L 79 -32.10 -79.76 65.45
C GLU L 79 -31.52 -79.98 64.05
N PRO L 80 -32.20 -80.66 63.06
CA PRO L 80 -31.60 -80.74 61.71
C PRO L 80 -31.52 -79.45 60.90
N PHE L 81 -31.83 -78.29 61.47
CA PHE L 81 -31.37 -77.05 60.86
C PHE L 81 -29.85 -76.97 60.86
N THR L 82 -29.22 -77.55 61.89
CA THR L 82 -27.76 -77.72 61.88
C THR L 82 -27.34 -78.59 60.71
N GLU L 83 -28.08 -79.66 60.47
CA GLU L 83 -27.84 -80.52 59.31
C GLU L 83 -28.02 -79.77 58.00
N TYR L 84 -29.00 -78.86 57.96
CA TYR L 84 -29.28 -78.11 56.73
C TYR L 84 -28.16 -77.13 56.39
N TRP L 85 -27.68 -76.37 57.38
CA TRP L 85 -26.61 -75.45 57.01
C TRP L 85 -25.27 -76.15 56.85
N THR L 86 -25.04 -77.28 57.54
CA THR L 86 -23.81 -77.99 57.23
C THR L 86 -23.92 -78.79 55.94
N CYS L 87 -25.12 -78.93 55.38
CA CYS L 87 -25.28 -79.49 54.06
C CYS L 87 -25.10 -78.44 52.97
N ILE L 88 -25.54 -77.20 53.22
CA ILE L 88 -25.29 -76.13 52.25
C ILE L 88 -23.90 -75.54 52.40
N ASP L 89 -23.17 -75.90 53.46
CA ASP L 89 -21.86 -75.28 53.71
C ASP L 89 -20.82 -75.72 52.69
N TYR L 90 -20.60 -77.02 52.55
CA TYR L 90 -19.48 -77.49 51.74
C TYR L 90 -19.77 -77.50 50.26
N SER L 91 -20.87 -76.91 49.79
CA SER L 91 -21.18 -76.97 48.37
C SER L 91 -20.63 -75.76 47.60
N GLY L 92 -19.37 -75.41 47.85
CA GLY L 92 -18.70 -74.32 47.12
C GLY L 92 -19.41 -72.99 47.30
N LEU L 93 -19.76 -72.37 46.17
CA LEU L 93 -20.67 -71.24 46.23
C LEU L 93 -22.07 -71.80 46.44
N GLN L 94 -22.83 -71.18 47.35
CA GLN L 94 -24.02 -71.82 47.90
C GLN L 94 -25.16 -71.78 46.90
N LEU L 95 -25.27 -72.85 46.10
CA LEU L 95 -26.46 -73.06 45.29
C LEU L 95 -27.60 -73.51 46.19
N PHE L 96 -28.79 -72.98 45.94
CA PHE L 96 -29.97 -73.47 46.64
C PHE L 96 -30.57 -74.70 45.99
N ARG L 97 -29.91 -75.26 44.98
CA ARG L 97 -30.44 -76.40 44.24
C ARG L 97 -29.75 -77.72 44.61
N ARG L 98 -28.64 -77.69 45.33
CA ARG L 98 -27.96 -78.93 45.69
C ARG L 98 -28.69 -79.64 46.81
N CYS L 99 -28.76 -79.00 47.97
CA CYS L 99 -29.31 -79.63 49.17
C CYS L 99 -30.75 -79.18 49.34
N ARG L 100 -31.64 -79.86 48.63
CA ARG L 100 -33.05 -79.50 48.58
C ARG L 100 -33.93 -80.43 49.41
N LYS L 101 -33.48 -81.68 49.60
CA LYS L 101 -34.18 -82.64 50.47
C LYS L 101 -34.30 -82.09 51.88
N GLU L 102 -33.20 -81.58 52.43
CA GLU L 102 -33.25 -81.05 53.77
C GLU L 102 -33.94 -79.70 53.83
N GLN L 103 -34.03 -78.99 52.70
CA GLN L 103 -34.87 -77.81 52.65
C GLN L 103 -36.34 -78.19 52.79
N ALA L 104 -36.75 -79.29 52.16
CA ALA L 104 -38.11 -79.79 52.32
C ALA L 104 -38.35 -80.28 53.74
N GLN L 105 -37.35 -80.94 54.33
CA GLN L 105 -37.43 -81.36 55.73
C GLN L 105 -37.59 -80.16 56.66
N PHE L 106 -36.81 -79.11 56.41
CA PHE L 106 -36.85 -77.91 57.23
C PHE L 106 -38.16 -77.16 57.06
N ASP L 107 -38.73 -77.18 55.86
CA ASP L 107 -40.01 -76.53 55.65
C ASP L 107 -41.14 -77.30 56.32
N LYS L 108 -41.09 -78.63 56.28
CA LYS L 108 -42.10 -79.43 56.99
C LYS L 108 -41.99 -79.25 58.50
N CYS L 109 -40.76 -79.17 59.01
CA CYS L 109 -40.50 -78.84 60.41
C CYS L 109 -41.10 -77.50 60.82
N VAL L 110 -40.79 -76.45 60.06
CA VAL L 110 -41.21 -75.11 60.47
C VAL L 110 -42.71 -74.93 60.27
N LEU L 111 -43.31 -75.67 59.34
CA LEU L 111 -44.76 -75.64 59.22
C LEU L 111 -45.43 -76.44 60.35
N ASP L 112 -44.75 -77.46 60.86
CA ASP L 112 -45.30 -78.22 61.98
C ASP L 112 -45.31 -77.41 63.26
N LYS L 113 -44.17 -76.84 63.65
CA LYS L 113 -44.10 -76.28 64.99
C LYS L 113 -43.99 -74.75 65.05
N LEU L 114 -43.86 -74.06 63.93
CA LEU L 114 -43.81 -72.61 63.94
C LEU L 114 -44.68 -71.92 62.91
N GLY L 115 -45.11 -72.61 61.86
CA GLY L 115 -45.79 -71.95 60.77
C GLY L 115 -44.81 -71.45 59.73
N TRP L 116 -44.74 -70.13 59.56
CA TRP L 116 -43.69 -69.42 58.81
C TRP L 116 -43.63 -69.89 57.36
N VAL L 117 -44.67 -69.52 56.61
CA VAL L 117 -44.78 -69.85 55.20
C VAL L 117 -43.61 -69.25 54.43
N ARG L 118 -43.00 -70.06 53.57
CA ARG L 118 -41.86 -69.61 52.79
C ARG L 118 -42.32 -68.58 51.76
N PRO L 119 -41.59 -67.48 51.61
CA PRO L 119 -41.97 -66.47 50.61
C PRO L 119 -41.77 -67.00 49.19
N ASP L 120 -42.80 -66.81 48.37
CA ASP L 120 -42.77 -67.25 46.98
C ASP L 120 -41.75 -66.45 46.19
N LEU L 121 -41.17 -67.09 45.17
CA LEU L 121 -40.42 -66.33 44.19
C LEU L 121 -41.42 -65.52 43.35
N GLY L 122 -41.23 -64.20 43.28
CA GLY L 122 -40.12 -63.50 43.90
C GLY L 122 -40.50 -62.53 44.99
N GLU L 123 -41.37 -62.92 45.92
CA GLU L 123 -42.04 -62.00 46.85
C GLU L 123 -41.15 -61.24 47.83
N LEU L 124 -39.83 -61.45 47.80
CA LEU L 124 -38.91 -60.54 48.46
C LEU L 124 -38.45 -59.43 47.52
N SER L 125 -39.47 -58.75 47.00
CA SER L 125 -39.42 -57.69 46.01
C SER L 125 -40.60 -56.82 46.37
N LYS L 126 -41.19 -56.13 45.38
CA LYS L 126 -42.51 -55.51 45.53
C LYS L 126 -42.51 -54.40 46.57
N VAL L 127 -41.96 -53.25 46.18
CA VAL L 127 -41.68 -52.04 46.96
C VAL L 127 -42.79 -51.71 47.96
N THR L 128 -42.39 -51.36 49.18
CA THR L 128 -43.19 -51.54 50.38
C THR L 128 -43.40 -50.20 51.07
N LYS L 129 -44.59 -50.00 51.64
CA LYS L 129 -44.85 -48.86 52.50
C LYS L 129 -44.50 -49.21 53.94
N VAL L 130 -44.24 -48.17 54.73
CA VAL L 130 -44.05 -48.30 56.17
C VAL L 130 -44.37 -46.95 56.80
N LYS L 131 -45.07 -46.98 57.93
CA LYS L 131 -45.27 -45.75 58.69
C LYS L 131 -44.10 -45.51 59.63
N THR L 132 -43.83 -44.23 59.90
CA THR L 132 -42.70 -43.88 60.74
C THR L 132 -43.13 -43.00 61.91
N ASP L 133 -42.14 -42.48 62.63
CA ASP L 133 -42.34 -41.54 63.73
C ASP L 133 -41.54 -40.27 63.56
N ARG L 134 -40.32 -40.38 63.04
CA ARG L 134 -39.50 -39.21 62.76
C ARG L 134 -40.00 -38.53 61.48
N PRO L 135 -39.77 -37.23 61.32
CA PRO L 135 -40.31 -36.53 60.15
C PRO L 135 -39.43 -36.66 58.92
N LEU L 136 -40.05 -36.45 57.77
CA LEU L 136 -39.26 -36.45 56.54
C LEU L 136 -38.44 -35.16 56.45
N PRO L 137 -37.18 -35.24 56.05
CA PRO L 137 -36.30 -34.08 56.17
C PRO L 137 -36.26 -33.19 54.93
N GLU L 138 -36.10 -31.90 55.19
CA GLU L 138 -35.65 -30.96 54.18
C GLU L 138 -34.13 -30.90 54.22
N ASN L 139 -33.56 -30.39 53.11
CA ASN L 139 -32.15 -30.24 52.72
C ASN L 139 -31.19 -31.28 53.31
N PRO L 140 -31.36 -32.58 52.98
CA PRO L 140 -30.48 -33.60 53.57
C PRO L 140 -29.05 -33.47 53.09
N TYR L 141 -28.83 -32.86 51.93
CA TYR L 141 -27.51 -32.40 51.53
C TYR L 141 -27.29 -31.09 52.25
N HIS L 142 -26.40 -31.08 53.25
CA HIS L 142 -26.29 -29.93 54.14
C HIS L 142 -25.55 -28.81 53.43
N SER L 143 -26.26 -28.16 52.53
CA SER L 143 -25.67 -27.14 51.67
C SER L 143 -26.40 -25.82 51.85
N ARG L 144 -25.81 -24.77 51.30
CA ARG L 144 -26.36 -23.43 51.40
C ARG L 144 -27.57 -23.28 50.47
N ALA L 145 -28.16 -22.09 50.52
CA ALA L 145 -29.29 -21.80 49.64
C ALA L 145 -28.81 -21.44 48.25
N ARG L 146 -29.76 -21.28 47.34
CA ARG L 146 -29.41 -20.98 45.96
C ARG L 146 -29.07 -19.50 45.82
N PRO L 147 -27.97 -19.16 45.11
CA PRO L 147 -27.40 -17.81 45.20
C PRO L 147 -28.27 -16.70 44.65
N GLU L 148 -28.61 -16.80 43.36
CA GLU L 148 -29.34 -15.76 42.63
C GLU L 148 -30.06 -16.41 41.46
N PRO L 149 -31.31 -16.05 41.20
CA PRO L 149 -31.90 -16.32 39.90
C PRO L 149 -31.40 -15.30 38.88
N ASN L 150 -31.62 -15.62 37.63
CA ASN L 150 -31.22 -14.72 36.56
C ASN L 150 -32.41 -13.89 36.14
N PRO L 151 -32.32 -12.53 36.15
CA PRO L 151 -33.45 -11.71 35.67
C PRO L 151 -33.84 -11.97 34.23
N GLU L 152 -35.04 -12.51 34.06
CA GLU L 152 -35.51 -12.96 32.76
C GLU L 152 -35.93 -11.78 31.91
N VAL L 153 -35.45 -11.73 30.67
CA VAL L 153 -35.80 -10.68 29.73
C VAL L 153 -37.05 -11.12 28.97
N GLU L 154 -38.15 -10.41 29.18
CA GLU L 154 -39.42 -10.72 28.53
C GLU L 154 -40.03 -9.45 27.94
N GLY L 155 -41.23 -9.58 27.40
CA GLY L 155 -41.93 -8.49 26.77
C GLY L 155 -41.74 -8.49 25.26
N ASP L 156 -42.54 -7.65 24.60
CA ASP L 156 -42.39 -7.47 23.16
C ASP L 156 -41.20 -6.58 22.85
N LEU L 157 -40.82 -6.56 21.58
CA LEU L 157 -39.65 -5.83 21.13
C LEU L 157 -40.03 -4.86 20.02
N LYS L 158 -39.45 -3.67 20.07
CA LYS L 158 -39.61 -2.57 19.14
C LYS L 158 -38.61 -2.69 18.00
N PRO L 159 -38.86 -2.04 16.86
CA PRO L 159 -37.80 -1.94 15.84
C PRO L 159 -36.63 -1.13 16.38
N ALA L 160 -35.44 -1.46 15.88
CA ALA L 160 -34.19 -1.02 16.49
C ALA L 160 -33.99 0.48 16.31
N ARG L 161 -33.21 1.05 17.22
CA ARG L 161 -32.98 2.48 17.25
C ARG L 161 -31.99 2.84 16.16
N HIS L 162 -32.49 3.46 15.08
CA HIS L 162 -31.72 3.94 13.93
C HIS L 162 -30.96 2.81 13.23
N GLY L 163 -31.54 1.62 13.21
CA GLY L 163 -30.95 0.53 12.45
C GLY L 163 -29.78 -0.14 13.12
N SER L 164 -28.57 0.12 12.61
CA SER L 164 -27.41 -0.64 13.04
C SER L 164 -26.60 0.07 14.11
N ARG L 165 -26.55 1.40 14.05
CA ARG L 165 -25.68 2.24 14.89
C ARG L 165 -24.22 1.84 14.78
N LEU L 166 -23.84 1.41 13.58
CA LEU L 166 -22.46 1.16 13.20
C LEU L 166 -21.92 2.49 12.66
N PHE L 167 -20.80 2.46 11.92
CA PHE L 167 -20.20 3.67 11.38
C PHE L 167 -21.17 4.47 10.52
N PHE L 168 -21.76 3.81 9.54
CA PHE L 168 -22.86 4.34 8.76
C PHE L 168 -23.73 3.14 8.41
N TRP L 169 -24.45 3.18 7.28
CA TRP L 169 -25.54 2.25 6.91
C TRP L 169 -26.72 2.47 7.85
N THR L 170 -27.12 3.72 7.98
CA THR L 170 -28.23 4.10 8.84
C THR L 170 -29.53 3.59 8.27
N MET L 171 -30.19 2.69 9.02
CA MET L 171 -31.40 1.96 8.63
C MET L 171 -31.18 1.20 7.31
N SER M 3 -29.58 54.80 -2.56
CA SER M 3 -29.03 55.86 -1.72
C SER M 3 -28.39 55.30 -0.46
N TRP M 4 -28.08 56.19 0.48
CA TRP M 4 -27.40 55.82 1.71
C TRP M 4 -27.69 56.87 2.76
N ASP M 5 -27.59 56.48 4.02
CA ASP M 5 -27.71 57.44 5.11
C ASP M 5 -26.50 58.35 5.13
N LYS M 6 -26.74 59.64 5.33
CA LYS M 6 -25.66 60.60 5.47
C LYS M 6 -25.04 60.60 6.87
N ASP M 7 -25.55 59.76 7.77
CA ASP M 7 -25.07 59.74 9.13
C ASP M 7 -24.25 58.50 9.45
N VAL M 8 -24.18 57.54 8.54
CA VAL M 8 -23.28 56.41 8.68
C VAL M 8 -22.06 56.53 7.78
N TYR M 9 -22.19 57.17 6.61
CA TYR M 9 -21.09 57.48 5.72
C TYR M 9 -21.02 59.00 5.63
N PRO M 10 -20.42 59.65 6.63
CA PRO M 10 -20.58 61.10 6.77
C PRO M 10 -19.76 61.85 5.73
N GLU M 11 -20.23 63.06 5.44
CA GLU M 11 -19.59 63.94 4.49
C GLU M 11 -19.59 65.33 5.12
N PRO M 12 -18.45 65.99 5.19
CA PRO M 12 -18.43 67.40 5.58
C PRO M 12 -19.07 68.27 4.50
N PRO M 13 -19.52 69.47 4.85
CA PRO M 13 -20.11 70.35 3.83
C PRO M 13 -19.06 70.82 2.83
N ARG M 14 -19.55 71.19 1.65
CA ARG M 14 -18.68 71.57 0.56
C ARG M 14 -18.15 72.98 0.73
N ARG M 15 -16.90 73.19 0.30
CA ARG M 15 -16.24 74.48 0.32
C ARG M 15 -15.68 74.72 -1.07
N THR M 16 -16.26 75.65 -1.81
CA THR M 16 -15.83 75.84 -3.20
C THR M 16 -15.66 77.31 -3.52
N PRO M 17 -14.50 77.73 -3.99
CA PRO M 17 -14.26 79.15 -4.26
C PRO M 17 -14.85 79.55 -5.62
N ALA M 18 -14.85 80.86 -5.85
CA ALA M 18 -15.22 81.43 -7.14
C ALA M 18 -13.98 82.07 -7.75
N PRO M 19 -13.37 81.46 -8.77
CA PRO M 19 -12.09 81.98 -9.28
C PRO M 19 -12.26 83.31 -10.00
N SER M 20 -11.47 84.29 -9.58
CA SER M 20 -11.47 85.61 -10.19
C SER M 20 -10.32 85.72 -11.17
N PRO M 21 -10.58 85.70 -12.49
CA PRO M 21 -9.48 85.77 -13.46
C PRO M 21 -8.84 87.15 -13.48
N GLN M 22 -7.52 87.18 -13.25
CA GLN M 22 -6.79 88.44 -13.27
C GLN M 22 -6.67 88.96 -14.70
N THR M 23 -6.15 88.15 -15.62
CA THR M 23 -5.93 88.55 -16.99
C THR M 23 -6.76 87.68 -17.93
N SER M 24 -6.82 88.09 -19.19
CA SER M 24 -7.74 87.52 -20.17
C SER M 24 -6.95 86.88 -21.32
N LEU M 25 -6.79 85.56 -21.25
CA LEU M 25 -6.35 84.80 -22.42
C LEU M 25 -7.49 84.47 -23.37
N PRO M 26 -8.68 83.99 -22.91
CA PRO M 26 -9.19 83.35 -21.67
C PRO M 26 -9.48 81.84 -21.78
N ASN M 27 -9.12 81.10 -20.71
CA ASN M 27 -9.82 79.92 -20.18
C ASN M 27 -10.21 78.84 -21.19
N PRO M 28 -9.26 78.01 -21.62
CA PRO M 28 -9.64 76.92 -22.56
C PRO M 28 -10.55 75.87 -21.95
N ILE M 29 -10.37 75.58 -20.66
CA ILE M 29 -11.14 74.50 -20.04
C ILE M 29 -12.59 74.87 -19.83
N THR M 30 -12.94 76.15 -19.82
CA THR M 30 -14.34 76.53 -19.72
C THR M 30 -15.10 76.22 -21.00
N TYR M 31 -14.53 76.59 -22.15
CA TYR M 31 -15.07 76.18 -23.44
C TYR M 31 -15.11 74.67 -23.56
N LEU M 32 -14.07 74.00 -23.07
CA LEU M 32 -14.03 72.54 -23.19
C LEU M 32 -15.04 71.86 -22.28
N THR M 33 -15.31 72.42 -21.09
CA THR M 33 -16.31 71.80 -20.24
C THR M 33 -17.72 72.13 -20.67
N LYS M 34 -17.94 73.25 -21.37
CA LYS M 34 -19.26 73.48 -21.94
C LYS M 34 -19.51 72.55 -23.12
N ALA M 35 -18.48 72.30 -23.93
CA ALA M 35 -18.59 71.30 -24.99
C ALA M 35 -18.77 69.89 -24.42
N PHE M 36 -18.14 69.61 -23.27
CA PHE M 36 -18.33 68.34 -22.59
C PHE M 36 -19.75 68.18 -22.10
N ASP M 37 -20.33 69.24 -21.54
CA ASP M 37 -21.72 69.22 -21.09
C ASP M 37 -22.65 68.96 -22.26
N LEU M 38 -22.44 69.65 -23.39
CA LEU M 38 -23.37 69.52 -24.51
C LEU M 38 -23.18 68.20 -25.25
N LEU M 39 -21.99 67.60 -25.21
CA LEU M 39 -21.79 66.36 -25.95
C LEU M 39 -21.96 65.11 -25.11
N VAL M 40 -21.89 65.20 -23.78
CA VAL M 40 -21.97 64.03 -22.93
C VAL M 40 -23.14 64.12 -21.95
N ASP M 41 -23.36 65.30 -21.36
CA ASP M 41 -24.26 65.40 -20.22
C ASP M 41 -25.73 65.30 -20.65
N ARG M 42 -26.11 65.96 -21.75
CA ARG M 42 -27.48 65.82 -22.25
C ARG M 42 -27.85 64.41 -22.72
N PRO M 43 -27.09 63.73 -23.61
CA PRO M 43 -27.62 62.46 -24.14
C PRO M 43 -27.66 61.34 -23.11
N VAL M 44 -26.69 61.28 -22.19
CA VAL M 44 -26.71 60.25 -21.17
C VAL M 44 -27.86 60.50 -20.20
N THR M 45 -28.19 61.77 -19.96
CA THR M 45 -29.36 62.09 -19.14
C THR M 45 -30.66 61.65 -19.81
N LEU M 46 -30.76 61.86 -21.13
CA LEU M 46 -31.96 61.42 -21.84
C LEU M 46 -32.08 59.90 -21.86
N VAL M 47 -30.96 59.20 -22.02
CA VAL M 47 -30.96 57.74 -22.00
C VAL M 47 -31.36 57.21 -20.63
N ARG M 48 -30.80 57.78 -19.56
CA ARG M 48 -31.15 57.36 -18.21
C ARG M 48 -32.60 57.66 -17.89
N GLU M 49 -33.13 58.77 -18.39
CA GLU M 49 -34.53 59.10 -18.12
C GLU M 49 -35.46 58.13 -18.85
N PHE M 50 -35.11 57.73 -20.07
CA PHE M 50 -35.87 56.70 -20.80
C PHE M 50 -35.84 55.37 -20.06
N ILE M 51 -34.66 54.95 -19.60
CA ILE M 51 -34.53 53.69 -18.90
C ILE M 51 -35.26 53.72 -17.57
N GLU M 52 -35.27 54.87 -16.89
CA GLU M 52 -36.01 54.98 -15.63
C GLU M 52 -37.51 54.94 -15.86
N ARG M 53 -38.01 55.49 -16.97
CA ARG M 53 -39.43 55.31 -17.28
C ARG M 53 -39.75 53.85 -17.57
N GLN M 54 -38.86 53.14 -18.28
CA GLN M 54 -39.07 51.72 -18.50
C GLN M 54 -38.98 50.91 -17.21
N HIS M 55 -38.17 51.35 -16.25
CA HIS M 55 -38.13 50.69 -14.94
C HIS M 55 -39.43 50.92 -14.18
N ALA M 56 -39.89 52.17 -14.12
CA ALA M 56 -41.06 52.53 -13.35
C ALA M 56 -42.37 52.22 -14.07
N LYS M 57 -42.34 51.55 -15.22
CA LYS M 57 -43.55 50.95 -15.74
C LYS M 57 -44.09 49.89 -14.78
N ASN M 58 -43.26 48.91 -14.42
CA ASN M 58 -43.62 47.95 -13.37
C ASN M 58 -42.92 48.32 -12.07
N LYS M 59 -43.13 47.49 -11.03
CA LYS M 59 -42.53 47.74 -9.72
C LYS M 59 -42.09 46.42 -9.12
N TYR M 60 -40.79 46.19 -9.05
CA TYR M 60 -40.23 45.15 -8.20
C TYR M 60 -39.96 45.69 -6.80
N TYR M 61 -39.70 44.77 -5.87
CA TYR M 61 -39.27 45.12 -4.52
C TYR M 61 -38.40 44.00 -4.01
N TYR M 62 -37.29 44.33 -3.34
CA TYR M 62 -36.58 43.33 -2.56
C TYR M 62 -36.51 43.80 -1.13
N TYR M 63 -36.68 42.87 -0.20
CA TYR M 63 -36.72 43.19 1.21
C TYR M 63 -35.37 42.87 1.83
N HIS M 64 -35.17 43.35 3.05
CA HIS M 64 -33.97 43.02 3.80
C HIS M 64 -34.27 41.83 4.71
N ARG M 65 -33.42 40.82 4.66
CA ARG M 65 -33.61 39.65 5.51
C ARG M 65 -33.27 39.99 6.95
N GLU M 66 -34.16 39.64 7.87
CA GLU M 66 -33.96 39.91 9.28
C GLU M 66 -34.13 38.63 10.09
N PHE M 67 -33.50 38.61 11.26
CA PHE M 67 -33.41 37.44 12.11
C PHE M 67 -33.95 37.76 13.49
N ARG M 68 -34.00 36.75 14.34
CA ARG M 68 -34.41 36.91 15.73
C ARG M 68 -33.20 36.74 16.63
N ARG M 69 -33.45 36.73 17.93
CA ARG M 69 -32.40 36.49 18.92
C ARG M 69 -32.65 35.13 19.56
N VAL M 70 -32.04 34.10 18.99
CA VAL M 70 -31.92 32.84 19.74
C VAL M 70 -31.00 33.08 20.93
N PRO M 71 -31.26 32.44 22.11
CA PRO M 71 -30.84 33.04 23.39
C PRO M 71 -29.36 33.28 23.63
N ASP M 72 -28.54 32.23 23.68
CA ASP M 72 -27.17 32.32 24.18
C ASP M 72 -26.41 31.07 23.80
N ILE M 73 -25.09 31.13 24.00
CA ILE M 73 -24.31 29.91 24.23
C ILE M 73 -24.07 29.74 25.72
N THR M 74 -24.24 30.79 26.52
CA THR M 74 -24.09 30.70 27.97
C THR M 74 -25.26 29.99 28.63
N GLU M 75 -26.33 29.70 27.88
CA GLU M 75 -27.49 29.00 28.41
C GLU M 75 -27.62 27.60 27.83
N CYS M 76 -26.59 27.10 27.14
CA CYS M 76 -26.59 25.75 26.60
C CYS M 76 -25.77 24.83 27.50
N HIS M 77 -26.13 23.56 27.51
CA HIS M 77 -25.64 22.61 28.48
C HIS M 77 -24.40 21.90 27.95
N GLU M 78 -24.08 20.74 28.56
CA GLU M 78 -22.90 19.93 28.25
C GLU M 78 -22.77 19.62 26.76
N LYS M 79 -23.75 18.91 26.20
CA LYS M 79 -23.64 18.51 24.81
C LYS M 79 -24.70 19.16 23.92
N ASP M 80 -26.00 18.86 24.13
CA ASP M 80 -27.21 19.55 23.63
C ASP M 80 -27.11 20.24 22.27
N VAL M 81 -26.84 19.45 21.24
CA VAL M 81 -26.35 19.95 19.95
C VAL M 81 -27.38 20.86 19.28
N LEU M 82 -28.66 20.66 19.55
CA LEU M 82 -29.69 21.55 19.02
C LEU M 82 -29.87 22.82 19.86
N CYS M 83 -28.95 23.15 20.75
CA CYS M 83 -28.82 24.46 21.38
C CYS M 83 -27.57 25.18 20.91
N MET M 84 -26.44 24.45 20.92
CA MET M 84 -25.16 24.99 20.46
C MET M 84 -25.20 25.37 19.00
N PHE M 85 -26.05 24.71 18.20
CA PHE M 85 -26.13 25.01 16.78
C PHE M 85 -26.66 26.42 16.55
N GLU M 86 -27.81 26.75 17.14
CA GLU M 86 -28.38 28.08 17.02
C GLU M 86 -27.48 29.11 17.69
N ALA M 87 -26.83 28.72 18.81
CA ALA M 87 -25.90 29.61 19.50
C ALA M 87 -24.73 30.01 18.61
N GLU M 88 -24.08 29.04 17.99
CA GLU M 88 -22.88 29.34 17.25
C GLU M 88 -23.19 29.96 15.89
N MET M 89 -24.35 29.67 15.32
CA MET M 89 -24.69 30.38 14.08
C MET M 89 -25.04 31.83 14.36
N GLN M 90 -25.69 32.11 15.50
CA GLN M 90 -25.92 33.49 15.91
C GLN M 90 -24.60 34.21 16.17
N TRP M 91 -23.64 33.52 16.78
CA TRP M 91 -22.33 34.13 17.02
C TRP M 91 -21.57 34.38 15.71
N LYS M 92 -21.68 33.46 14.76
CA LYS M 92 -20.96 33.62 13.50
C LYS M 92 -21.55 34.75 12.67
N ARG M 93 -22.87 34.96 12.74
CA ARG M 93 -23.44 36.11 12.05
C ARG M 93 -23.05 37.42 12.72
N ASP M 94 -22.95 37.43 14.06
CA ASP M 94 -22.37 38.60 14.73
C ASP M 94 -20.93 38.85 14.29
N TYR M 95 -20.18 37.78 14.04
CA TYR M 95 -18.79 37.93 13.61
C TYR M 95 -18.70 38.54 12.22
N LYS M 96 -19.59 38.12 11.31
CA LYS M 96 -19.58 38.70 9.96
C LYS M 96 -19.98 40.17 9.98
N VAL M 97 -21.04 40.51 10.71
CA VAL M 97 -21.46 41.91 10.74
C VAL M 97 -20.46 42.77 11.50
N ASP M 98 -19.66 42.18 12.40
CA ASP M 98 -18.68 42.98 13.12
C ASP M 98 -17.44 43.23 12.26
N GLN M 99 -17.06 42.24 11.44
CA GLN M 99 -16.07 42.48 10.41
C GLN M 99 -16.48 43.63 9.48
N GLU M 100 -17.76 43.67 9.12
CA GLU M 100 -18.16 44.77 8.25
C GLU M 100 -18.26 46.11 8.98
N ILE M 101 -18.48 46.11 10.31
CA ILE M 101 -18.31 47.33 11.10
C ILE M 101 -16.89 47.85 10.99
N VAL M 102 -15.91 46.96 11.10
CA VAL M 102 -14.50 47.35 10.96
C VAL M 102 -14.22 47.88 9.55
N ASN M 103 -14.86 47.28 8.54
CA ASN M 103 -14.72 47.77 7.17
C ASN M 103 -15.28 49.18 7.01
N ILE M 104 -16.41 49.46 7.63
CA ILE M 104 -17.01 50.80 7.56
C ILE M 104 -16.10 51.84 8.22
N ILE M 105 -15.55 51.51 9.39
CA ILE M 105 -14.69 52.47 10.09
C ILE M 105 -13.40 52.72 9.31
N GLN M 106 -12.86 51.66 8.69
CA GLN M 106 -11.63 51.85 7.92
C GLN M 106 -11.88 52.61 6.62
N GLU M 107 -13.07 52.46 6.03
CA GLU M 107 -13.41 53.31 4.88
C GLU M 107 -13.59 54.77 5.29
N ARG M 108 -14.13 55.01 6.50
CA ARG M 108 -14.20 56.39 7.00
C ARG M 108 -12.81 56.98 7.18
N LEU M 109 -11.87 56.18 7.65
CA LEU M 109 -10.50 56.68 7.83
C LEU M 109 -9.85 56.99 6.49
N LYS M 110 -10.07 56.14 5.48
CA LYS M 110 -9.57 56.43 4.13
C LYS M 110 -10.17 57.70 3.56
N ALA M 111 -11.48 57.90 3.76
CA ALA M 111 -12.13 59.08 3.21
C ALA M 111 -11.70 60.35 3.94
N CYS M 112 -11.40 60.25 5.24
CA CYS M 112 -10.88 61.41 5.97
C CYS M 112 -9.48 61.76 5.49
N GLN M 113 -8.67 60.73 5.19
CA GLN M 113 -7.38 60.96 4.56
C GLN M 113 -7.51 61.71 3.25
N GLN M 114 -8.39 61.24 2.37
CA GLN M 114 -8.36 61.83 1.03
C GLN M 114 -9.09 63.17 0.97
N ARG M 115 -10.11 63.41 1.81
CA ARG M 115 -10.80 64.68 1.77
C ARG M 115 -9.96 65.82 2.34
N GLU M 116 -9.36 65.60 3.50
CA GLU M 116 -8.72 66.68 4.24
C GLU M 116 -7.41 67.14 3.61
N GLY M 117 -6.88 66.41 2.64
CA GLY M 117 -5.79 66.92 1.84
C GLY M 117 -4.42 66.72 2.47
N GLU M 118 -3.54 67.71 2.29
CA GLU M 118 -2.16 67.60 2.71
C GLU M 118 -1.95 67.92 4.18
N SER M 119 -3.00 68.36 4.88
CA SER M 119 -2.99 68.45 6.33
C SER M 119 -3.82 67.30 6.85
N HIS M 120 -3.14 66.23 7.27
CA HIS M 120 -3.86 65.03 7.72
C HIS M 120 -4.47 65.23 9.10
N ARG M 121 -3.75 65.90 10.00
CA ARG M 121 -4.10 65.85 11.41
C ARG M 121 -5.19 66.84 11.81
N GLN M 122 -5.76 67.56 10.85
CA GLN M 122 -6.87 68.47 11.10
C GLN M 122 -8.16 67.77 10.68
N ASN M 123 -9.10 67.66 11.63
CA ASN M 123 -10.42 67.05 11.49
C ASN M 123 -10.37 65.55 11.15
N CYS M 124 -9.23 64.89 11.38
CA CYS M 124 -9.14 63.44 11.34
C CYS M 124 -8.72 62.84 12.67
N ALA M 125 -8.66 63.64 13.72
CA ALA M 125 -8.30 63.10 15.03
C ALA M 125 -9.45 62.28 15.61
N LYS M 126 -10.69 62.71 15.37
CA LYS M 126 -11.85 62.03 15.93
C LYS M 126 -12.06 60.66 15.30
N GLU M 127 -11.91 60.58 13.98
CA GLU M 127 -12.14 59.30 13.30
C GLU M 127 -11.00 58.32 13.55
N LEU M 128 -9.76 58.83 13.63
CA LEU M 128 -8.65 57.97 14.06
C LEU M 128 -8.83 57.50 15.50
N GLN M 129 -9.41 58.36 16.34
CA GLN M 129 -9.68 58.00 17.74
C GLN M 129 -10.69 56.87 17.81
N GLN M 130 -11.80 57.00 17.10
CA GLN M 130 -12.82 55.94 17.15
C GLN M 130 -12.34 54.69 16.41
N PHE M 131 -11.45 54.84 15.43
CA PHE M 131 -10.86 53.68 14.76
C PHE M 131 -10.00 52.88 15.71
N THR M 132 -9.10 53.55 16.45
CA THR M 132 -8.28 52.85 17.44
C THR M 132 -9.13 52.27 18.55
N GLN M 133 -10.26 52.91 18.87
CA GLN M 133 -11.17 52.38 19.88
C GLN M 133 -11.80 51.07 19.45
N VAL M 134 -12.46 51.06 18.28
CA VAL M 134 -13.14 49.86 17.80
C VAL M 134 -12.13 48.75 17.46
N VAL M 135 -10.94 49.13 17.01
CA VAL M 135 -10.00 48.09 16.63
C VAL M 135 -9.25 47.56 17.85
N LYS M 136 -9.12 48.37 18.91
CA LYS M 136 -8.67 47.85 20.19
C LYS M 136 -9.68 46.86 20.76
N ALA M 137 -10.97 47.15 20.58
CA ALA M 137 -12.00 46.19 20.97
C ALA M 137 -11.90 44.90 20.15
N TYR M 138 -11.59 45.01 18.85
CA TYR M 138 -11.52 43.82 18.01
C TYR M 138 -10.30 42.99 18.34
N GLN M 139 -9.16 43.65 18.54
CA GLN M 139 -7.93 42.99 18.94
C GLN M 139 -8.08 42.32 20.29
N ASP M 140 -8.86 42.91 21.19
CA ASP M 140 -9.12 42.24 22.46
C ASP M 140 -10.07 41.06 22.29
N ARG M 141 -11.03 41.16 21.38
CA ARG M 141 -12.14 40.22 21.45
C ARG M 141 -12.02 39.03 20.51
N TYR M 142 -11.60 39.22 19.26
CA TYR M 142 -11.68 38.14 18.28
C TYR M 142 -10.34 37.65 17.77
N HIS M 143 -9.22 38.22 18.22
CA HIS M 143 -7.98 38.14 17.45
C HIS M 143 -7.28 36.79 17.60
N ASP M 144 -6.82 36.49 18.80
CA ASP M 144 -5.84 35.41 18.98
C ASP M 144 -6.55 34.10 19.32
N LEU M 145 -7.31 33.62 18.34
CA LEU M 145 -7.96 32.31 18.44
C LEU M 145 -7.67 31.37 17.28
N GLY M 146 -7.32 31.88 16.10
CA GLY M 146 -6.93 31.01 15.02
C GLY M 146 -8.03 30.71 14.03
N ALA M 147 -7.91 29.59 13.33
CA ALA M 147 -8.80 29.26 12.23
C ALA M 147 -9.98 28.39 12.63
N HIS M 148 -9.81 27.49 13.60
CA HIS M 148 -10.92 26.64 14.02
C HIS M 148 -11.70 27.26 15.18
N TYR M 149 -12.10 28.51 14.98
CA TYR M 149 -13.05 29.13 15.89
C TYR M 149 -14.42 28.52 15.66
N SER M 150 -15.11 28.19 16.75
CA SER M 150 -16.50 27.77 16.61
C SER M 150 -17.43 28.75 17.30
N ALA M 151 -17.48 28.77 18.63
CA ALA M 151 -17.74 29.98 19.40
C ALA M 151 -17.03 29.84 20.72
N ARG M 152 -16.67 28.60 21.05
CA ARG M 152 -16.32 28.23 22.42
C ARG M 152 -14.94 28.72 22.79
N LYS M 153 -14.04 28.84 21.81
CA LYS M 153 -12.75 29.42 22.08
C LYS M 153 -12.88 30.91 22.39
N CYS M 154 -13.88 31.58 21.82
CA CYS M 154 -14.10 32.99 22.14
C CYS M 154 -14.57 33.17 23.57
N LEU M 155 -15.47 32.31 24.04
CA LEU M 155 -15.89 32.39 25.43
C LEU M 155 -14.79 31.95 26.39
N ALA M 156 -13.93 31.03 25.96
CA ALA M 156 -12.80 30.66 26.79
C ALA M 156 -11.81 31.81 26.92
N LYS M 157 -11.59 32.54 25.82
CA LYS M 157 -10.76 33.74 25.86
C LYS M 157 -11.39 34.81 26.73
N GLN M 158 -12.73 34.92 26.68
CA GLN M 158 -13.46 35.87 27.51
C GLN M 158 -13.24 35.60 28.99
N LYS M 159 -13.43 34.33 29.39
CA LYS M 159 -13.23 33.95 30.79
C LYS M 159 -11.77 34.14 31.20
N GLN M 160 -10.82 33.77 30.34
CA GLN M 160 -9.42 33.84 30.70
C GLN M 160 -8.96 35.29 30.85
N ARG M 161 -9.45 36.17 29.97
CA ARG M 161 -9.09 37.57 30.04
C ARG M 161 -9.68 38.25 31.26
N MET M 162 -10.97 38.00 31.55
CA MET M 162 -11.53 38.65 32.74
C MET M 162 -11.00 38.05 34.02
N LEU M 163 -10.56 36.79 34.02
CA LEU M 163 -9.95 36.23 35.22
C LEU M 163 -8.56 36.81 35.44
N ALA M 164 -7.81 37.03 34.35
CA ALA M 164 -6.51 37.67 34.48
C ALA M 164 -6.64 39.12 34.93
N GLU M 165 -7.65 39.84 34.44
CA GLU M 165 -7.84 41.21 34.93
C GLU M 165 -8.41 41.23 36.34
N ARG M 166 -9.11 40.17 36.76
CA ARG M 166 -9.53 40.05 38.14
C ARG M 166 -8.33 39.88 39.06
N LYS M 167 -7.35 39.08 38.64
CA LYS M 167 -6.11 38.95 39.41
C LYS M 167 -5.32 40.25 39.40
N ALA M 168 -5.36 40.98 38.28
CA ALA M 168 -4.66 42.26 38.19
C ALA M 168 -5.27 43.31 39.11
N THR M 169 -6.61 43.39 39.17
CA THR M 169 -7.22 44.34 40.08
C THR M 169 -7.21 43.86 41.53
N LYS M 170 -7.04 42.57 41.77
CA LYS M 170 -6.80 42.11 43.13
C LYS M 170 -5.41 42.54 43.60
N GLU M 171 -4.42 42.49 42.70
CA GLU M 171 -3.12 43.04 43.01
C GLU M 171 -3.16 44.56 43.11
N ALA M 172 -4.06 45.20 42.37
CA ALA M 172 -4.23 46.64 42.43
C ALA M 172 -5.07 47.11 43.61
N ALA M 173 -5.71 46.19 44.32
CA ALA M 173 -6.50 46.55 45.50
C ALA M 173 -5.59 46.91 46.66
N LEU N 1 -21.90 -31.57 -22.36
CA LEU N 1 -21.43 -32.68 -21.53
C LEU N 1 -22.31 -33.90 -21.77
N GLN N 2 -21.81 -34.80 -22.62
CA GLN N 2 -22.54 -36.04 -22.91
C GLN N 2 -22.22 -37.13 -21.90
N TYR N 3 -20.95 -37.31 -21.57
CA TYR N 3 -20.55 -38.30 -20.59
C TYR N 3 -20.14 -37.61 -19.29
N GLY N 4 -20.44 -38.27 -18.18
CA GLY N 4 -20.00 -37.82 -16.88
C GLY N 4 -19.90 -38.97 -15.92
N PRO N 5 -19.57 -38.69 -14.66
CA PRO N 5 -19.57 -39.75 -13.65
C PRO N 5 -20.96 -40.24 -13.32
N LEU N 6 -21.96 -39.37 -13.37
CA LEU N 6 -23.34 -39.79 -13.16
C LEU N 6 -23.80 -40.72 -14.26
N ALA N 7 -23.29 -40.56 -15.48
CA ALA N 7 -23.54 -41.53 -16.53
C ALA N 7 -22.87 -42.86 -16.22
N TYR N 8 -21.71 -42.83 -15.56
CA TYR N 8 -21.05 -44.08 -15.19
C TYR N 8 -21.78 -44.77 -14.05
N ILE N 9 -22.51 -44.02 -13.23
CA ILE N 9 -23.25 -44.65 -12.14
C ILE N 9 -24.60 -45.16 -12.63
N LEU N 10 -25.39 -44.29 -13.27
CA LEU N 10 -26.71 -44.70 -13.74
C LEU N 10 -26.59 -45.61 -14.95
N GLY N 11 -25.96 -45.11 -16.02
CA GLY N 11 -25.57 -45.98 -17.11
C GLY N 11 -24.58 -47.02 -16.65
N GLU N 12 -24.64 -48.20 -17.26
CA GLU N 12 -24.10 -49.42 -16.69
C GLU N 12 -22.59 -49.45 -16.52
N LYS N 13 -21.84 -49.47 -17.62
CA LYS N 13 -20.41 -49.77 -17.59
C LYS N 13 -19.74 -49.07 -18.79
N THR N 14 -18.51 -49.49 -19.07
CA THR N 14 -17.79 -49.09 -20.29
C THR N 14 -17.06 -50.29 -20.91
N THR N 15 -17.47 -51.50 -20.55
CA THR N 15 -16.78 -52.73 -20.92
C THR N 15 -17.37 -53.39 -22.15
N LYS N 16 -18.69 -53.44 -22.25
CA LYS N 16 -19.40 -54.33 -23.16
C LYS N 16 -19.37 -53.88 -24.61
N LYS N 17 -18.67 -52.79 -24.94
CA LYS N 17 -18.44 -52.45 -26.35
C LYS N 17 -17.10 -53.00 -26.84
N MET N 18 -16.90 -54.29 -26.57
CA MET N 18 -15.65 -55.02 -26.77
C MET N 18 -16.03 -56.46 -27.08
N THR N 19 -15.22 -57.17 -27.89
CA THR N 19 -13.94 -56.80 -28.48
C THR N 19 -13.77 -57.48 -29.84
N GLU N 20 -12.51 -57.56 -30.29
CA GLU N 20 -12.01 -58.29 -31.46
C GLU N 20 -12.37 -57.62 -32.77
N ASN N 21 -13.17 -56.56 -32.74
CA ASN N 21 -13.20 -55.57 -33.80
C ASN N 21 -12.62 -54.25 -33.34
N SER N 22 -12.95 -53.84 -32.11
CA SER N 22 -12.44 -52.60 -31.54
C SER N 22 -10.98 -52.77 -31.17
N LYS N 23 -10.09 -52.14 -31.95
CA LYS N 23 -8.66 -52.23 -31.71
C LYS N 23 -7.94 -51.08 -32.38
N LEU N 24 -6.77 -50.75 -31.85
CA LEU N 24 -5.87 -49.75 -32.42
C LEU N 24 -4.88 -50.44 -33.34
N ILE N 25 -5.11 -50.34 -34.64
CA ILE N 25 -4.12 -50.78 -35.61
C ILE N 25 -3.47 -49.51 -36.17
N THR N 26 -2.15 -49.56 -36.34
CA THR N 26 -1.42 -48.34 -36.68
C THR N 26 -0.42 -48.65 -37.78
N VAL N 27 -0.73 -48.18 -38.99
CA VAL N 27 0.21 -48.30 -40.10
C VAL N 27 1.31 -47.28 -39.91
N ASP N 28 2.55 -47.74 -39.87
CA ASP N 28 3.71 -46.87 -39.79
C ASP N 28 4.66 -47.20 -40.93
N GLY N 29 4.90 -46.21 -41.79
CA GLY N 29 5.79 -46.39 -42.91
C GLY N 29 6.71 -45.20 -43.06
N ASN N 30 7.64 -45.33 -44.00
CA ASN N 30 8.55 -44.25 -44.30
C ASN N 30 7.86 -43.24 -45.21
N ILE N 31 8.43 -42.03 -45.30
CA ILE N 31 7.77 -40.91 -45.96
C ILE N 31 7.66 -41.17 -47.45
N CYS N 32 6.49 -40.83 -48.01
CA CYS N 32 6.04 -41.13 -49.38
C CYS N 32 6.05 -42.64 -49.68
N SER N 33 6.08 -43.50 -48.66
CA SER N 33 5.90 -44.93 -48.84
C SER N 33 4.75 -45.49 -48.01
N GLY N 34 4.71 -45.18 -46.72
CA GLY N 34 3.62 -45.60 -45.86
C GLY N 34 2.49 -44.62 -45.99
N LYS N 35 1.50 -44.97 -46.81
CA LYS N 35 0.60 -43.99 -47.37
C LYS N 35 -0.81 -44.54 -47.32
N SER N 36 -1.72 -43.88 -48.06
CA SER N 36 -3.14 -44.17 -48.02
C SER N 36 -3.50 -45.53 -48.59
N LYS N 37 -2.59 -46.19 -49.30
CA LYS N 37 -2.88 -47.47 -49.95
C LYS N 37 -3.26 -48.55 -48.95
N LEU N 38 -2.32 -48.94 -48.09
CA LEU N 38 -2.57 -50.06 -47.19
C LEU N 38 -3.54 -49.68 -46.09
N ALA N 39 -3.54 -48.42 -45.67
CA ALA N 39 -4.46 -47.95 -44.64
C ALA N 39 -5.90 -47.96 -45.14
N LYS N 40 -6.14 -47.43 -46.33
CA LYS N 40 -7.49 -47.45 -46.87
C LYS N 40 -7.90 -48.86 -47.29
N GLU N 41 -6.94 -49.73 -47.65
CA GLU N 41 -7.31 -51.10 -47.96
C GLU N 41 -7.76 -51.87 -46.72
N VAL N 42 -7.05 -51.71 -45.60
CA VAL N 42 -7.50 -52.41 -44.39
C VAL N 42 -8.76 -51.73 -43.82
N ALA N 43 -8.97 -50.44 -44.10
CA ALA N 43 -10.22 -49.81 -43.71
C ALA N 43 -11.39 -50.31 -44.54
N GLU N 44 -11.16 -50.62 -45.82
CA GLU N 44 -12.21 -51.22 -46.64
C GLU N 44 -12.51 -52.64 -46.19
N LYS N 45 -11.46 -53.47 -46.05
CA LYS N 45 -11.66 -54.89 -45.84
C LYS N 45 -12.10 -55.21 -44.41
N LEU N 46 -11.39 -54.64 -43.42
CA LEU N 46 -11.56 -55.08 -42.04
C LEU N 46 -12.86 -54.59 -41.42
N GLY N 47 -13.50 -53.58 -41.99
CA GLY N 47 -14.70 -53.02 -41.37
C GLY N 47 -14.34 -52.16 -40.19
N LEU N 48 -13.67 -51.04 -40.47
CA LEU N 48 -12.96 -50.27 -39.46
C LEU N 48 -12.62 -48.91 -40.06
N LYS N 49 -12.78 -47.86 -39.26
CA LYS N 49 -12.72 -46.51 -39.78
C LYS N 49 -11.28 -46.08 -40.03
N HIS N 50 -11.13 -44.96 -40.72
CA HIS N 50 -9.83 -44.47 -41.16
C HIS N 50 -9.72 -42.98 -40.90
N PHE N 51 -8.95 -42.60 -39.90
CA PHE N 51 -8.63 -41.20 -39.79
C PHE N 51 -7.58 -40.83 -40.83
N PRO N 52 -7.63 -39.60 -41.35
CA PRO N 52 -6.64 -39.18 -42.34
C PRO N 52 -5.25 -38.96 -41.73
N GLU N 53 -4.30 -38.59 -42.58
CA GLU N 53 -2.98 -38.24 -42.11
C GLU N 53 -3.03 -36.94 -41.33
N ALA N 54 -2.22 -36.86 -40.27
CA ALA N 54 -2.21 -35.66 -39.45
C ALA N 54 -1.49 -34.53 -40.17
N GLY N 55 -2.25 -33.70 -40.88
CA GLY N 55 -1.70 -32.57 -41.58
C GLY N 55 -1.39 -31.42 -40.65
N ILE N 56 -1.15 -30.26 -41.25
CA ILE N 56 -0.87 -29.08 -40.46
C ILE N 56 -2.14 -28.54 -39.81
N HIS N 57 -3.22 -28.46 -40.58
CA HIS N 57 -4.45 -27.82 -40.13
C HIS N 57 -5.51 -28.83 -39.70
N TYR N 58 -5.09 -29.89 -39.01
CA TYR N 58 -6.03 -30.86 -38.49
C TYR N 58 -6.94 -30.28 -37.42
N ALA N 59 -6.41 -29.37 -36.60
CA ALA N 59 -7.25 -28.69 -35.62
C ALA N 59 -8.27 -27.79 -36.29
N ASP N 60 -7.92 -27.23 -37.44
CA ASP N 60 -8.91 -26.49 -38.23
C ASP N 60 -9.95 -27.44 -38.81
N SER N 61 -9.54 -28.66 -39.15
CA SER N 61 -10.45 -29.58 -39.82
C SER N 61 -11.25 -30.45 -38.85
N THR N 62 -11.00 -30.39 -37.56
CA THR N 62 -11.71 -31.25 -36.61
C THR N 62 -12.84 -30.54 -35.89
N THR N 63 -12.97 -29.22 -36.02
CA THR N 63 -14.00 -28.51 -35.29
C THR N 63 -14.48 -27.32 -36.11
N GLY N 64 -15.76 -27.01 -35.98
CA GLY N 64 -16.33 -25.91 -36.75
C GLY N 64 -16.46 -26.28 -38.21
N ASP N 65 -15.88 -25.45 -39.08
CA ASP N 65 -16.02 -25.63 -40.51
C ASP N 65 -14.80 -26.37 -41.06
N GLY N 66 -15.01 -27.06 -42.18
CA GLY N 66 -13.96 -27.84 -42.80
C GLY N 66 -12.98 -27.08 -43.65
N LYS N 67 -13.14 -25.78 -43.79
CA LYS N 67 -12.19 -24.99 -44.55
C LYS N 67 -10.93 -24.78 -43.72
N PRO N 68 -9.74 -25.02 -44.26
CA PRO N 68 -8.51 -24.76 -43.50
C PRO N 68 -8.27 -23.27 -43.35
N LEU N 69 -7.93 -22.88 -42.12
CA LEU N 69 -7.65 -21.49 -41.81
C LEU N 69 -6.30 -21.11 -42.44
N PRO N 70 -6.07 -19.82 -42.72
CA PRO N 70 -4.79 -19.41 -43.31
C PRO N 70 -3.63 -19.56 -42.33
N VAL N 71 -2.43 -19.35 -42.87
CA VAL N 71 -1.19 -19.72 -42.18
C VAL N 71 -0.85 -18.81 -41.03
N ARG N 72 -1.52 -17.67 -40.87
CA ARG N 72 -1.24 -16.80 -39.74
C ARG N 72 -1.80 -17.35 -38.44
N PHE N 73 -2.73 -18.30 -38.51
CA PHE N 73 -3.41 -18.82 -37.34
C PHE N 73 -3.11 -20.27 -37.06
N SER N 74 -2.82 -21.07 -38.09
CA SER N 74 -2.53 -22.48 -37.93
C SER N 74 -1.05 -22.78 -37.99
N GLY N 75 -0.20 -21.80 -37.74
CA GLY N 75 1.21 -21.96 -37.95
C GLY N 75 2.04 -21.32 -36.84
N ASN N 76 3.16 -20.70 -37.23
CA ASN N 76 3.54 -20.51 -38.63
C ASN N 76 4.48 -21.61 -39.11
N CYS N 77 3.91 -22.64 -39.73
CA CYS N 77 4.65 -23.86 -40.02
C CYS N 77 5.47 -23.74 -41.31
N SER N 78 4.77 -23.59 -42.45
CA SER N 78 5.34 -23.52 -43.80
C SER N 78 6.22 -24.75 -44.08
N LEU N 79 5.54 -25.89 -44.21
CA LEU N 79 6.18 -27.16 -44.59
C LEU N 79 6.93 -27.05 -45.91
N GLU N 80 6.43 -26.22 -46.83
CA GLU N 80 7.12 -25.96 -48.08
C GLU N 80 8.48 -25.32 -47.83
N LYS N 81 8.55 -24.39 -46.89
CA LYS N 81 9.83 -23.80 -46.53
C LYS N 81 10.75 -24.78 -45.85
N PHE N 82 10.21 -25.77 -45.14
CA PHE N 82 11.07 -26.78 -44.53
C PHE N 82 11.68 -27.69 -45.58
N TYR N 83 10.87 -28.16 -46.53
CA TYR N 83 11.44 -28.98 -47.58
C TYR N 83 12.33 -28.19 -48.53
N ASP N 84 12.15 -26.87 -48.62
CA ASP N 84 13.08 -26.08 -49.42
C ASP N 84 14.39 -25.85 -48.71
N ASP N 85 14.37 -25.17 -47.56
CA ASP N 85 15.58 -24.70 -46.89
C ASP N 85 15.51 -25.00 -45.40
N PRO N 86 15.95 -26.19 -44.99
CA PRO N 86 15.86 -26.54 -43.56
C PRO N 86 17.05 -26.10 -42.73
N LYS N 87 17.55 -24.88 -42.95
CA LYS N 87 18.64 -24.33 -42.15
C LYS N 87 18.44 -22.84 -41.88
N SER N 88 17.20 -22.40 -41.75
CA SER N 88 16.91 -20.99 -41.60
C SER N 88 17.29 -20.49 -40.20
N ASN N 89 17.38 -19.18 -40.06
CA ASN N 89 17.64 -18.56 -38.78
C ASN N 89 16.39 -18.09 -38.06
N ASP N 90 15.25 -18.00 -38.78
CA ASP N 90 13.99 -17.74 -38.12
C ASP N 90 13.58 -18.93 -37.26
N GLY N 91 13.90 -20.13 -37.69
CA GLY N 91 13.55 -21.32 -36.96
C GLY N 91 12.27 -21.89 -37.51
N ASN N 92 12.39 -22.90 -38.36
CA ASN N 92 11.20 -23.44 -39.00
C ASN N 92 11.16 -24.96 -38.95
N SER N 93 12.19 -25.62 -38.45
CA SER N 93 12.09 -27.05 -38.21
C SER N 93 11.29 -27.33 -36.95
N TYR N 94 11.64 -26.67 -35.86
CA TYR N 94 11.08 -27.10 -34.59
C TYR N 94 9.67 -26.58 -34.38
N ARG N 95 9.35 -25.38 -34.88
CA ARG N 95 7.99 -24.89 -34.80
C ARG N 95 7.03 -25.82 -35.55
N LEU N 96 7.47 -26.26 -36.73
CA LEU N 96 6.78 -27.30 -37.48
C LEU N 96 6.68 -28.59 -36.68
N GLN N 97 7.74 -28.95 -35.95
CA GLN N 97 7.75 -30.22 -35.25
C GLN N 97 6.79 -30.21 -34.07
N ALA N 98 6.78 -29.12 -33.29
CA ALA N 98 5.87 -29.02 -32.16
C ALA N 98 4.43 -28.88 -32.62
N TRP N 99 4.21 -28.24 -33.77
CA TRP N 99 2.86 -28.22 -34.32
C TRP N 99 2.42 -29.61 -34.76
N LEU N 100 3.33 -30.39 -35.35
CA LEU N 100 2.98 -31.77 -35.67
C LEU N 100 2.77 -32.61 -34.42
N TYR N 101 3.44 -32.26 -33.33
CA TYR N 101 3.23 -33.00 -32.09
C TYR N 101 1.85 -32.73 -31.53
N ALA N 102 1.42 -31.47 -31.57
CA ALA N 102 0.05 -31.14 -31.18
C ALA N 102 -0.97 -31.80 -32.10
N SER N 103 -0.69 -31.85 -33.40
CA SER N 103 -1.63 -32.46 -34.35
C SER N 103 -1.75 -33.97 -34.14
N ARG N 104 -0.62 -34.67 -34.03
CA ARG N 104 -0.63 -36.09 -33.74
C ARG N 104 -1.28 -36.41 -32.41
N LEU N 105 -1.06 -35.56 -31.39
CA LEU N 105 -1.65 -35.83 -30.09
C LEU N 105 -3.15 -35.61 -30.12
N LEU N 106 -3.61 -34.61 -30.86
CA LEU N 106 -5.05 -34.38 -31.01
C LEU N 106 -5.73 -35.53 -31.75
N GLN N 107 -5.13 -35.98 -32.85
CA GLN N 107 -5.79 -37.04 -33.62
C GLN N 107 -5.68 -38.39 -32.93
N TYR N 108 -4.64 -38.61 -32.13
CA TYR N 108 -4.55 -39.82 -31.33
C TYR N 108 -5.56 -39.80 -30.20
N ALA N 109 -5.82 -38.62 -29.62
CA ALA N 109 -6.88 -38.52 -28.62
C ALA N 109 -8.25 -38.75 -29.24
N ASP N 110 -8.47 -38.25 -30.46
CA ASP N 110 -9.73 -38.50 -31.16
C ASP N 110 -9.93 -39.98 -31.44
N ALA N 111 -8.87 -40.67 -31.88
CA ALA N 111 -8.98 -42.09 -32.14
C ALA N 111 -9.16 -42.89 -30.86
N LEU N 112 -8.53 -42.47 -29.76
CA LEU N 112 -8.69 -43.19 -28.51
C LEU N 112 -10.09 -42.99 -27.95
N GLU N 113 -10.66 -41.80 -28.12
CA GLU N 113 -12.04 -41.56 -27.71
C GLU N 113 -13.01 -42.35 -28.56
N HIS N 114 -12.76 -42.42 -29.88
CA HIS N 114 -13.66 -43.17 -30.72
C HIS N 114 -13.51 -44.67 -30.54
N LEU N 115 -12.36 -45.13 -30.03
CA LEU N 115 -12.23 -46.53 -29.70
C LEU N 115 -12.96 -46.86 -28.40
N LEU N 116 -12.77 -46.03 -27.37
CA LEU N 116 -13.42 -46.28 -26.09
C LEU N 116 -14.92 -46.02 -26.15
N SER N 117 -15.39 -45.24 -27.10
CA SER N 117 -16.82 -45.00 -27.30
C SER N 117 -17.30 -45.89 -28.43
N THR N 118 -17.80 -47.07 -28.07
CA THR N 118 -18.63 -47.97 -28.88
C THR N 118 -17.83 -48.69 -29.97
N GLY N 119 -16.56 -48.34 -30.14
CA GLY N 119 -15.80 -48.88 -31.24
C GLY N 119 -15.98 -48.03 -32.49
N GLN N 120 -15.81 -48.64 -33.66
CA GLN N 120 -15.71 -50.08 -33.83
C GLN N 120 -14.26 -50.54 -34.00
N GLY N 121 -13.32 -49.63 -33.74
CA GLY N 121 -11.92 -49.90 -34.01
C GLY N 121 -11.36 -48.90 -34.98
N VAL N 122 -10.07 -48.57 -34.88
CA VAL N 122 -9.50 -47.48 -35.66
C VAL N 122 -8.10 -47.83 -36.15
N VAL N 123 -7.79 -47.34 -37.36
CA VAL N 123 -6.44 -47.36 -37.91
C VAL N 123 -5.88 -45.95 -37.78
N LEU N 124 -4.58 -45.87 -37.50
CA LEU N 124 -3.89 -44.60 -37.45
C LEU N 124 -2.66 -44.67 -38.34
N GLU N 125 -2.08 -43.51 -38.61
CA GLU N 125 -0.94 -43.45 -39.51
C GLU N 125 -0.02 -42.34 -39.07
N ARG N 126 1.26 -42.69 -38.87
CA ARG N 126 2.34 -41.80 -38.46
C ARG N 126 2.02 -41.15 -37.11
N SER N 127 2.01 -42.02 -36.10
CA SER N 127 1.61 -41.66 -34.75
C SER N 127 2.74 -40.97 -33.99
N ILE N 128 2.57 -40.84 -32.68
CA ILE N 128 3.42 -40.01 -31.83
C ILE N 128 4.82 -40.61 -31.64
N TYR N 129 4.93 -41.92 -31.74
CA TYR N 129 6.22 -42.57 -31.58
C TYR N 129 7.07 -42.38 -32.82
N SER N 130 6.42 -42.40 -33.98
CA SER N 130 7.07 -41.95 -35.21
C SER N 130 7.40 -40.47 -35.16
N ASP N 131 6.71 -39.68 -34.34
CA ASP N 131 7.06 -38.27 -34.22
C ASP N 131 8.37 -38.08 -33.45
N PHE N 132 8.58 -38.82 -32.35
CA PHE N 132 9.90 -38.63 -31.74
C PHE N 132 10.99 -39.29 -32.58
N VAL N 133 10.65 -40.28 -33.42
CA VAL N 133 11.61 -40.76 -34.41
C VAL N 133 11.99 -39.66 -35.39
N PHE N 134 10.99 -38.89 -35.87
CA PHE N 134 11.27 -37.74 -36.75
C PHE N 134 12.19 -36.73 -36.08
N LEU N 135 11.97 -36.45 -34.79
CA LEU N 135 12.82 -35.47 -34.12
C LEU N 135 14.25 -36.00 -33.97
N GLU N 136 14.40 -37.26 -33.53
CA GLU N 136 15.73 -37.84 -33.37
C GLU N 136 16.49 -37.89 -34.68
N ALA N 137 15.80 -38.19 -35.79
CA ALA N 137 16.47 -38.20 -37.08
C ALA N 137 16.84 -36.79 -37.54
N MET N 138 15.96 -35.81 -37.28
CA MET N 138 16.25 -34.44 -37.69
C MET N 138 17.36 -33.83 -36.86
N TYR N 139 17.59 -34.34 -35.64
CA TYR N 139 18.77 -33.96 -34.89
C TYR N 139 20.02 -34.71 -35.33
N ARG N 140 19.86 -35.96 -35.80
CA ARG N 140 20.98 -36.68 -36.41
C ARG N 140 21.53 -35.92 -37.61
N GLN N 141 20.67 -35.35 -38.43
CA GLN N 141 21.16 -34.54 -39.53
C GLN N 141 21.68 -33.18 -39.12
N GLY N 142 21.40 -32.73 -37.90
CA GLY N 142 21.93 -31.46 -37.45
C GLY N 142 21.17 -30.26 -37.99
N PHE N 143 19.89 -30.17 -37.65
CA PHE N 143 19.08 -28.99 -37.94
C PHE N 143 18.69 -28.21 -36.69
N ILE N 144 18.70 -28.85 -35.53
CA ILE N 144 18.20 -28.25 -34.29
C ILE N 144 19.31 -28.30 -33.26
N ARG N 145 19.43 -27.23 -32.49
CA ARG N 145 20.31 -27.22 -31.33
C ARG N 145 19.82 -28.25 -30.30
N LYS N 146 20.77 -28.83 -29.56
CA LYS N 146 20.50 -29.96 -28.68
C LYS N 146 19.59 -29.60 -27.52
N GLN N 147 19.65 -28.35 -27.06
CA GLN N 147 18.77 -27.85 -26.00
C GLN N 147 17.30 -27.96 -26.38
N CYS N 148 16.98 -27.75 -27.64
CA CYS N 148 15.60 -27.80 -28.06
C CYS N 148 15.13 -29.24 -28.22
N VAL N 149 16.05 -30.15 -28.53
CA VAL N 149 15.76 -31.59 -28.49
C VAL N 149 15.47 -32.02 -27.06
N ASP N 150 16.18 -31.43 -26.09
CA ASP N 150 15.89 -31.68 -24.69
C ASP N 150 14.51 -31.16 -24.31
N HIS N 151 14.11 -30.01 -24.89
CA HIS N 151 12.75 -29.51 -24.67
C HIS N 151 11.70 -30.49 -25.17
N TYR N 152 11.88 -31.00 -26.39
CA TYR N 152 10.93 -31.97 -26.94
C TYR N 152 10.89 -33.24 -26.11
N ASN N 153 12.05 -33.64 -25.60
CA ASN N 153 12.11 -34.81 -24.71
C ASN N 153 11.32 -34.55 -23.43
N GLN N 154 11.36 -33.32 -22.93
CA GLN N 154 10.57 -32.99 -21.75
C GLN N 154 9.07 -33.04 -22.05
N VAL N 155 8.66 -32.52 -23.22
CA VAL N 155 7.26 -32.57 -23.62
C VAL N 155 6.79 -34.01 -23.78
N LYS N 156 7.66 -34.86 -24.34
CA LYS N 156 7.31 -36.27 -24.54
C LYS N 156 7.23 -37.02 -23.22
N LYS N 157 8.08 -36.67 -22.26
CA LYS N 157 7.98 -37.30 -20.94
C LYS N 157 6.73 -36.87 -20.21
N VAL N 158 6.28 -35.63 -20.41
CA VAL N 158 5.09 -35.17 -19.68
C VAL N 158 3.82 -35.74 -20.30
N THR N 159 3.70 -35.68 -21.63
CA THR N 159 2.40 -35.93 -22.25
C THR N 159 2.05 -37.41 -22.35
N VAL N 160 2.94 -38.23 -22.91
CA VAL N 160 2.58 -39.57 -23.35
C VAL N 160 2.39 -40.52 -22.17
N CYS N 161 2.96 -40.21 -21.01
CA CYS N 161 3.00 -41.14 -19.89
C CYS N 161 1.70 -41.23 -19.09
N GLU N 162 0.57 -40.82 -19.67
CA GLU N 162 -0.72 -40.99 -19.05
C GLU N 162 -1.69 -41.77 -19.93
N TYR N 163 -1.28 -42.19 -21.12
CA TYR N 163 -2.17 -42.83 -22.08
C TYR N 163 -1.90 -44.32 -22.12
N LEU N 164 -2.56 -44.98 -23.06
CA LEU N 164 -2.29 -46.37 -23.33
C LEU N 164 -1.65 -46.53 -24.70
N PRO N 165 -0.76 -47.51 -24.86
CA PRO N 165 -0.13 -47.73 -26.16
C PRO N 165 -1.10 -48.35 -27.14
N PRO N 166 -0.83 -48.26 -28.44
CA PRO N 166 -1.69 -48.93 -29.43
C PRO N 166 -1.59 -50.44 -29.35
N HIS N 167 -2.57 -51.11 -29.96
CA HIS N 167 -2.58 -52.56 -29.95
C HIS N 167 -1.53 -53.14 -30.88
N VAL N 168 -1.64 -52.89 -32.18
CA VAL N 168 -0.67 -53.44 -33.13
C VAL N 168 -0.20 -52.37 -34.10
N VAL N 169 1.05 -52.54 -34.53
CA VAL N 169 1.72 -51.60 -35.42
C VAL N 169 2.12 -52.34 -36.68
N ILE N 170 1.48 -52.00 -37.79
CA ILE N 170 1.79 -52.58 -39.10
C ILE N 170 2.90 -51.71 -39.68
N TYR N 171 4.13 -52.20 -39.62
CA TYR N 171 5.28 -51.48 -40.14
C TYR N 171 5.50 -51.84 -41.59
N VAL N 172 5.87 -50.84 -42.39
CA VAL N 172 6.27 -51.05 -43.77
C VAL N 172 7.75 -50.74 -43.89
N ASP N 173 8.52 -51.65 -44.50
CA ASP N 173 9.95 -51.45 -44.69
C ASP N 173 10.21 -51.18 -46.17
N VAL N 174 10.68 -49.97 -46.48
CA VAL N 174 11.04 -49.62 -47.85
C VAL N 174 12.48 -49.10 -47.85
N PRO N 175 13.36 -49.59 -48.74
CA PRO N 175 14.71 -49.03 -48.85
C PRO N 175 14.76 -47.60 -49.38
N VAL N 176 15.97 -47.04 -49.50
CA VAL N 176 16.12 -45.61 -49.79
C VAL N 176 15.77 -45.30 -51.24
N SER N 177 16.30 -46.10 -52.17
CA SER N 177 16.19 -45.80 -53.59
C SER N 177 14.76 -45.91 -54.10
N GLU N 178 13.96 -46.79 -53.50
CA GLU N 178 12.55 -46.88 -53.87
C GLU N 178 11.79 -45.63 -53.43
N VAL N 179 12.13 -45.09 -52.25
CA VAL N 179 11.53 -43.85 -51.78
C VAL N 179 11.92 -42.70 -52.69
N GLN N 180 13.18 -42.68 -53.14
CA GLN N 180 13.62 -41.59 -54.00
C GLN N 180 12.98 -41.70 -55.39
N SER N 181 12.80 -42.92 -55.88
CA SER N 181 12.11 -43.12 -57.15
C SER N 181 10.64 -42.71 -57.06
N ARG N 182 9.98 -43.03 -55.95
CA ARG N 182 8.59 -42.61 -55.78
C ARG N 182 8.46 -41.09 -55.64
N ILE N 183 9.37 -40.47 -54.88
CA ILE N 183 9.27 -39.04 -54.64
C ILE N 183 9.71 -38.25 -55.87
N GLN N 184 10.42 -38.87 -56.80
CA GLN N 184 10.76 -38.20 -58.05
C GLN N 184 9.89 -38.67 -59.22
N LYS N 185 9.00 -39.64 -59.01
CA LYS N 185 7.87 -39.84 -59.90
C LYS N 185 6.65 -39.04 -59.49
N LYS N 186 6.61 -38.53 -58.26
CA LYS N 186 5.41 -37.83 -57.79
C LYS N 186 5.23 -36.49 -58.51
N GLY N 187 6.17 -35.58 -58.34
CA GLY N 187 6.14 -34.32 -59.07
C GLY N 187 5.95 -33.07 -58.25
N ASN N 188 5.92 -33.16 -56.94
CA ASN N 188 5.86 -31.97 -56.10
C ASN N 188 7.26 -31.40 -55.94
N PRO N 189 7.55 -30.19 -56.44
CA PRO N 189 8.94 -29.71 -56.49
C PRO N 189 9.55 -29.46 -55.13
N HIS N 190 8.74 -29.09 -54.15
CA HIS N 190 9.24 -28.95 -52.79
C HIS N 190 9.66 -30.30 -52.22
N GLU N 191 8.95 -31.36 -52.59
CA GLU N 191 9.42 -32.69 -52.26
C GLU N 191 10.50 -33.18 -53.22
N MET N 192 10.63 -32.57 -54.40
CA MET N 192 11.78 -32.87 -55.25
C MET N 192 13.07 -32.36 -54.65
N LYS N 193 12.99 -31.25 -53.91
CA LYS N 193 14.17 -30.66 -53.27
C LYS N 193 14.55 -31.32 -51.96
N ILE N 194 14.08 -32.53 -51.68
CA ILE N 194 14.47 -33.25 -50.47
C ILE N 194 15.85 -33.85 -50.70
N THR N 195 16.57 -34.09 -49.60
CA THR N 195 17.83 -34.78 -49.64
C THR N 195 17.61 -36.24 -49.27
N SER N 196 18.70 -37.02 -49.29
CA SER N 196 18.60 -38.46 -49.10
C SER N 196 19.25 -38.95 -47.81
N ALA N 197 20.25 -38.24 -47.27
CA ALA N 197 20.85 -38.65 -46.02
C ALA N 197 19.89 -38.46 -44.85
N TYR N 198 19.00 -37.47 -44.95
CA TYR N 198 17.94 -37.31 -43.95
C TYR N 198 16.97 -38.48 -43.98
N LEU N 199 16.66 -38.98 -45.18
CA LEU N 199 15.86 -40.19 -45.32
C LEU N 199 16.59 -41.40 -44.73
N GLN N 200 17.90 -41.47 -44.94
CA GLN N 200 18.71 -42.55 -44.39
C GLN N 200 18.70 -42.55 -42.87
N ASP N 201 18.81 -41.36 -42.27
CA ASP N 201 18.77 -41.27 -40.82
C ASP N 201 17.39 -41.56 -40.27
N ILE N 202 16.34 -41.23 -41.03
CA ILE N 202 14.98 -41.63 -40.65
C ILE N 202 14.87 -43.14 -40.60
N GLU N 203 15.41 -43.83 -41.61
CA GLU N 203 15.35 -45.29 -41.62
C GLU N 203 16.16 -45.90 -40.49
N ASN N 204 17.34 -45.34 -40.21
CA ASN N 204 18.22 -45.93 -39.19
C ASN N 204 17.68 -45.72 -37.79
N VAL N 205 17.10 -44.55 -37.51
CA VAL N 205 16.47 -44.33 -36.20
C VAL N 205 15.18 -45.14 -36.10
N TYR N 206 14.40 -45.18 -37.18
CA TYR N 206 13.10 -45.81 -37.25
C TYR N 206 13.18 -47.32 -37.22
N LYS N 207 14.37 -47.88 -37.43
CA LYS N 207 14.64 -49.30 -37.24
C LYS N 207 15.38 -49.61 -35.94
N GLY N 208 16.46 -48.88 -35.66
CA GLY N 208 17.33 -49.25 -34.55
C GLY N 208 16.82 -48.82 -33.20
N THR N 209 16.12 -47.69 -33.14
CA THR N 209 15.61 -47.17 -31.87
C THR N 209 14.15 -47.52 -31.65
N PHE N 210 13.34 -47.49 -32.71
CA PHE N 210 11.89 -47.61 -32.57
C PHE N 210 11.48 -49.04 -32.22
N LEU N 211 11.93 -50.01 -33.00
CA LEU N 211 11.47 -51.40 -32.83
C LEU N 211 11.96 -52.06 -31.53
N PRO N 212 13.21 -51.87 -31.06
CA PRO N 212 13.51 -52.35 -29.69
C PRO N 212 12.80 -51.58 -28.59
N GLU N 213 12.43 -50.32 -28.80
CA GLU N 213 11.63 -49.61 -27.81
C GLU N 213 10.14 -49.88 -27.96
N MET N 214 9.74 -50.68 -28.93
CA MET N 214 8.41 -51.27 -28.86
C MET N 214 8.40 -52.48 -27.94
N SER N 215 9.42 -53.34 -28.05
CA SER N 215 9.72 -54.40 -27.08
C SER N 215 8.56 -55.38 -26.93
N GLU N 216 7.91 -55.66 -28.06
CA GLU N 216 6.74 -56.54 -28.25
C GLU N 216 5.46 -55.97 -27.65
N LYS N 217 5.55 -54.89 -26.89
CA LYS N 217 4.40 -54.03 -26.69
C LYS N 217 4.15 -53.36 -28.02
N CYS N 218 2.86 -53.15 -28.35
CA CYS N 218 2.42 -52.72 -29.68
C CYS N 218 2.96 -53.68 -30.75
N GLU N 219 2.42 -54.91 -30.70
CA GLU N 219 2.92 -56.03 -31.50
C GLU N 219 2.99 -55.69 -32.99
N VAL N 220 4.13 -56.00 -33.58
CA VAL N 220 4.51 -55.41 -34.84
C VAL N 220 4.23 -56.41 -35.97
N LEU N 221 4.06 -55.86 -37.16
CA LEU N 221 3.97 -56.64 -38.39
C LEU N 221 4.90 -55.95 -39.38
N GLN N 222 6.15 -56.38 -39.42
CA GLN N 222 7.17 -55.75 -40.24
C GLN N 222 7.08 -56.32 -41.65
N TYR N 223 6.31 -55.68 -42.52
CA TYR N 223 6.11 -56.13 -43.88
C TYR N 223 7.15 -55.53 -44.81
N SER N 224 7.31 -56.18 -45.96
CA SER N 224 8.24 -55.78 -46.99
C SER N 224 7.66 -54.64 -47.83
N ALA N 225 8.47 -54.15 -48.77
CA ALA N 225 8.07 -52.99 -49.57
C ALA N 225 7.01 -53.37 -50.59
N TRP N 226 7.22 -54.45 -51.32
CA TRP N 226 6.25 -54.89 -52.32
C TRP N 226 5.10 -55.68 -51.73
N GLU N 227 5.00 -55.78 -50.41
CA GLU N 227 3.86 -56.42 -49.76
C GLU N 227 2.75 -55.42 -49.49
N ALA N 228 2.40 -54.66 -50.53
CA ALA N 228 1.23 -53.80 -50.54
C ALA N 228 0.28 -54.32 -51.61
N GLU N 229 -0.93 -53.75 -51.61
CA GLU N 229 -2.07 -54.21 -52.42
C GLU N 229 -2.40 -55.68 -52.13
N ASP N 230 -2.20 -56.09 -50.88
CA ASP N 230 -2.36 -57.47 -50.44
C ASP N 230 -3.32 -57.43 -49.25
N ALA N 231 -4.62 -57.58 -49.53
CA ALA N 231 -5.62 -57.49 -48.48
C ALA N 231 -5.61 -58.73 -47.61
N GLU N 232 -5.57 -59.91 -48.23
CA GLU N 232 -5.76 -61.17 -47.51
C GLU N 232 -4.63 -61.43 -46.53
N LYS N 233 -3.41 -61.05 -46.89
CA LYS N 233 -2.27 -61.38 -46.04
C LYS N 233 -2.26 -60.53 -44.78
N VAL N 234 -2.53 -59.24 -44.90
CA VAL N 234 -2.53 -58.38 -43.71
C VAL N 234 -3.75 -58.65 -42.84
N VAL N 235 -4.92 -58.87 -43.46
CA VAL N 235 -6.13 -59.15 -42.68
C VAL N 235 -6.02 -60.51 -42.00
N GLU N 236 -5.37 -61.47 -42.67
CA GLU N 236 -5.22 -62.81 -42.11
C GLU N 236 -4.15 -62.85 -41.03
N ASP N 237 -3.13 -62.00 -41.13
CA ASP N 237 -2.18 -61.88 -40.02
C ASP N 237 -2.81 -61.22 -38.81
N ILE N 238 -3.64 -60.20 -39.03
CA ILE N 238 -4.30 -59.51 -37.91
C ILE N 238 -5.30 -60.44 -37.22
N GLN N 239 -6.10 -61.16 -37.99
CA GLN N 239 -7.07 -62.08 -37.39
C GLN N 239 -6.39 -63.30 -36.78
N TYR N 240 -5.24 -63.71 -37.29
CA TYR N 240 -4.53 -64.86 -36.73
C TYR N 240 -3.40 -64.40 -35.80
N LEU N 241 -3.77 -63.75 -34.71
CA LEU N 241 -2.80 -63.48 -33.66
C LEU N 241 -3.54 -63.40 -32.33
N LYS N 242 -2.75 -63.32 -31.26
CA LYS N 242 -3.26 -63.14 -29.90
C LYS N 242 -2.29 -62.25 -29.15
N TYR N 243 -2.77 -61.67 -28.05
CA TYR N 243 -2.09 -60.59 -27.37
C TYR N 243 -1.55 -61.05 -26.03
N ASP N 244 -0.30 -60.69 -25.75
CA ASP N 244 0.27 -60.88 -24.43
C ASP N 244 0.73 -59.56 -23.82
N LYS N 245 1.55 -58.79 -24.53
CA LYS N 245 2.16 -57.59 -23.98
C LYS N 245 1.16 -56.45 -23.90
N GLY N 246 1.62 -55.32 -23.38
CA GLY N 246 0.81 -54.14 -23.26
C GLY N 246 -0.07 -54.17 -22.02
N PRO N 247 -0.50 -52.99 -21.57
CA PRO N 247 -1.42 -52.93 -20.42
C PRO N 247 -2.87 -53.18 -20.78
N TRP N 248 -3.19 -53.43 -22.04
CA TRP N 248 -4.58 -53.57 -22.48
C TRP N 248 -5.24 -54.87 -22.03
N LEU N 249 -4.51 -55.81 -21.43
CA LEU N 249 -5.11 -57.09 -21.10
C LEU N 249 -6.05 -57.00 -19.91
N ASP N 250 -5.81 -56.03 -19.01
CA ASP N 250 -6.72 -55.73 -17.91
C ASP N 250 -6.64 -54.25 -17.60
N GLN N 251 -7.81 -53.64 -17.42
CA GLN N 251 -7.89 -52.24 -17.00
C GLN N 251 -8.63 -52.00 -15.68
N ASP N 252 -9.84 -52.54 -15.42
CA ASP N 252 -10.81 -53.23 -16.27
C ASP N 252 -11.85 -52.23 -16.74
N ASP N 253 -12.36 -51.45 -15.81
CA ASP N 253 -13.36 -50.43 -16.06
C ASP N 253 -12.92 -49.06 -15.60
N ARG N 254 -12.20 -48.98 -14.48
CA ARG N 254 -11.92 -47.72 -13.82
C ARG N 254 -10.89 -46.91 -14.59
N LYS N 255 -9.85 -47.58 -15.09
CA LYS N 255 -8.85 -46.88 -15.88
C LYS N 255 -9.44 -46.40 -17.20
N LEU N 256 -10.35 -47.17 -17.78
CA LEU N 256 -11.01 -46.74 -19.01
C LEU N 256 -11.96 -45.59 -18.75
N HIS N 257 -12.57 -45.56 -17.55
CA HIS N 257 -13.37 -44.40 -17.15
C HIS N 257 -12.51 -43.16 -16.99
N ASN N 258 -11.32 -43.32 -16.41
CA ASN N 258 -10.40 -42.20 -16.29
C ASN N 258 -9.95 -41.69 -17.64
N LEU N 259 -9.75 -42.60 -18.59
CA LEU N 259 -9.35 -42.18 -19.93
C LEU N 259 -10.50 -41.47 -20.65
N ARG N 260 -11.72 -41.97 -20.50
CA ARG N 260 -12.86 -41.32 -21.14
C ARG N 260 -13.13 -39.94 -20.54
N MET N 261 -12.89 -39.79 -19.23
CA MET N 261 -12.97 -38.47 -18.63
C MET N 261 -11.83 -37.56 -19.06
N LEU N 262 -10.66 -38.13 -19.31
CA LEU N 262 -9.49 -37.30 -19.62
C LEU N 262 -9.52 -36.83 -21.07
N VAL N 263 -9.95 -37.69 -21.98
CA VAL N 263 -9.83 -37.37 -23.40
C VAL N 263 -10.91 -36.39 -23.84
N GLN N 264 -12.13 -36.53 -23.30
CA GLN N 264 -13.09 -35.44 -23.38
C GLN N 264 -12.57 -34.23 -22.62
N ASP N 265 -13.08 -33.05 -23.00
CA ASP N 265 -12.58 -31.75 -22.57
C ASP N 265 -11.09 -31.61 -22.92
N LYS N 266 -10.85 -31.53 -24.23
CA LYS N 266 -9.53 -31.68 -24.86
C LYS N 266 -8.49 -30.66 -24.41
N LEU N 267 -8.91 -29.59 -23.72
CA LEU N 267 -7.95 -28.74 -23.03
C LEU N 267 -7.21 -29.48 -21.93
N GLU N 268 -7.81 -30.55 -21.37
CA GLU N 268 -7.08 -31.43 -20.46
C GLU N 268 -5.95 -32.16 -21.18
N VAL N 269 -6.16 -32.52 -22.45
CA VAL N 269 -5.09 -33.09 -23.24
C VAL N 269 -4.03 -32.04 -23.52
N LEU N 270 -4.45 -30.81 -23.77
CA LEU N 270 -3.53 -29.76 -24.22
C LEU N 270 -2.98 -28.89 -23.09
N ASN N 271 -3.21 -29.24 -21.82
CA ASN N 271 -2.64 -28.46 -20.72
C ASN N 271 -1.14 -28.56 -20.62
N TYR N 272 -0.53 -29.55 -21.26
CA TYR N 272 0.89 -29.83 -21.08
C TYR N 272 1.69 -29.58 -22.36
N THR N 273 1.13 -28.84 -23.31
CA THR N 273 1.85 -28.58 -24.55
C THR N 273 2.87 -27.47 -24.35
N SER N 274 2.43 -26.31 -23.88
CA SER N 274 3.31 -25.18 -23.62
C SER N 274 3.80 -25.28 -22.18
N ILE N 275 5.08 -25.63 -22.00
CA ILE N 275 5.58 -25.90 -20.66
C ILE N 275 5.87 -24.59 -19.91
N PRO N 276 6.70 -23.65 -20.41
CA PRO N 276 7.75 -23.49 -21.43
C PRO N 276 9.16 -23.43 -20.81
N VAL N 277 10.18 -23.60 -21.64
CA VAL N 277 11.56 -23.31 -21.23
C VAL N 277 12.10 -22.12 -22.04
N PHE N 278 11.25 -21.41 -22.77
CA PHE N 278 11.49 -20.12 -23.41
C PHE N 278 12.47 -20.14 -24.57
N LEU N 279 12.83 -21.32 -25.09
CA LEU N 279 12.79 -21.67 -26.53
C LEU N 279 12.92 -20.50 -27.50
N PRO N 280 14.09 -19.90 -27.67
CA PRO N 280 14.20 -18.66 -28.46
C PRO N 280 13.80 -18.77 -29.94
N GLU N 281 13.53 -19.97 -30.45
CA GLU N 281 12.93 -20.13 -31.78
C GLU N 281 11.42 -20.04 -31.76
N VAL N 282 10.79 -20.32 -30.63
CA VAL N 282 9.40 -20.75 -30.59
C VAL N 282 8.48 -19.70 -29.96
N THR N 283 8.94 -19.04 -28.89
CA THR N 283 8.06 -18.19 -28.09
C THR N 283 7.68 -16.91 -28.83
N ILE N 284 6.38 -16.75 -29.06
CA ILE N 284 5.86 -15.57 -29.74
C ILE N 284 5.93 -14.38 -28.80
N GLY N 285 6.26 -13.21 -29.34
CA GLY N 285 6.21 -11.99 -28.58
C GLY N 285 4.79 -11.59 -28.20
N ALA N 286 4.69 -10.51 -27.42
CA ALA N 286 3.39 -10.10 -26.91
C ALA N 286 2.52 -9.45 -27.98
N HIS N 287 3.11 -8.56 -28.79
CA HIS N 287 2.33 -7.76 -29.73
C HIS N 287 1.80 -8.61 -30.87
N GLN N 288 2.61 -9.57 -31.32
CA GLN N 288 2.17 -10.49 -32.36
C GLN N 288 1.03 -11.37 -31.87
N SER N 289 1.11 -11.82 -30.62
CA SER N 289 0.02 -12.61 -30.05
C SER N 289 -1.24 -11.79 -29.90
N ASP N 290 -1.10 -10.51 -29.56
CA ASP N 290 -2.26 -9.60 -29.48
C ASP N 290 -2.96 -9.48 -30.83
N ARG N 291 -2.23 -9.11 -31.88
CA ARG N 291 -2.89 -8.87 -33.16
C ARG N 291 -3.36 -10.17 -33.80
N VAL N 292 -2.67 -11.28 -33.54
CA VAL N 292 -3.11 -12.55 -34.12
C VAL N 292 -4.37 -13.06 -33.43
N PHE N 293 -4.47 -12.92 -32.11
CA PHE N 293 -5.69 -13.32 -31.43
C PHE N 293 -6.86 -12.41 -31.75
N GLN N 294 -6.60 -11.12 -31.97
CA GLN N 294 -7.69 -10.21 -32.34
C GLN N 294 -8.20 -10.50 -33.75
N GLU N 295 -7.29 -10.69 -34.70
CA GLU N 295 -7.73 -11.04 -36.05
C GLU N 295 -8.31 -12.45 -36.13
N PHE N 296 -7.94 -13.32 -35.19
CA PHE N 296 -8.59 -14.62 -35.09
C PHE N 296 -10.02 -14.49 -34.61
N THR N 297 -10.27 -13.61 -33.65
CA THR N 297 -11.65 -13.34 -33.26
C THR N 297 -12.41 -12.55 -34.33
N GLU N 298 -11.71 -11.94 -35.29
CA GLU N 298 -12.41 -11.30 -36.41
C GLU N 298 -13.07 -12.30 -37.37
N LEU N 299 -12.69 -13.57 -37.31
CA LEU N 299 -13.32 -14.58 -38.16
C LEU N 299 -14.77 -14.79 -37.72
N PRO N 300 -15.66 -15.17 -38.64
CA PRO N 300 -17.08 -15.24 -38.29
C PRO N 300 -17.44 -16.42 -37.41
N GLY N 301 -16.79 -17.57 -37.57
CA GLY N 301 -17.17 -18.74 -36.80
C GLY N 301 -16.40 -18.91 -35.52
N ARG N 302 -15.16 -18.42 -35.49
CA ARG N 302 -14.25 -18.73 -34.39
C ARG N 302 -14.59 -18.00 -33.11
N LYS N 303 -15.31 -16.89 -33.18
CA LYS N 303 -15.43 -15.99 -32.03
C LYS N 303 -16.60 -16.38 -31.15
N TYR N 304 -16.30 -16.53 -29.85
CA TYR N 304 -17.25 -16.71 -28.74
C TYR N 304 -18.18 -17.91 -28.94
N ARG N 305 -17.57 -19.10 -28.87
CA ARG N 305 -18.28 -20.37 -28.62
C ARG N 305 -19.33 -20.68 -29.68
N ALA N 306 -18.88 -21.14 -30.86
CA ALA N 306 -19.68 -21.22 -32.08
C ALA N 306 -21.00 -22.01 -31.97
N GLY N 307 -21.25 -22.71 -30.86
CA GLY N 307 -22.60 -23.19 -30.59
C GLY N 307 -23.60 -22.08 -30.30
N TYR N 308 -23.12 -20.89 -29.94
CA TYR N 308 -23.98 -19.75 -29.66
C TYR N 308 -23.85 -18.62 -30.67
N ASN N 309 -23.02 -18.78 -31.70
CA ASN N 309 -22.52 -17.65 -32.45
C ASN N 309 -23.61 -17.06 -33.35
N GLU N 310 -23.74 -15.75 -33.33
CA GLU N 310 -24.63 -15.07 -34.26
C GLU N 310 -24.00 -15.01 -35.65
N ASP N 311 -24.79 -14.50 -36.59
CA ASP N 311 -24.52 -14.33 -38.03
C ASP N 311 -24.43 -15.64 -38.79
N VAL N 312 -24.50 -16.78 -38.11
CA VAL N 312 -24.55 -18.10 -38.74
C VAL N 312 -25.83 -18.76 -38.22
N GLY N 313 -26.23 -18.36 -37.01
CA GLY N 313 -27.46 -18.83 -36.40
C GLY N 313 -27.61 -18.24 -35.01
N ASP N 314 -28.28 -18.92 -34.09
CA ASP N 314 -29.02 -20.14 -34.36
C ASP N 314 -30.50 -19.83 -34.17
N LYS N 315 -30.77 -18.53 -34.00
CA LYS N 315 -32.08 -17.92 -33.77
C LYS N 315 -32.73 -18.35 -32.46
N TRP N 316 -32.01 -19.04 -31.58
CA TRP N 316 -32.53 -19.37 -30.25
C TRP N 316 -31.47 -18.99 -29.24
N ILE N 317 -31.44 -17.71 -28.91
CA ILE N 317 -30.65 -17.17 -27.81
C ILE N 317 -31.59 -16.33 -26.96
N TRP N 318 -32.88 -16.69 -26.99
CA TRP N 318 -33.93 -16.21 -26.11
C TRP N 318 -34.13 -14.69 -26.24
N LEU N 319 -34.63 -14.30 -27.41
CA LEU N 319 -35.20 -12.96 -27.67
C LEU N 319 -34.22 -11.79 -27.50
N PRO O 1 -18.84 -22.25 15.81
CA PRO O 1 -20.26 -22.47 16.04
C PRO O 1 -20.52 -23.69 16.92
N PHE O 2 -21.61 -23.62 17.68
CA PHE O 2 -22.07 -24.72 18.53
C PHE O 2 -23.52 -24.95 18.13
N PHE O 3 -23.71 -25.74 17.08
CA PHE O 3 -25.05 -26.01 16.58
C PHE O 3 -25.76 -26.97 17.53
N ASP O 4 -27.09 -26.85 17.59
CA ASP O 4 -27.86 -27.57 18.58
C ASP O 4 -28.99 -28.34 17.93
N VAL O 5 -28.67 -29.06 16.85
CA VAL O 5 -29.58 -30.07 16.32
C VAL O 5 -29.74 -31.18 17.35
N GLN O 6 -28.68 -31.43 18.13
CA GLN O 6 -28.70 -32.13 19.40
C GLN O 6 -29.91 -31.83 20.27
N LYS O 7 -30.27 -30.55 20.41
CA LYS O 7 -31.46 -30.19 21.17
C LYS O 7 -32.71 -30.07 20.31
N LYS O 8 -32.56 -29.78 19.02
CA LYS O 8 -33.73 -29.53 18.18
C LYS O 8 -34.47 -30.83 17.87
N LEU O 9 -33.74 -31.89 17.53
CA LEU O 9 -34.41 -33.13 17.19
C LEU O 9 -34.99 -33.85 18.40
N GLY O 10 -34.48 -33.56 19.60
CA GLY O 10 -34.93 -34.28 20.77
C GLY O 10 -34.37 -35.67 20.86
N VAL O 11 -33.06 -35.84 20.63
CA VAL O 11 -32.40 -37.13 20.70
C VAL O 11 -31.30 -37.02 21.75
N ASP O 12 -31.33 -37.92 22.73
CA ASP O 12 -30.37 -37.88 23.83
C ASP O 12 -29.16 -38.77 23.53
N LEU O 13 -28.50 -38.45 22.43
CA LEU O 13 -27.32 -39.21 22.01
C LEU O 13 -26.09 -38.89 22.84
N ASP O 14 -25.99 -37.67 23.38
CA ASP O 14 -24.75 -37.25 24.03
C ASP O 14 -24.97 -36.68 25.43
N HIS O 15 -26.06 -37.04 26.10
CA HIS O 15 -26.34 -36.51 27.43
C HIS O 15 -26.35 -37.59 28.49
N TRP O 16 -25.71 -38.70 28.23
CA TRP O 16 -25.67 -39.81 29.16
C TRP O 16 -24.26 -40.28 29.45
N MET O 17 -23.39 -40.30 28.43
CA MET O 17 -21.95 -40.44 28.60
C MET O 17 -21.32 -39.26 29.31
N THR O 18 -22.03 -38.14 29.41
CA THR O 18 -21.42 -36.84 29.55
C THR O 18 -20.95 -36.57 30.98
N ILE O 19 -21.88 -36.56 31.91
CA ILE O 19 -21.66 -36.08 33.26
C ILE O 19 -21.90 -37.26 34.20
N GLN O 20 -21.44 -37.13 35.44
CA GLN O 20 -21.92 -38.01 36.50
C GLN O 20 -23.38 -37.67 36.84
N SER O 21 -23.93 -38.43 37.79
CA SER O 21 -25.28 -38.26 38.35
C SER O 21 -26.38 -38.39 37.31
N ALA O 22 -26.09 -39.03 36.19
CA ALA O 22 -27.09 -39.37 35.18
C ALA O 22 -27.71 -40.71 35.56
N GLU O 23 -28.43 -41.34 34.63
CA GLU O 23 -28.98 -42.67 34.88
C GLU O 23 -27.97 -43.72 34.41
N GLN O 24 -27.25 -44.28 35.38
CA GLN O 24 -26.38 -45.43 35.17
C GLN O 24 -27.21 -46.64 34.77
N PRO O 25 -26.60 -47.67 34.07
CA PRO O 25 -27.39 -48.81 33.57
C PRO O 25 -28.13 -49.58 34.64
N HIS O 26 -27.42 -50.08 35.63
CA HIS O 26 -28.07 -50.40 36.90
C HIS O 26 -28.05 -49.14 37.74
N ARG O 27 -29.15 -48.87 38.43
CA ARG O 27 -29.35 -47.59 39.12
C ARG O 27 -28.43 -47.55 40.33
N ILE O 28 -27.19 -47.17 40.09
CA ILE O 28 -26.12 -47.19 41.08
C ILE O 28 -25.54 -45.78 41.16
N PRO O 29 -24.91 -45.41 42.28
CA PRO O 29 -24.33 -44.06 42.35
C PRO O 29 -22.90 -44.00 41.84
N ALA O 30 -22.30 -42.83 41.94
CA ALA O 30 -20.87 -42.64 41.71
C ALA O 30 -20.17 -42.49 43.05
N ARG O 31 -18.88 -42.17 43.03
CA ARG O 31 -18.15 -41.97 44.27
C ARG O 31 -18.40 -40.58 44.85
N CYS O 32 -18.47 -39.55 44.01
CA CYS O 32 -18.68 -38.19 44.46
C CYS O 32 -19.98 -37.63 43.89
N HIS O 33 -21.06 -38.40 44.06
CA HIS O 33 -22.34 -38.11 43.43
C HIS O 33 -22.96 -36.82 43.94
N ALA O 34 -23.21 -36.74 45.25
CA ALA O 34 -23.97 -35.62 45.81
C ALA O 34 -23.19 -34.32 45.72
N PHE O 35 -21.86 -34.39 45.67
CA PHE O 35 -21.05 -33.20 45.47
C PHE O 35 -21.32 -32.57 44.11
N GLU O 36 -21.37 -33.39 43.06
CA GLU O 36 -21.72 -32.82 41.76
C GLU O 36 -23.17 -32.43 41.66
N LYS O 37 -24.07 -33.13 42.37
CA LYS O 37 -25.47 -32.73 42.33
C LYS O 37 -25.66 -31.36 42.96
N GLU O 38 -25.01 -31.10 44.09
CA GLU O 38 -25.07 -29.78 44.69
C GLU O 38 -24.34 -28.72 43.87
N TRP O 39 -23.22 -29.10 43.23
CA TRP O 39 -22.50 -28.12 42.43
C TRP O 39 -23.26 -27.72 41.17
N ILE O 40 -23.89 -28.69 40.52
CA ILE O 40 -24.68 -28.42 39.32
C ILE O 40 -25.94 -27.64 39.69
N GLU O 41 -26.60 -28.01 40.80
CA GLU O 41 -27.76 -27.23 41.22
C GLU O 41 -27.39 -25.87 41.79
N CYS O 42 -26.12 -25.65 42.10
CA CYS O 42 -25.65 -24.29 42.37
C CYS O 42 -25.48 -23.50 41.08
N ALA O 43 -24.84 -24.10 40.08
CA ALA O 43 -24.41 -23.37 38.89
C ALA O 43 -25.24 -23.72 37.66
N HIS O 44 -26.57 -23.84 37.82
CA HIS O 44 -27.40 -24.25 36.70
C HIS O 44 -27.70 -23.09 35.76
N GLY O 45 -28.42 -22.08 36.24
CA GLY O 45 -28.85 -20.99 35.38
C GLY O 45 -27.99 -19.75 35.53
N ILE O 46 -26.68 -19.97 35.64
CA ILE O 46 -25.73 -18.93 36.00
C ILE O 46 -24.73 -18.80 34.86
N GLY O 47 -24.29 -17.57 34.60
CA GLY O 47 -23.50 -17.28 33.41
C GLY O 47 -22.00 -17.54 33.45
N SER O 48 -21.58 -18.59 34.17
CA SER O 48 -20.25 -19.20 34.11
C SER O 48 -19.10 -18.29 34.56
N ILE O 49 -19.39 -17.10 35.10
CA ILE O 49 -18.37 -16.24 35.69
C ILE O 49 -18.71 -15.88 37.14
N ARG O 50 -19.95 -15.46 37.38
CA ARG O 50 -20.37 -15.43 38.77
C ARG O 50 -20.70 -16.83 39.28
N ALA O 51 -20.77 -17.82 38.39
CA ALA O 51 -20.71 -19.22 38.83
C ALA O 51 -19.34 -19.54 39.43
N GLU O 52 -18.27 -18.95 38.88
CA GLU O 52 -16.97 -19.05 39.54
C GLU O 52 -16.97 -18.30 40.85
N LYS O 53 -17.45 -17.06 40.84
CA LYS O 53 -17.33 -16.25 42.05
C LYS O 53 -18.39 -16.54 43.10
N GLU O 54 -19.30 -17.47 42.87
CA GLU O 54 -20.32 -17.79 43.86
C GLU O 54 -20.41 -19.27 44.20
N CYS O 55 -20.20 -20.16 43.23
CA CYS O 55 -20.25 -21.60 43.48
C CYS O 55 -18.86 -22.19 43.65
N LYS O 56 -17.95 -21.45 44.27
CA LYS O 56 -16.57 -21.89 44.41
C LYS O 56 -16.41 -22.88 45.54
N ILE O 57 -17.19 -22.73 46.61
CA ILE O 57 -17.01 -23.54 47.82
C ILE O 57 -17.37 -24.99 47.55
N GLU O 58 -18.53 -25.20 46.92
CA GLU O 58 -18.96 -26.56 46.59
C GLU O 58 -18.08 -27.17 45.50
N PHE O 59 -17.48 -26.33 44.65
CA PHE O 59 -16.56 -26.83 43.65
C PHE O 59 -15.27 -27.33 44.27
N GLU O 60 -14.72 -26.59 45.23
CA GLU O 60 -13.54 -27.07 45.94
C GLU O 60 -13.85 -28.30 46.79
N ASP O 61 -15.07 -28.36 47.34
CA ASP O 61 -15.50 -29.54 48.07
C ASP O 61 -15.56 -30.76 47.16
N PHE O 62 -16.10 -30.59 45.95
CA PHE O 62 -16.12 -31.70 45.00
C PHE O 62 -14.73 -32.09 44.53
N ARG O 63 -13.83 -31.13 44.34
CA ARG O 63 -12.47 -31.46 43.91
C ARG O 63 -11.73 -32.24 44.99
N GLU O 64 -11.87 -31.83 46.24
CA GLU O 64 -11.26 -32.55 47.34
C GLU O 64 -11.99 -33.85 47.67
N CYS O 65 -13.19 -34.05 47.14
CA CYS O 65 -13.76 -35.39 47.11
C CYS O 65 -13.11 -36.24 46.03
N LEU O 66 -12.86 -35.64 44.87
CA LEU O 66 -12.42 -36.40 43.70
C LEU O 66 -10.99 -36.89 43.86
N LEU O 67 -10.03 -35.97 44.02
CA LEU O 67 -8.64 -36.40 44.15
C LEU O 67 -8.26 -36.76 45.56
N ARG O 68 -8.98 -36.22 46.55
CA ARG O 68 -8.68 -36.34 47.98
C ARG O 68 -7.25 -35.91 48.27
N GLN O 69 -6.97 -34.65 47.94
CA GLN O 69 -5.63 -34.11 48.09
C GLN O 69 -5.30 -33.80 49.54
N LYS O 70 -6.12 -32.98 50.19
CA LYS O 70 -5.79 -32.53 51.54
C LYS O 70 -5.96 -33.63 52.56
N THR O 71 -6.82 -34.60 52.30
CA THR O 71 -6.98 -35.71 53.23
C THR O 71 -5.75 -36.62 53.20
N MET O 72 -5.20 -36.86 52.01
CA MET O 72 -3.93 -37.58 51.93
C MET O 72 -2.78 -36.77 52.50
N LYS O 73 -2.83 -35.44 52.38
CA LYS O 73 -1.85 -34.58 53.05
C LYS O 73 -1.89 -34.76 54.56
N ARG O 74 -3.09 -34.80 55.13
CA ARG O 74 -3.26 -35.00 56.57
C ARG O 74 -2.78 -36.39 56.99
N LEU O 75 -3.08 -37.41 56.20
CA LEU O 75 -2.63 -38.76 56.50
C LEU O 75 -1.11 -38.86 56.43
N ASN O 76 -0.50 -38.15 55.48
CA ASN O 76 0.94 -38.15 55.33
C ASN O 76 1.62 -37.48 56.51
N ALA O 77 1.05 -36.36 56.98
CA ALA O 77 1.62 -35.68 58.15
C ALA O 77 1.48 -36.53 59.40
N ILE O 78 0.37 -37.27 59.52
CA ILE O 78 0.19 -38.19 60.64
C ILE O 78 1.27 -39.27 60.64
N LYS O 79 1.53 -39.85 59.47
CA LYS O 79 2.54 -40.91 59.41
C LYS O 79 3.96 -40.37 59.63
N ARG O 80 4.26 -39.15 59.17
CA ARG O 80 5.59 -38.62 59.39
C ARG O 80 5.83 -38.27 60.86
N GLN O 81 4.81 -37.73 61.53
CA GLN O 81 4.96 -37.45 62.96
C GLN O 81 5.04 -38.75 63.76
N ARG O 82 4.30 -39.78 63.33
CA ARG O 82 4.42 -41.12 63.90
C ARG O 82 5.84 -41.64 63.78
N ASP O 83 6.45 -41.46 62.62
CA ASP O 83 7.83 -41.91 62.39
C ASP O 83 8.82 -41.17 63.27
N LYS O 84 8.70 -39.83 63.37
CA LYS O 84 9.69 -39.10 64.17
C LYS O 84 9.55 -39.38 65.65
N LEU O 85 8.34 -39.60 66.17
CA LEU O 85 8.27 -39.91 67.59
C LEU O 85 8.57 -41.37 67.89
N ILE O 86 8.35 -42.30 66.96
CA ILE O 86 8.78 -43.66 67.22
C ILE O 86 10.29 -43.79 67.07
N LYS O 87 10.93 -42.91 66.29
CA LYS O 87 12.38 -42.85 66.27
C LYS O 87 12.93 -42.19 67.52
N GLU O 88 12.20 -41.20 68.06
CA GLU O 88 12.56 -40.60 69.34
C GLU O 88 12.44 -41.61 70.48
N GLY O 89 11.47 -42.51 70.41
CA GLY O 89 11.38 -43.56 71.40
C GLY O 89 10.31 -43.37 72.44
N LYS O 90 9.11 -42.96 72.02
CA LYS O 90 7.97 -42.82 72.90
C LYS O 90 6.85 -43.73 72.42
N TYR O 91 6.42 -44.65 73.29
CA TYR O 91 5.25 -45.52 73.13
C TYR O 91 5.26 -46.32 71.83
N THR O 92 6.08 -47.38 71.79
CA THR O 92 5.92 -48.43 70.80
C THR O 92 4.45 -48.85 70.79
N PRO O 93 3.71 -48.51 69.74
CA PRO O 93 2.28 -48.25 69.90
C PRO O 93 1.44 -49.51 69.80
N PRO O 94 0.61 -49.77 70.81
CA PRO O 94 -0.43 -50.80 70.68
C PRO O 94 -1.82 -50.33 70.24
N PRO O 95 -2.05 -49.12 69.56
CA PRO O 95 -3.36 -48.97 68.89
C PRO O 95 -3.81 -49.98 67.84
N HIS O 96 -2.93 -50.82 67.29
CA HIS O 96 -3.38 -51.85 66.37
C HIS O 96 -3.65 -53.12 67.14
N HIS O 97 -4.86 -53.68 66.96
CA HIS O 97 -5.44 -54.88 67.58
C HIS O 97 -5.72 -54.70 69.07
N SER O 98 -5.37 -53.57 69.67
CA SER O 98 -5.55 -53.38 71.10
C SER O 98 -5.63 -51.89 71.38
N GLY O 99 -5.49 -51.53 72.65
CA GLY O 99 -5.45 -50.14 73.06
C GLY O 99 -4.12 -49.81 73.71
N ASN P 10 -29.41 -72.78 -10.66
CA ASN P 10 -29.50 -71.44 -10.09
C ASN P 10 -28.29 -71.10 -9.22
N VAL P 11 -28.54 -70.53 -8.04
CA VAL P 11 -27.47 -70.08 -7.15
C VAL P 11 -27.15 -71.13 -6.09
N TRP P 12 -27.98 -72.17 -5.92
CA TRP P 12 -27.68 -73.23 -4.96
C TRP P 12 -26.49 -74.07 -5.39
N ALA P 13 -26.22 -74.16 -6.69
CA ALA P 13 -25.10 -74.95 -7.17
C ALA P 13 -23.81 -74.15 -7.33
N LYS P 14 -23.89 -72.82 -7.38
CA LYS P 14 -22.69 -72.01 -7.55
C LYS P 14 -21.94 -71.85 -6.23
N GLU P 15 -22.56 -71.21 -5.25
CA GLU P 15 -21.96 -71.00 -3.93
C GLU P 15 -23.01 -71.34 -2.89
N PRO P 16 -23.08 -72.61 -2.47
CA PRO P 16 -24.21 -73.02 -1.62
C PRO P 16 -24.11 -72.53 -0.19
N VAL P 17 -22.90 -72.48 0.37
CA VAL P 17 -22.74 -72.12 1.78
C VAL P 17 -23.05 -70.65 2.00
N LEU P 18 -22.78 -69.81 0.99
CA LEU P 18 -23.11 -68.39 1.08
C LEU P 18 -24.61 -68.18 1.06
N VAL P 19 -25.33 -68.93 0.21
CA VAL P 19 -26.78 -68.81 0.14
C VAL P 19 -27.43 -69.32 1.42
N ALA P 20 -26.89 -70.40 1.99
CA ALA P 20 -27.36 -70.89 3.27
C ALA P 20 -27.14 -69.87 4.38
N SER P 21 -25.99 -69.17 4.33
CA SER P 21 -25.71 -68.14 5.31
C SER P 21 -26.66 -66.94 5.16
N PHE P 22 -26.96 -66.53 3.92
CA PHE P 22 -27.92 -65.45 3.71
C PHE P 22 -29.32 -65.86 4.18
N ALA P 23 -29.69 -67.13 4.02
CA ALA P 23 -31.02 -67.57 4.43
C ALA P 23 -31.15 -67.58 5.95
N ILE P 24 -30.16 -68.15 6.65
CA ILE P 24 -30.22 -68.17 8.11
C ILE P 24 -30.03 -66.76 8.67
N ALA P 25 -29.32 -65.88 7.96
CA ALA P 25 -29.20 -64.50 8.36
C ALA P 25 -30.51 -63.73 8.19
N GLY P 26 -31.22 -64.02 7.09
CA GLY P 26 -32.51 -63.37 6.88
C GLY P 26 -33.55 -63.80 7.89
N LEU P 27 -33.50 -65.07 8.31
CA LEU P 27 -34.40 -65.46 9.39
C LEU P 27 -33.93 -64.91 10.72
N ALA P 28 -32.63 -64.65 10.89
CA ALA P 28 -32.16 -64.00 12.10
C ALA P 28 -32.57 -62.54 12.16
N VAL P 29 -32.77 -61.90 11.01
CA VAL P 29 -33.26 -60.53 10.98
C VAL P 29 -34.78 -60.49 11.18
N ILE P 30 -35.51 -61.30 10.40
CA ILE P 30 -36.97 -61.21 10.39
C ILE P 30 -37.56 -61.83 11.64
N LEU P 31 -37.14 -63.05 11.96
CA LEU P 31 -37.81 -63.90 12.95
C LEU P 31 -37.99 -63.34 14.38
N PRO P 32 -37.10 -62.51 14.95
CA PRO P 32 -37.40 -61.95 16.29
C PRO P 32 -38.58 -61.01 16.37
N THR P 33 -39.15 -60.57 15.24
CA THR P 33 -40.42 -59.85 15.32
C THR P 33 -41.57 -60.80 15.61
N LEU P 34 -41.79 -61.77 14.73
CA LEU P 34 -42.91 -62.69 14.87
C LEU P 34 -42.48 -63.82 15.81
N SER P 35 -42.93 -63.72 17.07
CA SER P 35 -42.58 -64.68 18.11
C SER P 35 -43.55 -64.51 19.27
N PRO P 36 -43.98 -65.58 19.91
CA PRO P 36 -44.85 -65.43 21.09
C PRO P 36 -44.07 -65.29 22.40
N TYR P 37 -42.78 -64.97 22.34
CA TYR P 37 -41.95 -64.99 23.53
C TYR P 37 -41.19 -63.70 23.82
N THR P 38 -41.29 -62.68 22.98
CA THR P 38 -40.46 -61.49 23.18
C THR P 38 -40.95 -60.65 24.35
N LYS P 39 -42.27 -60.53 24.51
CA LYS P 39 -42.82 -59.87 25.69
C LYS P 39 -42.51 -60.65 26.95
N TYR P 40 -42.47 -61.99 26.86
CA TYR P 40 -42.04 -62.81 27.97
C TYR P 40 -40.59 -62.55 28.31
N SER P 41 -39.74 -62.36 27.29
CA SER P 41 -38.34 -62.04 27.50
C SER P 41 -38.18 -60.73 28.24
N LEU P 42 -38.96 -59.71 27.85
CA LEU P 42 -38.87 -58.42 28.50
C LEU P 42 -39.37 -58.48 29.95
N MET P 43 -40.40 -59.30 30.22
CA MET P 43 -40.90 -59.42 31.59
C MET P 43 -39.90 -60.14 32.50
N ILE P 44 -39.36 -61.28 32.02
CA ILE P 44 -38.34 -62.03 32.76
C ILE P 44 -37.12 -61.16 33.02
N ASN P 45 -36.73 -60.37 32.03
CA ASN P 45 -35.53 -59.56 32.18
C ASN P 45 -35.76 -58.35 33.07
N ARG P 46 -36.97 -57.80 33.08
CA ARG P 46 -37.24 -56.65 33.94
C ARG P 46 -37.34 -57.06 35.41
N ALA P 47 -38.04 -58.16 35.70
CA ALA P 47 -38.50 -58.42 37.06
C ALA P 47 -37.47 -59.11 37.95
N THR P 48 -36.17 -58.94 37.70
CA THR P 48 -35.15 -59.48 38.60
C THR P 48 -34.49 -58.36 39.36
N PRO P 49 -34.60 -58.32 40.69
CA PRO P 49 -34.11 -57.19 41.49
C PRO P 49 -32.62 -57.29 41.80
N TYR P 50 -31.84 -56.38 41.22
CA TYR P 50 -30.42 -56.30 41.55
C TYR P 50 -30.19 -55.57 42.86
N ASN P 51 -30.71 -54.36 42.96
CA ASN P 51 -30.50 -53.51 44.11
C ASN P 51 -31.64 -53.71 45.10
N TYR P 52 -31.61 -52.98 46.18
CA TYR P 52 -32.63 -53.19 47.20
C TYR P 52 -33.90 -52.45 46.81
N PRO P 53 -35.05 -53.11 46.78
CA PRO P 53 -36.31 -52.37 46.65
C PRO P 53 -36.61 -51.60 47.91
N VAL P 54 -36.42 -50.28 47.83
CA VAL P 54 -36.40 -49.40 49.00
C VAL P 54 -37.83 -49.24 49.53
N PRO P 55 -38.03 -49.15 50.84
CA PRO P 55 -39.31 -48.67 51.35
C PRO P 55 -39.47 -47.19 51.09
N LEU P 56 -40.71 -46.71 51.25
CA LEU P 56 -41.01 -45.31 51.00
C LEU P 56 -41.99 -44.79 52.03
N ARG P 57 -42.28 -43.50 51.94
CA ARG P 57 -43.09 -42.79 52.93
C ARG P 57 -44.52 -43.32 52.93
N ASP P 58 -45.12 -43.35 54.12
CA ASP P 58 -46.30 -44.13 54.48
C ASP P 58 -47.52 -44.08 53.57
N ASP P 59 -48.16 -42.91 53.43
CA ASP P 59 -49.47 -42.92 52.79
C ASP P 59 -49.67 -41.67 51.93
N GLY P 60 -50.06 -41.92 50.69
CA GLY P 60 -50.83 -40.99 49.90
C GLY P 60 -52.15 -41.68 49.62
N ASN P 61 -52.48 -42.63 50.51
CA ASN P 61 -53.64 -43.51 50.41
C ASN P 61 -53.70 -44.26 49.07
N MET P 62 -52.57 -44.88 48.74
CA MET P 62 -52.49 -45.63 47.50
C MET P 62 -53.17 -46.99 47.66
N PRO P 63 -53.92 -47.44 46.66
CA PRO P 63 -54.39 -48.83 46.66
C PRO P 63 -53.38 -49.79 46.05
N ASP P 64 -52.12 -49.60 46.41
CA ASP P 64 -50.97 -50.34 45.94
C ASP P 64 -49.98 -50.37 47.09
N VAL P 65 -48.71 -50.63 46.77
CA VAL P 65 -47.53 -50.61 47.65
C VAL P 65 -47.80 -51.34 48.96
N PRO P 66 -47.84 -52.67 48.93
CA PRO P 66 -48.33 -53.43 50.10
C PRO P 66 -47.32 -53.43 51.24
N SER P 67 -47.84 -53.34 52.46
CA SER P 67 -47.01 -53.20 53.65
C SER P 67 -46.35 -54.50 54.06
N HIS P 68 -46.79 -55.62 53.54
CA HIS P 68 -46.17 -56.89 53.87
C HIS P 68 -45.68 -57.55 52.59
N PRO P 69 -44.48 -58.14 52.59
CA PRO P 69 -44.05 -58.93 51.41
C PRO P 69 -44.82 -60.23 51.20
N GLN P 70 -45.71 -60.62 52.11
CA GLN P 70 -46.60 -61.74 51.89
C GLN P 70 -47.95 -61.31 51.34
N ASP P 71 -48.30 -60.02 51.51
CA ASP P 71 -49.59 -59.49 51.07
C ASP P 71 -49.66 -59.50 49.54
N PRO P 72 -50.71 -60.11 48.95
CA PRO P 72 -50.80 -60.17 47.48
C PRO P 72 -51.34 -58.91 46.81
N GLN P 73 -51.34 -57.76 47.48
CA GLN P 73 -51.85 -56.54 46.87
C GLN P 73 -50.88 -55.89 45.88
N GLY P 74 -49.71 -56.47 45.66
CA GLY P 74 -48.72 -55.84 44.81
C GLY P 74 -48.46 -56.59 43.52
N PRO P 75 -47.81 -55.92 42.57
CA PRO P 75 -47.45 -56.59 41.31
C PRO P 75 -46.33 -57.59 41.49
N SER P 76 -46.65 -58.87 41.34
CA SER P 76 -45.70 -59.94 41.48
C SER P 76 -45.63 -60.74 40.18
N LEU P 77 -44.64 -61.61 40.11
CA LEU P 77 -44.49 -62.55 39.00
C LEU P 77 -45.03 -63.91 39.40
N GLU P 78 -45.66 -64.59 38.44
CA GLU P 78 -46.08 -65.97 38.64
C GLU P 78 -45.74 -66.88 37.47
N TRP P 79 -45.50 -66.34 36.28
CA TRP P 79 -45.33 -67.13 35.07
C TRP P 79 -43.96 -67.78 34.96
N LEU P 80 -43.08 -67.60 35.94
CA LEU P 80 -41.91 -68.45 36.03
C LEU P 80 -42.31 -69.88 36.30
N LYS P 81 -43.17 -70.07 37.31
CA LYS P 81 -43.62 -71.42 37.67
C LYS P 81 -44.70 -71.92 36.72
N ARG P 82 -45.48 -71.01 36.12
CA ARG P 82 -46.62 -71.40 35.28
C ARG P 82 -46.25 -71.55 33.81
N LEU P 83 -44.98 -71.84 33.51
CA LEU P 83 -44.45 -72.11 32.15
C LEU P 83 -44.65 -70.94 31.19
N SER Q 11 21.53 47.22 -64.81
CA SER Q 11 21.73 47.41 -63.38
C SER Q 11 23.12 47.99 -63.11
N LYS Q 12 23.31 49.23 -63.55
CA LYS Q 12 24.63 49.85 -63.45
C LYS Q 12 24.90 50.34 -62.02
N MET Q 13 26.18 50.51 -61.72
CA MET Q 13 26.62 51.10 -60.46
C MET Q 13 27.67 52.16 -60.80
N GLU Q 14 28.31 51.94 -61.96
CA GLU Q 14 29.28 52.78 -62.67
C GLU Q 14 30.66 52.85 -62.01
N LEU Q 15 30.78 52.36 -60.75
CA LEU Q 15 31.98 51.92 -60.05
C LEU Q 15 33.20 52.81 -60.25
N PRO Q 16 33.28 53.95 -59.54
CA PRO Q 16 34.35 54.93 -59.79
C PRO Q 16 35.73 54.34 -59.58
N ASP Q 17 36.56 54.46 -60.61
CA ASP Q 17 37.69 53.58 -60.86
C ASP Q 17 38.85 53.87 -59.91
N TYR Q 18 39.92 53.11 -60.08
CA TYR Q 18 41.14 53.36 -59.33
C TYR Q 18 41.90 54.51 -59.98
N LYS Q 19 43.08 54.80 -59.44
CA LYS Q 19 44.07 55.80 -59.85
C LYS Q 19 43.56 57.24 -59.87
N GLN Q 20 42.31 57.46 -59.49
CA GLN Q 20 41.79 58.80 -59.41
C GLN Q 20 42.01 59.41 -58.04
N TRP Q 21 42.69 58.68 -57.16
CA TRP Q 21 43.42 59.22 -56.02
C TRP Q 21 44.87 58.80 -56.10
N LYS Q 22 45.70 59.53 -55.36
CA LYS Q 22 47.07 59.12 -55.12
C LYS Q 22 47.28 59.03 -53.62
N ILE Q 23 48.52 58.83 -53.21
CA ILE Q 23 48.87 58.89 -51.80
C ILE Q 23 49.08 60.35 -51.43
N GLU Q 24 47.97 61.05 -51.20
CA GLU Q 24 48.00 62.49 -50.98
C GLU Q 24 47.12 62.88 -49.80
N GLY Q 25 46.27 61.97 -49.31
CA GLY Q 25 45.63 62.12 -48.02
C GLY Q 25 46.68 62.31 -46.96
N THR Q 26 46.71 63.52 -46.39
CA THR Q 26 47.87 63.98 -45.65
C THR Q 26 48.26 63.15 -44.41
N PRO Q 27 47.36 62.50 -43.65
CA PRO Q 27 47.87 61.54 -42.66
C PRO Q 27 48.57 60.34 -43.28
N LEU Q 28 48.05 59.81 -44.38
CA LEU Q 28 48.72 58.72 -45.09
C LEU Q 28 50.08 59.17 -45.63
N GLU Q 29 50.16 60.41 -46.09
CA GLU Q 29 51.40 60.94 -46.64
C GLU Q 29 52.45 61.11 -45.55
N THR Q 30 52.06 61.70 -44.41
CA THR Q 30 53.00 61.85 -43.30
C THR Q 30 53.39 60.51 -42.70
N VAL Q 31 52.49 59.52 -42.69
CA VAL Q 31 52.87 58.27 -42.07
C VAL Q 31 53.71 57.43 -43.03
N GLN Q 32 53.55 57.60 -44.34
CA GLN Q 32 54.48 56.96 -45.26
C GLN Q 32 55.85 57.62 -45.22
N GLU Q 33 55.89 58.92 -44.96
CA GLU Q 33 57.19 59.58 -44.77
C GLU Q 33 57.88 59.10 -43.49
N LYS Q 34 57.14 58.96 -42.39
CA LYS Q 34 57.72 58.48 -41.14
C LYS Q 34 58.17 57.02 -41.26
N LEU Q 35 57.37 56.19 -41.91
CA LEU Q 35 57.74 54.80 -42.06
C LEU Q 35 58.82 54.58 -43.13
N ALA Q 36 58.93 55.49 -44.10
CA ALA Q 36 60.04 55.41 -45.04
C ALA Q 36 61.34 55.84 -44.38
N ALA Q 37 61.27 56.82 -43.48
CA ALA Q 37 62.43 57.13 -42.66
C ALA Q 37 62.75 55.99 -41.69
N ARG Q 38 61.73 55.21 -41.31
CA ARG Q 38 61.97 54.02 -40.50
C ARG Q 38 62.68 52.94 -41.33
N GLY Q 39 62.33 52.82 -42.62
CA GLY Q 39 63.04 51.92 -43.49
C GLY Q 39 62.30 50.67 -43.89
N LEU Q 40 61.01 50.80 -44.16
CA LEU Q 40 60.16 49.68 -44.55
C LEU Q 40 59.57 49.84 -45.94
N ARG Q 41 58.92 50.97 -46.20
CA ARG Q 41 58.38 51.38 -47.51
C ARG Q 41 57.35 50.42 -48.09
N ASP Q 42 56.72 49.58 -47.27
CA ASP Q 42 55.77 48.58 -47.75
C ASP Q 42 54.43 48.73 -47.04
N PRO Q 43 53.62 49.71 -47.43
CA PRO Q 43 52.32 49.86 -46.78
C PRO Q 43 51.23 49.06 -47.47
N TRP Q 44 50.02 49.18 -46.96
CA TRP Q 44 48.86 48.83 -47.76
C TRP Q 44 48.49 49.97 -48.69
N GLY Q 45 48.65 51.20 -48.22
CA GLY Q 45 48.60 52.35 -49.08
C GLY Q 45 47.23 52.81 -49.52
N ARG Q 46 46.94 52.63 -50.80
CA ARG Q 46 45.96 53.44 -51.51
C ARG Q 46 44.52 53.00 -51.28
N ASN Q 47 44.23 52.23 -50.24
CA ASN Q 47 42.85 51.81 -50.02
C ASN Q 47 42.10 52.74 -49.07
N GLU Q 48 42.68 53.88 -48.71
CA GLU Q 48 42.10 54.74 -47.70
C GLU Q 48 42.01 56.20 -48.15
N ALA Q 49 42.49 56.50 -49.35
CA ALA Q 49 42.42 57.86 -49.84
C ALA Q 49 40.99 58.31 -50.13
N TRP Q 50 40.09 57.38 -50.41
CA TRP Q 50 38.69 57.75 -50.53
C TRP Q 50 38.10 58.15 -49.19
N ARG Q 51 38.63 57.58 -48.11
CA ARG Q 51 38.26 58.07 -46.79
C ARG Q 51 38.90 59.41 -46.50
N TYR Q 52 40.01 59.74 -47.16
CA TYR Q 52 40.68 61.00 -46.88
C TYR Q 52 40.53 62.03 -48.01
N MET Q 53 39.52 61.91 -48.86
CA MET Q 53 39.20 63.00 -49.79
C MET Q 53 37.71 62.97 -50.10
N GLY Q 54 37.25 64.02 -50.78
CA GLY Q 54 35.88 64.11 -51.23
C GLY Q 54 35.06 65.12 -50.45
N GLY Q 55 33.87 64.71 -49.97
CA GLY Q 55 33.11 65.48 -49.01
C GLY Q 55 33.59 65.36 -47.59
N PHE Q 56 34.63 64.56 -47.41
CA PHE Q 56 35.37 64.35 -46.18
C PHE Q 56 36.49 65.37 -46.13
N ALA Q 57 37.55 65.13 -45.33
CA ALA Q 57 38.84 65.77 -45.52
C ALA Q 57 38.85 67.28 -45.33
N ASN Q 58 39.04 67.72 -44.07
CA ASN Q 58 38.57 68.92 -43.36
C ASN Q 58 37.12 68.76 -42.95
N ASN Q 59 36.85 67.68 -42.22
CA ASN Q 59 35.73 67.64 -41.31
C ASN Q 59 35.97 68.61 -40.15
N VAL Q 60 34.89 69.11 -39.56
CA VAL Q 60 34.98 70.15 -38.55
C VAL Q 60 35.45 69.56 -37.22
N SER Q 61 36.11 70.37 -36.41
CA SER Q 61 36.61 69.95 -35.11
C SER Q 61 35.48 70.05 -34.07
N PHE Q 62 35.84 69.95 -32.79
CA PHE Q 62 34.84 69.72 -31.76
C PHE Q 62 34.10 70.98 -31.38
N VAL Q 63 34.82 72.08 -31.13
CA VAL Q 63 34.15 73.31 -30.76
C VAL Q 63 33.37 73.89 -31.93
N GLY Q 64 33.76 73.58 -33.16
CA GLY Q 64 32.98 74.05 -34.30
C GLY Q 64 31.63 73.36 -34.42
N ALA Q 65 31.57 72.08 -34.04
CA ALA Q 65 30.32 71.34 -34.15
C ALA Q 65 29.30 71.80 -33.12
N LEU Q 66 29.75 72.20 -31.94
CA LEU Q 66 28.81 72.72 -30.95
C LEU Q 66 28.52 74.20 -31.17
N LEU Q 67 29.48 74.94 -31.72
CA LEU Q 67 29.26 76.34 -32.09
C LEU Q 67 28.73 76.49 -33.51
N LYS Q 68 28.17 75.42 -34.08
CA LYS Q 68 27.52 75.43 -35.38
C LYS Q 68 26.14 76.11 -35.33
N GLY Q 69 25.65 76.47 -34.15
CA GLY Q 69 24.27 76.92 -34.04
C GLY Q 69 24.04 78.34 -34.54
N PHE Q 70 24.93 79.26 -34.22
CA PHE Q 70 24.65 80.69 -34.38
C PHE Q 70 25.07 81.26 -35.72
N LYS Q 71 25.22 80.43 -36.76
CA LYS Q 71 25.33 80.97 -38.10
C LYS Q 71 24.04 81.64 -38.53
N TRP Q 72 22.91 81.09 -38.07
CA TRP Q 72 21.60 81.69 -38.24
C TRP Q 72 21.08 82.28 -36.94
N GLY Q 73 21.78 82.07 -35.83
CA GLY Q 73 21.23 82.28 -34.50
C GLY Q 73 21.34 83.67 -33.92
N PHE Q 74 22.51 84.30 -34.03
CA PHE Q 74 22.69 85.65 -33.48
C PHE Q 74 21.81 86.68 -34.18
N ALA Q 75 21.57 86.51 -35.48
CA ALA Q 75 20.73 87.46 -36.20
C ALA Q 75 19.28 87.41 -35.72
N ALA Q 76 18.73 86.20 -35.60
CA ALA Q 76 17.38 86.04 -35.07
C ALA Q 76 17.29 86.44 -33.61
N PHE Q 77 18.37 86.23 -32.86
CA PHE Q 77 18.40 86.65 -31.46
C PHE Q 77 18.38 88.17 -31.33
N VAL Q 78 19.13 88.86 -32.19
CA VAL Q 78 19.14 90.32 -32.16
C VAL Q 78 17.80 90.88 -32.61
N VAL Q 79 17.16 90.21 -33.58
CA VAL Q 79 15.81 90.64 -34.00
C VAL Q 79 14.80 90.45 -32.87
N ALA Q 80 14.89 89.33 -32.15
CA ALA Q 80 13.96 89.09 -31.05
C ALA Q 80 14.22 90.00 -29.86
N VAL Q 81 15.47 90.39 -29.62
CA VAL Q 81 15.77 91.32 -28.54
C VAL Q 81 15.29 92.73 -28.91
N GLY Q 82 15.55 93.15 -30.15
CA GLY Q 82 15.08 94.45 -30.61
C GLY Q 82 13.57 94.56 -30.74
N ALA Q 83 12.87 93.45 -30.89
CA ALA Q 83 11.42 93.47 -30.88
C ALA Q 83 10.89 93.77 -29.49
N MET R 2 -20.75 -13.00 21.76
CA MET R 2 -21.96 -12.90 22.58
C MET R 2 -22.87 -14.08 22.26
N THR R 3 -23.45 -14.69 23.30
CA THR R 3 -24.08 -15.99 23.18
C THR R 3 -25.48 -15.87 23.78
N GLY R 4 -26.17 -16.99 24.04
CA GLY R 4 -27.46 -16.98 24.71
C GLY R 4 -27.42 -16.35 26.08
N ARG R 5 -28.31 -15.40 26.48
CA ARG R 5 -29.60 -14.92 25.89
C ARG R 5 -30.60 -16.07 25.71
N GLN R 6 -31.05 -16.57 26.87
CA GLN R 6 -32.16 -17.52 27.01
C GLN R 6 -31.91 -18.80 26.22
N ALA R 7 -30.93 -19.58 26.71
CA ALA R 7 -30.44 -20.71 25.95
C ALA R 7 -31.34 -21.94 26.01
N ARG R 8 -32.63 -21.75 25.73
CA ARG R 8 -33.44 -22.82 25.18
C ARG R 8 -33.08 -23.01 23.72
N ALA R 9 -33.23 -21.93 22.94
CA ALA R 9 -32.45 -21.52 21.77
C ALA R 9 -32.10 -22.61 20.76
N PRO R 10 -33.05 -23.05 19.93
CA PRO R 10 -32.68 -23.97 18.84
C PRO R 10 -31.90 -23.28 17.73
N LEU R 11 -31.70 -23.99 16.61
CA LEU R 11 -30.88 -23.43 15.52
C LEU R 11 -31.55 -22.20 14.91
N GLN R 12 -32.84 -22.29 14.60
CA GLN R 12 -33.84 -21.22 14.69
C GLN R 12 -33.43 -19.95 13.94
N PHE R 13 -33.50 -20.06 12.60
CA PHE R 13 -33.06 -18.97 11.72
C PHE R 13 -33.80 -17.66 11.98
N LEU R 14 -35.08 -17.72 12.38
CA LEU R 14 -35.77 -16.54 12.89
C LEU R 14 -36.89 -17.02 13.81
N PRO R 15 -36.99 -16.47 15.02
CA PRO R 15 -38.07 -16.88 15.92
C PRO R 15 -39.41 -16.30 15.51
N ASP R 16 -40.45 -16.61 16.27
CA ASP R 16 -41.76 -15.99 16.05
C ASP R 16 -41.78 -14.56 16.55
N GLU R 17 -40.87 -14.19 17.46
CA GLU R 17 -40.80 -12.83 17.98
C GLU R 17 -40.35 -11.83 16.93
N ALA R 18 -39.69 -12.29 15.85
CA ALA R 18 -39.30 -11.43 14.76
C ALA R 18 -40.46 -11.02 13.86
N ARG R 19 -41.64 -11.58 14.08
CA ARG R 19 -42.84 -11.15 13.38
C ARG R 19 -43.55 -10.02 14.11
N SER R 20 -42.93 -9.46 15.16
CA SER R 20 -43.45 -8.29 15.85
C SER R 20 -42.85 -7.01 15.32
N LEU R 21 -41.55 -7.02 15.03
CA LEU R 21 -40.93 -5.91 14.34
C LEU R 21 -41.43 -5.88 12.89
N PRO R 22 -41.48 -4.70 12.27
CA PRO R 22 -41.95 -4.62 10.89
C PRO R 22 -40.97 -5.28 9.93
N PRO R 23 -41.48 -6.02 8.95
CA PRO R 23 -40.62 -6.69 7.98
C PRO R 23 -39.99 -5.68 7.04
N PRO R 24 -38.88 -6.01 6.40
CA PRO R 24 -38.28 -5.08 5.43
C PRO R 24 -39.16 -4.92 4.20
N LYS R 25 -39.27 -3.68 3.73
CA LYS R 25 -40.13 -3.36 2.61
C LYS R 25 -39.56 -3.93 1.32
N LEU R 26 -40.44 -4.10 0.34
CA LEU R 26 -39.94 -4.34 -1.00
C LEU R 26 -39.37 -3.03 -1.53
N THR R 27 -38.47 -3.15 -2.51
CA THR R 27 -37.56 -2.14 -3.07
C THR R 27 -36.92 -1.22 -2.01
N ASP R 28 -36.59 -1.80 -0.86
CA ASP R 28 -35.56 -1.22 -0.01
C ASP R 28 -34.22 -1.25 -0.76
N PRO R 29 -33.33 -0.27 -0.54
CA PRO R 29 -32.14 -0.17 -1.39
C PRO R 29 -31.16 -1.31 -1.25
N ARG R 30 -31.18 -2.04 -0.13
CA ARG R 30 -30.25 -3.15 0.02
C ARG R 30 -30.64 -4.33 -0.86
N LEU R 31 -31.94 -4.65 -0.93
CA LEU R 31 -32.33 -5.74 -1.82
C LEU R 31 -32.26 -5.32 -3.29
N ALA R 32 -32.35 -4.02 -3.59
CA ALA R 32 -32.10 -3.58 -4.95
C ALA R 32 -30.63 -3.70 -5.30
N TYR R 33 -29.75 -3.45 -4.33
CA TYR R 33 -28.32 -3.68 -4.54
C TYR R 33 -28.03 -5.17 -4.71
N ILE R 34 -28.76 -6.02 -3.98
CA ILE R 34 -28.61 -7.46 -4.15
C ILE R 34 -29.08 -7.89 -5.54
N GLY R 35 -30.17 -7.29 -6.03
CA GLY R 35 -30.62 -7.58 -7.39
C GLY R 35 -29.62 -7.14 -8.44
N PHE R 36 -28.99 -5.98 -8.23
CA PHE R 36 -27.94 -5.55 -9.16
C PHE R 36 -26.73 -6.46 -9.08
N LEU R 37 -26.40 -6.95 -7.89
CA LEU R 37 -25.29 -7.89 -7.76
C LEU R 37 -25.62 -9.21 -8.43
N GLY R 38 -26.90 -9.61 -8.41
CA GLY R 38 -27.29 -10.81 -9.12
C GLY R 38 -27.25 -10.64 -10.62
N TYR R 39 -27.60 -9.45 -11.10
CA TYR R 39 -27.53 -9.19 -12.53
C TYR R 39 -26.08 -9.13 -13.01
N CYS R 40 -25.19 -8.58 -12.19
CA CYS R 40 -23.76 -8.60 -12.53
C CYS R 40 -23.20 -10.02 -12.45
N SER R 41 -23.72 -10.83 -11.53
CA SER R 41 -23.34 -12.24 -11.47
C SER R 41 -23.75 -12.99 -12.73
N GLY R 42 -24.96 -12.70 -13.24
CA GLY R 42 -25.41 -13.35 -14.45
C GLY R 42 -24.62 -12.90 -15.67
N LEU R 43 -24.30 -11.61 -15.74
CA LEU R 43 -23.47 -11.07 -16.81
C LEU R 43 -22.10 -11.73 -16.81
N ILE R 44 -21.49 -11.84 -15.64
CA ILE R 44 -20.16 -12.44 -15.60
C ILE R 44 -20.23 -13.96 -15.76
N ASP R 45 -21.37 -14.60 -15.46
CA ASP R 45 -21.52 -16.02 -15.74
C ASP R 45 -21.62 -16.29 -17.23
N ASN R 46 -22.32 -15.40 -17.95
CA ASN R 46 -22.27 -15.46 -19.41
C ASN R 46 -20.88 -15.12 -19.92
N ALA R 47 -20.06 -14.41 -19.15
CA ALA R 47 -18.70 -14.11 -19.58
C ALA R 47 -17.68 -15.20 -19.26
N ILE R 48 -17.93 -16.09 -18.30
CA ILE R 48 -16.95 -17.13 -17.96
C ILE R 48 -16.81 -18.12 -19.10
N ARG R 49 -17.89 -18.82 -19.41
CA ARG R 49 -17.97 -19.53 -20.67
C ARG R 49 -18.07 -18.51 -21.79
N ARG R 50 -17.73 -18.93 -23.01
CA ARG R 50 -17.63 -17.98 -24.10
C ARG R 50 -18.94 -17.75 -24.82
N ARG R 51 -20.07 -17.97 -24.15
CA ARG R 51 -21.35 -17.54 -24.68
C ARG R 51 -21.43 -16.01 -24.69
N PRO R 52 -22.24 -15.41 -25.57
CA PRO R 52 -22.25 -13.95 -25.66
C PRO R 52 -22.89 -13.29 -24.46
N VAL R 53 -22.32 -12.18 -24.05
CA VAL R 53 -22.86 -11.44 -22.92
C VAL R 53 -24.10 -10.67 -23.37
N LEU R 54 -24.96 -10.36 -22.40
CA LEU R 54 -26.24 -9.65 -22.58
C LEU R 54 -27.21 -10.38 -23.48
N SER R 55 -27.06 -11.70 -23.63
CA SER R 55 -27.97 -12.53 -24.39
C SER R 55 -27.79 -13.98 -23.98
N ALA R 56 -28.65 -14.83 -24.51
CA ALA R 56 -28.56 -16.30 -24.48
C ALA R 56 -28.58 -16.90 -23.08
N GLY R 57 -28.94 -16.14 -22.06
CA GLY R 57 -29.00 -16.70 -20.73
C GLY R 57 -30.08 -16.10 -19.87
N LEU R 58 -31.17 -15.60 -20.49
CA LEU R 58 -32.12 -14.77 -19.75
C LEU R 58 -32.87 -15.56 -18.69
N HIS R 59 -33.05 -16.87 -18.89
CA HIS R 59 -33.59 -17.66 -17.80
C HIS R 59 -32.58 -17.80 -16.66
N ARG R 60 -31.29 -17.85 -16.97
CA ARG R 60 -30.29 -17.86 -15.91
C ARG R 60 -30.14 -16.50 -15.25
N GLN R 61 -30.33 -15.41 -16.01
CA GLN R 61 -30.35 -14.07 -15.42
C GLN R 61 -31.48 -13.95 -14.41
N PHE R 62 -32.67 -14.40 -14.81
CA PHE R 62 -33.84 -14.28 -13.96
C PHE R 62 -33.74 -15.21 -12.75
N LEU R 63 -33.14 -16.40 -12.94
CA LEU R 63 -32.90 -17.30 -11.82
C LEU R 63 -31.92 -16.72 -10.80
N TYR R 64 -30.83 -16.10 -11.28
CA TYR R 64 -29.85 -15.50 -10.37
C TYR R 64 -30.44 -14.35 -9.58
N ILE R 65 -31.20 -13.47 -10.26
CA ILE R 65 -31.83 -12.35 -9.58
C ILE R 65 -32.82 -12.84 -8.53
N THR R 66 -33.63 -13.85 -8.88
CA THR R 66 -34.62 -14.38 -7.94
C THR R 66 -33.96 -15.02 -6.74
N SER R 67 -32.92 -15.83 -6.96
CA SER R 67 -32.26 -16.53 -5.87
C SER R 67 -31.56 -15.59 -4.91
N PHE R 68 -30.84 -14.58 -5.45
CA PHE R 68 -30.18 -13.63 -4.57
C PHE R 68 -31.16 -12.74 -3.81
N VAL R 69 -32.25 -12.31 -4.46
CA VAL R 69 -33.20 -11.44 -3.77
C VAL R 69 -33.94 -12.21 -2.69
N PHE R 70 -34.24 -13.49 -2.93
CA PHE R 70 -34.88 -14.33 -1.93
C PHE R 70 -33.99 -14.54 -0.70
N VAL R 71 -32.73 -14.95 -0.93
CA VAL R 71 -31.83 -15.22 0.18
C VAL R 71 -31.51 -13.93 0.94
N GLY R 72 -31.29 -12.83 0.22
CA GLY R 72 -31.02 -11.56 0.88
C GLY R 72 -32.21 -11.01 1.65
N TYR R 73 -33.43 -11.33 1.21
CA TYR R 73 -34.62 -10.96 1.96
C TYR R 73 -34.64 -11.65 3.32
N TYR R 74 -34.37 -12.96 3.33
CA TYR R 74 -34.36 -13.65 4.62
C TYR R 74 -33.20 -13.22 5.51
N LEU R 75 -32.04 -12.92 4.92
CA LEU R 75 -30.93 -12.45 5.73
C LEU R 75 -31.20 -11.05 6.29
N LEU R 76 -31.91 -10.21 5.56
CA LEU R 76 -32.25 -8.89 6.08
C LEU R 76 -33.25 -8.98 7.22
N LYS R 77 -34.19 -9.93 7.13
CA LYS R 77 -35.09 -10.15 8.25
C LYS R 77 -34.33 -10.63 9.49
N ARG R 78 -33.31 -11.47 9.30
CA ARG R 78 -32.47 -11.89 10.42
C ARG R 78 -31.68 -10.73 11.02
N GLN R 79 -31.15 -9.85 10.17
CA GLN R 79 -30.44 -8.65 10.62
C GLN R 79 -31.33 -7.75 11.49
N ASP R 80 -32.57 -7.53 11.04
CA ASP R 80 -33.49 -6.71 11.81
C ASP R 80 -33.83 -7.34 13.15
N TYR R 81 -33.99 -8.67 13.17
CA TYR R 81 -34.23 -9.36 14.45
C TYR R 81 -33.08 -9.22 15.41
N MET R 82 -31.85 -9.35 14.90
CA MET R 82 -30.68 -9.29 15.78
C MET R 82 -30.49 -7.90 16.37
N TYR R 83 -30.70 -6.85 15.57
CA TYR R 83 -30.58 -5.50 16.11
C TYR R 83 -31.70 -5.17 17.09
N ALA R 84 -32.91 -5.69 16.84
CA ALA R 84 -34.01 -5.44 17.78
C ALA R 84 -33.76 -6.12 19.12
N VAL R 85 -33.23 -7.35 19.12
CA VAL R 85 -33.01 -8.01 20.40
C VAL R 85 -31.80 -7.41 21.11
N ARG R 86 -30.84 -6.85 20.37
CA ARG R 86 -29.72 -6.16 21.00
C ARG R 86 -30.18 -4.90 21.72
N ASP R 87 -31.04 -4.10 21.07
CA ASP R 87 -31.54 -2.90 21.74
C ASP R 87 -32.48 -3.23 22.90
N HIS R 88 -33.27 -4.31 22.78
CA HIS R 88 -34.16 -4.67 23.86
C HIS R 88 -33.38 -5.12 25.10
N ASP R 89 -32.32 -5.91 24.91
CA ASP R 89 -31.48 -6.32 26.04
C ASP R 89 -30.73 -5.14 26.64
N MET R 90 -30.27 -4.20 25.81
CA MET R 90 -29.56 -3.04 26.31
C MET R 90 -30.45 -2.17 27.19
N PHE R 91 -31.67 -1.89 26.73
CA PHE R 91 -32.55 -1.04 27.53
C PHE R 91 -33.09 -1.76 28.75
N SER R 92 -33.23 -3.09 28.68
CA SER R 92 -33.57 -3.83 29.90
C SER R 92 -32.46 -3.75 30.93
N TYR R 93 -31.20 -3.77 30.50
CA TYR R 93 -30.13 -3.62 31.48
C TYR R 93 -29.99 -2.20 31.99
N ILE R 94 -30.34 -1.20 31.15
CA ILE R 94 -30.38 0.18 31.62
C ILE R 94 -31.44 0.35 32.70
N LYS R 95 -32.62 -0.23 32.49
CA LYS R 95 -33.69 -0.08 33.47
C LYS R 95 -33.43 -0.91 34.72
N SER R 96 -32.70 -2.02 34.60
CA SER R 96 -32.56 -2.91 35.75
C SER R 96 -31.48 -2.49 36.73
N HIS R 97 -30.68 -1.45 36.44
CA HIS R 97 -29.59 -1.06 37.32
C HIS R 97 -29.45 0.46 37.37
N PRO R 98 -30.16 1.12 38.30
CA PRO R 98 -30.06 2.59 38.40
C PRO R 98 -28.77 3.09 39.03
N GLU R 99 -27.99 2.23 39.67
CA GLU R 99 -26.86 2.68 40.48
C GLU R 99 -25.68 3.12 39.63
N ASP R 100 -25.27 2.26 38.69
CA ASP R 100 -24.03 2.45 37.97
C ASP R 100 -24.12 3.52 36.88
N PHE R 101 -25.33 3.96 36.53
CA PHE R 101 -25.56 4.86 35.42
C PHE R 101 -26.27 6.11 35.93
N PRO R 102 -25.54 7.04 36.55
CA PRO R 102 -26.17 8.15 37.24
C PRO R 102 -26.58 9.26 36.28
N GLU R 103 -27.39 10.19 36.79
CA GLU R 103 -27.70 11.41 36.07
C GLU R 103 -26.52 12.36 36.16
N LYS R 104 -25.96 12.73 35.01
CA LYS R 104 -24.84 13.64 34.98
C LYS R 104 -25.31 15.08 35.09
N ASP R 105 -24.61 15.87 35.91
CA ASP R 105 -24.99 17.25 36.15
C ASP R 105 -24.66 18.09 34.92
N LYS R 106 -25.69 18.46 34.15
CA LYS R 106 -25.52 19.26 32.94
C LYS R 106 -25.18 20.70 33.34
N LYS R 107 -23.91 20.91 33.69
CA LYS R 107 -23.44 22.25 33.99
C LYS R 107 -23.32 23.03 32.69
N THR R 108 -24.06 24.13 32.60
CA THR R 108 -24.03 24.95 31.40
C THR R 108 -22.70 25.70 31.31
N TYR R 109 -22.47 26.30 30.14
CA TYR R 109 -21.19 26.95 29.88
C TYR R 109 -21.03 28.30 30.55
N ARG R 110 -21.93 28.68 31.45
CA ARG R 110 -21.69 29.84 32.29
C ARG R 110 -20.66 29.54 33.38
N GLU R 111 -20.46 28.26 33.71
CA GLU R 111 -19.61 27.91 34.84
C GLU R 111 -18.71 26.70 34.55
N VAL R 112 -18.50 26.35 33.29
CA VAL R 112 -17.58 25.27 32.93
C VAL R 112 -16.31 25.89 32.39
N PHE R 113 -15.21 25.70 33.12
CA PHE R 113 -13.94 26.30 32.75
C PHE R 113 -13.11 25.34 31.91
N GLU R 114 -12.44 25.89 30.91
CA GLU R 114 -11.52 25.14 30.06
C GLU R 114 -10.22 25.90 29.93
N GLU R 115 -9.21 25.25 29.37
CA GLU R 115 -8.00 25.95 28.98
C GLU R 115 -8.22 26.57 27.59
N PHE R 116 -7.32 27.47 27.22
CA PHE R 116 -7.52 28.25 26.00
C PHE R 116 -6.47 27.97 24.93
N HIS R 117 -5.17 28.14 25.25
CA HIS R 117 -4.02 27.87 24.38
C HIS R 117 -4.11 28.54 23.02
N PRO R 118 -3.88 29.84 22.93
CA PRO R 118 -4.06 30.55 21.66
C PRO R 118 -2.99 30.18 20.65
N VAL R 119 -3.42 30.03 19.39
CA VAL R 119 -2.51 29.88 18.26
C VAL R 119 -2.22 31.28 17.73
N ARG R 120 -1.03 31.77 18.02
CA ARG R 120 -0.66 33.15 17.73
C ARG R 120 -0.38 33.34 16.25
N SER S 1 57.55 40.02 -20.57
CA SER S 1 56.47 40.79 -19.97
C SER S 1 55.19 39.98 -19.92
N PHE S 2 55.06 39.14 -18.89
CA PHE S 2 53.91 38.25 -18.81
C PHE S 2 53.65 37.82 -17.36
N PRO S 3 52.38 37.83 -16.93
CA PRO S 3 52.04 37.31 -15.59
C PRO S 3 51.75 35.81 -15.57
N LYS S 4 52.17 35.10 -16.61
CA LYS S 4 52.25 33.63 -16.71
C LYS S 4 50.90 32.93 -16.83
N TYR S 5 49.79 33.67 -16.64
CA TYR S 5 48.41 33.19 -16.82
C TYR S 5 48.13 31.95 -15.96
N GLU S 6 48.02 32.18 -14.66
CA GLU S 6 47.51 31.12 -13.80
C GLU S 6 46.08 30.75 -14.19
N PRO S 7 45.76 29.47 -14.28
CA PRO S 7 44.38 29.08 -14.60
C PRO S 7 43.54 28.95 -13.35
N SER S 8 42.28 28.54 -13.51
CA SER S 8 41.41 28.24 -12.39
C SER S 8 40.44 27.15 -12.83
N ARG S 9 39.42 26.91 -12.01
CA ARG S 9 38.35 26.00 -12.42
C ARG S 9 37.29 26.70 -13.26
N LEU S 10 37.36 28.02 -13.40
CA LEU S 10 36.43 28.77 -14.20
C LEU S 10 37.08 29.52 -15.35
N ALA S 11 38.31 30.00 -15.17
CA ALA S 11 39.09 30.55 -16.26
C ALA S 11 39.81 29.39 -16.92
N SER S 12 39.29 28.94 -18.05
CA SER S 12 39.83 27.77 -18.72
C SER S 12 41.18 28.08 -19.35
N LEU S 13 42.01 27.05 -19.45
CA LEU S 13 43.30 27.19 -20.10
C LEU S 13 43.08 27.20 -21.61
N PRO S 14 43.43 28.27 -22.31
CA PRO S 14 43.08 28.37 -23.73
C PRO S 14 43.98 27.49 -24.59
N THR S 15 43.56 27.34 -25.85
CA THR S 15 44.25 26.45 -26.77
C THR S 15 45.57 26.99 -27.27
N THR S 16 45.86 28.27 -27.04
CA THR S 16 47.11 28.82 -27.56
C THR S 16 48.28 28.43 -26.66
N LEU S 17 48.30 28.91 -25.42
CA LEU S 17 49.41 28.67 -24.52
C LEU S 17 49.08 27.47 -23.65
N ASP S 18 49.48 26.28 -24.12
CA ASP S 18 49.19 25.10 -23.33
C ASP S 18 50.19 24.86 -22.19
N PRO S 19 51.53 24.91 -22.41
CA PRO S 19 52.45 24.94 -23.56
C PRO S 19 52.90 23.54 -23.93
N ALA S 20 52.08 22.55 -23.59
CA ALA S 20 52.40 21.17 -23.92
C ALA S 20 52.13 20.83 -25.38
N GLU S 21 51.51 21.74 -26.12
CA GLU S 21 51.27 21.54 -27.55
C GLU S 21 52.53 21.74 -28.38
N TYR S 22 53.59 22.30 -27.81
CA TYR S 22 54.73 22.73 -28.60
C TYR S 22 55.94 21.83 -28.43
N ASP S 23 55.85 20.81 -27.59
CA ASP S 23 56.79 19.71 -27.55
C ASP S 23 55.95 18.44 -27.75
N ILE S 24 56.08 17.83 -28.92
CA ILE S 24 55.10 16.89 -29.44
C ILE S 24 55.73 15.51 -29.52
N SER S 25 55.00 14.51 -29.05
CA SER S 25 55.38 13.12 -29.28
C SER S 25 54.67 12.58 -30.52
N SER S 26 55.24 11.52 -31.09
CA SER S 26 54.62 10.88 -32.24
C SER S 26 53.34 10.15 -31.86
N GLU S 27 53.25 9.69 -30.62
CA GLU S 27 52.04 9.02 -30.17
C GLU S 27 50.88 10.00 -30.07
N THR S 28 51.15 11.28 -29.81
CA THR S 28 50.08 12.27 -29.85
C THR S 28 49.61 12.51 -31.28
N ARG S 29 50.51 12.42 -32.26
CA ARG S 29 50.10 12.50 -33.66
C ARG S 29 49.22 11.32 -34.03
N LYS S 30 49.58 10.12 -33.57
CA LYS S 30 48.76 8.93 -33.77
C LYS S 30 47.39 9.09 -33.09
N ALA S 31 47.38 9.69 -31.91
CA ALA S 31 46.13 9.88 -31.17
C ALA S 31 45.21 10.87 -31.87
N GLN S 32 45.78 11.98 -32.37
CA GLN S 32 44.97 12.96 -33.11
C GLN S 32 44.44 12.36 -34.41
N ALA S 33 45.25 11.53 -35.08
CA ALA S 33 44.78 10.90 -36.31
C ALA S 33 43.65 9.92 -36.05
N GLU S 34 43.77 9.12 -34.99
CA GLU S 34 42.70 8.17 -34.69
C GLU S 34 41.45 8.86 -34.16
N ARG S 35 41.61 9.98 -33.47
CA ARG S 35 40.45 10.74 -33.02
C ARG S 35 39.71 11.36 -34.20
N LEU S 36 40.46 11.83 -35.21
CA LEU S 36 39.84 12.27 -36.45
C LEU S 36 39.14 11.12 -37.16
N ALA S 37 39.71 9.91 -37.08
CA ALA S 37 39.08 8.75 -37.69
C ALA S 37 37.75 8.42 -37.02
N ILE S 38 37.70 8.54 -35.69
CA ILE S 38 36.47 8.26 -34.95
C ILE S 38 35.39 9.27 -35.29
N ARG S 39 35.74 10.57 -35.31
CA ARG S 39 34.74 11.58 -35.65
C ARG S 39 34.31 11.47 -37.11
N SER S 40 35.21 11.04 -38.00
CA SER S 40 34.83 10.88 -39.39
C SER S 40 33.87 9.72 -39.58
N ARG S 41 34.09 8.61 -38.86
CA ARG S 41 33.18 7.48 -38.98
C ARG S 41 31.82 7.80 -38.38
N LEU S 42 31.80 8.56 -37.28
CA LEU S 42 30.53 8.94 -36.69
C LEU S 42 29.74 9.89 -37.57
N LYS S 43 30.43 10.87 -38.19
CA LYS S 43 29.73 11.74 -39.13
C LYS S 43 29.29 11.01 -40.38
N ARG S 44 30.05 10.00 -40.82
CA ARG S 44 29.63 9.25 -42.00
C ARG S 44 28.35 8.45 -41.73
N GLU S 45 28.30 7.77 -40.57
CA GLU S 45 27.11 7.03 -40.21
C GLU S 45 25.92 7.95 -39.97
N TYR S 46 26.17 9.13 -39.37
CA TYR S 46 25.10 10.08 -39.13
C TYR S 46 24.55 10.65 -40.43
N GLN S 47 25.42 11.03 -41.36
CA GLN S 47 24.96 11.61 -42.61
C GLN S 47 24.28 10.57 -43.48
N LEU S 48 24.66 9.30 -43.38
CA LEU S 48 23.92 8.28 -44.11
C LEU S 48 22.57 7.98 -43.48
N GLN S 49 22.45 8.13 -42.16
CA GLN S 49 21.11 8.04 -41.57
C GLN S 49 20.36 9.36 -41.62
N TYR S 50 20.95 10.39 -42.20
CA TYR S 50 20.38 11.74 -42.16
C TYR S 50 19.71 12.17 -43.45
N ASN S 51 20.17 11.69 -44.60
CA ASN S 51 19.68 12.18 -45.88
C ASN S 51 18.79 11.20 -46.63
N ASP S 52 18.33 10.13 -45.98
CA ASP S 52 17.39 9.21 -46.61
C ASP S 52 16.07 9.93 -46.85
N PRO S 53 15.56 9.99 -48.08
CA PRO S 53 14.24 10.59 -48.29
C PRO S 53 13.10 9.73 -47.79
N SER S 54 13.34 8.45 -47.53
CA SER S 54 12.30 7.58 -47.00
C SER S 54 12.16 7.70 -45.49
N ARG S 55 13.20 8.16 -44.80
CA ARG S 55 13.17 8.22 -43.34
C ARG S 55 12.24 9.34 -42.89
N ARG S 56 11.48 9.08 -41.83
CA ARG S 56 10.48 10.01 -41.35
C ARG S 56 10.76 10.52 -39.95
N GLY S 57 11.00 9.64 -38.99
CA GLY S 57 11.13 10.02 -37.60
C GLY S 57 12.47 10.63 -37.24
N VAL S 58 12.79 10.55 -35.95
CA VAL S 58 14.03 11.11 -35.43
C VAL S 58 15.18 10.14 -35.69
N VAL S 59 16.41 10.59 -35.46
CA VAL S 59 17.59 9.82 -35.87
C VAL S 59 18.05 8.84 -34.79
N GLU S 60 17.49 8.92 -33.57
CA GLU S 60 17.77 8.03 -32.44
C GLU S 60 19.26 8.05 -32.07
N ASP S 61 19.69 9.20 -31.58
CA ASP S 61 21.04 9.39 -31.09
C ASP S 61 21.30 8.48 -29.90
N PRO S 62 22.24 7.53 -29.99
CA PRO S 62 22.45 6.61 -28.87
C PRO S 62 23.21 7.25 -27.72
N ALA S 63 24.02 8.28 -27.98
CA ALA S 63 24.76 8.93 -26.92
C ALA S 63 23.84 9.71 -25.99
N LEU S 64 22.78 10.29 -26.52
CA LEU S 64 21.84 11.04 -25.69
C LEU S 64 21.03 10.10 -24.81
N ILE S 65 20.56 8.98 -25.36
CA ILE S 65 19.84 7.97 -24.58
C ILE S 65 20.76 7.37 -23.53
N ARG S 66 22.02 7.15 -23.90
CA ARG S 66 23.00 6.59 -22.97
C ARG S 66 23.28 7.54 -21.81
N TRP S 67 23.43 8.83 -22.11
CA TRP S 67 23.65 9.83 -21.08
C TRP S 67 22.43 9.99 -20.18
N THR S 68 21.23 9.93 -20.76
CA THR S 68 20.01 10.08 -19.97
C THR S 68 19.82 8.91 -19.02
N CYS S 69 19.98 7.68 -19.51
CA CYS S 69 19.87 6.53 -18.62
C CYS S 69 21.07 6.42 -17.68
N ALA S 70 22.19 7.06 -18.01
CA ALA S 70 23.30 7.14 -17.07
C ALA S 70 23.01 8.12 -15.95
N ARG S 71 22.28 9.19 -16.25
CA ARG S 71 22.04 10.26 -15.31
C ARG S 71 20.83 10.03 -14.42
N SER S 72 19.81 9.33 -14.91
CA SER S 72 18.61 9.12 -14.12
C SER S 72 18.60 7.79 -13.38
N ALA S 73 18.62 6.67 -14.10
CA ALA S 73 18.33 5.38 -13.50
C ALA S 73 19.56 4.64 -13.03
N ASN S 74 20.72 4.91 -13.63
CA ASN S 74 21.95 4.21 -13.31
C ASN S 74 22.82 4.99 -12.33
N VAL S 75 22.21 5.68 -11.38
CA VAL S 75 22.93 6.32 -10.30
C VAL S 75 22.87 5.39 -9.10
N TYR S 76 21.74 4.71 -8.96
CA TYR S 76 21.47 3.96 -7.74
C TYR S 76 22.27 2.66 -7.71
N PRO S 77 22.37 1.87 -8.82
CA PRO S 77 23.63 1.14 -9.02
C PRO S 77 24.54 1.91 -9.96
N ASN S 78 25.85 1.97 -9.71
CA ASN S 78 26.48 1.43 -8.51
C ASN S 78 26.51 2.42 -7.35
N PHE S 79 26.42 1.88 -6.14
CA PHE S 79 26.53 2.68 -4.92
C PHE S 79 26.86 1.79 -3.75
N ARG S 80 27.81 2.24 -2.92
CA ARG S 80 28.05 1.68 -1.62
C ARG S 80 28.17 2.83 -0.62
N PRO S 81 27.61 2.68 0.57
CA PRO S 81 27.74 3.76 1.57
C PRO S 81 29.14 3.82 2.16
N ASN S 82 29.92 4.82 1.74
CA ASN S 82 31.26 5.01 2.23
C ASN S 82 31.25 6.02 3.37
N THR S 83 32.41 6.20 3.99
CA THR S 83 32.57 7.21 5.03
C THR S 83 32.39 8.61 4.45
N LYS S 84 32.91 8.81 3.24
CA LYS S 84 32.73 10.09 2.55
C LYS S 84 31.27 10.31 2.17
N THR S 85 30.60 9.28 1.66
CA THR S 85 29.21 9.43 1.25
C THR S 85 28.29 9.61 2.45
N SER S 86 28.55 8.88 3.53
CA SER S 86 27.73 9.04 4.73
C SER S 86 27.96 10.38 5.41
N LEU S 87 29.21 10.84 5.45
CA LEU S 87 29.53 12.13 6.03
C LEU S 87 28.89 13.26 5.24
N LEU S 88 29.03 13.23 3.91
CA LEU S 88 28.46 14.29 3.10
C LEU S 88 26.94 14.21 3.07
N GLY S 89 26.38 13.00 3.23
CA GLY S 89 24.93 12.87 3.29
C GLY S 89 24.35 13.44 4.56
N ALA S 90 24.92 13.09 5.71
CA ALA S 90 24.44 13.64 6.97
C ALA S 90 24.80 15.12 7.12
N LEU S 91 25.76 15.63 6.36
CA LEU S 91 26.05 17.05 6.39
C LEU S 91 25.02 17.83 5.57
N PHE S 92 24.84 17.47 4.30
CA PHE S 92 23.91 18.20 3.46
C PHE S 92 22.45 17.89 3.72
N GLY S 93 22.13 16.83 4.47
CA GLY S 93 20.73 16.48 4.66
C GLY S 93 20.13 16.93 5.97
N ILE S 94 20.93 16.90 7.05
CA ILE S 94 20.43 17.15 8.38
C ILE S 94 20.95 18.46 8.97
N GLY S 95 22.19 18.85 8.66
CA GLY S 95 22.85 20.02 9.19
C GLY S 95 22.13 21.35 9.06
N PRO S 96 21.86 21.81 7.83
CA PRO S 96 21.12 23.06 7.67
C PRO S 96 19.70 22.99 8.18
N LEU S 97 19.09 21.80 8.14
CA LEU S 97 17.76 21.61 8.69
C LEU S 97 17.75 21.85 10.19
N ILE S 98 18.72 21.27 10.92
CA ILE S 98 18.76 21.48 12.35
C ILE S 98 19.21 22.90 12.68
N PHE S 99 19.95 23.55 11.77
CA PHE S 99 20.32 24.94 11.98
C PHE S 99 19.12 25.88 11.90
N TRP S 100 18.33 25.77 10.83
CA TRP S 100 17.13 26.60 10.73
C TRP S 100 16.10 26.22 11.79
N TYR S 101 16.11 24.98 12.27
CA TYR S 101 15.22 24.60 13.35
C TYR S 101 15.63 25.25 14.67
N TYR S 102 16.93 25.35 14.92
CA TYR S 102 17.41 26.08 16.10
C TYR S 102 17.05 27.55 16.02
N VAL S 103 17.17 28.16 14.83
CA VAL S 103 16.87 29.59 14.79
C VAL S 103 15.37 29.85 14.86
N PHE S 104 14.53 28.91 14.42
CA PHE S 104 13.09 29.11 14.58
C PHE S 104 12.66 28.91 16.03
N LYS S 105 13.27 27.95 16.74
CA LYS S 105 13.03 27.84 18.19
C LYS S 105 13.42 29.11 18.92
N THR S 106 14.57 29.69 18.56
CA THR S 106 15.04 30.90 19.22
C THR S 106 14.10 32.08 18.97
N ASP S 107 13.69 32.28 17.72
CA ASP S 107 12.82 33.40 17.39
C ASP S 107 11.42 33.23 17.99
N ARG S 108 10.89 32.01 18.00
CA ARG S 108 9.56 31.82 18.57
C ARG S 108 9.56 31.94 20.08
N ASP S 109 10.63 31.48 20.75
CA ASP S 109 10.68 31.64 22.20
C ASP S 109 10.83 33.10 22.59
N ARG S 110 11.63 33.87 21.83
CA ARG S 110 11.71 35.30 22.07
C ARG S 110 10.38 36.00 21.84
N LYS S 111 9.66 35.62 20.78
CA LYS S 111 8.41 36.32 20.47
C LYS S 111 7.32 35.99 21.49
N GLU S 112 7.21 34.73 21.91
CA GLU S 112 6.18 34.38 22.87
C GLU S 112 6.51 34.90 24.27
N LYS S 113 7.79 34.94 24.65
CA LYS S 113 8.15 35.58 25.91
C LYS S 113 7.86 37.08 25.87
N LEU S 114 8.08 37.71 24.71
CA LEU S 114 7.89 39.15 24.59
C LEU S 114 6.42 39.52 24.62
N ILE S 115 5.55 38.69 24.03
CA ILE S 115 4.12 38.98 24.13
C ILE S 115 3.50 38.46 25.41
N GLN S 116 4.19 37.56 26.12
CA GLN S 116 3.75 37.26 27.48
C GLN S 116 4.04 38.45 28.39
N GLU S 117 5.16 39.12 28.18
CA GLU S 117 5.33 40.44 28.79
C GLU S 117 4.41 41.46 28.16
N GLY S 118 4.13 41.32 26.87
CA GLY S 118 3.16 42.17 26.20
C GLY S 118 3.72 43.40 25.53
N LYS S 119 5.05 43.57 25.50
CA LYS S 119 5.65 44.78 24.95
C LYS S 119 5.98 44.65 23.46
N LEU S 120 5.01 44.17 22.70
CA LEU S 120 5.09 44.16 21.24
C LEU S 120 4.27 45.33 20.72
N ASP S 121 4.33 45.56 19.41
CA ASP S 121 3.62 46.65 18.75
C ASP S 121 2.28 46.20 18.21
N ARG S 122 1.59 45.36 18.96
CA ARG S 122 0.26 44.83 18.61
C ARG S 122 -0.86 45.71 19.13
N THR S 123 -0.64 47.03 19.14
CA THR S 123 -1.70 48.00 19.38
C THR S 123 -2.85 47.81 18.40
N PHE S 124 -2.53 47.48 17.15
CA PHE S 124 -3.50 46.88 16.24
C PHE S 124 -2.77 45.98 15.26
N ASN S 125 -3.01 44.69 15.38
CA ASN S 125 -2.27 43.63 14.71
C ASN S 125 -3.27 42.61 14.18
N ILE S 126 -4.27 43.12 13.47
CA ILE S 126 -5.56 42.45 13.31
C ILE S 126 -5.43 41.22 12.42
N SER S 127 -5.00 41.44 11.19
CA SER S 127 -4.88 40.37 10.18
C SER S 127 -3.69 39.50 10.56
N TYR S 128 -3.95 38.52 11.42
CA TYR S 128 -2.91 37.68 11.96
C TYR S 128 -2.56 36.54 11.02
N SER T 30 -28.91 -89.60 0.45
CA SER T 30 -29.07 -89.49 1.90
C SER T 30 -28.96 -88.04 2.34
N GLY T 31 -28.82 -87.13 1.37
CA GLY T 31 -28.55 -85.74 1.70
C GLY T 31 -29.73 -85.04 2.35
N TYR T 32 -30.93 -85.24 1.81
CA TYR T 32 -32.14 -84.66 2.41
C TYR T 32 -32.40 -85.24 3.79
N SER T 33 -32.15 -86.54 3.95
CA SER T 33 -32.37 -87.20 5.24
C SER T 33 -31.34 -86.75 6.27
N MET T 34 -30.09 -86.55 5.83
CA MET T 34 -29.06 -86.07 6.75
C MET T 34 -29.33 -84.63 7.17
N PHE T 35 -29.80 -83.81 6.22
CA PHE T 35 -30.23 -82.45 6.56
C PHE T 35 -31.39 -82.45 7.55
N ALA T 36 -32.34 -83.37 7.36
CA ALA T 36 -33.50 -83.44 8.24
C ALA T 36 -33.12 -83.89 9.64
N VAL T 37 -32.26 -84.89 9.77
CA VAL T 37 -31.90 -85.36 11.09
C VAL T 37 -30.98 -84.37 11.79
N GLY T 38 -30.18 -83.60 11.03
CA GLY T 38 -29.37 -82.56 11.63
C GLY T 38 -30.22 -81.42 12.19
N ILE T 39 -31.21 -80.97 11.42
CA ILE T 39 -32.10 -79.90 11.89
C ILE T 39 -32.98 -80.40 13.04
N GLY T 40 -33.34 -81.68 13.03
CA GLY T 40 -34.14 -82.22 14.12
C GLY T 40 -33.37 -82.29 15.44
N ALA T 41 -32.12 -82.77 15.38
CA ALA T 41 -31.29 -82.78 16.58
C ALA T 41 -30.98 -81.37 17.06
N LEU T 42 -30.82 -80.44 16.12
CA LEU T 42 -30.58 -79.04 16.46
C LEU T 42 -31.78 -78.44 17.22
N LEU T 43 -32.99 -78.70 16.73
CA LEU T 43 -34.17 -78.13 17.36
C LEU T 43 -34.44 -78.78 18.72
N PHE T 44 -34.13 -80.07 18.85
CA PHE T 44 -34.23 -80.73 20.15
C PHE T 44 -33.26 -80.12 21.15
N GLY T 45 -32.04 -79.81 20.71
CA GLY T 45 -31.09 -79.14 21.57
C GLY T 45 -31.56 -77.76 22.01
N TYR T 46 -32.15 -77.00 21.08
CA TYR T 46 -32.67 -75.68 21.43
C TYR T 46 -33.80 -75.75 22.45
N TRP T 47 -34.70 -76.73 22.29
CA TRP T 47 -35.83 -76.82 23.20
C TRP T 47 -35.39 -77.20 24.61
N SER T 48 -34.47 -78.17 24.72
CA SER T 48 -33.98 -78.57 26.04
C SER T 48 -33.18 -77.44 26.69
N MET T 49 -32.40 -76.70 25.90
CA MET T 49 -31.62 -75.60 26.45
C MET T 49 -32.53 -74.46 26.93
N MET T 50 -33.63 -74.22 26.22
CA MET T 50 -34.60 -73.20 26.63
C MET T 50 -35.23 -73.55 27.97
N ARG T 51 -35.63 -74.82 28.14
CA ARG T 51 -36.27 -75.24 29.40
C ARG T 51 -35.29 -75.14 30.57
N TRP T 52 -34.04 -75.59 30.37
CA TRP T 52 -33.07 -75.52 31.45
C TRP T 52 -32.68 -74.08 31.78
N ASN T 53 -32.63 -73.19 30.80
CA ASN T 53 -32.34 -71.79 31.11
C ASN T 53 -33.46 -71.12 31.88
N ARG T 54 -34.73 -71.48 31.64
CA ARG T 54 -35.78 -70.86 32.45
C ARG T 54 -35.78 -71.36 33.90
N GLU T 55 -35.50 -72.66 34.11
CA GLU T 55 -35.34 -73.11 35.50
C GLU T 55 -34.12 -72.49 36.18
N ARG T 56 -33.08 -72.23 35.39
CA ARG T 56 -31.89 -71.55 35.90
C ARG T 56 -32.18 -70.11 36.30
N ARG T 57 -33.06 -69.45 35.54
CA ARG T 57 -33.46 -68.09 35.92
C ARG T 57 -34.29 -68.08 37.20
N ARG T 58 -35.12 -69.09 37.41
CA ARG T 58 -35.82 -69.23 38.69
C ARG T 58 -34.84 -69.33 39.86
N LEU T 59 -33.78 -70.14 39.70
CA LEU T 59 -32.80 -70.26 40.78
C LEU T 59 -32.02 -68.97 40.99
N GLN T 60 -31.76 -68.21 39.93
CA GLN T 60 -31.05 -66.94 40.10
C GLN T 60 -31.92 -65.90 40.81
N ILE T 61 -33.24 -65.93 40.57
CA ILE T 61 -34.14 -65.06 41.34
C ILE T 61 -34.18 -65.46 42.81
N GLU T 62 -34.04 -66.77 43.12
CA GLU T 62 -33.91 -67.17 44.52
C GLU T 62 -32.62 -66.61 45.14
N ASP T 63 -31.54 -66.54 44.36
CA ASP T 63 -30.31 -65.93 44.86
C ASP T 63 -30.49 -64.44 45.16
N PHE T 64 -31.25 -63.75 44.31
CA PHE T 64 -31.55 -62.35 44.57
C PHE T 64 -32.40 -62.17 45.82
N GLU T 65 -33.36 -63.08 46.06
CA GLU T 65 -34.11 -63.06 47.32
C GLU T 65 -33.21 -63.22 48.52
N ALA T 66 -32.20 -64.09 48.41
CA ALA T 66 -31.23 -64.26 49.49
C ALA T 66 -30.49 -62.97 49.79
N ARG T 67 -29.95 -62.31 48.75
CA ARG T 67 -29.18 -61.11 49.03
C ARG T 67 -30.06 -59.94 49.49
N ILE T 68 -31.32 -59.90 49.06
CA ILE T 68 -32.20 -58.82 49.48
C ILE T 68 -32.59 -58.98 50.94
N ALA T 69 -33.04 -60.18 51.32
CA ALA T 69 -33.49 -60.37 52.70
C ALA T 69 -32.33 -60.38 53.68
N LEU T 70 -31.11 -60.65 53.23
CA LEU T 70 -30.00 -60.72 54.16
C LEU T 70 -29.37 -59.36 54.44
N MET T 71 -29.61 -58.37 53.59
CA MET T 71 -28.77 -57.17 53.55
C MET T 71 -28.76 -56.24 54.78
N PRO T 72 -29.89 -55.88 55.43
CA PRO T 72 -29.81 -54.82 56.46
C PRO T 72 -29.00 -55.17 57.69
N LEU T 73 -28.90 -56.45 58.05
CA LEU T 73 -28.03 -56.87 59.13
C LEU T 73 -26.56 -56.58 58.82
N LEU T 74 -26.13 -56.90 57.61
CA LEU T 74 -24.78 -56.60 57.18
C LEU T 74 -24.54 -55.11 57.07
N GLN T 75 -25.57 -54.35 56.70
CA GLN T 75 -25.44 -52.90 56.63
C GLN T 75 -25.24 -52.30 58.02
N ALA T 76 -25.95 -52.84 59.02
CA ALA T 76 -25.79 -52.40 60.40
C ALA T 76 -24.41 -52.72 60.94
N GLU T 77 -23.92 -53.93 60.67
CA GLU T 77 -22.57 -54.29 61.11
C GLU T 77 -21.51 -53.43 60.43
N LYS T 78 -21.71 -53.10 59.15
CA LYS T 78 -20.79 -52.22 58.45
C LYS T 78 -20.73 -50.84 59.07
N ASP T 79 -21.91 -50.27 59.40
CA ASP T 79 -21.96 -48.94 59.99
C ASP T 79 -21.29 -48.91 61.36
N ARG T 80 -21.58 -49.92 62.20
CA ARG T 80 -20.97 -49.96 63.52
C ARG T 80 -19.47 -50.14 63.43
N ARG T 81 -18.99 -50.92 62.46
CA ARG T 81 -17.55 -51.17 62.40
C ARG T 81 -16.80 -49.93 61.89
N VAL T 82 -17.36 -49.22 60.92
CA VAL T 82 -16.63 -48.04 60.43
C VAL T 82 -16.72 -46.89 61.43
N LEU T 83 -17.82 -46.77 62.17
CA LEU T 83 -17.86 -45.75 63.22
C LEU T 83 -16.91 -46.09 64.36
N GLN T 84 -16.73 -47.39 64.64
CA GLN T 84 -15.80 -47.81 65.67
C GLN T 84 -14.36 -47.50 65.28
N MET T 85 -13.97 -47.79 64.03
CA MET T 85 -12.63 -47.43 63.59
C MET T 85 -12.42 -45.92 63.53
N LEU T 86 -13.47 -45.16 63.18
CA LEU T 86 -13.29 -43.70 63.16
C LEU T 86 -13.08 -43.13 64.56
N ARG T 87 -13.83 -43.61 65.56
CA ARG T 87 -13.65 -43.10 66.92
C ARG T 87 -12.29 -43.52 67.47
N GLU T 88 -11.89 -44.78 67.23
CA GLU T 88 -10.57 -45.24 67.61
C GLU T 88 -9.46 -44.42 66.98
N ASN T 89 -9.57 -44.16 65.67
CA ASN T 89 -8.50 -43.46 64.97
C ASN T 89 -8.44 -41.99 65.37
N LEU T 90 -9.57 -41.37 65.69
CA LEU T 90 -9.52 -40.00 66.20
C LEU T 90 -8.86 -39.94 67.58
N GLU T 91 -9.10 -40.94 68.44
CA GLU T 91 -8.40 -40.98 69.72
C GLU T 91 -6.90 -41.22 69.53
N GLU T 92 -6.53 -42.06 68.57
CA GLU T 92 -5.14 -42.30 68.22
C GLU T 92 -4.46 -41.03 67.72
N GLU T 93 -5.16 -40.25 66.88
CA GLU T 93 -4.62 -38.98 66.40
C GLU T 93 -4.46 -37.99 67.54
N ALA T 94 -5.43 -37.96 68.46
CA ALA T 94 -5.36 -37.08 69.61
C ALA T 94 -4.18 -37.40 70.52
N THR T 95 -3.78 -38.67 70.56
CA THR T 95 -2.53 -39.00 71.25
C THR T 95 -1.31 -38.57 70.43
N ILE T 96 -1.33 -38.83 69.12
CA ILE T 96 -0.08 -38.82 68.35
C ILE T 96 0.34 -37.44 67.84
N MET T 97 -0.50 -36.41 67.98
CA MET T 97 -0.22 -35.12 67.37
C MET T 97 -0.27 -33.99 68.38
N LYS T 98 0.10 -34.25 69.63
CA LYS T 98 0.04 -33.19 70.63
C LYS T 98 1.27 -32.29 70.63
N ASP T 99 2.15 -32.39 69.65
CA ASP T 99 3.42 -31.67 69.61
C ASP T 99 3.55 -30.88 68.31
N VAL T 100 2.52 -30.13 67.95
CA VAL T 100 2.53 -29.38 66.70
C VAL T 100 1.63 -28.15 66.89
N PRO T 101 1.96 -27.00 66.30
CA PRO T 101 1.01 -25.89 66.27
C PRO T 101 -0.12 -26.16 65.27
N GLY T 102 -1.20 -25.39 65.45
CA GLY T 102 -2.41 -25.65 64.68
C GLY T 102 -3.05 -26.95 65.14
N TRP T 103 -3.59 -27.70 64.17
CA TRP T 103 -4.06 -29.07 64.35
C TRP T 103 -5.17 -29.23 65.39
N LYS T 104 -6.42 -28.93 65.06
CA LYS T 104 -7.46 -29.52 65.89
C LYS T 104 -7.55 -31.03 65.61
N VAL T 105 -8.23 -31.75 66.50
CA VAL T 105 -8.06 -33.19 66.55
C VAL T 105 -8.90 -33.93 65.52
N GLY T 106 -10.03 -33.37 65.11
CA GLY T 106 -10.96 -34.08 64.25
C GLY T 106 -11.38 -33.29 63.04
N GLU T 107 -10.42 -32.57 62.46
CA GLU T 107 -10.67 -31.56 61.44
C GLU T 107 -11.28 -32.17 60.18
N SER T 108 -12.50 -31.77 59.87
CA SER T 108 -13.08 -32.12 58.59
C SER T 108 -12.36 -31.35 57.49
N VAL T 109 -11.86 -32.09 56.51
CA VAL T 109 -11.22 -31.48 55.36
C VAL T 109 -12.23 -30.68 54.54
N PHE T 110 -13.46 -31.14 54.50
CA PHE T 110 -14.49 -30.56 53.65
C PHE T 110 -15.17 -29.40 54.36
N HIS T 111 -15.92 -28.61 53.59
CA HIS T 111 -16.63 -27.47 54.15
C HIS T 111 -18.05 -27.82 54.57
N THR T 112 -18.78 -28.56 53.73
CA THR T 112 -20.14 -28.94 54.06
C THR T 112 -20.14 -30.03 55.12
N THR T 113 -21.15 -29.97 56.00
CA THR T 113 -21.22 -30.90 57.13
C THR T 113 -22.12 -32.06 56.74
N ARG T 114 -21.52 -33.03 56.05
CA ARG T 114 -22.21 -34.26 55.67
C ARG T 114 -21.31 -35.45 55.95
N TRP T 115 -21.94 -36.59 56.19
CA TRP T 115 -21.17 -37.82 56.36
C TRP T 115 -20.65 -38.28 55.01
N VAL T 116 -19.44 -37.90 54.68
CA VAL T 116 -18.80 -38.40 53.48
C VAL T 116 -18.25 -39.79 53.78
N THR T 117 -18.21 -40.64 52.76
CA THR T 117 -17.70 -41.99 52.93
C THR T 117 -16.20 -41.94 53.10
N PRO T 118 -15.64 -42.64 54.09
CA PRO T 118 -14.18 -42.64 54.26
C PRO T 118 -13.46 -43.38 53.14
N MET T 119 -12.15 -43.14 53.08
CA MET T 119 -11.37 -43.44 51.88
C MET T 119 -10.44 -44.64 52.04
N MET T 120 -10.58 -45.42 53.12
CA MET T 120 -9.75 -46.53 53.58
C MET T 120 -8.41 -46.07 54.17
N GLY T 121 -8.12 -44.77 54.07
CA GLY T 121 -6.93 -44.21 54.70
C GLY T 121 -7.31 -43.61 56.02
N GLU T 122 -8.51 -43.03 56.04
CA GLU T 122 -9.14 -42.68 57.30
C GLU T 122 -9.46 -43.93 58.11
N LEU T 123 -9.88 -45.00 57.42
CA LEU T 123 -10.19 -46.25 58.11
C LEU T 123 -8.93 -47.01 58.46
N TYR T 124 -8.21 -47.50 57.45
CA TYR T 124 -7.06 -48.39 57.66
C TYR T 124 -5.78 -47.58 57.57
N GLY T 125 -5.51 -46.87 58.65
CA GLY T 125 -4.23 -46.19 58.78
C GLY T 125 -3.51 -46.68 60.02
N LEU T 126 -2.18 -46.53 60.03
CA LEU T 126 -1.28 -46.95 61.13
C LEU T 126 -1.52 -48.39 61.57
N ARG T 127 -1.70 -49.27 60.58
CA ARG T 127 -2.05 -50.67 60.81
C ARG T 127 -0.91 -51.62 60.47
N THR T 128 0.04 -51.18 59.63
CA THR T 128 1.31 -51.87 59.32
C THR T 128 1.07 -53.23 58.66
N GLY T 129 0.59 -53.17 57.42
CA GLY T 129 0.88 -54.19 56.44
C GLY T 129 -0.08 -55.34 56.21
N GLU T 130 -0.18 -56.25 57.19
CA GLU T 130 -0.85 -57.52 56.95
C GLU T 130 -2.37 -57.35 56.80
N GLU T 131 -2.98 -56.63 57.74
CA GLU T 131 -4.42 -56.44 57.68
C GLU T 131 -4.82 -55.51 56.55
N ILE T 132 -3.99 -54.52 56.21
CA ILE T 132 -4.36 -53.64 55.10
C ILE T 132 -4.16 -54.35 53.77
N LEU T 133 -3.25 -55.31 53.68
CA LEU T 133 -3.15 -56.08 52.45
C LEU T 133 -4.28 -57.10 52.36
N SER T 134 -4.78 -57.58 53.50
CA SER T 134 -5.92 -58.48 53.46
C SER T 134 -7.21 -57.73 53.14
N SER T 135 -7.31 -56.47 53.54
CA SER T 135 -8.57 -55.75 53.39
C SER T 135 -8.64 -54.94 52.11
N THR T 136 -7.56 -54.27 51.72
CA THR T 136 -7.62 -53.43 50.52
C THR T 136 -7.49 -54.27 49.25
N TYR T 137 -6.34 -54.92 49.08
CA TYR T 137 -6.05 -55.69 47.88
C TYR T 137 -6.39 -57.17 48.03
N GLY T 138 -7.21 -57.52 49.02
CA GLY T 138 -7.49 -58.92 49.26
C GLY T 138 -8.38 -59.54 48.21
N PHE T 139 -9.43 -58.82 47.81
CA PHE T 139 -10.32 -59.33 46.79
C PHE T 139 -9.67 -59.35 45.42
N ILE T 140 -8.71 -58.47 45.17
CA ILE T 140 -8.14 -58.35 43.83
C ILE T 140 -7.23 -59.53 43.52
N TRP T 141 -6.44 -59.99 44.48
CA TRP T 141 -5.69 -61.20 44.26
C TRP T 141 -6.04 -62.31 45.23
N TYR T 142 -7.32 -62.41 45.58
CA TYR T 142 -7.89 -63.70 45.93
C TYR T 142 -8.96 -64.01 44.90
N THR T 143 -9.08 -65.30 44.57
CA THR T 143 -9.95 -65.83 43.51
C THR T 143 -9.59 -65.20 42.15
N SER U 1 49.07 26.32 -49.20
CA SER U 1 48.44 25.05 -49.55
C SER U 1 47.49 25.21 -50.72
N GLY U 2 46.20 25.06 -50.47
CA GLY U 2 45.18 25.23 -51.48
C GLY U 2 44.25 24.04 -51.54
N TYR U 3 43.27 24.15 -52.44
CA TYR U 3 42.30 23.09 -52.67
C TYR U 3 42.94 21.85 -53.28
N THR U 4 42.49 20.69 -52.82
CA THR U 4 42.61 19.48 -53.60
C THR U 4 41.56 19.51 -54.70
N PRO U 5 41.86 18.99 -55.90
CA PRO U 5 40.92 19.16 -57.04
C PRO U 5 39.60 18.44 -56.87
N ASP U 6 39.55 17.41 -56.01
CA ASP U 6 38.30 16.77 -55.65
C ASP U 6 37.33 17.76 -55.04
N GLU U 7 37.84 18.60 -54.12
CA GLU U 7 37.04 19.64 -53.51
C GLU U 7 36.57 20.66 -54.52
N LYS U 8 37.42 20.97 -55.51
CA LYS U 8 37.04 21.91 -56.56
C LYS U 8 35.88 21.37 -57.38
N LEU U 9 35.94 20.09 -57.78
CA LEU U 9 34.88 19.54 -58.63
C LEU U 9 33.58 19.36 -57.86
N ARG U 10 33.66 18.86 -56.62
CA ARG U 10 32.50 18.70 -55.76
C ARG U 10 31.85 20.05 -55.46
N LEU U 11 32.69 21.07 -55.25
CA LEU U 11 32.21 22.41 -55.01
C LEU U 11 31.53 22.98 -56.23
N GLN U 12 32.02 22.67 -57.44
CA GLN U 12 31.37 23.16 -58.65
C GLN U 12 30.01 22.50 -58.88
N GLN U 13 29.88 21.21 -58.56
CA GLN U 13 28.55 20.59 -58.67
C GLN U 13 27.58 21.21 -57.67
N LEU U 14 28.05 21.52 -56.46
CA LEU U 14 27.18 22.27 -55.56
C LEU U 14 26.93 23.71 -55.98
N ARG U 15 27.82 24.31 -56.76
CA ARG U 15 27.50 25.65 -57.28
C ARG U 15 26.36 25.58 -58.27
N GLU U 16 26.40 24.61 -59.19
CA GLU U 16 25.32 24.47 -60.16
C GLU U 16 23.99 24.14 -59.47
N LEU U 17 24.02 23.24 -58.48
CA LEU U 17 22.77 22.88 -57.81
C LEU U 17 22.24 24.00 -56.93
N ARG U 18 23.11 24.72 -56.22
CA ARG U 18 22.65 25.78 -55.33
C ARG U 18 22.10 26.95 -56.13
N ARG U 19 22.72 27.27 -57.27
CA ARG U 19 22.20 28.36 -58.09
C ARG U 19 20.89 27.99 -58.75
N ARG U 20 20.72 26.72 -59.17
CA ARG U 20 19.44 26.34 -59.75
C ARG U 20 18.33 26.31 -58.70
N TRP U 21 18.64 25.88 -57.46
CA TRP U 21 17.63 25.92 -56.41
C TRP U 21 17.26 27.34 -56.04
N LEU U 22 18.25 28.22 -55.90
CA LEU U 22 17.97 29.57 -55.45
C LEU U 22 17.31 30.40 -56.54
N LYS U 23 17.54 30.05 -57.81
CA LYS U 23 16.78 30.65 -58.89
C LYS U 23 15.36 30.10 -58.93
N ASP U 24 15.17 28.85 -58.50
CA ASP U 24 13.82 28.30 -58.44
C ASP U 24 13.02 28.91 -57.29
N GLN U 25 13.69 29.34 -56.21
CA GLN U 25 13.00 29.89 -55.04
C GLN U 25 12.29 31.21 -55.29
N GLU U 26 12.49 31.86 -56.43
CA GLU U 26 11.61 32.96 -56.80
C GLU U 26 10.26 32.41 -57.24
N LEU U 27 9.19 32.97 -56.70
CA LEU U 27 7.87 32.73 -57.26
C LEU U 27 7.60 33.85 -58.25
N SER U 28 7.29 33.49 -59.48
CA SER U 28 6.89 34.45 -60.50
C SER U 28 6.05 33.78 -61.58
N PRO U 29 4.75 33.59 -61.32
CA PRO U 29 3.81 33.48 -62.43
C PRO U 29 3.35 34.83 -62.92
N ARG U 30 3.77 35.89 -62.22
CA ARG U 30 3.16 37.22 -62.22
C ARG U 30 1.66 37.14 -61.95
N GLU U 31 1.30 36.20 -61.07
CA GLU U 31 0.05 36.07 -60.32
C GLU U 31 0.36 35.21 -59.09
N PRO U 32 1.21 35.72 -58.16
CA PRO U 32 1.76 34.84 -57.11
C PRO U 32 0.74 34.39 -56.08
N VAL U 33 0.01 35.32 -55.49
CA VAL U 33 -1.03 35.00 -54.53
C VAL U 33 -2.38 35.24 -55.19
N LEU U 34 -3.38 34.51 -54.71
CA LEU U 34 -4.72 34.60 -55.28
C LEU U 34 -5.72 34.15 -54.24
N PRO U 35 -6.85 34.84 -54.08
CA PRO U 35 -7.88 34.37 -53.16
C PRO U 35 -8.60 33.17 -53.74
N PRO U 36 -8.96 32.19 -52.90
CA PRO U 36 -9.69 31.00 -53.36
C PRO U 36 -11.12 31.32 -53.80
N SER U 67 -11.93 60.48 -39.28
CA SER U 67 -13.08 61.12 -38.64
C SER U 67 -13.90 60.10 -37.86
N ILE U 68 -14.14 58.95 -38.49
CA ILE U 68 -14.94 57.90 -37.86
C ILE U 68 -14.19 57.29 -36.68
N PHE U 69 -12.86 57.28 -36.72
CA PHE U 69 -12.06 56.75 -35.62
C PHE U 69 -12.19 57.62 -34.39
N ALA U 70 -11.97 58.93 -34.55
CA ALA U 70 -12.13 59.88 -33.45
C ALA U 70 -13.56 59.93 -32.98
N PHE U 71 -14.52 59.77 -33.89
CA PHE U 71 -15.94 59.69 -33.53
C PHE U 71 -16.20 58.54 -32.56
N THR U 72 -15.86 57.32 -32.97
CA THR U 72 -16.17 56.16 -32.14
C THR U 72 -15.36 56.15 -30.85
N HIS U 73 -14.07 56.53 -30.89
CA HIS U 73 -13.25 56.36 -29.70
C HIS U 73 -13.20 57.57 -28.79
N VAL U 74 -13.79 58.70 -29.15
CA VAL U 74 -13.99 59.75 -28.16
C VAL U 74 -15.50 59.98 -27.91
N LEU U 75 -16.36 59.14 -28.49
CA LEU U 75 -17.76 59.20 -28.11
C LEU U 75 -18.28 57.96 -27.41
N ILE U 76 -17.95 56.76 -27.87
CA ILE U 76 -18.58 55.56 -27.31
C ILE U 76 -17.96 55.17 -25.96
N PRO U 77 -16.62 55.10 -25.76
CA PRO U 77 -16.16 54.82 -24.40
C PRO U 77 -16.39 55.97 -23.44
N VAL U 78 -16.44 57.20 -23.94
CA VAL U 78 -16.79 58.33 -23.08
C VAL U 78 -18.22 58.21 -22.59
N TRP U 79 -19.15 57.84 -23.49
CA TRP U 79 -20.54 57.62 -23.09
C TRP U 79 -20.67 56.46 -22.13
N ILE U 80 -19.97 55.35 -22.39
CA ILE U 80 -20.09 54.18 -21.53
C ILE U 80 -19.52 54.45 -20.15
N ILE U 81 -18.35 55.09 -20.09
CA ILE U 81 -17.73 55.38 -18.80
C ILE U 81 -18.49 56.45 -18.04
N HIS U 82 -18.97 57.49 -18.73
CA HIS U 82 -19.68 58.54 -18.02
C HIS U 82 -21.08 58.12 -17.60
N TYR U 83 -21.67 57.13 -18.29
CA TYR U 83 -22.84 56.47 -17.74
C TYR U 83 -22.45 55.63 -16.53
N TYR U 84 -21.30 54.98 -16.59
CA TYR U 84 -20.88 54.09 -15.52
C TYR U 84 -20.52 54.86 -14.25
N LEU U 85 -20.02 56.09 -14.40
CA LEU U 85 -19.49 56.85 -13.28
C LEU U 85 -20.52 57.71 -12.58
N LYS U 86 -21.62 58.06 -13.24
CA LYS U 86 -22.64 58.78 -12.52
C LYS U 86 -23.37 57.82 -11.61
N TYR U 87 -24.05 56.85 -12.20
CA TYR U 87 -25.15 56.19 -11.49
C TYR U 87 -24.66 55.09 -10.57
N HIS U 88 -23.99 54.06 -11.12
CA HIS U 88 -23.45 52.98 -10.31
C HIS U 88 -22.42 53.48 -9.30
N VAL U 89 -21.47 54.28 -9.80
CA VAL U 89 -20.33 54.72 -9.01
C VAL U 89 -20.74 55.70 -7.92
N THR U 90 -21.57 56.69 -8.24
CA THR U 90 -21.95 57.61 -7.18
C THR U 90 -23.23 57.20 -6.46
N THR U 91 -23.78 56.01 -6.73
CA THR U 91 -24.67 55.44 -5.73
C THR U 91 -23.93 54.52 -4.77
N LYS U 92 -22.79 53.97 -5.14
CA LYS U 92 -21.93 53.44 -4.08
C LYS U 92 -21.32 54.62 -3.34
N PRO U 93 -21.51 54.73 -2.03
CA PRO U 93 -21.18 55.98 -1.33
C PRO U 93 -19.70 56.33 -1.21
N TYR U 94 -18.89 55.44 -0.63
CA TYR U 94 -17.46 55.70 -0.48
C TYR U 94 -16.76 55.17 -1.71
N THR U 95 -16.58 56.07 -2.67
CA THR U 95 -16.21 55.79 -4.04
C THR U 95 -15.38 57.02 -4.39
N ILE U 96 -15.44 57.50 -5.64
CA ILE U 96 -14.65 58.62 -6.15
C ILE U 96 -14.69 59.82 -5.20
N VAL U 97 -13.51 60.20 -4.70
CA VAL U 97 -13.42 61.26 -3.71
C VAL U 97 -12.24 62.14 -4.08
N GLU U 98 -12.44 63.44 -3.92
CA GLU U 98 -11.48 64.43 -4.39
C GLU U 98 -10.86 65.16 -3.20
N LYS U 99 -9.53 65.24 -3.22
CA LYS U 99 -8.83 66.23 -2.45
C LYS U 99 -9.31 67.60 -2.87
N LYS U 100 -10.00 68.23 -1.91
CA LYS U 100 -10.73 69.48 -1.79
C LYS U 100 -9.97 70.64 -2.43
N PRO U 101 -10.66 71.61 -3.02
CA PRO U 101 -9.96 72.80 -3.50
C PRO U 101 -9.48 73.66 -2.34
N ARG U 102 -8.24 74.10 -2.45
CA ARG U 102 -7.67 75.04 -1.50
C ARG U 102 -8.36 76.39 -1.65
N ILE U 103 -8.70 77.02 -0.53
CA ILE U 103 -9.29 78.35 -0.58
C ILE U 103 -8.35 79.34 0.10
N PHE U 104 -8.33 80.56 -0.42
CA PHE U 104 -7.37 81.60 -0.12
C PHE U 104 -8.06 82.79 0.52
N PRO U 105 -7.34 83.59 1.35
CA PRO U 105 -8.03 84.63 2.12
C PRO U 105 -8.53 85.85 1.34
N GLY U 106 -8.50 85.83 0.02
CA GLY U 106 -9.09 86.92 -0.72
C GLY U 106 -10.30 86.48 -1.52
N ASP U 107 -10.60 85.19 -1.47
CA ASP U 107 -11.64 84.60 -2.28
C ASP U 107 -13.03 84.92 -1.72
N THR U 108 -14.04 84.43 -2.40
CA THR U 108 -15.39 84.34 -1.88
C THR U 108 -15.99 83.01 -2.31
N ILE U 109 -16.76 82.39 -1.41
CA ILE U 109 -17.25 81.05 -1.67
C ILE U 109 -18.38 81.11 -2.68
N LEU U 110 -18.25 80.31 -3.74
CA LEU U 110 -19.22 80.34 -4.84
C LEU U 110 -20.56 79.75 -4.44
N GLU U 111 -20.58 78.84 -3.47
CA GLU U 111 -21.78 78.04 -3.23
C GLU U 111 -22.83 78.81 -2.43
N THR U 112 -22.51 79.16 -1.19
CA THR U 112 -23.43 79.93 -0.35
C THR U 112 -23.28 81.42 -0.61
N GLY U 113 -22.05 81.91 -0.57
CA GLY U 113 -21.76 83.32 -0.76
C GLY U 113 -21.46 84.01 0.54
N GLU U 114 -20.17 84.10 0.87
CA GLU U 114 -19.64 84.83 2.01
C GLU U 114 -18.15 85.00 1.79
N VAL U 115 -17.60 86.08 2.33
CA VAL U 115 -16.21 86.42 2.08
C VAL U 115 -15.32 85.61 3.01
N ILE U 116 -14.02 85.62 2.72
CA ILE U 116 -12.99 85.08 3.61
C ILE U 116 -12.10 86.25 4.00
N PRO U 117 -11.81 86.44 5.29
CA PRO U 117 -11.14 87.67 5.74
C PRO U 117 -9.71 87.78 5.24
N PRO U 118 -9.32 88.94 4.74
CA PRO U 118 -7.98 89.09 4.18
C PRO U 118 -6.91 89.13 5.27
N MET U 119 -5.68 88.93 4.83
CA MET U 119 -4.54 88.93 5.73
C MET U 119 -4.22 90.37 6.14
N LYS U 120 -3.57 90.52 7.28
CA LYS U 120 -3.31 91.82 7.89
C LYS U 120 -2.14 92.56 7.24
N GLU U 121 -1.62 93.57 7.93
CA GLU U 121 -0.57 94.42 7.39
C GLU U 121 0.71 93.65 7.12
N PHE U 122 1.39 94.03 6.05
CA PHE U 122 2.61 93.43 5.51
C PHE U 122 3.98 93.65 6.16
N PRO U 123 4.27 94.79 6.90
CA PRO U 123 5.62 95.41 6.82
C PRO U 123 6.80 94.65 7.41
N ASP U 124 7.95 95.32 7.38
CA ASP U 124 9.29 94.78 7.66
C ASP U 124 9.62 93.64 6.71
N GLN U 125 9.74 93.99 5.42
CA GLN U 125 10.24 93.08 4.42
C GLN U 125 11.56 93.61 3.86
N GLY V 1 33.05 73.86 3.16
CA GLY V 1 33.64 75.19 3.22
C GLY V 1 34.89 75.24 4.06
N ALA V 2 35.07 76.33 4.80
CA ALA V 2 36.19 76.43 5.73
C ALA V 2 35.82 76.04 7.15
N HIS V 3 34.53 76.21 7.50
CA HIS V 3 34.04 75.81 8.80
C HIS V 3 34.17 74.32 9.02
N LEU V 4 34.04 73.53 7.95
CA LEU V 4 34.17 72.08 8.04
C LEU V 4 35.61 71.68 8.32
N ALA V 5 36.56 72.35 7.66
CA ALA V 5 37.97 72.07 7.88
C ALA V 5 38.38 72.48 9.29
N ARG V 6 37.89 73.62 9.78
CA ARG V 6 38.19 74.03 11.14
C ARG V 6 37.59 73.08 12.17
N ARG V 7 36.38 72.59 11.89
CA ARG V 7 35.70 71.73 12.86
C ARG V 7 36.25 70.31 12.85
N TYR V 8 36.81 69.84 11.74
CA TYR V 8 37.40 68.50 11.70
C TYR V 8 38.91 68.49 11.82
N LEU V 9 39.57 69.64 11.93
CA LEU V 9 41.00 69.63 12.19
C LEU V 9 41.42 70.33 13.47
N GLY V 10 40.69 71.35 13.93
CA GLY V 10 41.11 72.08 15.10
C GLY V 10 40.68 71.45 16.41
N ASP V 11 40.19 72.27 17.33
CA ASP V 11 39.73 71.81 18.63
C ASP V 11 38.29 71.28 18.53
N ALA V 12 37.81 70.71 19.62
CA ALA V 12 36.47 70.13 19.65
C ALA V 12 35.41 71.09 20.14
N SER V 13 35.81 72.19 20.78
CA SER V 13 34.84 73.04 21.47
C SER V 13 34.29 74.14 20.58
N VAL V 14 35.17 75.04 20.10
CA VAL V 14 34.74 76.36 19.64
C VAL V 14 33.97 76.34 18.33
N GLU V 15 33.96 75.23 17.61
CA GLU V 15 33.03 75.10 16.50
C GLU V 15 31.82 74.32 16.97
N PRO V 16 30.63 74.89 16.94
CA PRO V 16 29.48 74.25 17.57
C PRO V 16 28.96 73.08 16.78
N GLU V 17 28.54 72.06 17.49
CA GLU V 17 27.97 70.89 16.85
C GLU V 17 26.57 71.22 16.34
N PRO V 18 26.29 71.00 15.06
CA PRO V 18 24.94 71.24 14.54
C PRO V 18 23.96 70.20 15.06
N LEU V 19 22.67 70.52 14.87
CA LEU V 19 21.48 69.81 15.33
C LEU V 19 21.43 69.53 16.84
N ARG V 20 22.27 70.22 17.60
CA ARG V 20 22.16 70.46 19.03
C ARG V 20 22.47 71.91 19.30
N MET V 21 21.80 72.79 18.54
CA MET V 21 22.23 74.18 18.44
C MET V 21 22.04 75.00 19.72
N PRO V 22 20.83 75.07 20.37
CA PRO V 22 20.74 75.94 21.55
C PRO V 22 21.51 75.38 22.74
N THR V 23 22.68 75.98 22.98
CA THR V 23 23.56 75.59 24.07
C THR V 23 23.58 76.66 25.15
N PHE V 24 23.92 77.87 24.78
CA PHE V 24 23.63 79.00 25.64
C PHE V 24 22.14 79.35 25.52
N PRO V 25 21.52 79.81 26.59
CA PRO V 25 20.11 80.17 26.51
C PRO V 25 19.93 81.47 25.75
N PRO V 26 18.68 81.76 25.31
CA PRO V 26 18.39 83.11 24.79
C PRO V 26 18.41 84.17 25.87
N ASP V 27 18.08 85.41 25.48
CA ASP V 27 18.19 86.69 26.19
C ASP V 27 19.47 86.83 27.01
N TYR V 28 20.59 86.35 26.45
CA TYR V 28 21.88 86.42 27.11
C TYR V 28 22.52 87.79 26.89
N GLY V 29 22.26 88.41 25.74
CA GLY V 29 22.71 89.75 25.43
C GLY V 29 21.68 90.51 24.62
N PHE V 30 20.43 90.05 24.67
CA PHE V 30 19.30 90.63 23.94
C PHE V 30 18.71 91.92 24.50
N PRO V 31 18.67 92.11 25.85
CA PRO V 31 17.40 92.40 26.55
C PRO V 31 16.38 93.24 25.82
N GLU V 32 15.16 92.69 25.73
CA GLU V 32 13.98 93.28 25.07
C GLU V 32 14.24 93.55 23.58
N ARG V 33 14.56 92.48 22.84
CA ARG V 33 14.60 92.54 21.38
C ARG V 33 13.91 91.29 20.86
N LYS V 34 12.63 91.41 20.53
CA LYS V 34 11.84 90.33 19.97
C LYS V 34 10.60 90.92 19.33
N GLU V 35 10.34 90.56 18.07
CA GLU V 35 9.07 90.89 17.45
C GLU V 35 8.27 89.63 17.11
N ARG V 36 8.80 88.78 16.23
CA ARG V 36 8.21 87.50 15.78
C ARG V 36 6.72 87.64 15.46
N GLU V 37 6.47 88.41 14.40
CA GLU V 37 5.13 88.93 14.12
C GLU V 37 4.15 87.81 13.79
N MET V 38 4.49 86.99 12.78
CA MET V 38 3.74 85.80 12.38
C MET V 38 2.30 86.16 12.01
N VAL V 39 2.19 86.90 10.90
CA VAL V 39 0.96 87.60 10.55
C VAL V 39 0.19 86.70 9.59
N ALA V 40 0.44 85.40 9.66
CA ALA V 40 0.01 84.47 8.63
C ALA V 40 -1.38 83.89 8.85
N THR V 41 -2.02 84.15 10.01
CA THR V 41 -3.41 83.78 10.32
C THR V 41 -3.64 82.27 10.17
N GLN V 42 -3.04 81.53 11.11
CA GLN V 42 -2.93 80.07 11.18
C GLN V 42 -4.15 79.27 10.73
N GLN V 43 -5.36 79.75 11.03
CA GLN V 43 -6.56 79.05 10.58
C GLN V 43 -6.69 79.11 9.06
N GLU V 44 -6.42 80.28 8.47
CA GLU V 44 -6.43 80.35 7.01
C GLU V 44 -5.20 79.71 6.39
N MET V 45 -4.11 79.61 7.15
CA MET V 45 -2.99 78.76 6.75
C MET V 45 -3.38 77.29 6.70
N ASN V 46 -4.27 76.86 7.60
CA ASN V 46 -4.83 75.51 7.49
C ASN V 46 -5.77 75.42 6.30
N ASP V 47 -6.51 76.49 6.04
CA ASP V 47 -7.50 76.51 4.96
C ASP V 47 -6.85 76.33 3.59
N ALA V 48 -5.79 77.08 3.31
CA ALA V 48 -4.99 76.80 2.14
C ALA V 48 -4.14 75.58 2.43
N GLN V 49 -4.42 74.47 1.75
CA GLN V 49 -3.83 73.18 2.14
C GLN V 49 -2.36 73.12 1.73
N LEU V 50 -1.54 73.79 2.54
CA LEU V 50 -0.09 73.78 2.39
C LEU V 50 0.51 72.46 2.86
N VAL V 51 1.72 72.21 2.39
CA VAL V 51 2.49 71.05 2.83
C VAL V 51 3.07 71.36 4.20
N LEU V 52 3.23 70.34 5.04
CA LEU V 52 4.03 70.48 6.25
C LEU V 52 5.47 70.79 5.90
N GLN V 53 6.18 71.36 6.89
CA GLN V 53 7.51 71.97 6.74
C GLN V 53 7.50 73.09 5.71
N GLN V 54 6.34 73.70 5.52
CA GLN V 54 6.19 74.99 4.87
C GLN V 54 5.40 75.96 5.72
N ARG V 55 4.76 75.51 6.79
CA ARG V 55 3.94 76.34 7.67
C ARG V 55 4.85 77.18 8.57
N ASP V 56 5.58 78.10 7.95
CA ASP V 56 6.70 78.71 8.64
C ASP V 56 6.67 80.22 8.60
N TYR V 57 7.76 80.82 9.05
CA TYR V 57 7.98 82.24 8.79
C TYR V 57 8.18 82.43 7.29
N CYS V 58 7.72 83.58 6.79
CA CYS V 58 7.62 83.89 5.35
C CYS V 58 6.76 82.86 4.63
N ALA V 59 5.48 82.80 5.02
CA ALA V 59 4.51 81.98 4.34
C ALA V 59 3.34 82.77 3.78
N HIS V 60 3.14 84.00 4.25
CA HIS V 60 2.14 84.89 3.66
C HIS V 60 2.49 85.23 2.21
N TYR V 61 3.77 85.36 1.90
CA TYR V 61 4.18 85.54 0.51
C TYR V 61 3.89 84.29 -0.32
N LEU V 62 3.98 83.11 0.30
CA LEU V 62 3.59 81.88 -0.38
C LEU V 62 2.09 81.88 -0.65
N ILE V 63 1.30 82.39 0.30
CA ILE V 63 -0.15 82.50 0.11
C ILE V 63 -0.48 83.43 -1.05
N ARG V 64 0.19 84.58 -1.11
CA ARG V 64 -0.07 85.54 -2.19
C ARG V 64 0.37 84.98 -3.54
N PHE V 65 1.52 84.30 -3.57
CA PHE V 65 2.00 83.69 -4.80
C PHE V 65 1.05 82.61 -5.30
N LEU V 66 0.56 81.76 -4.38
CA LEU V 66 -0.42 80.74 -4.77
C LEU V 66 -1.71 81.37 -5.25
N LYS V 67 -2.12 82.48 -4.63
CA LYS V 67 -3.36 83.13 -5.02
C LYS V 67 -3.28 83.71 -6.43
N CYS V 68 -2.19 84.42 -6.72
CA CYS V 68 -2.07 85.00 -8.06
C CYS V 68 -1.83 83.93 -9.12
N LYS V 69 -1.08 82.87 -8.77
CA LYS V 69 -0.80 81.80 -9.71
C LYS V 69 -2.05 81.00 -10.05
N ARG V 70 -2.95 80.82 -9.08
CA ARG V 70 -4.22 80.18 -9.39
C ARG V 70 -5.13 81.12 -10.17
N ASP V 71 -5.20 82.39 -9.75
CA ASP V 71 -6.19 83.30 -10.32
C ASP V 71 -5.83 83.77 -11.73
N SER V 72 -4.57 83.66 -12.14
CA SER V 72 -4.19 83.96 -13.52
C SER V 72 -3.42 82.75 -14.04
N PHE V 73 -4.15 81.74 -14.47
CA PHE V 73 -3.55 80.50 -14.95
C PHE V 73 -2.99 80.52 -16.37
N PRO V 74 -3.74 80.87 -17.44
CA PRO V 74 -3.23 80.59 -18.79
C PRO V 74 -2.07 81.48 -19.20
N ASN V 75 -1.84 82.60 -18.51
CA ASN V 75 -0.52 83.22 -18.53
C ASN V 75 0.44 82.28 -17.82
N PHE V 76 1.30 81.66 -18.61
CA PHE V 76 2.29 80.74 -18.08
C PHE V 76 3.33 81.46 -17.23
N LEU V 77 3.60 82.72 -17.52
CA LEU V 77 4.64 83.48 -16.84
C LEU V 77 4.04 84.67 -16.13
N ALA V 78 2.96 84.45 -15.39
CA ALA V 78 2.23 85.56 -14.78
C ALA V 78 2.95 86.09 -13.55
N CYS V 79 3.12 85.26 -12.53
CA CYS V 79 3.61 85.72 -11.23
C CYS V 79 5.13 85.59 -11.20
N LYS V 80 5.81 86.72 -11.31
CA LYS V 80 7.26 86.78 -11.16
C LYS V 80 7.68 87.55 -9.93
N HIS V 81 7.09 88.73 -9.70
CA HIS V 81 7.57 89.61 -8.65
C HIS V 81 7.20 89.11 -7.26
N GLU V 82 6.04 88.48 -7.10
CA GLU V 82 5.69 87.95 -5.79
C GLU V 82 6.47 86.68 -5.46
N GLN V 83 6.78 85.86 -6.46
CA GLN V 83 7.65 84.71 -6.25
C GLN V 83 9.06 85.17 -5.90
N HIS V 84 9.51 86.24 -6.55
CA HIS V 84 10.77 86.89 -6.18
C HIS V 84 10.74 87.40 -4.75
N ASP V 85 9.61 87.96 -4.32
CA ASP V 85 9.48 88.44 -2.96
C ASP V 85 9.51 87.31 -1.95
N TRP V 86 8.92 86.17 -2.32
CA TRP V 86 8.93 85.02 -1.43
C TRP V 86 10.33 84.44 -1.31
N ASP V 87 11.09 84.42 -2.42
CA ASP V 87 12.50 84.03 -2.36
C ASP V 87 13.31 85.01 -1.53
N TYR V 88 12.96 86.30 -1.59
CA TYR V 88 13.67 87.29 -0.79
C TYR V 88 13.39 87.11 0.70
N CYS V 89 12.15 86.75 1.04
CA CYS V 89 11.83 86.56 2.44
C CYS V 89 12.47 85.29 2.97
N GLU V 90 12.55 84.24 2.14
CA GLU V 90 13.31 83.06 2.58
C GLU V 90 14.80 83.32 2.63
N HIS V 91 15.31 84.25 1.81
CA HIS V 91 16.68 84.67 1.96
C HIS V 91 16.89 85.38 3.30
N LEU V 92 15.93 86.19 3.72
CA LEU V 92 15.99 86.81 5.05
C LEU V 92 15.95 85.75 6.15
N ASP V 93 15.17 84.70 5.95
CA ASP V 93 15.12 83.60 6.92
C ASP V 93 16.46 82.87 7.01
N TYR V 94 17.09 82.62 5.87
CA TYR V 94 18.37 81.94 5.85
C TYR V 94 19.46 82.80 6.48
N VAL V 95 19.41 84.12 6.25
CA VAL V 95 20.34 85.05 6.88
C VAL V 95 20.16 85.03 8.39
N LYS V 96 18.91 84.98 8.85
CA LYS V 96 18.64 84.94 10.28
C LYS V 96 19.14 83.64 10.92
N ARG V 97 19.03 82.52 10.20
CA ARG V 97 19.55 81.26 10.71
C ARG V 97 21.08 81.27 10.78
N MET V 98 21.73 81.88 9.79
CA MET V 98 23.18 82.00 9.83
C MET V 98 23.62 82.91 10.98
N LYS V 99 22.82 83.95 11.26
CA LYS V 99 23.10 84.83 12.38
C LYS V 99 23.00 84.09 13.70
N GLU V 100 22.02 83.18 13.82
CA GLU V 100 21.93 82.33 15.00
C GLU V 100 23.15 81.43 15.15
N PHE V 101 23.59 80.83 14.05
CA PHE V 101 24.78 79.96 14.05
C PHE V 101 26.00 80.71 14.57
N GLU V 102 26.34 81.81 13.92
CA GLU V 102 27.58 82.47 14.32
C GLU V 102 27.46 83.22 15.63
N ARG V 103 26.23 83.54 16.06
CA ARG V 103 26.04 84.03 17.42
C ARG V 103 26.45 82.99 18.44
N GLU V 104 25.93 81.77 18.28
CA GLU V 104 26.30 80.71 19.23
C GLU V 104 27.76 80.32 19.12
N ARG V 105 28.35 80.42 17.91
CA ARG V 105 29.77 80.14 17.75
C ARG V 105 30.63 81.16 18.48
N ARG V 106 30.37 82.44 18.26
CA ARG V 106 31.20 83.48 18.87
C ARG V 106 31.03 83.51 20.38
N LEU V 107 29.80 83.30 20.86
CA LEU V 107 29.57 83.13 22.29
C LEU V 107 30.38 81.98 22.86
N LEU V 108 30.35 80.82 22.17
CA LEU V 108 31.02 79.64 22.69
C LEU V 108 32.52 79.85 22.73
N GLN V 109 33.10 80.34 21.64
CA GLN V 109 34.54 80.55 21.54
C GLN V 109 35.01 81.55 22.59
N ARG V 110 34.49 82.79 22.54
CA ARG V 110 35.00 83.84 23.41
C ARG V 110 34.69 83.57 24.87
N LYS V 111 33.44 83.23 25.19
CA LYS V 111 33.05 83.08 26.58
C LYS V 111 33.64 81.81 27.18
N LYS V 112 33.67 80.69 26.45
CA LYS V 112 34.24 79.49 27.04
C LYS V 112 35.75 79.56 27.15
N ARG V 113 36.44 80.26 26.25
CA ARG V 113 37.87 80.40 26.46
C ARG V 113 38.19 81.39 27.58
N ARG V 114 37.34 82.42 27.75
CA ARG V 114 37.38 83.28 28.93
C ARG V 114 37.26 82.46 30.23
N GLU V 115 36.22 81.63 30.30
CA GLU V 115 35.93 80.88 31.52
C GLU V 115 36.97 79.80 31.79
N GLN V 116 37.31 78.99 30.78
CA GLN V 116 38.25 77.90 30.98
C GLN V 116 39.71 78.31 30.84
N ARG V 117 40.01 79.59 30.63
CA ARG V 117 41.37 80.05 30.80
C ARG V 117 41.57 80.95 32.01
N GLU V 118 40.51 81.54 32.56
CA GLU V 118 40.63 82.31 33.78
C GLU V 118 39.99 81.64 34.98
N ALA V 119 39.58 80.38 34.85
CA ALA V 119 39.03 79.63 35.97
C ALA V 119 40.14 79.19 36.91
N PHE W 2 40.93 20.11 -34.15
CA PHE W 2 39.48 20.03 -34.25
C PHE W 2 39.05 20.67 -35.57
N LEU W 3 39.38 20.01 -36.68
CA LEU W 3 39.13 20.50 -38.02
C LEU W 3 38.72 19.33 -38.90
N PRO W 4 37.92 19.56 -39.95
CA PRO W 4 37.38 18.41 -40.71
C PRO W 4 38.40 17.69 -41.57
N SER W 5 39.28 18.42 -42.27
CA SER W 5 40.11 17.78 -43.29
C SER W 5 41.35 17.12 -42.70
N ALA W 6 41.96 17.74 -41.70
CA ALA W 6 43.21 17.25 -41.12
C ALA W 6 43.03 16.94 -39.64
N ALA W 7 44.15 16.60 -39.00
CA ALA W 7 44.17 16.36 -37.56
C ALA W 7 44.88 17.49 -36.82
N TYR W 8 46.12 17.78 -37.16
CA TYR W 8 46.81 18.97 -36.68
C TYR W 8 46.77 20.02 -37.78
N LEU W 9 46.86 21.28 -37.38
CA LEU W 9 46.71 22.37 -38.35
C LEU W 9 47.86 22.40 -39.36
N THR W 10 49.02 22.91 -38.93
CA THR W 10 50.37 22.89 -39.50
C THR W 10 51.12 23.75 -38.47
N HIS W 11 52.45 23.84 -38.59
CA HIS W 11 53.14 24.91 -37.89
C HIS W 11 52.80 26.26 -38.51
N GLN W 12 52.88 26.33 -39.85
CA GLN W 12 52.63 27.56 -40.58
C GLN W 12 51.21 28.04 -40.37
N GLN W 13 50.26 27.11 -40.29
CA GLN W 13 48.87 27.46 -40.05
C GLN W 13 48.68 28.08 -38.67
N LYS W 14 49.45 27.61 -37.68
CA LYS W 14 49.32 28.16 -36.33
C LYS W 14 49.90 29.57 -36.26
N VAL W 15 51.07 29.79 -36.89
CA VAL W 15 51.64 31.13 -36.99
C VAL W 15 50.70 32.05 -37.75
N LEU W 16 50.00 31.53 -38.75
CA LEU W 16 49.14 32.34 -39.58
C LEU W 16 47.88 32.76 -38.83
N GLN W 17 47.32 31.85 -38.03
CA GLN W 17 46.18 32.21 -37.19
C GLN W 17 46.58 33.23 -36.12
N LEU W 18 47.80 33.08 -35.57
CA LEU W 18 48.32 34.08 -34.64
C LEU W 18 48.41 35.46 -35.29
N TYR W 19 48.87 35.50 -36.54
CA TYR W 19 49.01 36.77 -37.25
C TYR W 19 47.66 37.41 -37.51
N LYS W 20 46.67 36.61 -37.90
CA LYS W 20 45.36 37.19 -38.16
C LYS W 20 44.69 37.68 -36.86
N ARG W 21 44.86 36.93 -35.77
CA ARG W 21 44.24 37.33 -34.51
C ARG W 21 44.91 38.58 -33.93
N ALA W 22 46.25 38.65 -34.01
CA ALA W 22 46.94 39.83 -33.50
C ALA W 22 46.66 41.06 -34.35
N LEU W 23 46.52 40.87 -35.66
CA LEU W 23 46.23 42.00 -36.53
C LEU W 23 44.80 42.50 -36.32
N ARG W 24 43.86 41.59 -36.07
CA ARG W 24 42.49 41.97 -35.78
C ARG W 24 42.37 42.68 -34.44
N HIS W 25 43.06 42.18 -33.41
CA HIS W 25 43.06 42.86 -32.13
C HIS W 25 43.75 44.21 -32.20
N LEU W 26 44.74 44.36 -33.08
CA LEU W 26 45.35 45.67 -33.24
C LEU W 26 44.42 46.63 -33.98
N GLU W 27 43.60 46.12 -34.92
CA GLU W 27 42.51 46.92 -35.48
C GLU W 27 41.59 47.44 -34.40
N SER W 28 41.15 46.55 -33.51
CA SER W 28 40.20 46.93 -32.48
C SER W 28 40.83 47.87 -31.45
N ARG W 29 42.10 47.67 -31.15
CA ARG W 29 42.82 48.52 -30.22
C ARG W 29 43.02 49.92 -30.79
N CYS W 30 43.29 50.01 -32.07
CA CYS W 30 43.91 51.18 -32.66
C CYS W 30 42.93 51.82 -33.65
N VAL W 31 42.22 52.84 -33.21
CA VAL W 31 41.29 53.60 -34.04
C VAL W 31 42.08 54.62 -34.85
N HIS W 32 41.37 55.31 -35.76
CA HIS W 32 41.74 56.35 -36.73
C HIS W 32 42.40 55.78 -37.97
N ARG W 33 42.72 54.48 -38.00
CA ARG W 33 43.07 53.67 -39.18
C ARG W 33 44.44 53.99 -39.78
N ASP W 34 45.01 55.15 -39.46
CA ASP W 34 46.29 55.52 -40.04
C ASP W 34 47.45 55.16 -39.11
N LYS W 35 47.32 55.48 -37.83
CA LYS W 35 48.19 54.90 -36.82
C LYS W 35 48.04 53.39 -36.75
N TYR W 36 46.83 52.89 -37.07
CA TYR W 36 46.65 51.47 -37.29
C TYR W 36 47.53 50.96 -38.42
N ARG W 37 47.55 51.66 -39.55
CA ARG W 37 48.31 51.18 -40.69
C ARG W 37 49.81 51.20 -40.39
N TYR W 38 50.25 52.20 -39.64
CA TYR W 38 51.63 52.27 -39.18
C TYR W 38 51.98 51.09 -38.28
N PHE W 39 51.14 50.81 -37.28
CA PHE W 39 51.45 49.72 -36.37
C PHE W 39 51.31 48.36 -37.02
N ALA W 40 50.44 48.24 -38.02
CA ALA W 40 50.31 46.98 -38.74
C ALA W 40 51.54 46.71 -39.60
N CYS W 41 52.11 47.75 -40.22
CA CYS W 41 53.34 47.54 -40.96
C CYS W 41 54.52 47.29 -40.03
N LEU W 42 54.48 47.86 -38.82
CA LEU W 42 55.49 47.51 -37.82
C LEU W 42 55.41 46.04 -37.42
N LEU W 43 54.19 45.52 -37.26
CA LEU W 43 54.02 44.11 -36.94
C LEU W 43 54.48 43.21 -38.08
N ARG W 44 54.17 43.61 -39.32
CA ARG W 44 54.59 42.86 -40.50
C ARG W 44 56.11 42.84 -40.61
N ALA W 45 56.76 43.94 -40.24
CA ALA W 45 58.22 43.97 -40.20
C ALA W 45 58.79 43.09 -39.10
N ARG W 46 58.13 43.07 -37.93
CA ARG W 46 58.59 42.22 -36.84
C ARG W 46 58.48 40.74 -37.20
N PHE W 47 57.49 40.37 -38.01
CA PHE W 47 57.50 39.00 -38.52
C PHE W 47 58.56 38.80 -39.59
N ASP W 48 58.86 39.84 -40.38
CA ASP W 48 59.85 39.69 -41.44
C ASP W 48 61.27 39.56 -40.92
N GLU W 49 61.57 40.08 -39.73
CA GLU W 49 62.96 40.14 -39.27
C GLU W 49 63.54 38.76 -38.96
N HIS W 50 62.71 37.81 -38.56
CA HIS W 50 63.18 36.47 -38.23
C HIS W 50 62.22 35.44 -38.82
N LYS W 51 61.85 35.64 -40.09
CA LYS W 51 61.03 34.70 -40.82
C LYS W 51 61.86 33.58 -41.46
N ASN W 52 63.14 33.83 -41.69
CA ASN W 52 63.97 32.98 -42.53
C ASN W 52 64.98 32.20 -41.68
N GLU W 53 64.54 31.70 -40.53
CA GLU W 53 65.38 30.89 -39.67
C GLU W 53 65.20 29.41 -40.00
N LYS W 54 66.32 28.73 -40.27
CA LYS W 54 66.30 27.39 -40.84
C LYS W 54 66.09 26.30 -39.80
N ASP W 55 66.00 26.63 -38.52
CA ASP W 55 65.76 25.62 -37.50
C ASP W 55 64.27 25.27 -37.46
N MET W 56 63.89 24.46 -36.51
CA MET W 56 62.48 24.23 -36.24
C MET W 56 62.14 24.41 -34.77
N VAL W 57 63.03 24.00 -33.88
CA VAL W 57 62.81 24.21 -32.45
C VAL W 57 62.96 25.68 -32.09
N LYS W 58 63.77 26.43 -32.86
CA LYS W 58 63.82 27.87 -32.65
C LYS W 58 62.55 28.54 -33.19
N ALA W 59 61.95 27.95 -34.23
CA ALA W 59 60.68 28.45 -34.73
C ALA W 59 59.57 28.28 -33.71
N THR W 60 59.48 27.09 -33.09
CA THR W 60 58.44 26.91 -32.08
C THR W 60 58.76 27.67 -30.79
N GLN W 61 60.03 27.96 -30.53
CA GLN W 61 60.42 28.83 -29.41
C GLN W 61 59.87 30.24 -29.60
N LEU W 62 60.14 30.83 -30.76
CA LEU W 62 59.65 32.17 -31.04
C LEU W 62 58.13 32.20 -31.12
N LEU W 63 57.51 31.13 -31.60
CA LEU W 63 56.05 31.06 -31.63
C LEU W 63 55.45 31.06 -30.22
N ARG W 64 56.05 30.29 -29.31
CA ARG W 64 55.51 30.18 -27.96
C ARG W 64 55.67 31.50 -27.20
N GLU W 65 56.86 32.11 -27.30
CA GLU W 65 57.03 33.41 -26.65
C GLU W 65 56.20 34.50 -27.31
N ALA W 66 55.88 34.33 -28.60
CA ALA W 66 54.98 35.26 -29.27
C ALA W 66 53.57 35.15 -28.74
N GLU W 67 53.10 33.93 -28.47
CA GLU W 67 51.79 33.80 -27.83
C GLU W 67 51.77 34.37 -26.44
N LYS W 68 52.88 34.26 -25.70
CA LYS W 68 52.94 34.88 -24.37
C LYS W 68 52.83 36.39 -24.47
N GLU W 69 53.64 37.00 -25.33
CA GLU W 69 53.64 38.45 -25.47
C GLU W 69 52.48 38.98 -26.29
N PHE W 70 51.67 38.11 -26.88
CA PHE W 70 50.37 38.50 -27.43
C PHE W 70 49.28 38.46 -26.39
N TRP W 71 49.16 37.35 -25.65
CA TRP W 71 48.12 37.21 -24.64
C TRP W 71 48.31 38.18 -23.49
N HIS W 72 49.54 38.66 -23.29
CA HIS W 72 49.73 39.86 -22.48
C HIS W 72 48.98 41.04 -23.06
N GLY W 73 49.12 41.29 -24.36
CA GLY W 73 48.66 42.53 -24.92
C GLY W 73 47.44 42.46 -25.79
N GLN W 74 46.46 41.63 -25.45
CA GLN W 74 45.26 41.58 -26.26
C GLN W 74 44.31 42.70 -25.86
N HIS W 75 43.14 42.69 -26.48
CA HIS W 75 42.13 43.70 -26.22
C HIS W 75 40.89 43.04 -25.62
N PRO W 76 40.25 43.66 -24.62
CA PRO W 76 39.12 43.01 -23.94
C PRO W 76 37.88 42.76 -24.79
N GLN W 77 37.35 43.79 -25.46
CA GLN W 77 36.23 43.61 -26.39
C GLN W 77 36.71 43.86 -27.80
N PRO W 78 37.16 42.83 -28.52
CA PRO W 78 37.65 43.04 -29.89
C PRO W 78 36.49 43.32 -30.82
N TYR W 79 36.78 44.09 -31.86
CA TYR W 79 35.76 44.39 -32.85
C TYR W 79 35.57 43.15 -33.71
N ILE W 80 34.62 42.35 -33.33
CA ILE W 80 34.19 41.24 -34.14
C ILE W 80 33.02 41.68 -34.99
N PHE W 81 32.96 41.15 -36.21
CA PHE W 81 31.96 41.54 -37.18
C PHE W 81 30.57 41.06 -36.74
N PRO W 82 29.50 41.71 -37.23
CA PRO W 82 28.16 41.26 -36.81
C PRO W 82 27.63 40.08 -37.62
N GLU W 83 28.48 39.10 -37.89
CA GLU W 83 28.08 37.76 -38.30
C GLU W 83 28.88 36.69 -37.59
N SER W 84 29.97 37.06 -36.93
CA SER W 84 30.81 36.11 -36.23
C SER W 84 30.13 35.67 -34.94
N PRO W 85 30.54 34.53 -34.38
CA PRO W 85 30.04 34.13 -33.06
C PRO W 85 30.47 35.12 -31.97
N GLY W 86 29.51 35.49 -31.13
CA GLY W 86 29.70 36.53 -30.15
C GLY W 86 29.37 37.91 -30.66
N GLY W 87 29.09 38.07 -31.95
CA GLY W 87 28.93 39.37 -32.53
C GLY W 87 27.61 40.02 -32.18
N THR W 88 27.33 41.11 -32.90
CA THR W 88 26.12 41.87 -32.61
C THR W 88 24.88 41.16 -33.11
N SER W 89 24.90 40.67 -34.35
CA SER W 89 23.74 39.91 -34.85
C SER W 89 23.86 38.44 -34.46
N TYR W 90 24.81 37.72 -35.08
CA TYR W 90 25.03 36.28 -34.91
C TYR W 90 23.75 35.46 -34.94
N GLU W 91 23.17 35.31 -36.13
CA GLU W 91 21.88 34.66 -36.37
C GLU W 91 20.77 35.45 -35.67
N ARG W 92 20.85 36.77 -35.87
CA ARG W 92 19.73 37.69 -35.79
C ARG W 92 18.48 37.10 -36.42
N TYR W 93 18.60 36.68 -37.68
CA TYR W 93 17.47 36.21 -38.46
C TYR W 93 17.34 34.69 -38.44
N GLU W 94 17.70 34.08 -37.31
CA GLU W 94 17.39 32.69 -37.03
C GLU W 94 15.91 32.51 -36.67
N CYS W 95 15.20 33.62 -36.45
CA CYS W 95 13.75 33.62 -36.30
C CYS W 95 13.04 33.06 -37.52
N TYR W 96 13.61 33.22 -38.71
CA TYR W 96 12.88 32.99 -39.95
C TYR W 96 13.49 31.89 -40.81
N LYS W 97 14.40 31.08 -40.28
CA LYS W 97 14.98 29.98 -41.04
C LYS W 97 14.15 28.73 -40.86
N VAL W 98 12.96 28.75 -41.45
CA VAL W 98 12.08 27.59 -41.44
C VAL W 98 12.59 26.60 -42.48
N PRO W 99 12.94 25.39 -42.07
CA PRO W 99 13.59 24.45 -42.99
C PRO W 99 12.60 23.85 -43.98
N GLU W 100 13.14 23.33 -45.07
CA GLU W 100 12.35 22.89 -46.20
C GLU W 100 12.08 21.40 -46.21
N TRP W 101 12.25 20.71 -45.08
CA TRP W 101 11.55 19.44 -44.95
C TRP W 101 10.08 19.67 -44.66
N CYS W 102 9.75 20.84 -44.13
CA CYS W 102 8.38 21.28 -43.98
C CYS W 102 7.88 21.81 -45.33
N LEU W 103 6.76 22.55 -45.29
CA LEU W 103 6.05 23.17 -46.42
C LEU W 103 5.33 22.13 -47.27
N ASP W 104 5.54 20.85 -47.01
CA ASP W 104 4.72 19.79 -47.57
C ASP W 104 3.53 19.45 -46.70
N ASP W 105 3.53 19.87 -45.44
CA ASP W 105 2.38 19.67 -44.56
C ASP W 105 1.44 20.87 -44.59
N TRP W 106 1.05 21.29 -45.79
CA TRP W 106 0.04 22.32 -45.93
C TRP W 106 -1.30 21.73 -46.37
N HIS W 107 -2.35 22.52 -46.15
CA HIS W 107 -3.64 22.18 -46.70
C HIS W 107 -3.63 22.44 -48.21
N PRO W 108 -4.35 21.63 -49.00
CA PRO W 108 -4.28 21.76 -50.46
C PRO W 108 -4.89 23.05 -51.03
N SER W 109 -5.60 23.85 -50.24
CA SER W 109 -6.03 25.14 -50.75
C SER W 109 -4.87 26.13 -50.80
N GLU W 110 -4.04 26.12 -49.75
CA GLU W 110 -2.80 26.89 -49.79
C GLU W 110 -1.85 26.35 -50.85
N LYS W 111 -1.90 25.04 -51.13
CA LYS W 111 -1.17 24.50 -52.26
C LYS W 111 -1.81 24.89 -53.58
N ALA W 112 -3.09 25.25 -53.58
CA ALA W 112 -3.73 25.77 -54.77
C ALA W 112 -3.50 27.26 -54.95
N MET W 113 -2.99 27.94 -53.93
CA MET W 113 -2.60 29.33 -54.11
C MET W 113 -1.26 29.48 -54.83
N TYR W 114 -0.36 28.51 -54.70
CA TYR W 114 1.00 28.59 -55.24
C TYR W 114 1.24 27.39 -56.16
N PRO W 115 0.79 27.46 -57.41
CA PRO W 115 0.90 26.28 -58.28
C PRO W 115 2.31 25.97 -58.77
N ASP W 116 3.02 27.00 -59.26
CA ASP W 116 4.26 26.76 -59.98
C ASP W 116 5.40 26.36 -59.07
N TYR W 117 5.48 27.00 -57.90
CA TYR W 117 6.55 26.67 -56.96
C TYR W 117 6.39 25.27 -56.39
N PHE W 118 5.15 24.85 -56.16
CA PHE W 118 4.93 23.49 -55.67
C PHE W 118 5.13 22.45 -56.76
N ALA W 119 4.84 22.79 -58.02
CA ALA W 119 5.14 21.86 -59.11
C ALA W 119 6.65 21.69 -59.29
N LYS W 120 7.40 22.78 -59.17
CA LYS W 120 8.84 22.67 -59.31
C LYS W 120 9.48 22.05 -58.09
N ARG W 121 8.86 22.21 -56.91
CA ARG W 121 9.32 21.45 -55.75
C ARG W 121 9.04 19.97 -55.92
N GLU W 122 7.93 19.63 -56.58
CA GLU W 122 7.64 18.24 -56.87
C GLU W 122 8.67 17.64 -57.83
N GLN W 123 9.13 18.41 -58.81
CA GLN W 123 10.13 17.84 -59.71
C GLN W 123 11.51 17.77 -59.05
N TRP W 124 11.85 18.71 -58.15
CA TRP W 124 13.07 18.56 -57.37
C TRP W 124 13.01 17.38 -56.42
N LYS W 125 11.83 17.10 -55.87
CA LYS W 125 11.72 15.97 -54.96
C LYS W 125 11.78 14.64 -55.71
N LYS W 126 11.25 14.61 -56.94
CA LYS W 126 11.44 13.44 -57.80
C LYS W 126 12.91 13.26 -58.17
N LEU W 127 13.62 14.37 -58.39
CA LEU W 127 15.04 14.30 -58.66
C LEU W 127 15.82 13.81 -57.46
N ARG W 128 15.36 14.12 -56.25
CA ARG W 128 15.97 13.56 -55.05
C ARG W 128 15.72 12.06 -54.95
N ARG W 129 14.47 11.64 -55.13
CA ARG W 129 14.11 10.24 -54.87
C ARG W 129 14.64 9.31 -55.94
N GLU W 130 14.69 9.77 -57.19
CA GLU W 130 15.13 8.90 -58.29
C GLU W 130 16.62 8.58 -58.19
N SER W 131 17.42 9.58 -57.82
CA SER W 131 18.88 9.46 -57.84
C SER W 131 19.47 9.30 -56.45
N TRP W 132 18.80 8.57 -55.56
CA TRP W 132 19.30 8.40 -54.21
C TRP W 132 20.04 7.09 -53.99
N GLU W 133 19.44 5.96 -54.37
CA GLU W 133 19.87 4.68 -53.81
C GLU W 133 21.19 4.21 -54.41
N ARG W 134 21.19 3.88 -55.71
CA ARG W 134 22.29 3.14 -56.29
C ARG W 134 23.53 4.01 -56.42
N GLU W 135 23.37 5.22 -56.96
CA GLU W 135 24.51 6.08 -57.25
C GLU W 135 25.19 6.57 -55.97
N VAL W 136 24.42 7.19 -55.08
CA VAL W 136 25.00 7.77 -53.87
C VAL W 136 25.48 6.68 -52.93
N LYS W 137 24.71 5.60 -52.74
CA LYS W 137 25.16 4.59 -51.80
C LYS W 137 26.30 3.75 -52.37
N GLN W 138 26.39 3.62 -53.70
CA GLN W 138 27.52 2.90 -54.26
C GLN W 138 28.80 3.74 -54.17
N LEU W 139 28.71 5.04 -54.42
CA LEU W 139 29.88 5.88 -54.24
C LEU W 139 30.28 6.05 -52.79
N GLN W 140 29.35 5.89 -51.85
CA GLN W 140 29.74 5.98 -50.45
C GLN W 140 30.21 4.66 -49.87
N GLU W 141 29.85 3.53 -50.46
CA GLU W 141 30.31 2.24 -49.97
C GLU W 141 31.27 1.55 -50.94
N GLU W 142 31.82 2.30 -51.90
CA GLU W 142 32.75 1.76 -52.87
C GLU W 142 34.17 2.24 -52.65
N THR W 143 34.37 3.55 -52.62
CA THR W 143 35.68 4.15 -52.42
C THR W 143 36.28 4.14 -50.99
N PRO W 144 35.53 4.27 -49.88
CA PRO W 144 36.21 4.26 -48.58
C PRO W 144 36.68 2.88 -48.15
N VAL W 145 37.64 2.91 -47.23
CA VAL W 145 38.15 1.75 -46.50
C VAL W 145 37.16 1.56 -45.34
N GLY W 146 37.31 0.47 -44.57
CA GLY W 146 36.51 0.29 -43.35
C GLY W 146 36.63 1.43 -42.36
N GLY W 147 37.76 2.13 -42.34
CA GLY W 147 37.87 3.41 -41.70
C GLY W 147 37.98 4.52 -42.71
N PRO W 148 37.11 5.53 -42.61
CA PRO W 148 37.12 6.61 -43.62
C PRO W 148 38.33 7.53 -43.50
N ARG W 149 38.76 7.85 -42.28
CA ARG W 149 39.98 8.58 -41.94
C ARG W 149 40.03 10.02 -42.46
N THR W 150 38.94 10.53 -43.00
CA THR W 150 38.81 11.92 -43.41
C THR W 150 37.33 12.23 -43.58
N GLU W 151 37.01 13.51 -43.72
CA GLU W 151 35.63 13.93 -43.87
C GLU W 151 35.33 14.60 -45.21
N ALA W 152 36.31 14.71 -46.09
CA ALA W 152 36.03 15.18 -47.44
C ALA W 152 35.39 14.05 -48.24
N LEU W 153 34.24 14.35 -48.85
CA LEU W 153 33.53 13.30 -49.57
C LEU W 153 33.69 13.49 -51.08
N PRO W 154 33.74 12.42 -51.87
CA PRO W 154 34.16 12.55 -53.26
C PRO W 154 33.06 13.13 -54.13
N PRO W 155 33.44 13.87 -55.18
CA PRO W 155 32.46 14.34 -56.15
C PRO W 155 31.92 13.21 -57.01
N ALA W 156 30.84 13.52 -57.71
CA ALA W 156 30.26 12.58 -58.68
C ALA W 156 30.85 12.89 -60.04
N ARG W 157 31.82 12.08 -60.45
CA ARG W 157 32.50 12.27 -61.72
C ARG W 157 32.44 11.03 -62.60
N LYS W 158 31.69 10.01 -62.19
CA LYS W 158 31.64 8.74 -62.91
C LYS W 158 31.06 8.90 -64.31
N GLN W 159 29.75 9.11 -64.42
CA GLN W 159 29.19 9.45 -65.71
C GLN W 159 28.27 10.67 -65.67
N GLY W 160 27.29 10.62 -64.78
CA GLY W 160 26.14 11.48 -64.85
C GLY W 160 25.89 12.42 -63.69
N ASP W 161 25.04 11.93 -62.79
CA ASP W 161 24.17 12.71 -61.93
C ASP W 161 24.84 13.35 -60.72
N LEU W 162 24.00 13.72 -59.76
CA LEU W 162 24.30 14.65 -58.70
C LEU W 162 25.38 14.11 -57.76
N PRO W 163 26.11 14.98 -57.06
CA PRO W 163 27.05 14.54 -56.03
C PRO W 163 26.34 13.87 -54.87
N PRO W 164 27.03 13.02 -54.12
CA PRO W 164 26.39 12.37 -52.98
C PRO W 164 26.20 13.33 -51.82
N LEU W 165 25.07 13.15 -51.12
CA LEU W 165 24.76 13.83 -49.87
C LEU W 165 24.68 15.35 -50.06
N TRP W 166 23.77 15.76 -50.93
CA TRP W 166 23.70 17.15 -51.34
C TRP W 166 22.47 17.87 -50.82
N TRP W 167 21.49 17.15 -50.27
CA TRP W 167 20.16 17.73 -50.12
C TRP W 167 20.11 18.78 -49.02
N HIS W 168 20.53 18.43 -47.82
CA HIS W 168 20.56 19.40 -46.73
C HIS W 168 21.78 20.31 -46.76
N ILE W 169 22.50 20.39 -47.88
CA ILE W 169 23.50 21.42 -48.09
C ILE W 169 23.06 22.39 -49.17
N VAL W 170 22.43 21.89 -50.24
CA VAL W 170 21.83 22.76 -51.24
C VAL W 170 20.61 23.47 -50.66
N THR W 171 19.64 22.71 -50.16
CA THR W 171 18.38 23.30 -49.73
C THR W 171 18.47 23.81 -48.28
N ARG W 172 19.37 24.76 -48.07
CA ARG W 172 19.46 25.52 -46.84
C ARG W 172 18.85 26.91 -47.03
N PRO W 173 18.38 27.56 -45.96
CA PRO W 173 17.74 28.87 -46.11
C PRO W 173 18.70 29.96 -46.57
N ARG W 174 18.11 31.08 -46.99
CA ARG W 174 18.84 32.10 -47.74
C ARG W 174 19.76 32.96 -46.90
N GLU W 175 19.70 32.84 -45.57
CA GLU W 175 20.50 33.57 -44.56
C GLU W 175 20.23 35.07 -44.52
N ARG W 176 19.35 35.59 -45.38
CA ARG W 176 18.74 36.90 -45.17
C ARG W 176 17.32 36.81 -45.71
N PRO W 177 16.41 36.20 -44.95
CA PRO W 177 15.06 35.98 -45.48
C PRO W 177 14.17 37.19 -45.29
N ALA X 5 12.46 60.35 -58.20
CA ALA X 5 13.09 59.14 -57.65
C ALA X 5 13.58 59.38 -56.24
N HIS X 6 13.65 58.31 -55.45
CA HIS X 6 14.20 58.41 -54.10
C HIS X 6 15.70 58.15 -54.17
N ILE X 7 16.32 57.93 -53.00
CA ILE X 7 17.77 57.88 -52.90
C ILE X 7 18.31 56.61 -53.56
N GLU X 8 19.60 56.64 -53.87
CA GLU X 8 20.30 55.47 -54.37
C GLU X 8 21.66 55.39 -53.69
N PRO X 9 22.20 54.20 -53.48
CA PRO X 9 23.54 54.10 -52.90
C PRO X 9 24.60 54.49 -53.92
N ARG X 10 25.68 55.08 -53.40
CA ARG X 10 26.83 55.37 -54.23
C ARG X 10 28.09 54.86 -53.56
N TYR X 11 29.09 54.58 -54.38
CA TYR X 11 30.23 53.73 -54.03
C TYR X 11 31.48 54.58 -53.89
N ARG X 12 32.15 54.44 -52.74
CA ARG X 12 33.44 55.08 -52.44
C ARG X 12 33.39 56.61 -52.55
N GLN X 13 32.23 57.21 -52.31
CA GLN X 13 32.09 58.65 -52.44
C GLN X 13 31.24 59.17 -51.28
N PHE X 14 31.32 60.47 -51.09
CA PHE X 14 30.44 61.16 -50.15
C PHE X 14 29.02 61.12 -50.69
N PRO X 15 28.03 60.79 -49.87
CA PRO X 15 26.66 60.64 -50.39
C PRO X 15 26.04 61.98 -50.73
N GLN X 16 24.95 61.92 -51.49
CA GLN X 16 24.22 63.13 -51.83
C GLN X 16 23.21 63.45 -50.74
N LEU X 17 22.86 64.73 -50.65
CA LEU X 17 21.98 65.23 -49.61
C LEU X 17 20.89 66.08 -50.25
N THR X 18 19.64 65.78 -49.92
CA THR X 18 18.57 66.70 -50.25
C THR X 18 18.68 67.94 -49.37
N ARG X 19 18.27 69.08 -49.93
CA ARG X 19 18.37 70.33 -49.20
C ARG X 19 17.37 70.41 -48.04
N SER X 20 16.32 69.60 -48.08
CA SER X 20 15.27 69.67 -47.07
C SER X 20 15.76 69.19 -45.71
N GLN X 21 16.38 68.01 -45.67
CA GLN X 21 16.83 67.45 -44.40
C GLN X 21 17.96 68.28 -43.79
N VAL X 22 18.84 68.82 -44.63
CA VAL X 22 19.90 69.66 -44.08
C VAL X 22 19.37 71.02 -43.64
N ILE X 23 18.30 71.53 -44.27
CA ILE X 23 17.81 72.82 -43.81
C ILE X 23 16.97 72.64 -42.54
N GLN X 24 16.29 71.51 -42.34
CA GLN X 24 15.68 71.28 -41.04
C GLN X 24 16.72 71.02 -39.95
N ALA X 25 17.85 70.38 -40.29
CA ALA X 25 18.90 70.18 -39.30
C ALA X 25 19.51 71.51 -38.85
N GLU X 26 19.81 72.39 -39.81
CA GLU X 26 20.34 73.71 -39.46
C GLU X 26 19.31 74.53 -38.70
N PHE X 27 18.03 74.42 -39.08
CA PHE X 27 16.97 75.16 -38.40
C PHE X 27 16.81 74.71 -36.94
N PHE X 28 16.89 73.40 -36.69
CA PHE X 28 16.68 72.94 -35.33
C PHE X 28 17.88 73.20 -34.43
N SER X 29 19.10 73.07 -34.96
CA SER X 29 20.27 73.45 -34.17
C SER X 29 20.30 74.96 -33.91
N ALA X 30 19.89 75.76 -34.89
CA ALA X 30 19.86 77.21 -34.70
C ALA X 30 18.79 77.62 -33.71
N THR X 31 17.65 76.92 -33.70
CA THR X 31 16.63 77.25 -32.71
C THR X 31 17.00 76.78 -31.32
N MET X 32 17.76 75.68 -31.21
CA MET X 32 18.32 75.30 -29.90
C MET X 32 19.24 76.37 -29.36
N TRP X 33 20.12 76.89 -30.21
CA TRP X 33 21.03 77.94 -29.78
C TRP X 33 20.29 79.24 -29.51
N PHE X 34 19.24 79.54 -30.30
CA PHE X 34 18.40 80.69 -30.05
C PHE X 34 17.66 80.59 -28.72
N TRP X 35 17.21 79.39 -28.37
CA TRP X 35 16.53 79.20 -27.10
C TRP X 35 17.48 79.36 -25.93
N ILE X 36 18.71 78.83 -26.04
CA ILE X 36 19.63 78.98 -24.92
C ILE X 36 20.08 80.43 -24.79
N LEU X 37 20.10 81.18 -25.89
CA LEU X 37 20.45 82.60 -25.78
C LEU X 37 19.32 83.41 -25.16
N TRP X 38 18.10 83.27 -25.68
CA TRP X 38 16.97 84.05 -25.19
C TRP X 38 16.53 83.60 -23.81
N ARG X 39 16.92 82.40 -23.39
CA ARG X 39 16.67 81.94 -22.04
C ARG X 39 17.82 82.27 -21.11
N PHE X 40 18.99 82.60 -21.67
CA PHE X 40 20.10 83.09 -20.86
C PHE X 40 19.88 84.54 -20.45
N TRP X 41 19.87 85.45 -21.42
CA TRP X 41 19.97 86.88 -21.16
C TRP X 41 18.67 87.47 -20.63
N HIS X 42 17.55 87.16 -21.27
CA HIS X 42 16.34 87.96 -21.12
C HIS X 42 15.65 87.77 -19.78
N ASP X 43 15.62 86.54 -19.27
CA ASP X 43 14.59 86.26 -18.28
C ASP X 43 15.09 85.68 -16.97
N SER X 44 16.17 84.89 -16.93
CA SER X 44 16.49 84.16 -15.72
C SER X 44 17.80 84.57 -15.07
N ASP X 45 18.92 84.42 -15.77
CA ASP X 45 20.28 84.53 -15.22
C ASP X 45 20.44 83.72 -13.93
N ALA X 46 20.04 82.45 -14.00
CA ALA X 46 20.07 81.57 -12.83
C ALA X 46 21.44 80.96 -12.57
N VAL X 47 22.42 81.17 -13.44
CA VAL X 47 23.77 80.70 -13.16
C VAL X 47 24.44 81.54 -12.10
N LEU X 48 23.97 82.76 -11.88
CA LEU X 48 24.41 83.56 -10.75
C LEU X 48 23.49 83.32 -9.58
N GLY X 49 23.93 83.74 -8.39
CA GLY X 49 23.22 83.38 -7.16
C GLY X 49 21.87 84.04 -6.99
N HIS X 50 21.67 85.22 -7.60
CA HIS X 50 20.44 86.03 -7.68
C HIS X 50 20.09 86.69 -6.34
N PHE X 51 20.83 86.34 -5.29
CA PHE X 51 20.75 86.99 -4.01
C PHE X 51 22.18 87.07 -3.51
N PRO X 52 22.59 88.18 -2.94
CA PRO X 52 23.93 88.25 -2.37
C PRO X 52 24.07 87.38 -1.14
N TYR X 53 24.78 86.28 -1.31
CA TYR X 53 25.20 85.49 -0.18
C TYR X 53 26.12 86.34 0.68
N PRO X 54 25.79 86.61 1.92
CA PRO X 54 26.57 87.55 2.70
C PRO X 54 27.88 86.96 3.20
N ASP X 55 28.56 87.73 4.02
CA ASP X 55 29.79 87.36 4.71
C ASP X 55 29.45 86.41 5.87
N PRO X 56 30.42 85.99 6.67
CA PRO X 56 30.09 85.61 8.05
C PRO X 56 29.26 86.68 8.72
N SER X 57 28.20 86.24 9.41
CA SER X 57 26.85 86.80 9.42
C SER X 57 26.74 88.32 9.27
N GLN X 58 27.45 89.06 10.12
CA GLN X 58 27.58 90.49 9.92
C GLN X 58 28.98 91.02 10.14
N TRP X 59 29.89 90.23 10.72
CA TRP X 59 31.19 90.69 11.23
C TRP X 59 31.02 91.89 12.17
N THR X 60 30.00 91.83 13.03
CA THR X 60 29.72 92.91 13.98
C THR X 60 29.70 92.33 15.38
N ASP X 61 30.76 92.58 16.14
CA ASP X 61 30.74 92.25 17.54
C ASP X 61 29.93 93.30 18.31
N GLU X 62 29.46 92.90 19.49
CA GLU X 62 28.58 93.53 20.48
C GLU X 62 27.13 93.59 19.99
N GLU X 63 26.91 93.23 18.74
CA GLU X 63 25.60 93.04 18.13
C GLU X 63 25.35 91.54 18.07
N LEU X 64 24.05 91.18 17.97
CA LEU X 64 23.48 89.82 17.92
C LEU X 64 23.56 89.10 19.27
N GLY X 65 24.23 89.72 20.23
CA GLY X 65 24.31 89.26 21.60
C GLY X 65 25.62 88.57 21.92
N ILE X 66 26.59 89.37 22.37
CA ILE X 66 27.78 88.92 23.08
C ILE X 66 28.15 89.95 24.13
N PRO X 67 28.65 89.50 25.26
CA PRO X 67 29.11 90.44 26.27
C PRO X 67 30.58 90.75 26.07
N PRO X 68 31.04 91.95 26.44
CA PRO X 68 32.47 92.23 26.39
C PRO X 68 33.21 91.52 27.50
N ASP X 69 34.41 91.02 27.17
CA ASP X 69 35.22 90.29 28.14
C ASP X 69 36.64 90.84 28.24
N SER Y 2 13.49 -0.31 -29.40
CA SER Y 2 14.49 -1.06 -30.13
C SER Y 2 15.90 -0.61 -29.75
N HIS Y 3 16.40 -1.11 -28.63
CA HIS Y 3 17.72 -0.70 -28.15
C HIS Y 3 18.33 -1.83 -27.33
N ILE Y 4 19.64 -1.95 -27.41
CA ILE Y 4 20.37 -3.02 -26.74
C ILE Y 4 20.44 -2.75 -25.25
N THR Y 5 20.23 -3.78 -24.45
CA THR Y 5 20.33 -3.64 -22.99
C THR Y 5 21.79 -3.39 -22.57
N LYS Y 6 22.75 -3.90 -23.33
CA LYS Y 6 24.16 -3.76 -23.01
C LYS Y 6 24.80 -2.52 -23.61
N ASP Y 7 24.02 -1.48 -23.90
CA ASP Y 7 24.57 -0.18 -24.21
C ASP Y 7 24.45 0.80 -23.05
N MET Y 8 23.85 0.38 -21.94
CA MET Y 8 23.92 1.11 -20.69
C MET Y 8 25.21 0.71 -19.97
N LEU Y 9 25.36 1.08 -18.71
CA LEU Y 9 26.68 1.13 -18.07
C LEU Y 9 26.68 0.72 -16.58
N PRO Y 10 26.52 -0.56 -16.28
CA PRO Y 10 26.70 -0.99 -14.88
C PRO Y 10 28.16 -1.18 -14.54
N GLY Y 11 28.49 -0.85 -13.30
CA GLY Y 11 29.79 -1.20 -12.74
C GLY Y 11 30.92 -0.29 -13.18
N PRO Y 12 31.95 -0.20 -12.34
CA PRO Y 12 33.09 0.65 -12.66
C PRO Y 12 34.10 -0.02 -13.58
N TYR Y 13 35.26 0.64 -13.67
CA TYR Y 13 36.35 0.19 -14.53
C TYR Y 13 36.91 -1.24 -14.37
N PRO Y 14 37.04 -1.87 -13.19
CA PRO Y 14 37.76 -3.16 -13.17
C PRO Y 14 36.95 -4.29 -13.78
N LYS Y 15 37.63 -5.21 -14.48
CA LYS Y 15 39.09 -5.25 -14.63
C LYS Y 15 39.59 -4.53 -15.87
N THR Y 16 40.91 -4.47 -16.00
CA THR Y 16 41.54 -3.55 -16.94
C THR Y 16 41.54 -3.94 -18.43
N PRO Y 17 41.72 -5.21 -18.88
CA PRO Y 17 41.58 -5.43 -20.33
C PRO Y 17 40.16 -5.33 -20.84
N GLU Y 18 39.25 -6.12 -20.25
CA GLU Y 18 37.96 -6.38 -20.87
C GLU Y 18 37.00 -5.22 -20.69
N GLU Y 19 36.90 -4.69 -19.48
CA GLU Y 19 35.95 -3.62 -19.23
C GLU Y 19 36.39 -2.31 -19.87
N ARG Y 20 37.70 -2.02 -19.89
CA ARG Y 20 38.17 -0.83 -20.58
C ARG Y 20 38.02 -0.97 -22.09
N ALA Y 21 38.25 -2.17 -22.63
CA ALA Y 21 38.04 -2.39 -24.06
C ALA Y 21 36.56 -2.24 -24.43
N ALA Y 22 35.68 -2.77 -23.58
CA ALA Y 22 34.24 -2.66 -23.83
C ALA Y 22 33.77 -1.22 -23.70
N ALA Y 23 34.28 -0.48 -22.72
CA ALA Y 23 33.87 0.91 -22.57
C ALA Y 23 34.43 1.79 -23.69
N ALA Y 24 35.64 1.50 -24.18
CA ALA Y 24 36.19 2.27 -25.28
C ALA Y 24 35.45 1.98 -26.59
N LYS Y 25 35.03 0.73 -26.79
CA LYS Y 25 34.20 0.45 -27.95
C LYS Y 25 32.77 0.95 -27.78
N LYS Y 26 32.32 1.16 -26.54
CA LYS Y 26 30.93 1.48 -26.27
C LYS Y 26 30.68 2.98 -26.25
N TYR Y 27 31.65 3.78 -25.86
CA TYR Y 27 31.49 5.22 -25.77
C TYR Y 27 32.05 5.95 -26.98
N ASN Y 28 32.54 5.23 -27.99
CA ASN Y 28 33.22 5.76 -29.16
C ASN Y 28 34.39 6.66 -28.76
N MET Y 29 35.26 6.13 -27.91
CA MET Y 29 36.38 6.88 -27.39
C MET Y 29 37.68 6.11 -27.61
N ARG Y 30 38.76 6.87 -27.61
CA ARG Y 30 40.09 6.28 -27.61
C ARG Y 30 40.34 5.64 -26.25
N VAL Y 31 41.19 4.61 -26.24
CA VAL Y 31 41.35 3.78 -25.03
C VAL Y 31 42.06 4.57 -23.92
N GLU Y 32 43.10 5.31 -24.26
CA GLU Y 32 43.75 6.10 -23.22
C GLU Y 32 43.01 7.39 -22.90
N ASP Y 33 42.03 7.77 -23.72
CA ASP Y 33 41.20 8.92 -23.39
C ASP Y 33 40.03 8.56 -22.48
N TYR Y 34 39.78 7.28 -22.26
CA TYR Y 34 38.72 6.86 -21.35
C TYR Y 34 39.22 6.92 -19.92
N GLU Y 35 38.51 7.67 -19.07
CA GLU Y 35 38.88 7.80 -17.67
C GLU Y 35 37.65 7.80 -16.79
N PRO Y 36 37.48 6.79 -15.94
CA PRO Y 36 36.44 6.86 -14.90
C PRO Y 36 36.86 7.81 -13.78
N TYR Y 37 35.98 8.02 -12.81
CA TYR Y 37 36.08 9.24 -12.00
C TYR Y 37 37.10 9.33 -10.86
N PRO Y 38 37.44 8.27 -10.09
CA PRO Y 38 37.12 6.84 -9.97
C PRO Y 38 35.92 6.54 -9.12
N ASP Y 39 35.90 5.29 -8.64
CA ASP Y 39 34.80 4.76 -7.84
C ASP Y 39 35.02 5.13 -6.38
N ASP Y 40 34.65 6.36 -6.04
CA ASP Y 40 34.51 6.76 -4.65
C ASP Y 40 33.14 6.43 -4.09
N GLY Y 41 32.24 5.88 -4.90
CA GLY Y 41 30.93 5.50 -4.45
C GLY Y 41 29.90 6.60 -4.49
N MET Y 42 30.12 7.65 -5.27
CA MET Y 42 29.14 8.72 -5.43
C MET Y 42 28.14 8.42 -6.54
N GLY Y 43 27.99 7.17 -6.92
CA GLY Y 43 27.21 6.83 -8.10
C GLY Y 43 28.11 6.76 -9.33
N TYR Y 44 27.75 7.53 -10.36
CA TYR Y 44 28.58 7.89 -11.51
C TYR Y 44 28.88 6.74 -12.47
N GLY Y 45 28.57 5.51 -12.07
CA GLY Y 45 28.80 4.33 -12.90
C GLY Y 45 30.24 4.20 -13.35
N ASP Y 46 30.42 4.22 -14.66
CA ASP Y 46 31.73 4.33 -15.27
C ASP Y 46 31.71 5.33 -16.41
N TYR Y 47 30.96 6.41 -16.23
CA TYR Y 47 30.86 7.43 -17.25
C TYR Y 47 32.17 8.23 -17.28
N PRO Y 48 32.64 8.63 -18.46
CA PRO Y 48 34.00 9.15 -18.58
C PRO Y 48 34.17 10.57 -18.03
N LYS Y 49 35.43 10.90 -17.77
CA LYS Y 49 35.84 12.25 -17.41
C LYS Y 49 36.40 12.93 -18.64
N LEU Y 50 35.95 14.15 -18.87
CA LEU Y 50 36.32 14.93 -20.05
C LEU Y 50 37.06 16.16 -19.54
N PRO Y 51 37.60 17.07 -20.40
CA PRO Y 51 38.21 18.30 -19.85
C PRO Y 51 37.23 19.35 -19.36
N ASP Y 52 35.95 19.01 -19.24
CA ASP Y 52 35.00 19.60 -18.30
C ASP Y 52 34.53 21.02 -18.63
N ARG Y 53 35.06 21.68 -19.66
CA ARG Y 53 34.62 23.04 -19.93
C ARG Y 53 33.92 23.16 -21.27
N SER Y 54 34.64 22.91 -22.37
CA SER Y 54 34.16 22.39 -23.64
C SER Y 54 32.96 23.06 -24.32
N GLN Y 55 32.54 24.28 -23.92
CA GLN Y 55 31.40 24.90 -24.58
C GLN Y 55 31.56 26.37 -24.94
N GLN Y 56 32.53 27.09 -24.39
CA GLN Y 56 32.97 28.32 -25.02
C GLN Y 56 34.27 28.13 -25.77
N GLU Y 57 34.84 26.92 -25.68
CA GLU Y 57 35.72 26.36 -26.69
C GLU Y 57 34.85 25.78 -27.80
N ARG Y 58 35.43 24.90 -28.63
CA ARG Y 58 34.79 24.31 -29.81
C ARG Y 58 34.38 25.42 -30.79
N ASP Y 59 35.42 25.98 -31.40
CA ASP Y 59 35.34 27.16 -32.25
C ASP Y 59 34.29 26.97 -33.34
N PRO Y 60 33.38 27.92 -33.51
CA PRO Y 60 32.08 27.63 -34.13
C PRO Y 60 32.11 27.61 -35.66
N TRP Y 61 33.29 27.47 -36.24
CA TRP Y 61 33.42 27.40 -37.67
C TRP Y 61 33.65 25.98 -38.17
N TYR Y 62 33.63 24.99 -37.28
CA TYR Y 62 33.79 23.60 -37.69
C TYR Y 62 32.57 23.06 -38.41
N ASP Y 63 31.39 23.63 -38.13
CA ASP Y 63 30.11 23.29 -38.77
C ASP Y 63 29.74 21.83 -38.57
N TRP Y 64 29.54 21.47 -37.30
CA TRP Y 64 29.03 20.16 -36.90
C TRP Y 64 27.52 20.13 -37.08
N ASP Y 65 26.87 19.14 -36.47
CA ASP Y 65 25.43 19.00 -36.67
C ASP Y 65 24.62 19.99 -35.83
N HIS Y 66 24.66 19.86 -34.50
CA HIS Y 66 23.78 20.65 -33.64
C HIS Y 66 24.44 22.00 -33.35
N PRO Y 67 23.97 23.10 -33.94
CA PRO Y 67 24.79 24.32 -33.94
C PRO Y 67 24.83 25.03 -32.61
N ASP Y 68 23.70 25.14 -31.93
CA ASP Y 68 23.63 25.84 -30.65
C ASP Y 68 23.81 24.90 -29.47
N LEU Y 69 24.36 23.71 -29.70
CA LEU Y 69 24.74 22.81 -28.61
C LEU Y 69 26.19 22.37 -28.64
N ARG Y 70 26.92 22.58 -29.74
CA ARG Y 70 28.33 22.24 -29.90
C ARG Y 70 28.60 20.74 -29.81
N LEU Y 71 27.59 19.90 -30.05
CA LEU Y 71 27.76 18.45 -30.08
C LEU Y 71 27.79 17.93 -31.50
N ASN Y 72 28.22 16.67 -31.65
CA ASN Y 72 28.47 16.11 -32.97
C ASN Y 72 27.97 14.67 -33.06
N TRP Y 73 26.88 14.34 -32.34
CA TRP Y 73 26.10 13.11 -32.43
C TRP Y 73 26.81 11.87 -31.88
N GLY Y 74 28.11 11.96 -31.59
CA GLY Y 74 28.80 10.77 -31.17
C GLY Y 74 29.86 11.05 -30.12
N GLU Y 75 29.92 12.29 -29.67
CA GLU Y 75 30.76 12.61 -28.54
C GLU Y 75 30.14 12.01 -27.28
N PRO Y 76 30.96 11.68 -26.26
CA PRO Y 76 30.41 11.02 -25.08
C PRO Y 76 29.54 11.89 -24.18
N MET Y 77 29.37 13.19 -24.48
CA MET Y 77 28.41 14.08 -23.82
C MET Y 77 28.62 14.17 -22.32
N HIS Y 78 29.65 14.92 -21.92
CA HIS Y 78 30.11 15.12 -20.54
C HIS Y 78 28.99 15.25 -19.53
N TRP Y 79 29.21 14.66 -18.36
CA TRP Y 79 28.17 14.35 -17.37
C TRP Y 79 27.38 15.57 -16.91
N ASP Y 80 28.01 16.74 -16.92
CA ASP Y 80 27.40 17.96 -16.43
C ASP Y 80 26.93 18.87 -17.55
N LEU Y 81 26.43 18.31 -18.66
CA LEU Y 81 26.14 19.09 -19.84
C LEU Y 81 24.94 20.03 -19.65
N ASP Y 82 24.04 19.70 -18.72
CA ASP Y 82 22.92 20.59 -18.43
C ASP Y 82 23.37 21.90 -17.79
N MET Y 83 24.52 21.89 -17.12
CA MET Y 83 25.09 23.08 -16.53
C MET Y 83 26.06 23.77 -17.49
N TYR Y 84 26.30 23.19 -18.66
CA TYR Y 84 27.37 23.68 -19.52
C TYR Y 84 26.93 24.32 -20.82
N ILE Y 85 25.64 24.30 -21.16
CA ILE Y 85 25.23 24.88 -22.43
C ILE Y 85 25.45 26.40 -22.38
N ARG Y 86 25.81 26.98 -23.51
CA ARG Y 86 25.65 28.41 -23.68
C ARG Y 86 24.19 28.78 -23.43
N ASN Y 87 24.00 29.87 -22.67
CA ASN Y 87 22.90 30.39 -21.85
C ASN Y 87 22.84 29.80 -20.45
N ARG Y 88 23.81 28.98 -20.05
CA ARG Y 88 23.87 28.59 -18.65
C ARG Y 88 25.15 29.01 -17.96
N VAL Y 89 26.31 28.56 -18.42
CA VAL Y 89 27.61 28.87 -17.80
C VAL Y 89 28.63 29.04 -18.90
N ASP Y 90 29.36 30.14 -18.89
CA ASP Y 90 30.44 30.39 -19.85
C ASP Y 90 31.77 30.40 -19.11
N THR Y 91 32.52 29.30 -19.23
CA THR Y 91 33.87 29.24 -18.69
C THR Y 91 34.89 29.53 -19.79
N SER Y 92 34.82 30.75 -20.30
CA SER Y 92 35.78 31.21 -21.30
C SER Y 92 37.13 31.46 -20.63
N PRO Y 93 38.22 31.39 -21.40
CA PRO Y 93 39.48 31.93 -20.89
C PRO Y 93 39.41 33.43 -20.75
N THR Y 94 39.50 33.90 -19.51
CA THR Y 94 39.27 35.29 -19.20
C THR Y 94 40.40 36.16 -19.74
N PRO Y 95 40.13 37.44 -20.05
CA PRO Y 95 41.20 38.31 -20.52
C PRO Y 95 42.24 38.66 -19.48
N VAL Y 96 41.95 38.49 -18.18
CA VAL Y 96 42.95 38.91 -17.20
C VAL Y 96 43.51 37.73 -16.41
N ASN Y 97 42.70 37.15 -15.53
CA ASN Y 97 43.10 36.16 -14.52
C ASN Y 97 41.84 35.59 -13.88
N TRP Y 98 41.96 34.95 -12.74
CA TRP Y 98 40.79 34.88 -11.87
C TRP Y 98 41.07 35.38 -10.47
N ASN Y 99 42.23 35.03 -9.90
CA ASN Y 99 42.55 35.42 -8.54
C ASN Y 99 42.83 36.91 -8.44
N LEU Y 100 43.55 37.45 -9.42
CA LEU Y 100 43.81 38.89 -9.46
C LEU Y 100 42.52 39.69 -9.63
N MET Y 101 41.56 39.14 -10.40
CA MET Y 101 40.27 39.78 -10.56
C MET Y 101 39.49 39.84 -9.26
N CYS Y 102 39.41 38.71 -8.54
CA CYS Y 102 38.62 38.73 -7.31
C CYS Y 102 39.31 39.56 -6.22
N LYS Y 103 40.65 39.63 -6.23
CA LYS Y 103 41.35 40.51 -5.31
C LYS Y 103 41.04 41.97 -5.57
N HIS Y 104 41.10 42.40 -6.84
CA HIS Y 104 40.79 43.79 -7.16
C HIS Y 104 39.35 44.15 -6.84
N LEU Y 105 38.41 43.23 -7.10
CA LEU Y 105 37.00 43.54 -6.86
C LEU Y 105 36.71 43.65 -5.38
N PHE Y 106 37.15 42.68 -4.57
CA PHE Y 106 36.85 42.73 -3.15
C PHE Y 106 37.57 43.87 -2.46
N GLY Y 107 38.78 44.21 -2.92
CA GLY Y 107 39.46 45.38 -2.39
C GLY Y 107 38.74 46.67 -2.72
N PHE Y 108 38.20 46.78 -3.94
CA PHE Y 108 37.49 47.99 -4.32
C PHE Y 108 36.17 48.15 -3.59
N VAL Y 109 35.43 47.06 -3.39
CA VAL Y 109 34.17 47.13 -2.65
C VAL Y 109 34.43 47.44 -1.19
N ALA Y 110 35.50 46.87 -0.62
CA ALA Y 110 35.87 47.20 0.75
C ALA Y 110 36.29 48.66 0.88
N PHE Y 111 36.97 49.21 -0.13
CA PHE Y 111 37.37 50.61 -0.08
C PHE Y 111 36.16 51.53 -0.18
N MET Y 112 35.19 51.20 -1.04
CA MET Y 112 34.01 52.06 -1.15
C MET Y 112 33.18 52.03 0.12
N LEU Y 113 33.01 50.85 0.74
CA LEU Y 113 32.24 50.80 1.98
C LEU Y 113 32.99 51.41 3.15
N PHE Y 114 34.33 51.33 3.15
CA PHE Y 114 35.11 52.00 4.18
C PHE Y 114 35.00 53.51 4.07
N MET Y 115 35.02 54.05 2.85
CA MET Y 115 34.88 55.49 2.72
C MET Y 115 33.45 55.93 3.01
N PHE Y 116 32.46 55.07 2.74
CA PHE Y 116 31.10 55.39 3.16
C PHE Y 116 30.96 55.41 4.69
N TRP Y 117 31.68 54.53 5.39
CA TRP Y 117 31.65 54.57 6.85
C TRP Y 117 32.34 55.82 7.39
N VAL Y 118 33.49 56.19 6.79
CA VAL Y 118 34.19 57.42 7.15
C VAL Y 118 33.31 58.63 6.87
N GLY Y 119 32.50 58.58 5.81
CA GLY Y 119 31.52 59.62 5.60
C GLY Y 119 30.43 59.64 6.65
N GLU Y 120 29.90 58.46 7.01
CA GLU Y 120 28.81 58.37 7.97
C GLU Y 120 29.20 58.79 9.37
N THR Y 121 30.49 58.71 9.72
CA THR Y 121 30.89 59.27 11.00
C THR Y 121 31.23 60.76 10.90
N TYR Y 122 31.58 61.27 9.73
CA TYR Y 122 32.03 62.65 9.55
C TYR Y 122 31.17 63.34 8.50
N PRO Y 123 30.01 63.86 8.87
CA PRO Y 123 29.14 64.51 7.88
C PRO Y 123 29.61 65.92 7.56
N THR Y 124 28.98 66.49 6.53
CA THR Y 124 29.07 67.91 6.22
C THR Y 124 27.72 68.58 6.44
N TYR Y 125 27.77 69.90 6.61
CA TYR Y 125 26.62 70.70 6.97
C TYR Y 125 26.94 72.16 6.66
N GLN Y 126 25.94 72.88 6.24
CA GLN Y 126 26.27 74.29 6.06
C GLN Y 126 26.08 75.04 7.39
N PRO Y 127 26.84 76.13 7.63
CA PRO Y 127 26.79 76.76 8.95
C PRO Y 127 25.48 77.49 9.18
N VAL Y 128 24.56 76.79 9.85
CA VAL Y 128 23.13 77.10 9.86
C VAL Y 128 22.54 76.45 11.10
N GLY Y 129 21.71 77.19 11.85
CA GLY Y 129 21.01 76.63 12.98
C GLY Y 129 19.85 75.73 12.60
N PRO Y 130 18.85 75.64 13.46
CA PRO Y 130 17.69 74.81 13.14
C PRO Y 130 16.74 75.54 12.20
N LYS Y 131 15.77 74.80 11.68
CA LYS Y 131 14.60 75.38 11.04
C LYS Y 131 13.64 75.80 12.14
N GLN Y 132 13.43 77.11 12.29
CA GLN Y 132 12.58 77.61 13.36
C GLN Y 132 11.13 77.59 12.90
N TYR Y 133 10.30 76.83 13.60
CA TYR Y 133 8.87 76.65 13.40
C TYR Y 133 8.08 77.56 14.34
N PRO Y 134 7.04 78.21 13.83
CA PRO Y 134 6.39 79.28 14.60
C PRO Y 134 5.62 78.84 15.85
N TYR Y 135 4.73 77.87 15.72
CA TYR Y 135 3.74 77.59 16.75
C TYR Y 135 4.12 76.31 17.49
N ASN Y 136 4.99 76.46 18.48
CA ASN Y 136 5.40 75.42 19.43
C ASN Y 136 6.01 74.21 18.71
N ASN Y 137 7.04 74.50 17.90
CA ASN Y 137 7.70 73.53 17.01
C ASN Y 137 6.68 72.88 16.08
N LEU Y 138 5.78 73.71 15.55
CA LEU Y 138 4.65 73.31 14.71
C LEU Y 138 3.79 72.26 15.41
N TYR Y 139 3.32 72.63 16.60
CA TYR Y 139 2.42 71.77 17.32
C TYR Y 139 1.02 71.92 16.72
N LEU Y 140 0.15 70.96 17.05
CA LEU Y 140 -1.21 70.72 16.54
C LEU Y 140 -1.24 70.27 15.09
N GLU Y 141 -0.11 70.24 14.40
CA GLU Y 141 0.01 69.63 13.09
C GLU Y 141 1.02 68.50 13.11
N ARG Y 142 1.56 68.20 14.29
CA ARG Y 142 2.16 66.90 14.61
C ARG Y 142 1.04 65.95 15.02
N GLY Y 143 1.40 64.85 15.68
CA GLY Y 143 0.48 63.76 16.00
C GLY Y 143 -0.79 64.14 16.76
N GLY Y 144 -0.79 65.27 17.46
CA GLY Y 144 -2.03 65.76 18.01
C GLY Y 144 -1.96 66.22 19.45
N ASP Y 145 -2.78 65.57 20.32
CA ASP Y 145 -3.05 65.96 21.70
C ASP Y 145 -3.49 67.41 21.75
N PRO Y 146 -4.74 67.70 21.39
CA PRO Y 146 -5.14 69.09 21.11
C PRO Y 146 -5.15 69.98 22.34
N ASN Y 147 -5.43 69.45 23.51
CA ASN Y 147 -5.45 70.23 24.74
C ASN Y 147 -4.56 69.65 25.83
N LYS Y 148 -3.85 68.56 25.54
CA LYS Y 148 -3.05 67.90 26.58
C LYS Y 148 -1.78 68.68 26.88
N GLU Y 149 -0.94 68.91 25.87
CA GLU Y 149 0.37 69.51 26.05
C GLU Y 149 0.55 70.75 25.19
N PRO Y 150 0.07 71.91 25.63
CA PRO Y 150 0.62 73.15 25.08
C PRO Y 150 1.99 73.41 25.67
N GLU Y 151 3.04 73.14 24.89
CA GLU Y 151 4.39 73.18 25.41
C GLU Y 151 4.99 74.56 25.18
N PRO Y 152 5.34 75.29 26.23
CA PRO Y 152 5.85 76.66 26.04
C PRO Y 152 7.26 76.68 25.47
N VAL Y 153 7.35 77.03 24.18
CA VAL Y 153 8.63 77.28 23.53
C VAL Y 153 8.43 78.40 22.52
N VAL Y 154 9.35 79.36 22.52
CA VAL Y 154 9.26 80.54 21.67
C VAL Y 154 10.55 80.68 20.88
N HIS Y 155 10.49 81.48 19.83
CA HIS Y 155 11.66 81.88 19.09
C HIS Y 155 11.85 83.38 19.22
N TYR Y 156 13.11 83.83 19.16
CA TYR Y 156 13.46 85.22 19.28
C TYR Y 156 14.13 85.70 18.01
N GLU Y 157 13.83 86.93 17.60
CA GLU Y 157 14.56 87.53 16.49
C GLU Y 157 15.99 87.84 16.91
N ILE Y 158 16.93 87.63 16.00
CA ILE Y 158 18.33 87.91 16.27
C ILE Y 158 18.81 89.00 15.33
N PRO Z 22 23.34 -17.97 -33.16
CA PRO Z 22 22.28 -18.79 -33.77
C PRO Z 22 20.93 -18.60 -33.08
N THR Z 23 20.62 -17.38 -32.69
CA THR Z 23 19.42 -17.12 -31.91
C THR Z 23 18.87 -15.73 -32.24
N LEU Z 24 17.58 -15.55 -31.99
CA LEU Z 24 16.92 -14.27 -32.19
C LEU Z 24 16.14 -13.86 -30.96
N ARG Z 25 15.57 -14.84 -30.26
CA ARG Z 25 14.73 -14.76 -29.07
C ARG Z 25 13.40 -14.04 -29.29
N TRP Z 26 13.07 -13.67 -30.53
CA TRP Z 26 11.81 -13.00 -30.79
C TRP Z 26 11.28 -13.44 -32.14
N GLN Z 27 10.00 -13.16 -32.36
CA GLN Z 27 9.37 -13.51 -33.63
C GLN Z 27 8.38 -12.45 -34.09
N GLU Z 28 8.21 -11.36 -33.36
CA GLU Z 28 7.11 -10.43 -33.61
C GLU Z 28 7.44 -9.49 -34.77
N ASP Z 29 6.54 -8.54 -35.00
CA ASP Z 29 6.66 -7.63 -36.12
C ASP Z 29 7.77 -6.62 -35.88
N PRO Z 30 8.46 -6.18 -36.92
CA PRO Z 30 9.27 -4.96 -36.82
C PRO Z 30 8.33 -3.77 -36.62
N GLU Z 31 8.53 -3.05 -35.53
CA GLU Z 31 7.53 -2.12 -35.04
C GLU Z 31 8.16 -0.78 -34.70
N PRO Z 32 7.40 0.32 -34.82
CA PRO Z 32 6.08 0.45 -35.46
C PRO Z 32 6.15 1.17 -36.80
N GLU Z 33 5.00 1.45 -37.38
CA GLU Z 33 4.86 2.45 -38.43
C GLU Z 33 4.25 3.69 -37.81
N ASP Z 34 4.92 4.83 -37.97
CA ASP Z 34 4.48 6.08 -37.36
C ASP Z 34 3.22 6.58 -38.07
N GLU Z 35 2.12 6.60 -37.34
CA GLU Z 35 0.80 6.88 -37.92
C GLU Z 35 0.66 8.39 -38.14
N ASN Z 36 1.04 8.85 -39.32
CA ASN Z 36 0.73 10.22 -39.70
C ASN Z 36 -0.77 10.34 -39.92
N LEU Z 37 -1.45 11.07 -39.03
CA LEU Z 37 -2.90 11.16 -39.08
C LEU Z 37 -3.38 12.02 -40.24
N TYR Z 38 -2.48 12.81 -40.82
CA TYR Z 38 -2.75 13.51 -42.06
C TYR Z 38 -2.53 12.55 -43.23
N GLU Z 39 -2.47 13.09 -44.44
CA GLU Z 39 -2.17 12.43 -45.72
C GLU Z 39 -3.26 11.45 -46.16
N LYS Z 40 -4.35 11.31 -45.40
CA LYS Z 40 -5.58 10.71 -45.91
C LYS Z 40 -6.80 11.57 -45.66
N ASN Z 41 -6.77 12.47 -44.69
CA ASN Z 41 -7.79 13.51 -44.55
C ASN Z 41 -7.06 14.84 -44.37
N PRO Z 42 -7.02 15.67 -45.39
CA PRO Z 42 -6.33 16.97 -45.24
C PRO Z 42 -7.16 17.96 -44.45
N ASP Z 43 -8.48 17.79 -44.46
CA ASP Z 43 -9.38 18.61 -43.67
C ASP Z 43 -9.62 18.06 -42.27
N SER Z 44 -8.72 17.21 -41.78
CA SER Z 44 -8.99 16.45 -40.57
C SER Z 44 -8.88 17.32 -39.33
N HIS Z 45 -9.73 17.01 -38.37
CA HIS Z 45 -9.58 17.48 -37.01
C HIS Z 45 -8.70 16.47 -36.27
N GLY Z 46 -8.72 16.49 -34.94
CA GLY Z 46 -7.61 15.97 -34.15
C GLY Z 46 -7.38 14.48 -34.27
N TYR Z 47 -8.43 13.68 -34.19
CA TYR Z 47 -8.24 12.24 -34.13
C TYR Z 47 -8.56 11.57 -35.47
N ASP Z 48 -8.64 10.23 -35.45
CA ASP Z 48 -8.46 9.34 -36.58
C ASP Z 48 -9.45 9.48 -37.73
N LYS Z 49 -9.24 8.66 -38.76
CA LYS Z 49 -9.55 8.96 -40.15
C LYS Z 49 -11.01 8.78 -40.52
N ASP Z 50 -11.92 8.65 -39.57
CA ASP Z 50 -13.33 8.66 -39.96
C ASP Z 50 -13.77 10.10 -40.23
N PRO Z 51 -14.39 10.37 -41.37
CA PRO Z 51 -14.64 11.76 -41.76
C PRO Z 51 -15.80 12.41 -41.02
N ALA Z 52 -16.86 11.66 -40.72
CA ALA Z 52 -18.05 12.26 -40.15
C ALA Z 52 -17.93 12.46 -38.66
N VAL Z 53 -17.51 11.43 -37.93
CA VAL Z 53 -17.54 11.50 -36.48
C VAL Z 53 -16.44 12.39 -35.94
N ASP Z 54 -15.39 12.65 -36.72
CA ASP Z 54 -14.41 13.65 -36.31
C ASP Z 54 -15.03 15.04 -36.31
N VAL Z 55 -15.84 15.33 -37.34
CA VAL Z 55 -16.59 16.59 -37.39
C VAL Z 55 -17.59 16.67 -36.25
N TRP Z 56 -18.24 15.54 -35.93
CA TRP Z 56 -19.18 15.55 -34.81
C TRP Z 56 -18.46 15.74 -33.47
N ASN Z 57 -17.25 15.22 -33.32
CA ASN Z 57 -16.50 15.45 -32.08
C ASN Z 57 -16.11 16.91 -31.94
N MET Z 58 -15.61 17.52 -33.02
CA MET Z 58 -15.24 18.93 -32.97
C MET Z 58 -16.45 19.80 -32.66
N ARG Z 59 -17.59 19.49 -33.29
CA ARG Z 59 -18.79 20.27 -33.06
C ARG Z 59 -19.31 20.09 -31.64
N VAL Z 60 -19.21 18.89 -31.07
CA VAL Z 60 -19.76 18.71 -29.73
C VAL Z 60 -18.81 19.27 -28.67
N VAL Z 61 -17.49 19.28 -28.89
CA VAL Z 61 -16.62 19.85 -27.87
C VAL Z 61 -16.65 21.37 -27.95
N PHE Z 62 -16.84 21.95 -29.12
CA PHE Z 62 -16.88 23.41 -29.12
C PHE Z 62 -18.28 23.97 -28.93
N PHE Z 63 -19.32 23.14 -28.99
CA PHE Z 63 -20.65 23.62 -28.62
C PHE Z 63 -20.98 23.28 -27.17
N PHE Z 64 -21.02 21.98 -26.84
CA PHE Z 64 -21.34 21.56 -25.48
C PHE Z 64 -20.13 21.55 -24.56
N GLY Z 65 -19.09 22.33 -24.87
CA GLY Z 65 -18.00 22.53 -23.96
C GLY Z 65 -17.69 24.00 -23.77
N PHE Z 66 -18.10 24.82 -24.73
CA PHE Z 66 -17.92 26.27 -24.68
C PHE Z 66 -19.24 27.02 -24.76
N SER Z 67 -20.05 26.73 -25.76
CA SER Z 67 -21.23 27.54 -26.04
C SER Z 67 -22.36 27.32 -25.03
N ILE Z 68 -22.29 26.28 -24.21
CA ILE Z 68 -23.38 26.04 -23.27
C ILE Z 68 -22.79 25.78 -21.89
N VAL Z 69 -21.48 25.54 -21.82
CA VAL Z 69 -20.85 25.25 -20.54
C VAL Z 69 -20.16 26.48 -20.01
N LEU Z 70 -19.21 26.99 -20.79
CA LEU Z 70 -18.31 28.02 -20.31
C LEU Z 70 -19.03 29.36 -20.15
N VAL Z 71 -19.79 29.75 -21.17
CA VAL Z 71 -20.44 31.07 -21.13
C VAL Z 71 -21.63 31.05 -20.16
N LEU Z 72 -22.39 29.96 -20.12
CA LEU Z 72 -23.49 29.88 -19.17
C LEU Z 72 -23.00 29.69 -17.74
N GLY Z 73 -21.86 29.03 -17.56
CA GLY Z 73 -21.25 28.97 -16.25
C GLY Z 73 -20.74 30.32 -15.80
N SER Z 74 -20.21 31.12 -16.75
CA SER Z 74 -19.79 32.48 -16.44
C SER Z 74 -20.97 33.34 -16.02
N THR Z 75 -22.10 33.20 -16.70
CA THR Z 75 -23.28 33.96 -16.28
C THR Z 75 -23.87 33.43 -14.99
N PHE Z 76 -23.71 32.14 -14.71
CA PHE Z 76 -24.32 31.59 -13.50
C PHE Z 76 -23.53 32.00 -12.26
N VAL Z 77 -22.21 31.88 -12.29
CA VAL Z 77 -21.44 32.21 -11.09
C VAL Z 77 -20.93 33.64 -11.19
N ALA Z 78 -21.33 34.35 -12.24
CA ALA Z 78 -21.09 35.79 -12.28
C ALA Z 78 -21.95 36.50 -11.26
N TYR Z 79 -23.20 36.05 -11.13
CA TYR Z 79 -24.13 36.59 -10.16
C TYR Z 79 -25.17 35.52 -9.85
N LEU Z 80 -25.53 35.46 -8.59
CA LEU Z 80 -26.21 34.35 -7.95
C LEU Z 80 -26.66 34.97 -6.64
N PRO Z 81 -27.31 34.27 -5.70
CA PRO Z 81 -27.44 34.85 -4.36
C PRO Z 81 -26.11 35.16 -3.71
N ASP Z 82 -26.14 36.11 -2.78
CA ASP Z 82 -24.92 36.70 -2.23
C ASP Z 82 -24.13 35.65 -1.45
N TYR Z 83 -23.05 35.20 -2.07
CA TYR Z 83 -22.32 34.03 -1.63
C TYR Z 83 -21.59 34.30 -0.33
N ARG Z 84 -21.81 33.42 0.65
CA ARG Z 84 -21.28 33.51 2.02
C ARG Z 84 -21.73 34.77 2.74
N MET Z 85 -22.90 35.31 2.36
CA MET Z 85 -23.61 36.39 3.06
C MET Z 85 -22.75 37.65 3.19
N GLN Z 86 -22.45 38.25 2.04
CA GLN Z 86 -21.60 39.44 2.03
C GLN Z 86 -22.39 40.74 1.97
N GLU Z 87 -23.29 40.89 1.00
CA GLU Z 87 -24.02 42.15 0.86
C GLU Z 87 -25.09 42.31 1.93
N TRP Z 88 -25.65 41.19 2.41
CA TRP Z 88 -26.47 41.24 3.61
C TRP Z 88 -25.67 41.76 4.79
N ALA Z 89 -24.41 41.33 4.91
CA ALA Z 89 -23.57 41.79 6.00
C ALA Z 89 -23.26 43.28 5.87
N ARG Z 90 -23.08 43.75 4.63
CA ARG Z 90 -22.92 45.19 4.36
C ARG Z 90 -24.13 45.98 4.85
N ARG Z 91 -25.34 45.56 4.45
CA ARG Z 91 -26.53 46.34 4.76
C ARG Z 91 -26.87 46.26 6.24
N GLU Z 92 -26.66 45.10 6.86
CA GLU Z 92 -26.91 44.97 8.29
C GLU Z 92 -25.91 45.77 9.10
N ALA Z 93 -24.66 45.85 8.65
CA ALA Z 93 -23.69 46.68 9.35
C ALA Z 93 -23.98 48.16 9.19
N GLU Z 94 -24.49 48.58 8.03
CA GLU Z 94 -24.91 49.97 7.86
C GLU Z 94 -26.01 50.34 8.84
N ARG Z 95 -27.03 49.47 8.94
CA ARG Z 95 -28.13 49.74 9.87
C ARG Z 95 -27.66 49.74 11.31
N LEU Z 96 -26.77 48.80 11.67
CA LEU Z 96 -26.36 48.70 13.06
C LEU Z 96 -25.39 49.81 13.46
N VAL Z 97 -24.54 50.28 12.55
CA VAL Z 97 -23.67 51.40 12.88
C VAL Z 97 -24.48 52.69 12.97
N LYS Z 98 -25.52 52.84 12.14
CA LYS Z 98 -26.40 54.00 12.27
C LYS Z 98 -27.12 53.99 13.62
N TYR Z 99 -27.58 52.82 14.06
CA TYR Z 99 -28.23 52.69 15.36
C TYR Z 99 -27.28 53.00 16.51
N ARG Z 100 -26.12 52.33 16.54
CA ARG Z 100 -25.20 52.49 17.64
C ARG Z 100 -24.51 53.84 17.66
N GLU Z 101 -24.48 54.56 16.55
CA GLU Z 101 -24.01 55.94 16.63
C GLU Z 101 -25.13 56.89 17.03
N ALA Z 102 -26.37 56.59 16.68
CA ALA Z 102 -27.46 57.46 17.10
C ALA Z 102 -27.87 57.24 18.55
N HIS Z 103 -27.37 56.22 19.22
CA HIS Z 103 -27.76 55.98 20.62
C HIS Z 103 -26.58 55.96 21.58
N GLY Z 104 -25.63 56.88 21.40
CA GLY Z 104 -24.66 57.18 22.43
C GLY Z 104 -23.54 56.19 22.69
N LEU Z 105 -23.89 54.91 22.77
CA LEU Z 105 -22.94 53.87 23.14
C LEU Z 105 -21.88 53.69 22.04
N PRO Z 106 -20.67 53.24 22.39
CA PRO Z 106 -19.64 53.06 21.36
C PRO Z 106 -19.95 51.84 20.50
N LEU Z 107 -19.73 52.01 19.20
CA LEU Z 107 -19.93 50.93 18.26
C LEU Z 107 -18.89 49.84 18.49
N MET Z 108 -19.36 48.60 18.43
CA MET Z 108 -18.62 47.41 18.86
C MET Z 108 -18.10 47.57 20.29
N GLU Z 109 -19.04 47.57 21.22
CA GLU Z 109 -18.68 47.33 22.61
C GLU Z 109 -18.01 45.96 22.72
N SER Z 110 -16.91 45.91 23.45
CA SER Z 110 -16.21 44.65 23.67
C SER Z 110 -17.01 43.77 24.63
N ASN Z 111 -16.44 42.59 24.93
CA ASN Z 111 -17.05 41.57 25.77
C ASN Z 111 -18.40 41.14 25.19
N CYS Z 112 -18.32 40.45 24.05
CA CYS Z 112 -19.50 40.05 23.27
C CYS Z 112 -20.46 39.16 24.05
N PHE Z 113 -19.99 38.47 25.08
CA PHE Z 113 -20.88 37.80 26.01
C PHE Z 113 -20.98 38.64 27.28
N ASP Z 114 -22.21 38.90 27.69
CA ASP Z 114 -22.54 39.80 28.78
C ASP Z 114 -21.95 39.29 30.09
N PRO Z 115 -21.15 40.09 30.81
CA PRO Z 115 -20.58 39.61 32.08
C PRO Z 115 -21.59 39.44 33.20
N SER Z 116 -22.85 39.84 33.02
CA SER Z 116 -23.89 39.36 33.91
C SER Z 116 -24.08 37.86 33.76
N LYS Z 117 -24.00 37.36 32.53
CA LYS Z 117 -24.18 35.94 32.25
C LYS Z 117 -22.84 35.20 32.21
N ILE Z 118 -22.04 35.36 33.25
CA ILE Z 118 -20.78 34.64 33.37
C ILE Z 118 -20.58 34.32 34.85
N GLN Z 119 -19.89 33.22 35.13
CA GLN Z 119 -19.62 32.79 36.50
C GLN Z 119 -18.18 32.29 36.55
N LEU Z 120 -17.29 33.09 37.10
CA LEU Z 120 -15.90 32.69 37.15
C LEU Z 120 -15.66 31.73 38.32
N PRO Z 121 -14.77 30.75 38.13
CA PRO Z 121 -14.31 29.98 39.29
C PRO Z 121 -13.50 30.84 40.23
N GLU Z 122 -13.79 30.72 41.52
CA GLU Z 122 -13.17 31.58 42.53
C GLU Z 122 -11.72 31.20 42.75
N ASP Z 123 -11.07 31.92 43.66
CA ASP Z 123 -9.67 31.68 43.99
C ASP Z 123 -9.48 31.74 45.50
N LYS AA 1 -25.05 -28.03 -41.35
CA LYS AA 1 -24.52 -26.75 -41.82
C LYS AA 1 -23.48 -26.21 -40.86
N PHE AA 2 -22.33 -25.83 -41.40
CA PHE AA 2 -21.25 -25.04 -40.80
C PHE AA 2 -20.50 -25.78 -39.70
N TYR AA 3 -20.92 -26.98 -39.30
CA TYR AA 3 -20.36 -27.64 -38.13
C TYR AA 3 -20.12 -29.12 -38.41
N ILE AA 4 -18.87 -29.48 -38.64
CA ILE AA 4 -18.46 -30.86 -38.43
C ILE AA 4 -18.62 -31.16 -36.95
N GLN AA 5 -19.14 -32.36 -36.65
CA GLN AA 5 -19.38 -32.91 -35.30
C GLN AA 5 -20.14 -31.90 -34.41
N GLU AA 6 -21.43 -31.73 -34.79
CA GLU AA 6 -22.46 -30.82 -34.29
C GLU AA 6 -22.40 -30.62 -32.78
N PRO AA 7 -22.58 -29.39 -32.30
CA PRO AA 7 -22.18 -29.05 -30.92
C PRO AA 7 -23.09 -29.70 -29.90
N PRO AA 8 -22.53 -30.15 -28.76
CA PRO AA 8 -23.34 -30.80 -27.73
C PRO AA 8 -24.34 -29.89 -27.07
N HIS AA 9 -24.12 -28.58 -27.11
CA HIS AA 9 -25.13 -27.63 -26.64
C HIS AA 9 -25.27 -26.53 -27.67
N GLY AA 10 -25.99 -25.48 -27.32
CA GLY AA 10 -26.32 -24.45 -28.31
C GLY AA 10 -27.65 -24.70 -28.96
N SER AA 11 -27.86 -25.92 -29.45
CA SER AA 11 -29.20 -26.37 -29.78
C SER AA 11 -29.99 -26.44 -28.49
N PRO AA 12 -31.08 -25.69 -28.33
CA PRO AA 12 -31.65 -25.47 -27.00
C PRO AA 12 -32.38 -26.71 -26.48
N ASN AA 13 -32.04 -27.09 -25.26
CA ASN AA 13 -32.78 -28.12 -24.55
C ASN AA 13 -34.15 -27.57 -24.14
N TRP AA 14 -35.03 -28.47 -23.72
CA TRP AA 14 -36.38 -28.06 -23.38
C TRP AA 14 -36.87 -28.59 -22.04
N LEU AA 15 -36.04 -29.29 -21.28
CA LEU AA 15 -36.39 -29.59 -19.90
C LEU AA 15 -35.76 -28.60 -18.93
N LYS AA 16 -34.50 -28.22 -19.14
CA LYS AA 16 -33.79 -27.46 -18.12
C LYS AA 16 -34.24 -26.00 -18.09
N VAL AA 17 -34.50 -25.41 -19.25
CA VAL AA 17 -34.92 -24.01 -19.29
C VAL AA 17 -36.33 -23.84 -18.74
N GLY AA 18 -37.22 -24.81 -19.02
CA GLY AA 18 -38.55 -24.78 -18.44
C GLY AA 18 -38.53 -25.04 -16.96
N LEU AA 19 -37.62 -25.91 -16.50
CA LEU AA 19 -37.47 -26.16 -15.07
C LEU AA 19 -37.00 -24.91 -14.33
N THR AA 20 -36.03 -24.19 -14.92
CA THR AA 20 -35.54 -22.98 -14.28
C THR AA 20 -36.58 -21.87 -14.25
N LEU AA 21 -37.33 -21.69 -15.35
CA LEU AA 21 -38.37 -20.67 -15.35
C LEU AA 21 -39.51 -21.03 -14.40
N GLY AA 22 -39.86 -22.31 -14.31
CA GLY AA 22 -40.90 -22.73 -13.38
C GLY AA 22 -40.50 -22.53 -11.93
N THR AA 23 -39.28 -22.92 -11.56
CA THR AA 23 -38.86 -22.74 -10.17
C THR AA 23 -38.62 -21.27 -9.85
N SER AA 24 -38.29 -20.45 -10.85
CA SER AA 24 -38.09 -19.03 -10.56
C SER AA 24 -39.41 -18.31 -10.35
N ALA AA 25 -40.43 -18.64 -11.17
CA ALA AA 25 -41.75 -18.08 -10.94
C ALA AA 25 -42.34 -18.56 -9.62
N PHE AA 26 -42.12 -19.83 -9.29
CA PHE AA 26 -42.54 -20.37 -8.00
C PHE AA 26 -41.86 -19.63 -6.85
N LEU AA 27 -40.58 -19.31 -6.99
CA LEU AA 27 -39.86 -18.67 -5.90
C LEU AA 27 -40.30 -17.22 -5.72
N TRP AA 28 -40.60 -16.53 -6.82
CA TRP AA 28 -41.15 -15.17 -6.72
C TRP AA 28 -42.52 -15.16 -6.06
N ILE AA 29 -43.42 -16.06 -6.48
CA ILE AA 29 -44.76 -16.10 -5.92
C ILE AA 29 -44.71 -16.47 -4.44
N TYR AA 30 -43.78 -17.36 -4.06
CA TYR AA 30 -43.63 -17.73 -2.66
C TYR AA 30 -43.12 -16.56 -1.82
N LEU AA 31 -42.15 -15.79 -2.32
CA LEU AA 31 -41.65 -14.70 -1.50
C LEU AA 31 -42.65 -13.55 -1.42
N ILE AA 32 -43.43 -13.33 -2.48
CA ILE AA 32 -44.47 -12.29 -2.43
C ILE AA 32 -45.57 -12.67 -1.45
N LYS AA 33 -46.00 -13.94 -1.46
CA LYS AA 33 -47.03 -14.37 -0.52
C LYS AA 33 -46.51 -14.35 0.91
N GLN AA 34 -45.23 -14.72 1.10
CA GLN AA 34 -44.61 -14.63 2.41
C GLN AA 34 -44.55 -13.19 2.91
N HIS AA 35 -44.19 -12.25 2.04
CA HIS AA 35 -44.09 -10.85 2.44
C HIS AA 35 -45.45 -10.25 2.76
N ASN AA 36 -46.48 -10.60 2.00
CA ASN AA 36 -47.80 -10.04 2.27
C ASN AA 36 -48.39 -10.63 3.56
N GLU AA 37 -48.17 -11.92 3.81
CA GLU AA 37 -48.61 -12.49 5.06
C GLU AA 37 -47.81 -11.95 6.25
N ASP AA 38 -46.54 -11.59 6.03
CA ASP AA 38 -45.77 -10.99 7.12
C ASP AA 38 -46.23 -9.56 7.42
N VAL AA 39 -46.58 -8.80 6.38
CA VAL AA 39 -47.09 -7.45 6.61
C VAL AA 39 -48.45 -7.50 7.31
N LEU AA 40 -49.30 -8.46 6.92
CA LEU AA 40 -50.59 -8.58 7.60
C LEU AA 40 -50.43 -9.09 9.03
N GLU AA 41 -49.41 -9.92 9.30
CA GLU AA 41 -49.14 -10.33 10.67
C GLU AA 41 -48.63 -9.18 11.52
N TYR AA 42 -47.77 -8.33 10.95
CA TYR AA 42 -47.28 -7.16 11.65
C TYR AA 42 -48.41 -6.18 11.96
N LYS AA 43 -49.34 -5.99 11.04
CA LYS AA 43 -50.46 -5.10 11.32
C LYS AA 43 -51.51 -5.75 12.23
N ARG AA 44 -51.59 -7.08 12.28
CA ARG AA 44 -52.47 -7.71 13.26
C ARG AA 44 -51.89 -7.58 14.66
N ARG AA 45 -50.59 -7.84 14.80
CA ARG AA 45 -49.97 -7.81 16.12
C ARG AA 45 -49.79 -6.37 16.60
N ASN AA 46 -49.69 -5.42 15.68
CA ASN AA 46 -49.65 -4.01 16.04
C ASN AA 46 -50.63 -3.21 15.20
N VAL BA 6 -38.71 9.44 -31.52
CA VAL BA 6 -37.43 10.10 -31.26
C VAL BA 6 -36.64 9.29 -30.23
N VAL BA 7 -37.36 8.55 -29.38
CA VAL BA 7 -36.73 7.84 -28.27
C VAL BA 7 -36.07 6.55 -28.76
N ARG BA 8 -36.86 5.67 -29.37
CA ARG BA 8 -36.35 4.38 -29.84
C ARG BA 8 -35.46 4.48 -31.06
N ASP BA 9 -35.38 5.66 -31.70
CA ASP BA 9 -34.43 5.88 -32.78
C ASP BA 9 -33.00 5.74 -32.28
N HIS BA 10 -32.61 6.62 -31.36
CA HIS BA 10 -31.41 6.42 -30.56
C HIS BA 10 -31.76 6.72 -29.10
N TRP BA 11 -31.66 5.68 -28.27
CA TRP BA 11 -32.09 5.71 -26.88
C TRP BA 11 -30.90 5.84 -25.93
N ILE BA 12 -29.72 6.11 -26.45
CA ILE BA 12 -28.53 6.14 -25.63
C ILE BA 12 -28.33 7.52 -24.99
N HIS BA 13 -28.70 8.59 -25.68
CA HIS BA 13 -28.51 9.93 -25.16
C HIS BA 13 -29.52 10.31 -24.08
N VAL BA 14 -30.57 9.50 -23.86
CA VAL BA 14 -31.58 9.82 -22.88
C VAL BA 14 -31.22 9.32 -21.48
N LEU BA 15 -30.08 8.64 -21.35
CA LEU BA 15 -29.84 7.81 -20.17
C LEU BA 15 -29.52 8.66 -18.94
N VAL BA 16 -28.42 9.40 -18.98
CA VAL BA 16 -28.03 10.24 -17.84
C VAL BA 16 -28.89 11.47 -17.54
N PRO BA 17 -29.59 12.15 -18.47
CA PRO BA 17 -30.53 13.18 -17.99
C PRO BA 17 -31.71 12.60 -17.21
N VAL BA 18 -32.23 11.46 -17.64
CA VAL BA 18 -33.27 10.79 -16.85
C VAL BA 18 -32.69 10.27 -15.55
N GLY BA 19 -31.41 9.86 -15.55
CA GLY BA 19 -30.75 9.49 -14.30
C GLY BA 19 -30.62 10.66 -13.33
N PHE BA 20 -30.33 11.85 -13.86
CA PHE BA 20 -30.27 13.03 -13.01
C PHE BA 20 -31.64 13.44 -12.49
N VAL BA 21 -32.68 13.33 -13.33
CA VAL BA 21 -34.04 13.63 -12.88
C VAL BA 21 -34.47 12.65 -11.80
N PHE BA 22 -34.05 11.38 -11.93
CA PHE BA 22 -34.32 10.37 -10.91
C PHE BA 22 -33.60 10.71 -9.60
N GLY BA 23 -32.34 11.13 -9.69
CA GLY BA 23 -31.60 11.49 -8.48
C GLY BA 23 -32.15 12.71 -7.79
N TYR BA 24 -32.62 13.69 -8.58
CA TYR BA 24 -33.24 14.89 -8.04
C TYR BA 24 -34.55 14.56 -7.34
N TYR BA 25 -35.35 13.69 -7.96
CA TYR BA 25 -36.59 13.21 -7.35
C TYR BA 25 -36.32 12.47 -6.04
N LEU BA 26 -35.25 11.69 -6.00
CA LEU BA 26 -35.00 10.94 -4.78
C LEU BA 26 -34.38 11.81 -3.69
N ASP BA 27 -33.68 12.90 -4.05
CA ASP BA 27 -33.25 13.86 -3.05
C ASP BA 27 -34.43 14.62 -2.46
N ARG BA 28 -35.43 14.97 -3.29
CA ARG BA 28 -36.65 15.56 -2.75
C ARG BA 28 -37.41 14.56 -1.86
N LYS BA 29 -37.36 13.28 -2.20
CA LYS BA 29 -38.01 12.26 -1.38
C LYS BA 29 -37.31 12.11 -0.03
N ASN BA 30 -35.98 12.17 -0.02
CA ASN BA 30 -35.24 12.16 1.23
C ASN BA 30 -35.53 13.39 2.08
N ASP BA 31 -35.67 14.56 1.44
CA ASP BA 31 -35.99 15.78 2.16
C ASP BA 31 -37.38 15.72 2.77
N GLU BA 32 -38.34 15.08 2.07
CA GLU BA 32 -39.64 14.86 2.69
C GLU BA 32 -39.58 13.83 3.79
N LYS BA 33 -38.64 12.88 3.71
CA LYS BA 33 -38.49 11.90 4.78
C LYS BA 33 -37.91 12.53 6.03
N LEU BA 34 -37.01 13.51 5.88
CA LEU BA 34 -36.32 14.10 7.02
C LEU BA 34 -37.02 15.37 7.52
N ALA BA 35 -38.35 15.40 7.42
CA ALA BA 35 -39.14 16.60 7.73
C ALA BA 35 -39.57 16.64 9.19
N ALA BA 36 -38.63 16.47 10.10
CA ALA BA 36 -38.85 16.83 11.49
C ALA BA 36 -38.36 18.26 11.70
N PHE BA 37 -38.76 18.84 12.84
CA PHE BA 37 -38.51 20.25 13.19
C PHE BA 37 -38.99 21.19 12.09
N ARG BA 38 -40.27 21.05 11.72
CA ARG BA 38 -40.83 21.86 10.65
C ARG BA 38 -41.03 23.31 11.10
N ASN BA 39 -41.51 23.51 12.31
CA ASN BA 39 -41.60 24.82 12.92
C ASN BA 39 -41.19 24.75 14.39
N LYS BA 40 -40.12 24.01 14.68
CA LYS BA 40 -39.63 23.87 16.03
C LYS BA 40 -38.24 24.51 16.23
N SER BA 41 -37.67 25.11 15.19
CA SER BA 41 -36.49 25.92 15.40
C SER BA 41 -36.87 27.20 16.15
N LEU BA 42 -35.94 27.70 16.95
CA LEU BA 42 -36.20 28.93 17.68
C LEU BA 42 -36.07 30.17 16.83
N LEU BA 43 -35.58 30.05 15.61
CA LEU BA 43 -35.29 31.20 14.76
C LEU BA 43 -36.24 31.30 13.58
N TYR BA 44 -36.43 30.20 12.85
CA TYR BA 44 -37.31 30.15 11.69
C TYR BA 44 -38.66 29.58 12.11
N LYS BA 45 -39.45 30.41 12.77
CA LYS BA 45 -40.69 29.91 13.38
C LYS BA 45 -41.74 31.01 13.29
N ARG BA 46 -42.59 30.93 12.27
CA ARG BA 46 -43.77 31.77 12.18
C ARG BA 46 -45.01 30.89 12.29
N GLU BA 47 -46.15 31.54 12.51
CA GLU BA 47 -47.40 30.81 12.46
C GLU BA 47 -47.72 30.41 11.04
N LEU BA 48 -48.32 29.24 10.89
CA LEU BA 48 -48.58 28.66 9.58
C LEU BA 48 -49.67 29.45 8.85
N LYS BA 49 -49.43 29.74 7.58
CA LYS BA 49 -50.23 30.64 6.77
C LYS BA 49 -49.82 30.49 5.30
N PRO BA 50 -50.69 30.80 4.32
CA PRO BA 50 -52.11 31.15 4.45
C PRO BA 50 -53.07 29.97 4.40
N ASN BA 51 -52.79 28.97 3.56
CA ASN BA 51 -53.81 27.98 3.26
C ASN BA 51 -53.61 26.64 3.95
N GLU BA 52 -52.50 25.94 3.67
CA GLU BA 52 -52.45 24.51 3.95
C GLU BA 52 -51.05 24.10 4.41
N GLU BA 53 -50.83 24.13 5.72
CA GLU BA 53 -50.02 23.12 6.42
C GLU BA 53 -48.53 23.03 6.09
N VAL BA 54 -48.00 23.86 5.20
CA VAL BA 54 -46.63 23.65 4.72
C VAL BA 54 -45.88 24.98 4.72
N THR BA 55 -44.57 24.89 4.99
CA THR BA 55 -43.65 26.00 4.75
C THR BA 55 -42.42 25.59 3.93
N TRP BA 56 -42.10 24.31 3.85
CA TRP BA 56 -41.07 23.82 2.93
C TRP BA 56 -41.33 22.34 2.67
N LYS BA 57 -40.96 21.89 1.49
CA LYS BA 57 -41.18 20.52 1.09
C LYS BA 57 -40.13 20.06 0.09
N MET CA 1 -2.90 -105.84 17.05
CA MET CA 1 -3.92 -104.82 16.84
C MET CA 1 -3.81 -103.71 17.88
N TRP CA 2 -4.93 -103.07 18.20
CA TRP CA 2 -4.98 -102.08 19.27
C TRP CA 2 -4.94 -102.70 20.66
N PHE CA 3 -4.87 -104.04 20.75
CA PHE CA 3 -4.69 -104.71 22.03
C PHE CA 3 -3.37 -104.33 22.70
N GLU CA 4 -2.37 -103.94 21.91
CA GLU CA 4 -1.07 -103.57 22.46
C GLU CA 4 -0.88 -102.06 22.60
N VAL CA 5 -1.74 -101.25 22.01
CA VAL CA 5 -1.56 -99.80 22.09
C VAL CA 5 -2.35 -99.18 23.24
N LEU CA 6 -3.34 -99.89 23.76
CA LEU CA 6 -4.07 -99.42 24.94
C LEU CA 6 -3.24 -99.24 26.22
N PRO CA 7 -2.13 -99.95 26.47
CA PRO CA 7 -1.28 -99.54 27.62
C PRO CA 7 -0.68 -98.15 27.50
N GLY CA 8 -0.24 -97.74 26.31
CA GLY CA 8 0.30 -96.40 26.15
C GLY CA 8 -0.74 -95.32 26.35
N ILE CA 9 -1.92 -95.50 25.74
CA ILE CA 9 -3.04 -94.58 25.92
C ILE CA 9 -3.49 -94.57 27.38
N ALA CA 10 -3.45 -95.72 28.04
CA ALA CA 10 -3.86 -95.83 29.44
C ALA CA 10 -2.91 -95.08 30.36
N VAL CA 11 -1.61 -95.22 30.14
CA VAL CA 11 -0.66 -94.52 31.01
C VAL CA 11 -0.66 -93.02 30.72
N MET CA 12 -0.88 -92.62 29.47
CA MET CA 12 -0.98 -91.19 29.19
C MET CA 12 -2.28 -90.60 29.74
N GLY CA 13 -3.35 -91.40 29.77
CA GLY CA 13 -4.58 -90.95 30.41
C GLY CA 13 -4.47 -90.87 31.92
N VAL CA 14 -3.69 -91.78 32.53
CA VAL CA 14 -3.35 -91.66 33.95
C VAL CA 14 -2.54 -90.40 34.20
N CYS CA 15 -1.66 -90.05 33.26
CA CYS CA 15 -0.95 -88.77 33.34
C CYS CA 15 -1.90 -87.59 33.20
N LEU CA 16 -3.03 -87.78 32.53
CA LEU CA 16 -4.10 -86.78 32.56
C LEU CA 16 -5.13 -87.02 33.65
N PHE CA 17 -4.91 -88.02 34.51
CA PHE CA 17 -5.85 -88.35 35.58
C PHE CA 17 -5.38 -87.89 36.96
N ILE CA 18 -4.07 -87.84 37.17
CA ILE CA 18 -3.50 -87.36 38.43
C ILE CA 18 -3.75 -85.88 38.77
N PRO CA 19 -3.64 -84.87 37.87
CA PRO CA 19 -3.55 -83.49 38.40
C PRO CA 19 -4.87 -82.94 38.93
N GLY CA 20 -6.00 -83.26 38.30
CA GLY CA 20 -7.28 -82.80 38.82
C GLY CA 20 -7.64 -83.47 40.12
N MET CA 21 -7.30 -84.75 40.25
CA MET CA 21 -7.58 -85.46 41.49
C MET CA 21 -6.70 -84.95 42.63
N ALA CA 22 -5.44 -84.62 42.32
CA ALA CA 22 -4.57 -84.05 43.35
C ALA CA 22 -5.00 -82.63 43.73
N THR CA 23 -5.48 -81.85 42.76
CA THR CA 23 -5.98 -80.51 43.06
C THR CA 23 -7.26 -80.57 43.90
N ALA CA 24 -8.16 -81.48 43.58
CA ALA CA 24 -9.38 -81.63 44.38
C ALA CA 24 -9.08 -82.15 45.78
N ARG CA 25 -8.08 -83.03 45.89
CA ARG CA 25 -7.66 -83.53 47.19
C ARG CA 25 -7.04 -82.40 48.03
N ILE CA 26 -6.28 -81.51 47.40
CA ILE CA 26 -5.67 -80.43 48.17
C ILE CA 26 -6.70 -79.35 48.52
N HIS CA 27 -7.71 -79.13 47.68
CA HIS CA 27 -8.79 -78.22 48.07
C HIS CA 27 -9.62 -78.77 49.22
N ARG CA 28 -9.89 -80.08 49.21
CA ARG CA 28 -10.57 -80.67 50.36
C ARG CA 28 -9.68 -80.71 51.59
N PHE CA 29 -8.37 -80.78 51.42
CA PHE CA 29 -7.45 -80.90 52.53
C PHE CA 29 -7.10 -79.56 53.16
N SER CA 30 -7.19 -78.46 52.40
CA SER CA 30 -6.73 -77.16 52.86
C SER CA 30 -7.87 -76.24 53.24
N ASN CA 31 -9.07 -76.77 53.45
CA ASN CA 31 -10.20 -75.97 53.89
C ASN CA 31 -11.05 -76.69 54.93
N GLY CA 32 -10.48 -77.66 55.64
CA GLY CA 32 -11.24 -78.37 56.65
C GLY CA 32 -12.33 -79.28 56.12
N GLY CA 33 -12.09 -79.92 54.97
CA GLY CA 33 -13.08 -80.77 54.36
C GLY CA 33 -14.10 -80.05 53.51
N ARG CA 34 -13.98 -78.75 53.36
CA ARG CA 34 -14.92 -77.97 52.59
C ARG CA 34 -14.44 -77.80 51.16
N GLU CA 35 -15.38 -77.55 50.25
CA GLU CA 35 -15.04 -77.03 48.95
C GLU CA 35 -14.59 -75.59 49.10
N LYS CA 36 -13.70 -75.14 48.22
CA LYS CA 36 -13.13 -73.81 48.39
C LYS CA 36 -14.14 -72.74 47.99
N ARG CA 37 -14.31 -71.76 48.87
CA ARG CA 37 -15.26 -70.67 48.66
C ARG CA 37 -14.76 -69.78 47.54
N VAL CA 38 -15.44 -69.79 46.41
CA VAL CA 38 -15.07 -68.90 45.31
C VAL CA 38 -15.62 -67.51 45.59
N ALA CA 39 -14.95 -66.51 45.04
CA ALA CA 39 -15.33 -65.11 45.23
C ALA CA 39 -15.36 -64.43 43.87
N HIS CA 40 -16.49 -64.55 43.18
CA HIS CA 40 -16.62 -63.86 41.91
C HIS CA 40 -16.89 -62.38 42.09
N TYR CA 41 -17.64 -62.01 43.11
CA TYR CA 41 -18.15 -60.66 43.26
C TYR CA 41 -17.67 -60.04 44.57
N SER CA 42 -17.96 -58.74 44.72
CA SER CA 42 -17.60 -58.05 45.95
C SER CA 42 -18.50 -58.44 47.12
N TYR CA 43 -19.73 -58.84 46.83
CA TYR CA 43 -20.66 -59.26 47.87
C TYR CA 43 -20.19 -60.53 48.56
N GLN CA 44 -19.80 -61.54 47.77
CA GLN CA 44 -19.34 -62.79 48.36
C GLN CA 44 -18.01 -62.61 49.09
N TRP CA 45 -17.19 -61.65 48.65
CA TRP CA 45 -15.95 -61.39 49.38
C TRP CA 45 -16.20 -60.66 50.69
N TYR CA 46 -17.15 -59.72 50.72
CA TYR CA 46 -17.47 -59.07 51.99
C TYR CA 46 -18.09 -60.05 52.98
N LEU CA 47 -18.96 -60.94 52.47
CA LEU CA 47 -19.53 -61.98 53.29
C LEU CA 47 -18.48 -62.98 53.76
N MET CA 48 -17.48 -63.27 52.93
CA MET CA 48 -16.36 -64.10 53.34
C MET CA 48 -15.46 -63.38 54.35
N GLU CA 49 -15.33 -62.06 54.23
CA GLU CA 49 -14.52 -61.30 55.18
C GLU CA 49 -15.16 -61.29 56.55
N ARG CA 50 -16.48 -61.10 56.61
CA ARG CA 50 -17.11 -61.20 57.93
C ARG CA 50 -17.14 -62.63 58.43
N ASP CA 51 -17.11 -63.62 57.52
CA ASP CA 51 -16.92 -65.01 57.92
C ASP CA 51 -15.57 -65.22 58.61
N ARG CA 52 -14.49 -64.76 57.99
CA ARG CA 52 -13.17 -64.95 58.60
C ARG CA 52 -12.96 -64.03 59.80
N ARG CA 53 -13.79 -63.00 59.96
CA ARG CA 53 -13.70 -62.17 61.15
C ARG CA 53 -14.44 -62.77 62.33
N VAL CA 54 -15.54 -63.48 62.09
CA VAL CA 54 -16.30 -64.02 63.23
C VAL CA 54 -15.80 -65.41 63.60
N SER CA 55 -14.64 -65.80 63.07
CA SER CA 55 -14.09 -67.09 63.47
C SER CA 55 -13.33 -66.99 64.78
N GLY CA 56 -12.47 -65.97 64.92
CA GLY CA 56 -11.57 -65.84 66.02
C GLY CA 56 -10.19 -66.39 65.75
N VAL CA 57 -10.09 -67.45 64.93
CA VAL CA 57 -8.80 -68.01 64.53
C VAL CA 57 -8.31 -67.31 63.26
N ASN CA 58 -9.08 -66.35 62.74
CA ASN CA 58 -8.80 -65.62 61.49
C ASN CA 58 -8.68 -66.59 60.31
N ARG CA 59 -9.52 -67.63 60.31
CA ARG CA 59 -9.54 -68.66 59.29
C ARG CA 59 -10.99 -69.01 59.00
N TYR CA 60 -11.38 -68.93 57.73
CA TYR CA 60 -12.79 -68.92 57.36
C TYR CA 60 -13.40 -70.30 57.17
N TYR CA 61 -12.73 -71.36 57.60
CA TYR CA 61 -13.29 -72.69 57.41
C TYR CA 61 -14.02 -73.23 58.62
N VAL CA 62 -13.86 -72.63 59.81
CA VAL CA 62 -14.44 -73.18 61.03
C VAL CA 62 -15.94 -72.97 61.05
N SER CA 63 -16.36 -71.71 60.87
CA SER CA 63 -17.72 -71.26 60.56
C SER CA 63 -18.76 -71.41 61.68
N LYS CA 64 -18.38 -72.00 62.82
CA LYS CA 64 -18.86 -71.74 64.18
C LYS CA 64 -20.33 -71.33 64.29
N GLY CA 65 -21.26 -72.18 63.87
CA GLY CA 65 -22.64 -71.79 63.70
C GLY CA 65 -23.56 -72.23 64.83
N LEU CA 66 -24.47 -71.32 65.20
CA LEU CA 66 -25.74 -71.58 65.90
C LEU CA 66 -25.58 -71.93 67.38
N GLU CA 67 -24.35 -72.13 67.84
CA GLU CA 67 -24.09 -72.34 69.26
C GLU CA 67 -23.36 -71.16 69.87
N ASN CA 68 -23.34 -70.03 69.18
CA ASN CA 68 -22.71 -68.81 69.67
C ASN CA 68 -23.74 -67.76 70.05
N ILE CA 69 -25.03 -68.11 70.01
CA ILE CA 69 -26.09 -67.14 70.19
C ILE CA 69 -26.36 -66.90 71.67
N ASP CA 70 -26.39 -67.95 72.47
CA ASP CA 70 -26.71 -67.84 73.89
C ASP CA 70 -25.67 -67.08 74.69
P 3PE DA . -10.69 -61.22 37.80
N 3PE DA . -11.41 -62.40 40.95
O11 3PE DA . -9.56 -62.20 38.37
O12 3PE DA . -10.14 -59.86 37.92
O13 3PE DA . -11.89 -61.32 38.82
O14 3PE DA . -11.11 -61.72 36.47
C11 3PE DA . -12.13 -60.32 39.85
C12 3PE DA . -11.60 -60.94 41.11
C1 3PE DA . -8.43 -61.61 39.05
C2 3PE DA . -7.15 -62.04 38.38
C3 3PE DA . -7.27 -62.03 36.89
O31 3PE DA . -5.96 -62.24 36.34
O32 3PE DA . -6.78 -62.08 34.27
C31 3PE DA . -5.85 -62.25 35.01
C32 3PE DA . -4.43 -62.44 34.56
C33 3PE DA . -4.11 -61.71 33.27
C34 3PE DA . -2.66 -61.80 32.85
C35 3PE DA . -1.70 -60.93 33.66
C36 3PE DA . -0.30 -60.90 33.07
C37 3PE DA . 0.62 -59.89 33.71
C38 3PE DA . 1.98 -59.78 33.04
O21 3PE DA . -6.16 -61.01 38.73
O22 3PE DA . -5.12 -62.43 40.13
C21 3PE DA . -5.24 -61.33 39.65
C22 3PE DA . -4.41 -60.14 40.02
C23 3PE DA . -4.07 -59.25 38.83
C24 3PE DA . -2.64 -59.46 38.34
C25 3PE DA . -1.59 -59.11 39.38
C26 3PE DA . -0.19 -59.55 39.02
C27 3PE DA . 0.43 -58.83 37.84
C28 3PE DA . 1.83 -59.30 37.51
C29 3PE DA . 2.57 -58.44 36.50
C1 CDL EA . -0.05 34.23 -32.58
O1 CDL EA . -0.74 32.98 -32.49
CA2 CDL EA . -1.06 35.34 -32.68
OA2 CDL EA . -1.83 35.20 -33.89
PA1 CDL EA . -3.42 35.25 -33.85
OA3 CDL EA . -3.94 33.90 -34.12
OA4 CDL EA . -3.84 36.37 -34.73
OA5 CDL EA . -3.83 35.65 -32.36
CA3 CDL EA . -4.52 34.67 -31.56
CA4 CDL EA . -5.15 35.34 -30.36
OA6 CDL EA . -5.41 34.27 -29.40
CA5 CDL EA . -4.44 33.97 -28.52
OA7 CDL EA . -3.36 34.50 -28.50
C11 CDL EA . -4.88 32.88 -27.58
C12 CDL EA . -5.61 33.42 -26.35
C13 CDL EA . -4.75 34.31 -25.49
C14 CDL EA . -5.36 34.68 -24.14
C15 CDL EA . -6.63 35.50 -24.23
C16 CDL EA . -7.21 35.84 -22.86
C17 CDL EA . -8.47 36.67 -22.90
C18 CDL EA . -9.07 36.96 -21.53
CA6 CDL EA . -6.51 35.90 -30.67
OA8 CDL EA . -7.32 35.71 -29.50
CA7 CDL EA . -8.54 35.18 -29.66
OA9 CDL EA . -9.02 34.92 -30.72
C31 CDL EA . -9.23 34.99 -28.34
C32 CDL EA . -10.65 35.50 -28.34
C33 CDL EA . -11.20 35.78 -26.95
C34 CDL EA . -11.38 34.54 -26.08
C35 CDL EA . -11.93 34.86 -24.70
C36 CDL EA . -12.27 33.64 -23.85
C37 CDL EA . -12.82 33.98 -22.48
C38 CDL EA . -14.08 34.81 -22.50
CB2 CDL EA . 0.89 34.38 -31.42
OB2 CDL EA . 0.15 34.35 -30.18
PB2 CDL EA . 0.09 35.65 -29.26
OB3 CDL EA . 1.34 36.39 -29.52
OB4 CDL EA . -1.20 36.32 -29.46
OB5 CDL EA . 0.18 35.16 -27.74
CB3 CDL EA . 1.03 35.90 -26.84
CB4 CDL EA . 0.52 35.79 -25.42
OB6 CDL EA . -0.89 36.18 -25.22
CB5 CDL EA . -1.33 37.46 -25.32
OB7 CDL EA . -0.74 38.34 -25.89
C51 CDL EA . -2.64 37.63 -24.61
C52 CDL EA . -2.90 39.08 -24.23
C53 CDL EA . -3.87 39.22 -23.07
C54 CDL EA . -3.36 38.66 -21.75
C55 CDL EA . -4.23 38.98 -20.54
C56 CDL EA . -5.64 38.44 -20.61
CB6 CDL EA . 1.41 36.51 -24.45
OB8 CDL EA . 0.84 36.38 -23.12
CB7 CDL EA . 0.65 37.52 -22.45
OB9 CDL EA . 0.92 38.60 -22.90
C71 CDL EA . 0.09 37.26 -21.09
C72 CDL EA . 0.57 38.21 -20.00
C73 CDL EA . -0.17 39.54 -19.99
C74 CDL EA . 0.22 40.48 -18.86
C75 CDL EA . -0.12 39.96 -17.48
C76 CDL EA . 0.10 40.98 -16.38
P 3PE FA . 26.47 34.65 -18.33
N 3PE FA . 27.11 35.99 -23.20
O11 3PE FA . 24.97 34.45 -17.82
O12 3PE FA . 27.25 33.47 -17.88
O13 3PE FA . 26.36 34.56 -19.91
O14 3PE FA . 26.95 36.00 -17.96
C11 3PE FA . 26.75 35.66 -20.78
C12 3PE FA . 26.34 35.25 -22.16
C1 3PE FA . 24.46 33.12 -17.60
C2 3PE FA . 23.20 33.21 -16.78
C3 3PE FA . 22.57 31.86 -16.57
O31 3PE FA . 22.73 31.42 -15.21
O32 3PE FA . 20.59 30.79 -15.14
C31 3PE FA . 21.65 30.95 -14.59
C32 3PE FA . 21.92 30.64 -13.15
C33 3PE FA . 20.76 29.92 -12.48
C34 3PE FA . 20.93 29.84 -10.98
C35 3PE FA . 20.96 31.20 -10.30
C36 3PE FA . 21.10 31.14 -8.79
C37 3PE FA . 20.32 32.23 -8.08
C38 3PE FA . 20.53 32.26 -6.57
C39 3PE FA . 19.68 33.30 -5.86
C3A 3PE FA . 20.00 33.45 -4.40
C3B 3PE FA . 19.15 34.47 -3.68
O21 3PE FA . 23.60 33.78 -15.50
O22 3PE FA . 21.53 34.53 -15.09
C21 3PE FA . 22.68 34.44 -14.77
C22 3PE FA . 23.29 35.02 -13.54
C23 3PE FA . 22.25 35.63 -12.62
C24 3PE FA . 22.85 36.65 -11.67
C25 3PE FA . 23.48 36.08 -10.41
C26 3PE FA . 22.48 35.88 -9.28
C27 3PE FA . 23.13 35.47 -7.98
C28 3PE FA . 24.21 36.41 -7.50
C29 3PE FA . 23.69 37.73 -6.93
C2A 3PE FA . 22.94 37.57 -5.62
C2B 3PE FA . 22.67 38.88 -4.91
C2C 3PE FA . 23.94 39.66 -4.58
P 3PE GA . 13.67 -6.58 -7.46
N 3PE GA . 11.99 -9.61 -10.38
O11 3PE GA . 12.60 -5.55 -6.86
O12 3PE GA . 13.76 -6.31 -8.91
O13 3PE GA . 12.97 -7.99 -7.25
O14 3PE GA . 14.91 -6.52 -6.64
C11 3PE GA . 13.05 -9.06 -8.22
C12 3PE GA . 11.79 -9.02 -9.04
C1 3PE GA . 11.62 -6.03 -5.91
C2 3PE GA . 11.73 -5.19 -4.66
C3 3PE GA . 11.55 -3.72 -4.95
O31 3PE GA . 11.23 -3.07 -3.71
O32 3PE GA . 9.26 -2.42 -4.55
C31 3PE GA . 10.03 -2.49 -3.63
C32 3PE GA . 9.78 -1.92 -2.26
C33 3PE GA . 8.40 -1.29 -2.13
C34 3PE GA . 8.09 -0.91 -0.69
C35 3PE GA . 8.95 0.21 -0.12
C36 3PE GA . 9.00 0.22 1.39
C37 3PE GA . 7.63 0.12 2.04
C38 3PE GA . 6.94 1.44 2.29
C39 3PE GA . 7.55 2.24 3.44
C3A 3PE GA . 6.82 3.52 3.75
C3B 3PE GA . 7.34 4.26 4.96
C3C 3PE GA . 6.62 5.56 5.26
C3D 3PE GA . 7.10 6.25 6.51
O21 3PE GA . 10.62 -5.56 -3.78
O22 3PE GA . 11.99 -6.73 -2.44
C21 3PE GA . 10.91 -6.27 -2.68
C22 3PE GA . 9.72 -6.36 -1.78
C23 3PE GA . 10.08 -6.70 -0.34
C24 3PE GA . 8.89 -6.61 0.61
C25 3PE GA . 8.37 -5.20 0.80
C26 3PE GA . 7.00 -5.15 1.47
C27 3PE GA . 6.57 -3.76 1.90
C28 3PE GA . 7.12 -3.34 3.25
C29 3PE GA . 6.54 -4.15 4.40
C2A 3PE GA . 7.23 -3.92 5.74
C2B 3PE GA . 6.85 -4.95 6.80
C2C 3PE GA . 7.52 -4.71 8.15
C1 CDL HA . 25.20 -8.33 3.69
O1 CDL HA . 26.20 -7.82 2.79
CA2 CDL HA . 24.12 -7.29 3.88
OA2 CDL HA . 24.58 -6.26 4.77
PA1 CDL HA . 25.37 -4.98 4.23
OA3 CDL HA . 25.63 -5.13 2.78
OA4 CDL HA . 26.51 -4.75 5.14
OA5 CDL HA . 24.36 -3.77 4.45
CA3 CDL HA . 23.14 -3.99 5.18
CA4 CDL HA . 22.74 -2.71 5.87
OA6 CDL HA . 21.67 -2.88 6.87
CA5 CDL HA . 20.43 -3.32 6.58
OA7 CDL HA . 20.03 -3.55 5.46
C11 CDL HA . 19.60 -3.49 7.81
C12 CDL HA . 18.20 -4.01 7.53
C13 CDL HA . 17.33 -4.07 8.79
C14 CDL HA . 17.10 -2.72 9.43
C15 CDL HA . 16.38 -1.74 8.53
C16 CDL HA . 16.58 -0.28 8.92
CA6 CDL HA . 22.47 -1.57 4.91
OA8 CDL HA . 22.76 -0.32 5.57
CA7 CDL HA . 22.52 0.80 4.90
OA9 CDL HA . 22.03 0.83 3.80
C31 CDL HA . 22.95 2.00 5.67
C32 CDL HA . 21.80 2.90 6.09
C33 CDL HA . 20.80 2.19 6.99
C34 CDL HA . 19.76 3.11 7.60
C35 CDL HA . 20.31 4.00 8.71
C36 CDL HA . 19.32 5.02 9.24
C37 CDL HA . 18.02 4.40 9.74
C38 CDL HA . 17.01 5.42 10.26
CB2 CDL HA . 25.83 -8.77 4.98
OB2 CDL HA . 24.94 -9.65 5.68
PB2 CDL HA . 25.40 -11.16 5.94
OB3 CDL HA . 26.40 -11.12 7.03
OB4 CDL HA . 25.75 -11.79 4.66
OB5 CDL HA . 24.10 -11.87 6.55
CB3 CDL HA . 23.17 -11.12 7.35
CB4 CDL HA . 21.84 -11.09 6.66
OB6 CDL HA . 20.95 -10.28 7.49
CB5 CDL HA . 20.78 -8.99 7.15
OB7 CDL HA . 21.30 -8.46 6.22
C51 CDL HA . 19.84 -8.31 8.11
C52 CDL HA . 18.44 -8.13 7.57
C53 CDL HA . 17.42 -7.83 8.65
C54 CDL HA . 17.11 -8.99 9.57
C55 CDL HA . 16.19 -8.65 10.73
C56 CDL HA . 14.87 -8.03 10.31
C57 CDL HA . 13.96 -7.65 11.46
C58 CDL HA . 12.65 -7.02 11.02
CB6 CDL HA . 21.24 -12.46 6.53
OB8 CDL HA . 21.20 -13.09 7.82
CB7 CDL HA . 20.03 -13.09 8.48
OB9 CDL HA . 19.05 -12.54 8.06
C71 CDL HA . 20.13 -13.84 9.77
C72 CDL HA . 19.27 -13.28 10.89
C73 CDL HA . 17.84 -13.79 10.86
C74 CDL HA . 17.08 -13.52 12.15
C75 CDL HA . 17.61 -14.26 13.37
C76 CDL HA . 17.04 -13.77 14.67
C77 CDL HA . 15.53 -13.72 14.71
C78 CDL HA . 14.95 -13.16 16.01
O12 PC1 IA . -17.46 40.46 -8.99
P PC1 IA . -18.51 39.93 -9.90
O14 PC1 IA . -18.73 38.47 -9.97
O13 PC1 IA . -19.87 40.64 -9.50
C11 PC1 IA . -20.77 41.17 -10.50
C12 PC1 IA . -22.07 41.21 -9.77
N PC1 IA . -23.22 41.87 -10.48
C13 PC1 IA . -23.48 41.17 -11.76
C14 PC1 IA . -24.44 41.83 -9.62
C15 PC1 IA . -22.85 43.30 -10.77
O11 PC1 IA . -18.20 40.48 -11.36
C1 PC1 IA . -16.96 40.09 -12.00
C2 PC1 IA . -17.25 39.51 -13.34
O21 PC1 IA . -17.74 40.60 -14.20
C21 PC1 IA . -16.88 41.07 -15.12
O22 PC1 IA . -15.76 40.69 -15.24
C22 PC1 IA . -17.53 42.10 -15.98
C23 PC1 IA . -17.37 41.83 -17.47
C3 PC1 IA . -18.31 38.46 -13.28
O31 PC1 IA . -17.70 37.23 -12.85
C31 PC1 IA . -17.35 36.36 -13.80
O32 PC1 IA . -17.49 36.57 -14.97
C32 PC1 IA . -16.77 35.11 -13.23
C33 PC1 IA . -16.98 33.92 -14.14
C34 PC1 IA . -16.27 32.67 -13.67
C35 PC1 IA . -16.58 31.43 -14.49
C36 PC1 IA . -15.88 30.19 -13.99
C37 PC1 IA . -16.34 28.89 -14.61
C38 PC1 IA . -15.53 27.69 -14.16
C39 PC1 IA . -15.99 26.35 -14.68
C3A PC1 IA . -15.07 25.22 -14.27
C3B PC1 IA . -14.76 25.23 -12.78
C3C PC1 IA . -13.72 24.22 -12.33
C3D PC1 IA . -13.49 24.22 -10.83
C3E PC1 IA . -13.03 25.54 -10.27
P 3PE JA . -29.32 8.55 2.40
N 3PE JA . -30.48 8.65 -0.72
O11 3PE JA . -28.93 7.59 1.18
O12 3PE JA . -30.65 8.12 2.86
O13 3PE JA . -29.49 10.00 1.75
O14 3PE JA . -28.19 8.58 3.37
C11 3PE JA . -29.14 10.39 0.40
C12 3PE JA . -30.34 10.10 -0.44
C1 3PE JA . -27.57 7.15 0.98
C2 3PE JA . -27.48 6.70 -0.46
C3 3PE JA . -26.13 6.13 -0.79
O31 3PE JA . -26.18 5.73 -2.18
O32 3PE JA . -24.04 6.31 -2.45
C31 3PE JA . -25.07 5.89 -2.90
C32 3PE JA . -25.28 5.48 -4.32
C33 3PE JA . -26.66 4.91 -4.58
C34 3PE JA . -26.87 4.44 -6.00
C35 3PE JA . -28.25 3.84 -6.25
O21 3PE JA . -28.48 5.64 -0.60
O22 3PE JA . -29.23 6.54 -2.51
C21 3PE JA . -29.31 5.70 -1.66
C22 3PE JA . -30.32 4.60 -1.60
C23 3PE JA . -31.52 4.83 -2.54
C24 3PE JA . -31.25 4.40 -3.97
C25 3PE JA . -31.16 2.89 -4.17
O12 PC1 KA . -3.95 4.45 22.46
P PC1 KA . -3.22 4.21 23.72
O14 PC1 KA . -3.36 2.91 24.41
O13 PC1 KA . -3.65 5.37 24.73
C11 PC1 KA . -4.04 5.11 26.09
C12 PC1 KA . -4.53 6.45 26.56
N PC1 KA . -4.90 6.56 28.01
C13 PC1 KA . -5.53 7.89 28.27
C14 PC1 KA . -5.87 5.48 28.37
C15 PC1 KA . -3.68 6.43 28.86
O11 PC1 KA . -1.68 4.50 23.44
C1 PC1 KA . -0.85 3.46 22.88
C2 PC1 KA . -0.59 3.75 21.42
O21 PC1 KA . 0.83 3.54 21.20
C21 PC1 KA . 1.20 2.99 20.04
O22 PC1 KA . 0.44 2.70 19.17
C22 PC1 KA . 2.69 2.81 19.96
C23 PC1 KA . 3.23 2.80 18.54
C3 PC1 KA . -0.92 5.18 21.06
O31 PC1 KA . -1.10 5.31 19.64
C31 PC1 KA . -2.30 5.70 19.22
O32 PC1 KA . -3.25 5.82 19.95
C32 PC1 KA . -2.33 5.99 17.75
C33 PC1 KA . -2.54 4.77 16.87
C34 PC1 KA . -1.24 4.04 16.54
C35 PC1 KA . -0.28 4.87 15.72
C36 PC1 KA . 1.01 4.16 15.36
C37 PC1 KA . 2.00 5.04 14.60
C1 CDL LA . 23.52 -16.42 10.58
O1 CDL LA . 24.61 -17.33 10.38
CA2 CDL LA . 23.96 -15.04 10.15
OA2 CDL LA . 25.06 -14.63 11.00
PA1 CDL LA . 25.56 -13.11 10.95
OA3 CDL LA . 24.65 -12.32 10.10
OA4 CDL LA . 27.01 -13.15 10.61
OA5 CDL LA . 25.44 -12.61 12.46
CA3 CDL LA . 24.53 -13.25 13.36
CA4 CDL LA . 23.52 -12.25 13.85
OA6 CDL LA . 22.65 -12.93 14.82
CA5 CDL LA . 22.55 -12.40 16.04
OA7 CDL LA . 23.07 -11.36 16.36
C11 CDL LA . 21.72 -13.26 16.94
C12 CDL LA . 21.44 -12.64 18.29
C13 CDL LA . 20.33 -11.62 18.26
C14 CDL LA . 20.03 -10.99 19.61
C15 CDL LA . 18.86 -10.03 19.61
C16 CDL LA . 18.99 -8.88 18.62
C17 CDL LA . 17.79 -7.95 18.60
C18 CDL LA . 17.88 -6.85 17.54
CA6 CDL LA . 22.64 -11.75 12.73
OA8 CDL LA . 21.94 -10.57 13.18
CA7 CDL LA . 21.15 -9.96 12.30
OA9 CDL LA . 20.94 -10.36 11.19
C31 CDL LA . 20.55 -8.71 12.87
C32 CDL LA . 19.12 -8.86 13.36
C33 CDL LA . 18.99 -9.84 14.52
C34 CDL LA . 17.62 -9.83 15.19
C35 CDL LA . 16.46 -10.11 14.25
CB2 CDL LA . 22.31 -16.90 9.83
OB2 CDL LA . 21.89 -18.17 10.38
PB2 CDL LA . 20.71 -18.98 9.67
OB3 CDL LA . 21.20 -20.36 9.44
OB4 CDL LA . 20.19 -18.20 8.53
OB5 CDL LA . 19.59 -19.07 10.80
CB3 CDL LA . 19.02 -20.36 11.12
CB4 CDL LA . 17.85 -20.17 12.05
OB6 CDL LA . 16.64 -20.09 11.23
CB5 CDL LA . 15.63 -20.90 11.59
OB7 CDL LA . 15.65 -21.63 12.53
C51 CDL LA . 14.46 -20.76 10.64
C52 CDL LA . 13.36 -21.76 10.94
C53 CDL LA . 12.06 -21.12 11.37
C54 CDL LA . 12.21 -20.10 12.49
C55 CDL LA . 10.92 -19.68 13.15
C56 CDL LA . 10.24 -20.78 13.94
C57 CDL LA . 9.32 -20.28 15.04
C58 CDL LA . 9.99 -19.30 15.98
C59 CDL LA . 9.49 -19.36 17.41
C60 CDL LA . 10.21 -18.44 18.38
C61 CDL LA . 9.91 -18.71 19.83
C62 CDL LA . 8.42 -18.82 20.14
C63 CDL LA . 8.11 -19.16 21.59
C64 CDL LA . 6.64 -19.39 21.86
C65 CDL LA . 6.04 -20.53 21.06
CB6 CDL LA . 17.94 -18.90 12.85
OB8 CDL LA . 16.99 -18.98 13.93
CB7 CDL LA . 15.82 -18.35 13.76
OB9 CDL LA . 15.52 -17.77 12.75
C71 CDL LA . 14.95 -18.47 14.97
C72 CDL LA . 14.16 -17.20 15.26
C73 CDL LA . 13.26 -17.31 16.47
C74 CDL LA . 12.53 -16.02 16.81
C1 CDL MA . -27.17 46.35 -13.27
O1 CDL MA . -27.38 46.98 -12.01
CA2 CDL MA . -27.92 47.10 -14.34
OA2 CDL MA . -27.79 48.53 -14.12
PA1 CDL MA . -28.34 49.53 -15.23
OA3 CDL MA . -28.08 50.92 -14.81
OA4 CDL MA . -29.73 49.11 -15.54
OA5 CDL MA . -27.44 49.17 -16.50
CA3 CDL MA . -27.72 49.80 -17.78
CA4 CDL MA . -27.96 48.73 -18.80
OA6 CDL MA . -26.68 48.24 -19.31
CA5 CDL MA . -26.27 47.04 -18.90
OA7 CDL MA . -26.81 46.41 -18.03
C11 CDL MA . -25.08 46.58 -19.67
C12 CDL MA . -24.88 45.07 -19.66
C13 CDL MA . -23.60 44.66 -20.37
C14 CDL MA . -23.29 43.17 -20.33
C15 CDL MA . -21.87 42.86 -20.78
C16 CDL MA . -21.52 43.34 -22.17
C17 CDL MA . -20.04 43.28 -22.50
C18 CDL MA . -19.41 41.91 -22.28
CA6 CDL MA . -28.66 49.28 -20.01
OA8 CDL MA . -28.02 50.49 -20.47
CA7 CDL MA . -27.24 50.40 -21.55
OA9 CDL MA . -26.91 49.36 -22.05
C31 CDL MA . -26.85 51.77 -22.05
C32 CDL MA . -25.38 52.11 -21.83
C33 CDL MA . -25.05 53.50 -22.33
C34 CDL MA . -25.23 53.68 -23.83
C35 CDL MA . -25.63 55.09 -24.26
C36 CDL MA . -25.77 55.25 -25.77
C37 CDL MA . -26.54 56.49 -26.21
C38 CDL MA . -25.89 57.81 -25.83
CB2 CDL MA . -25.68 46.22 -13.51
OB2 CDL MA . -25.44 45.25 -14.55
PB2 CDL MA . -25.46 43.69 -14.20
OB3 CDL MA . -25.58 43.55 -12.73
OB4 CDL MA . -26.47 43.03 -15.07
OB5 CDL MA . -24.03 43.13 -14.58
CB3 CDL MA . -22.89 44.01 -14.70
CB4 CDL MA . -21.77 43.25 -15.36
OB6 CDL MA . -20.72 44.13 -15.90
CB5 CDL MA . -20.91 44.98 -16.93
OB7 CDL MA . -21.95 45.12 -17.51
C51 CDL MA . -19.66 45.73 -17.26
C52 CDL MA . -19.67 47.20 -16.84
C53 CDL MA . -20.55 48.08 -17.71
C54 CDL MA . -21.92 48.39 -17.12
C55 CDL MA . -22.86 49.10 -18.09
C56 CDL MA . -22.34 50.43 -18.61
CB6 CDL MA . -22.27 42.20 -16.33
OB8 CDL MA . -21.23 41.23 -16.60
CB7 CDL MA . -21.59 39.95 -16.56
OB9 CDL MA . -22.69 39.57 -16.25
C71 CDL MA . -20.46 39.04 -16.95
C72 CDL MA . -20.84 38.08 -18.07
C73 CDL MA . -21.47 38.79 -19.26
C74 CDL MA . -21.69 37.90 -20.46
C75 CDL MA . -20.41 37.41 -21.13
C76 CDL MA . -20.63 36.54 -22.35
C77 CDL MA . -19.37 36.03 -23.02
C78 CDL MA . -18.56 37.10 -23.73
C79 CDL MA . -19.28 37.76 -24.89
C80 CDL MA . -18.46 38.82 -25.60
C81 CDL MA . -17.11 38.35 -26.09
O7 ZMP NA . 52.99 30.61 -47.41
P1 ZMP NA . 53.54 31.99 -46.80
O6 ZMP NA . 54.13 32.82 -47.87
O5 ZMP NA . 54.73 31.48 -45.86
C21 ZMP NA . 54.94 32.09 -44.59
C18 ZMP NA . 56.34 31.71 -44.12
C19 ZMP NA . 56.49 30.20 -44.27
C20 ZMP NA . 57.35 32.44 -45.01
C17 ZMP NA . 56.50 32.13 -42.67
O4 ZMP NA . 56.81 33.52 -42.62
C16 ZMP NA . 57.60 31.34 -41.95
O3 ZMP NA . 58.79 31.48 -42.24
N2 ZMP NA . 57.18 30.55 -40.97
C15 ZMP NA . 58.12 29.75 -40.17
C14 ZMP NA . 58.00 30.13 -38.70
C13 ZMP NA . 58.46 31.57 -38.49
O2 ZMP NA . 59.09 32.14 -39.38
N1 ZMP NA . 58.20 32.14 -37.31
C12 ZMP NA . 57.46 31.50 -36.21
C11 ZMP NA . 57.56 32.43 -35.00
S1 ZMP NA . 56.93 34.11 -35.36
C10 ZMP NA . 57.96 35.02 -34.32
O1 ZMP NA . 59.19 34.96 -34.36
C9 ZMP NA . 57.25 35.90 -33.32
C8 ZMP NA . 58.05 37.17 -33.00
C7 ZMP NA . 57.39 37.96 -31.87
C6 ZMP NA . 55.88 38.15 -32.14
C5 ZMP NA . 55.26 39.06 -31.07
C4 ZMP NA . 53.86 39.48 -31.51
C3 ZMP NA . 53.16 40.19 -30.34
C2 ZMP NA . 51.76 40.61 -30.77
P 3PE OA . -32.40 5.07 3.45
N 3PE OA . -35.29 5.55 0.68
O11 3PE OA . -30.89 4.66 3.78
O12 3PE OA . -33.24 3.89 3.73
O13 3PE OA . -32.41 5.29 1.87
O14 3PE OA . -32.71 6.35 4.12
C11 3PE OA . -33.04 6.42 1.22
C12 3PE OA . -33.94 5.86 0.15
C1 3PE OA . -30.39 3.36 3.43
C2 3PE OA . -29.02 3.51 2.84
C3 3PE OA . -28.05 4.15 3.82
O31 3PE OA . -26.86 4.54 3.11
O32 3PE OA . -25.86 2.61 3.64
C31 3PE OA . -25.83 3.69 3.11
C32 3PE OA . -24.65 4.24 2.36
C33 3PE OA . -23.60 3.19 2.06
C34 3PE OA . -22.60 3.63 1.01
C35 3PE OA . -21.64 2.53 0.59
O21 3PE OA . -28.50 2.20 2.48
O22 3PE OA . -28.17 2.88 0.37
C21 3PE OA . -28.07 2.04 1.22
C22 3PE OA . -27.46 0.68 1.02
C23 3PE OA . -27.23 0.33 -0.45
C24 3PE OA . -25.98 0.95 -1.03
C25 3PE OA . -25.77 0.64 -2.51
P 3PE PA . 31.61 1.03 5.04
O11 3PE PA . 30.70 2.12 5.75
O12 3PE PA . 32.94 1.64 4.81
O13 3PE PA . 31.80 -0.09 6.18
O14 3PE PA . 30.88 0.44 3.89
C1 3PE PA . 31.31 3.20 6.50
C2 3PE PA . 30.44 3.53 7.68
C3 3PE PA . 31.13 4.48 8.63
O31 3PE PA . 30.13 5.10 9.46
O32 3PE PA . 30.75 7.12 8.72
C31 3PE PA . 30.04 6.43 9.40
C32 3PE PA . 28.95 6.95 10.29
O21 3PE PA . 29.26 4.26 7.20
O22 3PE PA . 28.08 2.35 7.11
C21 3PE PA . 28.14 3.55 7.01
C22 3PE PA . 26.99 4.44 6.68
C23 3PE PA . 25.79 4.18 7.58
C24 3PE PA . 24.59 5.04 7.24
C25 3PE PA . 24.74 6.52 7.54
C26 3PE PA . 23.50 7.33 7.20
C27 3PE PA . 23.54 8.77 7.66
C28 3PE PA . 22.28 9.54 7.31
C29 3PE PA . 21.97 9.54 5.82
C2A 3PE PA . 20.64 10.17 5.45
C2B 3PE PA . 20.55 11.66 5.76
C2C 3PE PA . 19.20 12.27 5.41
C2D 3PE PA . 18.03 11.65 6.16
#